data_9NCF
#
_entry.id   9NCF
#
_cell.length_a   1.00
_cell.length_b   1.00
_cell.length_c   1.00
_cell.angle_alpha   90.00
_cell.angle_beta   90.00
_cell.angle_gamma   90.00
#
_symmetry.space_group_name_H-M   'P 1'
#
loop_
_entity.id
_entity.type
_entity.pdbx_description
1 polymer 'Major capsid protein'
2 polymer 'Head stabilization/decoration protein'
3 polymer 'Immunoglobulin-like domain protein'
#
loop_
_entity_poly.entity_id
_entity_poly.type
_entity_poly.pdbx_seq_one_letter_code
_entity_poly.pdbx_strand_id
1 'polypeptide(L)'
;MLTNSEKSRFFLADLTGEVQSIPNTYGYISNLGLFRSAPITQTTFLMDLTDWDVSLLDAVDRDSRKAETSAPERVRQISF
PMMYFKEVESITPDEIQGVRQPGTANELTTEAVVRAKKLMKIRTKFDITREFLFMQALKGKVVDARGTLYADLYKQFDVE
KKTVYFDLDNPNADIDASIEELRMHMEDEAKTGTVINGEEIHVVVDRVFFSKLVKHPKIRDAYLAQQTPLAWQQITGSLR
TGGTDGVQAHMNTFYYGGVKFVQYNGKFKDKRGKVHTLVSIDSVAATVGVGHAFPNVSMLGEANNIFEVAYGPCPKMGYA
NTLGQELYVFEYEKDRDEGIDFEAHSYMLPYCTRPQLLVDVRADAKAD
;
A,B,C,D,E,F,G,H,I
2 'polypeptide(L)'
;MAYQGFTKLGNREPLNDIILWEQITPTGHSRKEYTPQASTEYRVGEVLKADGTKVQAGEEAQADSVCIVNFYADLQLSYH
GQLKVVGIHRDAELKDLLTLEASVDAAAVKTALAAKGIDFVPTGL
;
J,K,L,M,N,O,P,Q,R
3 'polypeptide(L)'
;MIKAKTYPDFKEFVKGFIANVKAGKRYDFRTYQEAILPLTYSSYWPEADIAEVEKFDYKPDYKVPFSDDLLYSIGAQMRT
SDFFMDLQYAIINGKDVDTVYCEWLARVKPFSMLNAKLKDAIKPPAITQQPTNQTVNEGGTLTLSVIATNATGYQWKKGG
EDISSATSATYTKQSVVPSDAGSYTCVVSGEAGTSVTSDAATVTVNALPVITQQPSSQTINEGGNINLEVTATGATGYQW
KKDGSDIPSATEATYSKSGALPTDAGSYTCVVTGAGGSVTSSAATVTVNALPVITQQPTAKTVNEGGTLTLNIVATGATG
YQWSKDNVSIEEAKSATFTKAGVTPADAGSYKCTVTGAGGDVVSDAAVVTVNALPVITQQPTNQEITEGETLTLNVVATG
ATGYQWKKGEENIPDATTATYTKEGATAADAGSYTCVVTGAGGSVTSNAATVTVNPAGGE
;
S
#
# COMPACT_ATOMS: atom_id res chain seq x y z
N MET A 1 -98.80 43.03 47.04
CA MET A 1 -98.69 41.58 46.72
C MET A 1 -98.83 40.77 48.00
N LEU A 2 -99.57 39.67 47.91
CA LEU A 2 -99.90 38.88 49.09
C LEU A 2 -98.65 38.25 49.71
N THR A 3 -98.67 38.16 51.04
CA THR A 3 -97.58 37.56 51.79
C THR A 3 -98.11 37.02 53.10
N ASN A 4 -97.37 36.10 53.71
CA ASN A 4 -97.78 35.52 54.97
C ASN A 4 -97.95 36.60 56.03
N SER A 5 -99.00 36.46 56.84
CA SER A 5 -99.24 37.41 57.91
C SER A 5 -98.10 37.38 58.92
N GLU A 6 -98.13 38.33 59.85
CA GLU A 6 -97.04 38.47 60.81
C GLU A 6 -97.08 37.41 61.90
N LYS A 7 -98.23 36.77 62.14
CA LYS A 7 -98.32 35.77 63.20
C LYS A 7 -99.14 34.55 62.80
N SER A 8 -99.30 34.29 61.50
CA SER A 8 -100.04 33.11 61.06
C SER A 8 -99.54 32.69 59.69
N ARG A 9 -99.26 31.39 59.55
CA ARG A 9 -98.81 30.85 58.28
C ARG A 9 -99.93 30.69 57.27
N PHE A 10 -101.19 30.72 57.72
CA PHE A 10 -102.34 30.42 56.86
C PHE A 10 -103.17 31.66 56.54
N PHE A 11 -102.72 32.85 56.95
CA PHE A 11 -103.42 34.09 56.63
C PHE A 11 -102.45 35.04 55.94
N LEU A 12 -102.95 35.74 54.92
CA LEU A 12 -102.13 36.56 54.04
C LEU A 12 -102.20 38.03 54.44
N ALA A 13 -101.22 38.78 53.97
CA ALA A 13 -101.17 40.23 54.17
C ALA A 13 -100.64 40.87 52.90
N ASP A 14 -100.94 42.15 52.74
CA ASP A 14 -100.56 42.91 51.55
C ASP A 14 -99.27 43.67 51.83
N LEU A 15 -98.26 43.44 51.00
CA LEU A 15 -96.96 44.07 51.13
C LEU A 15 -96.85 45.26 50.19
N THR A 16 -95.98 46.21 50.57
CA THR A 16 -95.77 47.43 49.79
C THR A 16 -94.28 47.61 49.56
N GLY A 17 -93.96 48.44 48.57
CA GLY A 17 -92.57 48.63 48.16
C GLY A 17 -91.69 49.07 49.31
N GLU A 18 -90.39 49.05 49.02
CA GLU A 18 -89.36 49.38 50.00
C GLU A 18 -89.22 50.90 50.14
N VAL A 19 -88.74 51.31 51.31
CA VAL A 19 -88.48 52.72 51.61
C VAL A 19 -86.98 52.90 51.62
N GLN A 20 -86.43 53.37 50.50
CA GLN A 20 -84.99 53.55 50.38
C GLN A 20 -84.51 54.71 51.25
N SER A 21 -83.25 54.62 51.67
CA SER A 21 -82.58 55.69 52.42
C SER A 21 -81.17 55.82 51.87
N ILE A 22 -80.81 57.02 51.42
CA ILE A 22 -79.53 57.25 50.77
C ILE A 22 -78.81 58.38 51.49
N PRO A 23 -77.49 58.30 51.69
CA PRO A 23 -76.78 59.41 52.35
C PRO A 23 -76.76 60.64 51.47
N ASN A 24 -76.66 61.80 52.12
CA ASN A 24 -76.63 63.07 51.41
C ASN A 24 -75.41 63.12 50.49
N THR A 25 -75.62 63.61 49.27
CA THR A 25 -74.57 63.71 48.26
C THR A 25 -74.53 65.13 47.71
N TYR A 26 -73.75 65.99 48.37
CA TYR A 26 -73.60 67.37 47.91
C TYR A 26 -72.80 67.42 46.63
N GLY A 27 -73.28 68.21 45.67
CA GLY A 27 -72.66 68.30 44.36
C GLY A 27 -72.69 69.70 43.77
N TYR A 28 -72.70 70.72 44.63
CA TYR A 28 -72.85 72.09 44.14
C TYR A 28 -71.79 72.45 43.11
N ILE A 29 -70.52 72.23 43.46
CA ILE A 29 -69.43 72.60 42.55
C ILE A 29 -69.50 71.78 41.27
N SER A 30 -69.72 70.47 41.40
CA SER A 30 -69.81 69.63 40.23
C SER A 30 -71.01 69.98 39.37
N ASN A 31 -72.10 70.44 39.99
CA ASN A 31 -73.29 70.79 39.22
C ASN A 31 -73.05 72.01 38.34
N LEU A 32 -72.27 72.97 38.81
CA LEU A 32 -71.96 74.15 38.00
C LEU A 32 -71.28 73.78 36.70
N GLY A 33 -70.52 72.69 36.68
CA GLY A 33 -69.83 72.27 35.48
C GLY A 33 -68.77 73.24 35.01
N LEU A 34 -68.03 73.84 35.95
CA LEU A 34 -66.95 74.76 35.59
C LEU A 34 -65.60 74.06 35.48
N PHE A 35 -65.53 72.76 35.76
CA PHE A 35 -64.32 71.97 35.60
C PHE A 35 -64.40 71.23 34.26
N ARG A 36 -63.43 71.48 33.39
CA ARG A 36 -63.43 70.92 32.05
C ARG A 36 -62.58 69.66 32.03
N SER A 37 -63.14 68.56 31.53
CA SER A 37 -62.40 67.32 31.42
C SER A 37 -61.32 67.44 30.37
N ALA A 38 -60.17 66.81 30.62
CA ALA A 38 -59.02 66.85 29.72
C ALA A 38 -58.25 65.54 29.84
N PRO A 39 -58.72 64.49 29.17
CA PRO A 39 -58.04 63.20 29.29
C PRO A 39 -56.60 63.25 28.80
N ILE A 40 -55.74 62.49 29.45
CA ILE A 40 -54.32 62.42 29.12
C ILE A 40 -53.98 60.97 28.78
N THR A 41 -52.95 60.80 27.95
CA THR A 41 -52.56 59.48 27.46
C THR A 41 -51.45 58.84 28.26
N GLN A 42 -50.93 59.51 29.29
CA GLN A 42 -49.81 58.98 30.06
C GLN A 42 -49.96 59.43 31.51
N THR A 43 -48.93 59.12 32.32
CA THR A 43 -48.99 59.34 33.75
C THR A 43 -48.50 60.71 34.18
N THR A 44 -48.10 61.57 33.25
CA THR A 44 -47.63 62.90 33.60
C THR A 44 -47.86 63.84 32.42
N PHE A 45 -48.14 65.11 32.73
CA PHE A 45 -48.41 66.11 31.72
C PHE A 45 -47.71 67.41 32.09
N LEU A 46 -47.50 68.25 31.09
CA LEU A 46 -46.77 69.51 31.24
C LEU A 46 -47.58 70.64 30.64
N MET A 47 -47.12 71.87 30.88
CA MET A 47 -47.77 73.05 30.35
C MET A 47 -46.75 74.15 30.17
N ASP A 48 -47.12 75.14 29.36
CA ASP A 48 -46.28 76.30 29.08
C ASP A 48 -46.95 77.56 29.61
N LEU A 49 -46.17 78.42 30.25
CA LEU A 49 -46.64 79.68 30.78
C LEU A 49 -46.07 80.83 29.96
N THR A 50 -46.93 81.76 29.55
CA THR A 50 -46.53 82.87 28.70
C THR A 50 -47.17 84.16 29.20
N ASP A 51 -46.53 85.28 28.91
CA ASP A 51 -47.04 86.58 29.32
C ASP A 51 -46.21 87.67 28.67
N TRP A 52 -46.87 88.80 28.39
CA TRP A 52 -46.19 89.97 27.83
C TRP A 52 -46.88 91.22 28.34
N ASP A 53 -46.15 92.34 28.27
CA ASP A 53 -46.60 93.61 28.81
C ASP A 53 -46.58 94.68 27.73
N VAL A 54 -47.43 95.69 27.92
CA VAL A 54 -47.59 96.78 26.95
C VAL A 54 -47.51 98.11 27.69
N SER A 55 -47.13 99.16 26.96
CA SER A 55 -47.02 100.49 27.51
C SER A 55 -47.51 101.50 26.48
N LEU A 56 -47.86 102.69 26.96
CA LEU A 56 -48.37 103.74 26.08
C LEU A 56 -47.28 104.22 25.13
N LEU A 57 -47.71 104.67 23.95
CA LEU A 57 -46.82 105.25 22.97
C LEU A 57 -46.61 106.74 23.25
N ASP A 58 -45.59 107.30 22.61
CA ASP A 58 -45.27 108.71 22.72
C ASP A 58 -45.44 109.37 21.36
N ALA A 59 -45.99 110.58 21.35
CA ALA A 59 -46.28 111.30 20.12
C ALA A 59 -44.98 111.87 19.56
N VAL A 60 -44.57 111.40 18.40
CA VAL A 60 -43.39 111.90 17.72
C VAL A 60 -43.81 112.78 16.57
N ASP A 61 -42.95 113.72 16.19
CA ASP A 61 -43.25 114.63 15.10
C ASP A 61 -43.19 113.90 13.77
N ARG A 62 -43.95 114.40 12.80
CA ARG A 62 -44.11 113.70 11.54
C ARG A 62 -42.79 113.60 10.77
N ASP A 63 -41.99 114.67 10.77
CA ASP A 63 -40.84 114.74 9.88
C ASP A 63 -39.61 114.05 10.46
N SER A 64 -39.45 114.02 11.79
CA SER A 64 -38.26 113.42 12.38
C SER A 64 -38.16 111.93 12.07
N ARG A 65 -39.30 111.27 11.85
CA ARG A 65 -39.33 109.85 11.52
C ARG A 65 -38.74 108.99 12.63
N LYS A 66 -38.82 109.46 13.87
CA LYS A 66 -38.41 108.67 15.01
C LYS A 66 -39.54 107.71 15.40
N ALA A 67 -39.16 106.50 15.81
CA ALA A 67 -40.12 105.43 16.09
C ALA A 67 -39.81 104.79 17.43
N GLU A 68 -40.66 103.85 17.83
CA GLU A 68 -40.53 103.12 19.09
C GLU A 68 -40.59 101.63 18.81
N THR A 69 -40.32 100.84 19.85
CA THR A 69 -40.36 99.39 19.76
C THR A 69 -40.99 98.83 21.02
N SER A 70 -41.01 97.50 21.14
CA SER A 70 -41.61 96.82 22.27
C SER A 70 -40.72 95.67 22.71
N ALA A 71 -40.83 95.31 23.98
CA ALA A 71 -40.02 94.25 24.56
C ALA A 71 -40.51 92.88 24.10
N PRO A 72 -39.65 91.85 24.18
CA PRO A 72 -40.05 90.53 23.70
C PRO A 72 -40.79 89.70 24.75
N GLU A 73 -41.14 88.47 24.38
CA GLU A 73 -41.94 87.59 25.23
C GLU A 73 -41.04 86.71 26.10
N ARG A 74 -41.66 86.06 27.10
CA ARG A 74 -40.98 85.15 27.99
C ARG A 74 -41.84 83.92 28.21
N VAL A 75 -41.18 82.77 28.42
CA VAL A 75 -41.86 81.49 28.49
C VAL A 75 -41.35 80.72 29.71
N ARG A 76 -42.16 79.76 30.17
CA ARG A 76 -41.81 78.92 31.31
C ARG A 76 -42.61 77.63 31.21
N GLN A 77 -42.19 76.64 32.00
CA GLN A 77 -42.79 75.31 31.95
C GLN A 77 -43.07 74.81 33.36
N ILE A 78 -44.07 73.92 33.46
CA ILE A 78 -44.53 73.36 34.72
C ILE A 78 -44.81 71.87 34.54
N SER A 79 -44.82 71.15 35.66
CA SER A 79 -45.14 69.72 35.68
C SER A 79 -46.10 69.43 36.82
N PHE A 80 -46.85 68.33 36.68
CA PHE A 80 -47.86 67.95 37.65
C PHE A 80 -47.91 66.44 37.84
N PRO A 81 -48.03 65.95 39.09
CA PRO A 81 -48.33 64.53 39.30
C PRO A 81 -49.83 64.27 39.32
N MET A 82 -50.23 63.03 39.59
CA MET A 82 -51.64 62.68 39.59
C MET A 82 -51.91 61.67 40.71
N MET A 83 -53.19 61.51 41.04
CA MET A 83 -53.64 60.69 42.16
C MET A 83 -54.43 59.49 41.65
N TYR A 84 -54.26 58.36 42.32
CA TYR A 84 -54.87 57.08 41.92
C TYR A 84 -55.84 56.62 43.00
N PHE A 85 -57.02 56.17 42.58
CA PHE A 85 -58.04 55.62 43.47
C PHE A 85 -58.46 54.24 42.97
N LYS A 86 -58.80 53.35 43.91
CA LYS A 86 -59.17 52.00 43.54
C LYS A 86 -59.91 51.35 44.71
N GLU A 87 -60.93 50.56 44.39
CA GLU A 87 -61.65 49.76 45.37
C GLU A 87 -62.16 48.50 44.68
N VAL A 88 -62.40 47.46 45.47
CA VAL A 88 -62.75 46.15 44.93
C VAL A 88 -64.07 45.69 45.55
N GLU A 89 -64.76 44.82 44.81
CA GLU A 89 -66.01 44.22 45.26
C GLU A 89 -66.13 42.83 44.67
N SER A 90 -67.01 42.02 45.27
CA SER A 90 -67.20 40.64 44.82
C SER A 90 -68.64 40.23 45.04
N ILE A 91 -69.10 39.30 44.21
CA ILE A 91 -70.45 38.73 44.29
C ILE A 91 -70.35 37.23 44.13
N THR A 92 -71.06 36.50 44.97
CA THR A 92 -71.02 35.04 44.98
C THR A 92 -72.44 34.50 45.07
N PRO A 93 -72.64 33.22 44.72
CA PRO A 93 -74.00 32.66 44.78
C PRO A 93 -74.64 32.73 46.15
N ASP A 94 -73.84 32.70 47.22
CA ASP A 94 -74.42 32.71 48.56
C ASP A 94 -75.26 33.96 48.80
N GLU A 95 -75.02 35.03 48.05
CA GLU A 95 -75.82 36.24 48.15
C GLU A 95 -77.03 36.23 47.22
N ILE A 96 -77.20 35.17 46.43
CA ILE A 96 -78.30 35.09 45.48
C ILE A 96 -79.18 33.86 45.72
N GLN A 97 -78.70 32.85 46.44
CA GLN A 97 -79.44 31.62 46.63
C GLN A 97 -80.55 31.84 47.66
N GLY A 98 -81.80 31.85 47.19
CA GLY A 98 -82.93 31.93 48.08
C GLY A 98 -83.01 33.21 48.89
N VAL A 99 -82.70 34.35 48.28
CA VAL A 99 -82.76 35.64 48.94
C VAL A 99 -83.86 36.46 48.29
N ARG A 100 -84.92 36.73 49.05
CA ARG A 100 -86.00 37.57 48.56
C ARG A 100 -85.54 39.02 48.48
N GLN A 101 -85.79 39.66 47.35
CA GLN A 101 -85.42 41.06 47.24
C GLN A 101 -86.41 41.91 48.04
N PRO A 102 -85.94 43.01 48.65
CA PRO A 102 -86.80 43.71 49.63
C PRO A 102 -88.14 44.15 49.08
N GLY A 103 -88.19 44.58 47.83
CA GLY A 103 -89.39 45.17 47.27
C GLY A 103 -90.47 44.22 46.83
N THR A 104 -90.23 42.91 46.89
CA THR A 104 -91.18 41.91 46.39
C THR A 104 -91.45 40.87 47.46
N ALA A 105 -92.64 40.27 47.38
CA ALA A 105 -93.01 39.21 48.33
C ALA A 105 -92.37 37.88 47.96
N ASN A 106 -92.22 37.59 46.66
CA ASN A 106 -91.79 36.27 46.23
C ASN A 106 -90.62 36.32 45.25
N GLU A 107 -90.52 37.40 44.47
CA GLU A 107 -89.51 37.47 43.43
C GLU A 107 -88.11 37.29 44.02
N LEU A 108 -87.33 36.43 43.39
CA LEU A 108 -85.98 36.14 43.85
C LEU A 108 -84.99 37.14 43.29
N THR A 109 -83.94 37.41 44.05
CA THR A 109 -82.88 38.28 43.58
C THR A 109 -82.07 37.60 42.47
N THR A 110 -81.49 38.41 41.60
CA THR A 110 -80.73 37.90 40.47
C THR A 110 -79.43 38.67 40.34
N GLU A 111 -78.54 38.14 39.50
CA GLU A 111 -77.21 38.73 39.35
C GLU A 111 -77.29 40.18 38.87
N ALA A 112 -78.20 40.46 37.93
CA ALA A 112 -78.26 41.80 37.35
C ALA A 112 -78.60 42.84 38.42
N VAL A 113 -79.55 42.52 39.30
CA VAL A 113 -79.98 43.49 40.32
C VAL A 113 -78.82 43.82 41.26
N VAL A 114 -78.10 42.79 41.72
CA VAL A 114 -76.99 43.02 42.63
C VAL A 114 -75.89 43.80 41.92
N ARG A 115 -75.62 43.46 40.66
CA ARG A 115 -74.61 44.19 39.90
C ARG A 115 -74.96 45.66 39.81
N ALA A 116 -76.22 45.96 39.49
CA ALA A 116 -76.66 47.35 39.37
C ALA A 116 -76.53 48.08 40.71
N LYS A 117 -76.94 47.42 41.79
CA LYS A 117 -76.86 48.05 43.12
C LYS A 117 -75.41 48.38 43.47
N LYS A 118 -74.50 47.43 43.28
CA LYS A 118 -73.11 47.66 43.63
C LYS A 118 -72.49 48.74 42.74
N LEU A 119 -72.82 48.72 41.44
CA LEU A 119 -72.30 49.75 40.55
C LEU A 119 -72.78 51.13 40.95
N MET A 120 -74.07 51.24 41.32
CA MET A 120 -74.60 52.51 41.77
C MET A 120 -73.88 52.99 43.02
N LYS A 121 -73.65 52.08 43.97
CA LYS A 121 -72.94 52.47 45.18
C LYS A 121 -71.54 52.97 44.87
N ILE A 122 -70.84 52.27 43.97
CA ILE A 122 -69.48 52.65 43.61
C ILE A 122 -69.48 54.02 42.95
N ARG A 123 -70.44 54.26 42.05
CA ARG A 123 -70.52 55.55 41.37
C ARG A 123 -70.81 56.66 42.35
N THR A 124 -71.68 56.42 43.33
CA THR A 124 -71.96 57.42 44.35
C THR A 124 -70.69 57.76 45.14
N LYS A 125 -69.94 56.72 45.53
CA LYS A 125 -68.70 56.94 46.25
C LYS A 125 -67.73 57.78 45.43
N PHE A 126 -67.58 57.44 44.16
CA PHE A 126 -66.62 58.17 43.32
C PHE A 126 -67.09 59.61 43.10
N ASP A 127 -68.40 59.83 43.01
CA ASP A 127 -68.92 61.18 42.87
C ASP A 127 -68.62 62.01 44.12
N ILE A 128 -68.80 61.41 45.29
CA ILE A 128 -68.52 62.13 46.53
C ILE A 128 -67.05 62.50 46.59
N THR A 129 -66.18 61.57 46.18
CA THR A 129 -64.74 61.85 46.14
C THR A 129 -64.44 62.97 45.15
N ARG A 130 -65.12 62.96 43.99
CA ARG A 130 -64.94 64.01 43.00
C ARG A 130 -65.28 65.36 43.59
N GLU A 131 -66.42 65.45 44.28
CA GLU A 131 -66.82 66.73 44.87
C GLU A 131 -65.81 67.19 45.91
N PHE A 132 -65.34 66.28 46.77
CA PHE A 132 -64.37 66.67 47.78
C PHE A 132 -63.09 67.19 47.13
N LEU A 133 -62.60 66.49 46.11
CA LEU A 133 -61.37 66.92 45.45
C LEU A 133 -61.56 68.25 44.74
N PHE A 134 -62.73 68.47 44.14
CA PHE A 134 -62.98 69.76 43.50
C PHE A 134 -62.96 70.89 44.52
N MET A 135 -63.57 70.67 45.69
CA MET A 135 -63.53 71.69 46.73
C MET A 135 -62.11 71.95 47.19
N GLN A 136 -61.32 70.89 47.37
CA GLN A 136 -59.93 71.06 47.78
C GLN A 136 -59.14 71.84 46.73
N ALA A 137 -59.36 71.54 45.46
CA ALA A 137 -58.68 72.27 44.39
C ALA A 137 -59.06 73.75 44.41
N LEU A 138 -60.35 74.03 44.62
CA LEU A 138 -60.76 75.43 44.72
C LEU A 138 -60.11 76.12 45.91
N LYS A 139 -59.88 75.39 47.00
CA LYS A 139 -59.18 75.98 48.14
C LYS A 139 -57.77 76.43 47.78
N GLY A 140 -57.20 75.92 46.69
CA GLY A 140 -55.87 76.29 46.26
C GLY A 140 -54.80 75.25 46.54
N LYS A 141 -55.11 74.21 47.32
CA LYS A 141 -54.18 73.14 47.62
C LYS A 141 -54.88 71.81 47.41
N VAL A 142 -54.34 70.99 46.52
CA VAL A 142 -54.89 69.66 46.26
C VAL A 142 -54.32 68.68 47.28
N VAL A 143 -55.02 68.52 48.39
CA VAL A 143 -54.58 67.65 49.48
C VAL A 143 -55.50 66.44 49.51
N ASP A 144 -54.91 65.25 49.51
CA ASP A 144 -55.68 64.02 49.57
C ASP A 144 -56.44 63.94 50.89
N ALA A 145 -57.54 63.19 50.88
CA ALA A 145 -58.42 63.13 52.04
C ALA A 145 -57.71 62.64 53.29
N ARG A 146 -56.59 61.93 53.14
CA ARG A 146 -55.82 61.46 54.28
C ARG A 146 -54.69 62.41 54.67
N GLY A 147 -54.59 63.57 54.01
CA GLY A 147 -53.64 64.59 54.38
C GLY A 147 -52.44 64.73 53.47
N THR A 148 -52.21 63.78 52.56
CA THR A 148 -51.05 63.86 51.68
C THR A 148 -51.21 65.05 50.72
N LEU A 149 -50.09 65.71 50.43
CA LEU A 149 -50.08 66.87 49.55
C LEU A 149 -49.58 66.45 48.17
N TYR A 150 -50.35 66.79 47.14
CA TYR A 150 -50.00 66.44 45.77
C TYR A 150 -49.66 67.64 44.90
N ALA A 151 -50.16 68.83 45.23
CA ALA A 151 -49.89 70.02 44.43
C ALA A 151 -50.06 71.25 45.29
N ASP A 152 -49.22 72.27 45.03
CA ASP A 152 -49.30 73.57 45.70
C ASP A 152 -49.23 74.63 44.61
N LEU A 153 -50.40 75.07 44.15
CA LEU A 153 -50.46 75.97 43.00
C LEU A 153 -49.75 77.29 43.28
N TYR A 154 -49.84 77.77 44.52
CA TYR A 154 -49.25 79.08 44.83
C TYR A 154 -47.74 79.06 44.63
N LYS A 155 -47.09 78.00 45.09
CA LYS A 155 -45.65 77.86 44.84
C LYS A 155 -45.37 77.52 43.39
N GLN A 156 -46.25 76.74 42.76
CA GLN A 156 -46.03 76.31 41.38
C GLN A 156 -45.99 77.50 40.44
N PHE A 157 -46.94 78.43 40.60
CA PHE A 157 -47.03 79.60 39.72
C PHE A 157 -46.32 80.82 40.30
N ASP A 158 -45.68 80.70 41.46
CA ASP A 158 -44.93 81.80 42.07
C ASP A 158 -45.85 83.01 42.30
N VAL A 159 -46.85 82.80 43.15
CA VAL A 159 -47.78 83.85 43.54
C VAL A 159 -48.28 83.57 44.94
N GLU A 160 -48.46 84.63 45.72
CA GLU A 160 -48.96 84.50 47.08
C GLU A 160 -50.48 84.57 47.10
N LYS A 161 -51.06 84.36 48.28
CA LYS A 161 -52.50 84.35 48.46
C LYS A 161 -52.92 85.57 49.28
N LYS A 162 -54.09 86.11 48.96
CA LYS A 162 -54.64 87.25 49.66
C LYS A 162 -55.81 86.82 50.53
N THR A 163 -55.95 87.45 51.70
CA THR A 163 -57.06 87.21 52.60
C THR A 163 -57.70 88.53 52.97
N VAL A 164 -59.03 88.55 53.01
CA VAL A 164 -59.80 89.74 53.33
C VAL A 164 -60.53 89.48 54.64
N TYR A 165 -60.37 90.39 55.59
CA TYR A 165 -60.94 90.25 56.93
C TYR A 165 -62.15 91.17 57.07
N PHE A 166 -63.28 90.60 57.47
CA PHE A 166 -64.48 91.36 57.78
C PHE A 166 -64.61 91.46 59.30
N ASP A 167 -64.69 92.69 59.81
CA ASP A 167 -64.92 92.91 61.23
C ASP A 167 -66.41 92.94 61.51
N LEU A 168 -67.11 91.85 61.17
CA LEU A 168 -68.57 91.85 61.29
C LEU A 168 -69.02 92.06 62.72
N ASP A 169 -68.22 91.64 63.70
CA ASP A 169 -68.59 91.79 65.10
C ASP A 169 -68.52 93.24 65.57
N ASN A 170 -67.89 94.13 64.81
CA ASN A 170 -67.79 95.54 65.19
C ASN A 170 -68.91 96.31 64.52
N PRO A 171 -69.81 96.97 65.26
CA PRO A 171 -70.90 97.70 64.61
C PRO A 171 -70.42 98.82 63.69
N ASN A 172 -69.23 99.37 63.93
CA ASN A 172 -68.70 100.45 63.10
C ASN A 172 -67.88 99.94 61.92
N ALA A 173 -67.81 98.62 61.73
CA ALA A 173 -67.01 98.06 60.65
C ALA A 173 -67.58 98.44 59.29
N ASP A 174 -66.71 98.43 58.29
CA ASP A 174 -67.09 98.75 56.91
C ASP A 174 -67.07 97.47 56.07
N ILE A 175 -68.14 97.25 55.32
CA ILE A 175 -68.25 96.10 54.44
C ILE A 175 -67.98 96.47 53.00
N ASP A 176 -68.40 97.67 52.60
CA ASP A 176 -68.16 98.11 51.23
C ASP A 176 -66.68 98.18 50.92
N ALA A 177 -65.87 98.63 51.89
CA ALA A 177 -64.43 98.71 51.68
C ALA A 177 -63.84 97.33 51.40
N SER A 178 -64.22 96.33 52.20
CA SER A 178 -63.70 94.98 52.00
C SER A 178 -64.16 94.42 50.67
N ILE A 179 -65.43 94.64 50.32
CA ILE A 179 -65.95 94.12 49.05
C ILE A 179 -65.20 94.76 47.88
N GLU A 180 -64.97 96.07 47.96
CA GLU A 180 -64.24 96.76 46.91
C GLU A 180 -62.81 96.27 46.82
N GLU A 181 -62.18 96.01 47.98
CA GLU A 181 -60.82 95.46 47.96
C GLU A 181 -60.78 94.12 47.25
N LEU A 182 -61.73 93.23 47.58
CA LEU A 182 -61.77 91.93 46.91
C LEU A 182 -61.98 92.10 45.41
N ARG A 183 -62.91 92.97 45.01
CA ARG A 183 -63.22 93.14 43.59
C ARG A 183 -62.02 93.72 42.85
N MET A 184 -61.35 94.71 43.43
CA MET A 184 -60.23 95.35 42.75
C MET A 184 -59.04 94.41 42.66
N HIS A 185 -58.79 93.61 43.70
CA HIS A 185 -57.75 92.59 43.60
C HIS A 185 -58.05 91.61 42.48
N MET A 186 -59.29 91.11 42.44
CA MET A 186 -59.68 90.16 41.41
C MET A 186 -59.51 90.76 40.01
N GLU A 187 -59.93 92.01 39.83
CA GLU A 187 -59.83 92.66 38.52
C GLU A 187 -58.36 92.87 38.14
N ASP A 188 -57.56 93.42 39.06
CA ASP A 188 -56.19 93.78 38.74
C ASP A 188 -55.33 92.56 38.45
N GLU A 189 -55.45 91.49 39.25
CA GLU A 189 -54.56 90.35 39.13
C GLU A 189 -55.09 89.27 38.19
N ALA A 190 -56.21 89.50 37.52
CA ALA A 190 -56.71 88.52 36.56
C ALA A 190 -55.77 88.33 35.37
N LYS A 191 -55.22 89.43 34.84
CA LYS A 191 -54.29 89.37 33.71
C LYS A 191 -54.92 88.65 32.51
N THR A 192 -56.11 89.12 32.12
CA THR A 192 -56.78 88.60 30.95
C THR A 192 -57.60 89.71 30.31
N GLY A 193 -57.86 89.55 29.01
CA GLY A 193 -58.63 90.53 28.27
C GLY A 193 -60.03 90.74 28.82
N GLU A 200 -68.87 88.99 37.58
CA GLU A 200 -69.43 87.75 38.11
C GLU A 200 -68.46 87.10 39.09
N ILE A 201 -68.72 87.32 40.38
CA ILE A 201 -67.88 86.78 41.45
C ILE A 201 -68.78 86.02 42.41
N HIS A 202 -68.39 84.79 42.71
CA HIS A 202 -69.09 83.95 43.69
C HIS A 202 -68.19 83.73 44.89
N VAL A 203 -68.76 83.80 46.08
CA VAL A 203 -68.06 83.51 47.33
C VAL A 203 -68.89 82.49 48.09
N VAL A 204 -68.34 81.30 48.28
CA VAL A 204 -68.98 80.25 49.06
C VAL A 204 -68.72 80.55 50.53
N VAL A 205 -69.78 80.61 51.32
CA VAL A 205 -69.74 81.16 52.66
C VAL A 205 -70.26 80.13 53.65
N ASP A 206 -69.77 80.19 54.88
CA ASP A 206 -70.19 79.28 55.93
C ASP A 206 -71.42 79.82 56.65
N ARG A 207 -72.06 78.93 57.42
CA ARG A 207 -73.29 79.29 58.12
C ARG A 207 -73.06 80.44 59.10
N VAL A 208 -72.04 80.31 59.96
CA VAL A 208 -71.76 81.36 60.94
C VAL A 208 -71.43 82.66 60.24
N PHE A 209 -70.59 82.59 59.20
CA PHE A 209 -70.23 83.80 58.47
C PHE A 209 -71.46 84.44 57.84
N PHE A 210 -72.35 83.63 57.24
CA PHE A 210 -73.55 84.18 56.63
C PHE A 210 -74.44 84.86 57.67
N SER A 211 -74.63 84.22 58.82
CA SER A 211 -75.45 84.80 59.87
C SER A 211 -74.85 86.12 60.35
N LYS A 212 -73.54 86.15 60.58
CA LYS A 212 -72.90 87.38 61.03
C LYS A 212 -73.04 88.48 59.99
N LEU A 213 -72.85 88.14 58.71
CA LEU A 213 -72.95 89.12 57.65
C LEU A 213 -74.36 89.71 57.58
N VAL A 214 -75.38 88.85 57.63
CA VAL A 214 -76.75 89.33 57.50
C VAL A 214 -77.29 89.95 58.78
N LYS A 215 -76.60 89.78 59.90
CA LYS A 215 -77.04 90.43 61.13
C LYS A 215 -76.62 91.91 61.18
N HIS A 216 -75.66 92.30 60.35
CA HIS A 216 -75.07 93.63 60.48
C HIS A 216 -76.12 94.71 60.25
N PRO A 217 -76.16 95.77 61.07
CA PRO A 217 -77.18 96.81 60.85
C PRO A 217 -77.09 97.48 59.49
N LYS A 218 -75.88 97.64 58.96
CA LYS A 218 -75.71 98.36 57.69
C LYS A 218 -76.13 97.54 56.48
N ILE A 219 -76.61 96.31 56.67
CA ILE A 219 -76.99 95.45 55.56
C ILE A 219 -78.40 94.89 55.69
N ARG A 220 -79.08 95.07 56.82
CA ARG A 220 -80.44 94.57 56.96
C ARG A 220 -81.37 95.22 55.94
N ASP A 221 -81.17 96.51 55.68
CA ASP A 221 -82.05 97.20 54.74
C ASP A 221 -81.98 96.56 53.36
N ALA A 222 -80.79 96.20 52.90
CA ALA A 222 -80.66 95.54 51.60
C ALA A 222 -81.13 94.09 51.66
N TYR A 223 -80.86 93.39 52.77
CA TYR A 223 -81.20 91.99 52.85
C TYR A 223 -82.71 91.78 52.87
N LEU A 224 -83.42 92.53 53.72
CA LEU A 224 -84.86 92.34 53.84
C LEU A 224 -85.61 92.64 52.55
N ALA A 225 -85.03 93.47 51.68
CA ALA A 225 -85.69 93.79 50.42
C ALA A 225 -85.64 92.65 49.41
N GLN A 226 -84.73 91.68 49.61
CA GLN A 226 -84.58 90.57 48.68
C GLN A 226 -85.38 89.34 49.09
N GLN A 227 -86.10 89.39 50.20
CA GLN A 227 -86.84 88.21 50.67
C GLN A 227 -88.05 87.89 49.81
N THR A 228 -88.46 88.78 48.92
CA THR A 228 -89.59 88.49 48.05
C THR A 228 -89.23 87.31 47.15
N PRO A 229 -90.09 86.29 47.05
CA PRO A 229 -89.75 85.14 46.21
C PRO A 229 -89.49 85.50 44.76
N LEU A 230 -90.18 86.52 44.23
CA LEU A 230 -89.92 86.95 42.86
C LEU A 230 -88.48 87.41 42.68
N ALA A 231 -87.87 87.94 43.74
CA ALA A 231 -86.49 88.43 43.64
C ALA A 231 -85.48 87.29 43.73
N TRP A 232 -85.76 86.28 44.56
CA TRP A 232 -84.81 85.18 44.72
C TRP A 232 -84.60 84.43 43.42
N GLN A 233 -85.69 84.19 42.67
CA GLN A 233 -85.61 83.44 41.42
C GLN A 233 -84.72 84.11 40.39
N GLN A 234 -84.50 85.42 40.49
CA GLN A 234 -83.65 86.13 39.55
C GLN A 234 -82.23 85.56 39.56
N GLY A 243 -80.49 77.87 42.85
CA GLY A 243 -79.49 76.82 42.71
C GLY A 243 -79.67 75.77 43.78
N THR A 244 -79.18 74.55 43.51
CA THR A 244 -79.31 73.44 44.43
C THR A 244 -77.98 72.71 44.53
N ASP A 245 -77.69 72.19 45.73
CA ASP A 245 -76.47 71.43 45.98
C ASP A 245 -76.68 69.93 45.83
N GLY A 246 -77.87 69.49 45.42
CA GLY A 246 -78.19 68.09 45.35
C GLY A 246 -78.87 67.54 46.58
N VAL A 247 -78.86 68.28 47.70
CA VAL A 247 -79.54 67.88 48.91
C VAL A 247 -80.61 68.89 49.31
N GLN A 248 -80.32 70.18 49.19
CA GLN A 248 -81.26 71.25 49.48
C GLN A 248 -81.73 71.87 48.17
N ALA A 249 -83.05 71.98 48.01
CA ALA A 249 -83.62 72.53 46.79
C ALA A 249 -83.71 74.05 46.80
N HIS A 250 -83.37 74.69 47.92
CA HIS A 250 -83.42 76.15 48.02
C HIS A 250 -82.38 76.57 49.06
N MET A 251 -81.23 77.05 48.60
CA MET A 251 -80.12 77.42 49.45
C MET A 251 -80.07 78.94 49.61
N ASN A 252 -79.71 79.39 50.81
CA ASN A 252 -79.65 80.81 51.10
C ASN A 252 -78.69 81.51 50.13
N THR A 253 -79.12 82.66 49.61
CA THR A 253 -78.30 83.46 48.71
C THR A 253 -78.51 84.93 49.03
N PHE A 254 -77.41 85.69 49.02
CA PHE A 254 -77.45 87.12 49.29
C PHE A 254 -76.57 87.83 48.29
N TYR A 255 -77.11 88.86 47.63
CA TYR A 255 -76.40 89.61 46.61
C TYR A 255 -76.24 91.05 47.08
N TYR A 256 -75.01 91.55 47.03
CA TYR A 256 -74.73 92.91 47.46
C TYR A 256 -73.42 93.37 46.82
N GLY A 257 -73.43 94.60 46.32
CA GLY A 257 -72.23 95.18 45.75
C GLY A 257 -71.65 94.41 44.59
N GLY A 258 -72.48 93.69 43.84
CA GLY A 258 -71.99 92.93 42.71
C GLY A 258 -71.31 91.63 43.06
N VAL A 259 -71.44 91.18 44.31
CA VAL A 259 -70.86 89.92 44.76
C VAL A 259 -71.98 89.08 45.37
N LYS A 260 -72.06 87.82 44.94
CA LYS A 260 -73.10 86.90 45.36
C LYS A 260 -72.56 85.99 46.46
N PHE A 261 -73.22 86.01 47.62
CA PHE A 261 -72.85 85.17 48.75
C PHE A 261 -73.76 83.95 48.79
N VAL A 262 -73.16 82.77 48.92
CA VAL A 262 -73.88 81.50 48.93
C VAL A 262 -73.45 80.72 50.16
N GLN A 263 -74.42 80.12 50.85
CA GLN A 263 -74.15 79.30 52.02
C GLN A 263 -74.09 77.83 51.60
N TYR A 264 -72.95 77.19 51.87
CA TYR A 264 -72.73 75.79 51.50
C TYR A 264 -72.41 75.01 52.77
N ASN A 265 -73.22 73.97 53.04
CA ASN A 265 -73.11 73.20 54.26
C ASN A 265 -72.64 71.76 54.02
N GLY A 266 -71.97 71.52 52.89
CA GLY A 266 -71.56 70.15 52.58
C GLY A 266 -70.53 69.64 53.58
N LYS A 267 -70.60 68.34 53.86
CA LYS A 267 -69.64 67.69 54.74
C LYS A 267 -69.64 66.20 54.42
N PHE A 268 -68.48 65.56 54.64
CA PHE A 268 -68.32 64.14 54.39
C PHE A 268 -67.52 63.52 55.52
N LYS A 269 -67.59 62.19 55.60
CA LYS A 269 -66.92 61.42 56.64
C LYS A 269 -65.85 60.53 56.02
N ASP A 270 -64.73 60.40 56.73
CA ASP A 270 -63.65 59.54 56.28
C ASP A 270 -63.86 58.11 56.80
N LYS A 271 -63.06 57.17 56.28
CA LYS A 271 -63.14 55.79 56.74
C LYS A 271 -62.90 55.68 58.23
N ARG A 272 -62.18 56.64 58.81
CA ARG A 272 -61.87 56.63 60.24
C ARG A 272 -62.94 57.32 61.08
N GLY A 273 -64.01 57.83 60.46
CA GLY A 273 -65.03 58.58 61.16
C GLY A 273 -64.75 60.07 61.27
N LYS A 274 -63.59 60.53 60.82
CA LYS A 274 -63.26 61.94 60.87
C LYS A 274 -64.17 62.71 59.91
N VAL A 275 -64.74 63.82 60.39
CA VAL A 275 -65.64 64.62 59.59
C VAL A 275 -64.86 65.74 58.92
N HIS A 276 -65.04 65.88 57.60
CA HIS A 276 -64.36 66.89 56.81
C HIS A 276 -65.40 67.87 56.27
N THR A 277 -65.34 69.12 56.74
CA THR A 277 -66.23 70.15 56.23
C THR A 277 -65.64 70.75 54.95
N LEU A 278 -66.48 70.81 53.91
CA LEU A 278 -65.99 71.26 52.61
C LEU A 278 -65.51 72.71 52.67
N VAL A 279 -66.24 73.58 53.36
CA VAL A 279 -65.89 74.98 53.46
C VAL A 279 -65.18 75.21 54.78
N SER A 280 -63.85 75.30 54.73
CA SER A 280 -63.06 75.53 55.94
C SER A 280 -61.68 76.01 55.53
N ILE A 281 -60.98 76.60 56.50
CA ILE A 281 -59.59 77.02 56.35
C ILE A 281 -58.76 76.29 57.40
N ASP A 282 -57.65 75.71 56.96
CA ASP A 282 -56.83 74.91 57.85
C ASP A 282 -56.34 75.74 59.04
N SER A 283 -56.36 75.12 60.22
CA SER A 283 -55.86 75.74 61.44
C SER A 283 -56.66 76.99 61.80
N VAL A 284 -57.98 76.90 61.68
CA VAL A 284 -58.89 77.98 62.07
C VAL A 284 -60.07 77.37 62.82
N ALA A 285 -60.44 77.98 63.94
CA ALA A 285 -61.55 77.47 64.72
C ALA A 285 -62.85 77.51 63.92
N ALA A 286 -63.67 76.47 64.09
CA ALA A 286 -64.92 76.39 63.35
C ALA A 286 -65.86 77.54 63.71
N THR A 287 -65.74 78.08 64.92
CA THR A 287 -66.63 79.15 65.34
C THR A 287 -66.42 80.43 64.54
N VAL A 288 -65.26 80.59 63.90
CA VAL A 288 -64.98 81.79 63.13
C VAL A 288 -65.54 81.62 61.72
N GLY A 289 -66.24 82.64 61.23
CA GLY A 289 -66.78 82.57 59.89
C GLY A 289 -65.68 82.42 58.86
N VAL A 290 -65.97 81.67 57.80
CA VAL A 290 -64.98 81.36 56.77
C VAL A 290 -65.69 81.24 55.44
N GLY A 291 -65.01 81.65 54.38
CA GLY A 291 -65.55 81.56 53.03
C GLY A 291 -64.45 81.63 52.00
N HIS A 292 -64.79 81.20 50.79
CA HIS A 292 -63.85 81.17 49.67
C HIS A 292 -64.47 81.88 48.48
N ALA A 293 -63.67 82.66 47.77
CA ALA A 293 -64.13 83.45 46.63
C ALA A 293 -63.47 82.96 45.35
N PHE A 294 -64.22 82.96 44.27
CA PHE A 294 -63.71 82.55 42.96
C PHE A 294 -64.61 83.14 41.89
N PRO A 295 -64.11 83.28 40.66
CA PRO A 295 -64.95 83.78 39.57
C PRO A 295 -65.69 82.66 38.86
N ASN A 296 -66.84 82.99 38.29
CA ASN A 296 -67.66 82.03 37.57
C ASN A 296 -67.29 82.03 36.09
N VAL A 297 -66.95 80.86 35.56
CA VAL A 297 -66.37 80.75 34.22
C VAL A 297 -67.11 79.69 33.42
N SER A 298 -68.08 79.02 34.05
CA SER A 298 -68.71 77.85 33.43
C SER A 298 -69.24 78.17 32.02
N MET A 299 -69.80 79.36 31.83
CA MET A 299 -70.41 79.68 30.55
C MET A 299 -69.40 79.76 29.40
N LEU A 300 -68.11 79.88 29.69
CA LEU A 300 -67.12 79.95 28.62
C LEU A 300 -66.99 78.63 27.85
N GLY A 301 -67.38 77.52 28.45
CA GLY A 301 -67.42 76.25 27.73
C GLY A 301 -66.04 75.86 27.23
N GLU A 302 -65.96 75.58 25.93
CA GLU A 302 -64.73 75.06 25.34
C GLU A 302 -63.54 76.01 25.52
N ALA A 303 -63.81 77.30 25.75
CA ALA A 303 -62.74 78.27 25.97
C ALA A 303 -62.31 78.35 27.42
N ASN A 304 -62.88 77.53 28.29
CA ASN A 304 -62.55 77.54 29.72
C ASN A 304 -61.17 76.93 29.90
N ASN A 305 -60.16 77.79 30.07
CA ASN A 305 -58.79 77.35 30.27
C ASN A 305 -58.31 77.54 31.71
N ILE A 306 -59.22 77.85 32.64
CA ILE A 306 -58.85 78.15 34.01
C ILE A 306 -58.99 76.93 34.91
N PHE A 307 -60.05 76.15 34.75
CA PHE A 307 -60.27 74.95 35.54
C PHE A 307 -60.31 73.75 34.60
N GLU A 308 -59.51 72.73 34.91
CA GLU A 308 -59.46 71.51 34.12
C GLU A 308 -59.18 70.33 35.04
N VAL A 309 -59.51 69.13 34.55
CA VAL A 309 -59.26 67.88 35.25
C VAL A 309 -58.59 66.93 34.27
N ALA A 310 -57.51 66.30 34.72
CA ALA A 310 -56.77 65.36 33.89
C ALA A 310 -57.16 63.93 34.22
N TYR A 311 -57.02 63.04 33.22
CA TYR A 311 -57.34 61.63 33.38
C TYR A 311 -56.29 60.79 32.67
N GLY A 312 -55.90 59.69 33.29
CA GLY A 312 -54.86 58.85 32.76
C GLY A 312 -55.28 57.39 32.66
N PRO A 313 -54.44 56.57 32.02
CA PRO A 313 -54.76 55.16 31.85
C PRO A 313 -54.47 54.34 33.09
N CYS A 314 -54.99 53.12 33.09
CA CYS A 314 -54.81 52.18 34.18
C CYS A 314 -53.68 51.20 33.86
N PRO A 315 -53.17 50.49 34.86
CA PRO A 315 -52.04 49.58 34.62
C PRO A 315 -52.42 48.34 33.81
N LYS A 316 -53.68 48.13 33.49
CA LYS A 316 -54.09 46.91 32.81
C LYS A 316 -53.41 46.79 31.45
N MET A 317 -53.28 45.55 30.98
CA MET A 317 -52.51 45.28 29.78
C MET A 317 -53.11 45.97 28.56
N GLY A 318 -54.44 45.90 28.42
CA GLY A 318 -55.09 46.44 27.23
C GLY A 318 -55.28 47.94 27.24
N TYR A 319 -54.90 48.62 28.33
CA TYR A 319 -55.08 50.05 28.46
C TYR A 319 -53.79 50.80 28.76
N ALA A 320 -52.65 50.30 28.29
CA ALA A 320 -51.37 50.90 28.65
C ALA A 320 -51.21 52.32 28.14
N ASN A 321 -51.61 52.60 26.89
CA ASN A 321 -51.38 53.91 26.27
C ASN A 321 -52.65 54.45 25.63
N THR A 322 -53.79 54.25 26.26
CA THR A 322 -55.05 54.77 25.75
C THR A 322 -55.45 56.04 26.51
N LEU A 323 -56.39 56.78 25.92
CA LEU A 323 -56.87 57.99 26.56
C LEU A 323 -57.56 57.66 27.88
N GLY A 324 -57.42 58.56 28.84
CA GLY A 324 -58.00 58.36 30.16
C GLY A 324 -59.52 58.38 30.10
N GLN A 325 -60.12 57.90 31.19
CA GLN A 325 -61.57 57.80 31.30
C GLN A 325 -62.00 58.28 32.67
N GLU A 326 -63.28 58.67 32.77
CA GLU A 326 -63.81 59.11 34.06
C GLU A 326 -63.74 58.01 35.10
N LEU A 327 -64.06 56.78 34.72
CA LEU A 327 -64.09 55.67 35.66
C LEU A 327 -64.04 54.36 34.88
N TYR A 328 -63.07 53.52 35.19
CA TYR A 328 -62.97 52.19 34.61
C TYR A 328 -63.68 51.18 35.50
N VAL A 329 -64.32 50.20 34.85
CA VAL A 329 -64.96 49.08 35.55
C VAL A 329 -64.56 47.80 34.82
N PHE A 330 -64.17 46.78 35.59
CA PHE A 330 -63.75 45.50 35.05
C PHE A 330 -64.44 44.37 35.81
N GLU A 331 -64.62 43.25 35.11
CA GLU A 331 -65.26 42.07 35.67
C GLU A 331 -64.39 40.85 35.37
N TYR A 332 -64.27 39.97 36.35
CA TYR A 332 -63.47 38.76 36.21
C TYR A 332 -64.15 37.61 36.94
N GLU A 333 -63.95 36.40 36.43
CA GLU A 333 -64.46 35.21 37.10
C GLU A 333 -63.46 34.73 38.14
N LYS A 334 -63.94 33.87 39.04
CA LYS A 334 -63.15 33.36 40.14
C LYS A 334 -62.72 31.90 39.94
N ASP A 335 -62.76 31.41 38.70
CA ASP A 335 -62.41 30.03 38.41
C ASP A 335 -63.45 29.09 39.01
N ARG A 336 -63.68 27.94 38.36
CA ARG A 336 -64.61 26.93 38.85
C ARG A 336 -65.98 27.53 39.17
N ASP A 337 -66.30 28.68 38.58
CA ASP A 337 -67.63 29.30 38.68
C ASP A 337 -68.07 29.49 40.13
N GLU A 338 -67.16 29.90 41.03
CA GLU A 338 -67.57 30.14 42.41
C GLU A 338 -67.96 31.60 42.67
N GLY A 339 -67.84 32.49 41.71
CA GLY A 339 -68.26 33.86 41.92
C GLY A 339 -67.69 34.78 40.84
N ILE A 340 -67.87 36.09 41.06
CA ILE A 340 -67.44 37.12 40.14
C ILE A 340 -66.79 38.24 40.94
N ASP A 341 -65.84 38.94 40.32
CA ASP A 341 -65.13 40.04 40.95
C ASP A 341 -65.32 41.33 40.15
N PHE A 342 -65.29 42.45 40.87
CA PHE A 342 -65.42 43.77 40.27
C PHE A 342 -64.25 44.64 40.67
N GLU A 343 -63.93 45.62 39.83
CA GLU A 343 -62.85 46.55 40.11
C GLU A 343 -63.21 47.92 39.55
N ALA A 344 -62.75 48.96 40.23
CA ALA A 344 -62.97 50.34 39.83
C ALA A 344 -61.66 51.09 39.90
N HIS A 345 -61.35 51.87 38.86
CA HIS A 345 -60.11 52.61 38.78
C HIS A 345 -60.39 54.04 38.35
N SER A 346 -59.55 54.97 38.83
CA SER A 346 -59.62 56.36 38.46
C SER A 346 -58.27 56.99 38.71
N TYR A 347 -57.84 57.85 37.79
CA TYR A 347 -56.51 58.49 37.84
C TYR A 347 -56.72 59.95 37.48
N MET A 348 -56.95 60.79 38.49
CA MET A 348 -57.44 62.13 38.25
C MET A 348 -56.65 63.13 39.08
N LEU A 349 -56.63 64.38 38.60
CA LEU A 349 -56.02 65.49 39.33
C LEU A 349 -56.67 66.80 38.89
N PRO A 350 -57.41 67.48 39.77
CA PRO A 350 -57.91 68.81 39.42
C PRO A 350 -56.93 69.91 39.77
N TYR A 351 -56.99 70.99 39.01
CA TYR A 351 -56.07 72.10 39.20
C TYR A 351 -56.68 73.36 38.62
N CYS A 352 -56.10 74.50 39.01
CA CYS A 352 -56.51 75.81 38.52
C CYS A 352 -55.29 76.52 37.95
N THR A 353 -55.44 77.11 36.77
CA THR A 353 -54.33 77.78 36.09
C THR A 353 -54.24 79.26 36.43
N ARG A 354 -55.14 79.78 37.26
CA ARG A 354 -55.10 81.18 37.70
C ARG A 354 -55.26 81.22 39.22
N PRO A 355 -54.28 80.69 39.96
CA PRO A 355 -54.42 80.61 41.43
C PRO A 355 -54.56 81.96 42.10
N GLN A 356 -54.09 83.04 41.47
CA GLN A 356 -54.16 84.36 42.09
C GLN A 356 -55.59 84.86 42.24
N LEU A 357 -56.55 84.24 41.56
CA LEU A 357 -57.95 84.63 41.64
C LEU A 357 -58.70 83.97 42.78
N LEU A 358 -58.05 83.07 43.52
CA LEU A 358 -58.66 82.41 44.68
C LEU A 358 -58.30 83.20 45.93
N VAL A 359 -59.33 83.62 46.68
CA VAL A 359 -59.16 84.50 47.82
C VAL A 359 -59.93 83.92 49.00
N ASP A 360 -59.31 83.90 50.17
CA ASP A 360 -59.97 83.52 51.40
C ASP A 360 -60.70 84.72 51.99
N VAL A 361 -61.75 84.44 52.76
CA VAL A 361 -62.58 85.46 53.37
C VAL A 361 -62.86 85.04 54.82
N ARG A 362 -62.65 85.96 55.75
CA ARG A 362 -62.81 85.70 57.17
C ARG A 362 -63.67 86.79 57.81
N ALA A 363 -64.42 86.40 58.84
CA ALA A 363 -65.29 87.31 59.58
C ALA A 363 -64.71 87.70 60.93
N ASP A 364 -63.39 87.86 61.03
CA ASP A 364 -62.74 88.27 62.26
C ASP A 364 -61.78 89.41 61.98
N ALA A 365 -61.59 90.25 62.98
CA ALA A 365 -60.72 91.41 62.83
C ALA A 365 -59.30 90.97 62.51
N LYS A 366 -58.60 91.76 61.69
CA LYS A 366 -57.20 91.48 61.31
C LYS A 366 -56.70 90.16 61.89
N MET B 1 -37.00 63.55 11.90
CA MET B 1 -38.05 63.90 12.90
C MET B 1 -37.40 64.59 14.10
N LEU B 2 -38.13 65.53 14.70
CA LEU B 2 -37.55 66.48 15.64
C LEU B 2 -37.74 66.03 17.08
N THR B 3 -36.75 66.33 17.92
CA THR B 3 -36.81 66.04 19.34
C THR B 3 -36.23 67.23 20.10
N ASN B 4 -36.36 67.19 21.42
CA ASN B 4 -35.84 68.28 22.24
C ASN B 4 -34.32 68.37 22.12
N SER B 5 -33.82 69.60 22.18
CA SER B 5 -32.38 69.83 22.06
C SER B 5 -31.66 69.27 23.28
N GLU B 6 -30.33 69.40 23.28
CA GLU B 6 -29.52 68.81 24.35
C GLU B 6 -29.70 69.55 25.66
N LYS B 7 -29.64 70.88 25.62
CA LYS B 7 -29.61 71.69 26.84
C LYS B 7 -30.76 72.70 26.90
N SER B 8 -31.84 72.47 26.16
CA SER B 8 -32.99 73.35 26.22
C SER B 8 -34.22 72.60 25.74
N ARG B 9 -35.33 72.78 26.46
CA ARG B 9 -36.59 72.15 26.08
C ARG B 9 -37.36 72.94 25.03
N PHE B 10 -36.95 74.17 24.75
CA PHE B 10 -37.66 75.05 23.82
C PHE B 10 -37.04 75.05 22.42
N PHE B 11 -36.02 74.24 22.19
CA PHE B 11 -35.39 74.12 20.87
C PHE B 11 -35.34 72.67 20.46
N LEU B 12 -35.36 72.43 19.15
CA LEU B 12 -35.51 71.09 18.61
C LEU B 12 -34.27 70.70 17.82
N ALA B 13 -34.00 69.39 17.80
CA ALA B 13 -32.92 68.81 17.02
C ALA B 13 -33.47 67.60 16.27
N ASP B 14 -32.76 67.20 15.23
CA ASP B 14 -33.21 66.16 14.31
C ASP B 14 -32.60 64.82 14.68
N LEU B 15 -33.43 63.77 14.68
CA LEU B 15 -33.02 62.41 15.01
C LEU B 15 -32.94 61.60 13.72
N THR B 16 -31.83 60.86 13.55
CA THR B 16 -31.54 60.20 12.29
C THR B 16 -31.70 58.68 12.35
N GLY B 17 -32.10 58.13 13.49
CA GLY B 17 -32.36 56.70 13.60
C GLY B 17 -31.44 56.01 14.59
N GLU B 18 -31.31 54.70 14.40
CA GLU B 18 -30.62 53.83 15.35
C GLU B 18 -29.64 52.93 14.61
N VAL B 19 -28.64 52.45 15.34
CA VAL B 19 -27.72 51.42 14.88
C VAL B 19 -27.68 50.32 15.93
N GLN B 20 -27.78 49.07 15.48
CA GLN B 20 -27.90 47.92 16.37
C GLN B 20 -26.68 47.03 16.26
N SER B 21 -26.26 46.47 17.38
CA SER B 21 -25.19 45.48 17.44
C SER B 21 -25.80 44.14 17.85
N ILE B 22 -25.54 43.11 17.05
CA ILE B 22 -26.12 41.79 17.24
C ILE B 22 -25.00 40.80 17.48
N PRO B 23 -25.08 39.93 18.47
CA PRO B 23 -23.96 39.01 18.75
C PRO B 23 -23.79 37.98 17.65
N ASN B 24 -22.57 37.45 17.57
CA ASN B 24 -22.23 36.49 16.53
C ASN B 24 -22.79 35.11 16.85
N THR B 25 -23.22 34.41 15.81
CA THR B 25 -23.59 33.01 15.88
C THR B 25 -22.90 32.28 14.75
N TYR B 26 -22.55 31.01 14.97
CA TYR B 26 -21.71 30.27 14.04
C TYR B 26 -22.42 29.14 13.32
N GLY B 27 -22.99 28.20 14.05
CA GLY B 27 -23.76 27.12 13.44
C GLY B 27 -23.16 26.53 12.18
N TYR B 28 -21.92 26.05 12.26
CA TYR B 28 -21.30 25.44 11.09
C TYR B 28 -21.71 23.98 10.95
N ILE B 29 -21.53 23.20 12.01
CA ILE B 29 -21.84 21.77 11.95
C ILE B 29 -23.31 21.57 11.64
N SER B 30 -24.18 22.41 12.20
CA SER B 30 -25.61 22.22 12.01
C SER B 30 -26.00 22.27 10.54
N ASN B 31 -25.20 22.92 9.70
CA ASN B 31 -25.53 23.05 8.29
C ASN B 31 -24.93 21.95 7.43
N LEU B 32 -23.94 21.22 7.93
CA LEU B 32 -23.36 20.13 7.14
C LEU B 32 -24.39 19.04 6.87
N GLY B 33 -25.37 18.88 7.75
CA GLY B 33 -26.33 17.82 7.60
C GLY B 33 -25.83 16.45 7.99
N LEU B 34 -24.77 16.37 8.80
CA LEU B 34 -24.26 15.07 9.23
C LEU B 34 -25.29 14.34 10.08
N PHE B 35 -25.96 15.05 10.98
CA PHE B 35 -26.85 14.42 11.95
C PHE B 35 -28.26 14.30 11.37
N ARG B 36 -28.75 13.07 11.29
CA ARG B 36 -30.11 12.83 10.83
C ARG B 36 -31.09 13.01 12.00
N SER B 37 -32.34 13.29 11.65
CA SER B 37 -33.40 13.49 12.63
C SER B 37 -34.16 12.19 12.82
N ALA B 38 -34.23 11.71 14.07
CA ALA B 38 -34.84 10.42 14.39
C ALA B 38 -35.79 10.60 15.56
N PRO B 39 -36.95 11.22 15.32
CA PRO B 39 -37.91 11.42 16.43
C PRO B 39 -38.41 10.10 16.98
N ILE B 40 -38.68 10.09 18.29
CA ILE B 40 -39.18 8.91 18.98
C ILE B 40 -40.31 9.31 19.91
N THR B 41 -41.07 8.32 20.34
CA THR B 41 -42.25 8.55 21.19
C THR B 41 -42.01 8.15 22.64
N GLN B 42 -40.77 7.88 23.04
CA GLN B 42 -40.47 7.44 24.39
C GLN B 42 -39.33 8.28 24.96
N THR B 43 -39.08 8.10 26.25
CA THR B 43 -38.04 8.82 26.95
C THR B 43 -36.71 8.07 26.98
N THR B 44 -36.63 6.92 26.32
CA THR B 44 -35.40 6.16 26.26
C THR B 44 -35.47 5.22 25.06
N PHE B 45 -34.31 4.70 24.67
CA PHE B 45 -34.23 3.78 23.55
C PHE B 45 -33.08 2.81 23.76
N LEU B 46 -33.13 1.70 23.04
CA LEU B 46 -32.20 0.59 23.22
C LEU B 46 -31.51 0.27 21.89
N MET B 47 -30.47 -0.55 21.98
CA MET B 47 -29.74 -1.00 20.81
C MET B 47 -29.16 -2.38 21.10
N ASP B 48 -28.87 -3.11 20.03
CA ASP B 48 -28.29 -4.45 20.12
C ASP B 48 -26.96 -4.47 19.39
N LEU B 49 -25.99 -5.15 19.98
CA LEU B 49 -24.63 -5.23 19.44
C LEU B 49 -24.26 -6.68 19.23
N THR B 50 -23.73 -7.00 18.06
CA THR B 50 -23.38 -8.37 17.68
C THR B 50 -21.92 -8.41 17.22
N ASP B 51 -21.18 -9.39 17.72
CA ASP B 51 -19.76 -9.51 17.44
C ASP B 51 -19.40 -10.95 17.15
N TRP B 52 -18.41 -11.14 16.28
CA TRP B 52 -17.81 -12.44 16.07
C TRP B 52 -16.45 -12.24 15.40
N ASP B 53 -15.61 -13.26 15.50
CA ASP B 53 -14.23 -13.16 15.02
C ASP B 53 -13.77 -14.51 14.50
N VAL B 54 -12.72 -14.48 13.69
CA VAL B 54 -12.12 -15.68 13.11
C VAL B 54 -10.61 -15.60 13.30
N SER B 55 -9.98 -16.78 13.26
CA SER B 55 -8.54 -16.90 13.44
C SER B 55 -8.02 -17.95 12.46
N LEU B 56 -6.69 -18.04 12.35
CA LEU B 56 -6.08 -19.00 11.45
C LEU B 56 -6.43 -20.42 11.89
N LEU B 57 -6.07 -21.38 11.04
CA LEU B 57 -6.40 -22.79 11.24
C LEU B 57 -5.12 -23.59 11.35
N ASP B 58 -5.09 -24.54 12.28
CA ASP B 58 -3.90 -25.32 12.57
C ASP B 58 -3.97 -26.68 11.91
N ALA B 59 -2.85 -27.13 11.36
CA ALA B 59 -2.80 -28.41 10.67
C ALA B 59 -2.85 -29.55 11.68
N VAL B 60 -3.48 -30.66 11.26
CA VAL B 60 -3.60 -31.85 12.09
C VAL B 60 -3.19 -33.06 11.27
N ASP B 61 -2.79 -34.13 11.96
CA ASP B 61 -2.42 -35.36 11.28
C ASP B 61 -3.64 -35.99 10.63
N ARG B 62 -3.44 -36.59 9.46
CA ARG B 62 -4.56 -37.13 8.70
C ARG B 62 -5.20 -38.31 9.42
N ASP B 63 -4.38 -39.21 9.97
CA ASP B 63 -4.91 -40.43 10.59
C ASP B 63 -5.58 -40.16 11.93
N SER B 64 -5.11 -39.16 12.68
CA SER B 64 -5.73 -38.85 13.96
C SER B 64 -7.19 -38.47 13.82
N ARG B 65 -7.57 -37.86 12.69
CA ARG B 65 -8.95 -37.46 12.42
C ARG B 65 -9.48 -36.48 13.46
N LYS B 66 -8.62 -35.60 13.94
CA LYS B 66 -9.05 -34.53 14.84
C LYS B 66 -9.28 -33.25 14.05
N ALA B 67 -9.93 -32.27 14.69
CA ALA B 67 -10.36 -31.07 13.99
C ALA B 67 -10.37 -29.90 14.98
N GLU B 68 -10.92 -28.78 14.51
CA GLU B 68 -11.05 -27.56 15.30
C GLU B 68 -12.50 -27.09 15.24
N THR B 69 -12.80 -26.06 16.03
CA THR B 69 -14.15 -25.51 16.07
C THR B 69 -14.07 -24.04 16.41
N SER B 70 -15.10 -23.30 16.03
CA SER B 70 -15.16 -21.86 16.25
C SER B 70 -16.13 -21.52 17.38
N ALA B 71 -15.77 -20.54 18.20
CA ALA B 71 -16.61 -20.13 19.30
C ALA B 71 -17.84 -19.37 18.79
N PRO B 72 -18.91 -19.32 19.59
CA PRO B 72 -20.12 -18.64 19.13
C PRO B 72 -20.01 -17.13 19.27
N GLU B 73 -21.02 -16.44 18.73
CA GLU B 73 -21.05 -14.99 18.72
C GLU B 73 -21.54 -14.46 20.06
N ARG B 74 -21.33 -13.15 20.27
CA ARG B 74 -21.71 -12.46 21.50
C ARG B 74 -22.74 -11.40 21.17
N VAL B 75 -23.82 -11.36 21.95
CA VAL B 75 -24.89 -10.38 21.78
C VAL B 75 -25.00 -9.56 23.06
N ARG B 76 -25.22 -8.26 22.91
CA ARG B 76 -25.25 -7.34 24.04
C ARG B 76 -26.29 -6.26 23.77
N GLN B 77 -26.68 -5.56 24.83
CA GLN B 77 -27.72 -4.55 24.76
C GLN B 77 -27.31 -3.32 25.57
N ILE B 78 -27.83 -2.16 25.18
CA ILE B 78 -27.48 -0.90 25.82
C ILE B 78 -28.69 0.03 25.87
N SER B 79 -28.52 1.19 26.50
CA SER B 79 -29.61 2.14 26.68
C SER B 79 -29.05 3.55 26.75
N PHE B 80 -29.94 4.54 26.58
CA PHE B 80 -29.55 5.94 26.56
C PHE B 80 -30.58 6.80 27.28
N PRO B 81 -30.13 7.79 28.08
CA PRO B 81 -31.05 8.84 28.55
C PRO B 81 -31.13 9.99 27.56
N MET B 82 -31.87 11.04 27.89
CA MET B 82 -31.98 12.19 27.00
C MET B 82 -32.01 13.47 27.82
N MET B 83 -31.62 14.57 27.18
CA MET B 83 -31.45 15.86 27.83
C MET B 83 -32.68 16.73 27.60
N TYR B 84 -33.10 17.45 28.64
CA TYR B 84 -34.28 18.29 28.60
C TYR B 84 -33.89 19.75 28.83
N PHE B 85 -34.39 20.65 27.99
CA PHE B 85 -34.13 22.07 28.08
C PHE B 85 -35.44 22.84 28.15
N LYS B 86 -35.44 23.92 28.93
CA LYS B 86 -36.63 24.73 29.13
C LYS B 86 -36.22 26.13 29.53
N GLU B 87 -37.05 27.11 29.17
CA GLU B 87 -36.83 28.48 29.61
C GLU B 87 -38.16 29.23 29.54
N VAL B 88 -38.22 30.35 30.25
CA VAL B 88 -39.46 31.09 30.43
C VAL B 88 -39.19 32.57 30.17
N GLU B 89 -40.25 33.27 29.78
CA GLU B 89 -40.18 34.72 29.54
C GLU B 89 -41.60 35.27 29.68
N SER B 90 -41.69 36.57 29.97
CA SER B 90 -42.98 37.19 30.20
C SER B 90 -42.96 38.64 29.74
N ILE B 91 -44.15 39.17 29.49
CA ILE B 91 -44.35 40.56 29.08
C ILE B 91 -45.40 41.17 30.00
N THR B 92 -45.12 42.36 30.51
CA THR B 92 -46.01 43.06 31.43
C THR B 92 -46.23 44.48 30.93
N PRO B 93 -47.35 45.10 31.32
CA PRO B 93 -47.66 46.43 30.77
C PRO B 93 -46.61 47.49 31.07
N ASP B 94 -45.86 47.35 32.16
CA ASP B 94 -44.88 48.37 32.50
C ASP B 94 -43.78 48.49 31.45
N GLU B 95 -43.65 47.50 30.57
CA GLU B 95 -42.66 47.57 29.50
C GLU B 95 -43.09 48.45 28.33
N ILE B 96 -44.36 48.87 28.29
CA ILE B 96 -44.88 49.60 27.14
C ILE B 96 -45.58 50.88 27.57
N GLN B 97 -45.61 51.14 28.88
CA GLN B 97 -46.26 52.34 29.41
C GLN B 97 -45.28 53.49 29.36
N GLY B 98 -45.37 54.31 28.32
CA GLY B 98 -44.55 55.50 28.21
C GLY B 98 -43.12 55.26 27.78
N VAL B 99 -42.79 54.07 27.31
CA VAL B 99 -41.43 53.75 26.89
C VAL B 99 -41.28 54.08 25.42
N ARG B 100 -40.36 54.99 25.11
CA ARG B 100 -40.13 55.39 23.74
C ARG B 100 -39.40 54.30 22.97
N GLN B 101 -39.70 54.22 21.68
CA GLN B 101 -38.97 53.30 20.82
C GLN B 101 -37.59 53.87 20.50
N PRO B 102 -36.53 53.05 20.53
CA PRO B 102 -35.18 53.61 20.40
C PRO B 102 -34.97 54.42 19.13
N GLY B 103 -35.52 53.99 18.01
CA GLY B 103 -35.24 54.58 16.71
C GLY B 103 -36.15 55.70 16.28
N THR B 104 -37.03 56.20 17.16
CA THR B 104 -38.00 57.22 16.80
C THR B 104 -37.96 58.35 17.83
N ALA B 105 -38.83 59.33 17.63
CA ALA B 105 -38.88 60.53 18.47
C ALA B 105 -39.99 60.46 19.50
N ASN B 106 -41.23 60.24 19.05
CA ASN B 106 -42.38 60.25 19.94
C ASN B 106 -43.32 59.09 19.65
N GLU B 107 -42.79 57.94 19.23
CA GLU B 107 -43.57 56.75 18.99
C GLU B 107 -43.36 55.77 20.14
N LEU B 108 -44.46 55.24 20.67
CA LEU B 108 -44.41 54.37 21.84
C LEU B 108 -44.20 52.91 21.43
N THR B 109 -43.63 52.14 22.34
CA THR B 109 -43.49 50.72 22.13
C THR B 109 -44.85 50.02 22.23
N THR B 110 -44.95 48.88 21.56
CA THR B 110 -46.18 48.10 21.55
C THR B 110 -45.86 46.64 21.86
N GLU B 111 -46.92 45.88 22.16
CA GLU B 111 -46.74 44.50 22.56
C GLU B 111 -46.12 43.66 21.44
N ALA B 112 -46.50 43.93 20.20
CA ALA B 112 -46.06 43.10 19.08
C ALA B 112 -44.53 43.13 18.94
N VAL B 113 -43.93 44.31 19.06
CA VAL B 113 -42.49 44.43 18.87
C VAL B 113 -41.74 43.63 19.92
N VAL B 114 -42.17 43.76 21.19
CA VAL B 114 -41.52 43.04 22.28
C VAL B 114 -41.70 41.54 22.07
N ARG B 115 -42.91 41.12 21.68
CA ARG B 115 -43.16 39.72 21.38
C ARG B 115 -42.17 39.19 20.36
N ALA B 116 -42.05 39.89 19.22
CA ALA B 116 -41.20 39.41 18.15
C ALA B 116 -39.74 39.35 18.60
N LYS B 117 -39.27 40.39 19.28
CA LYS B 117 -37.88 40.42 19.71
C LYS B 117 -37.58 39.27 20.67
N LYS B 118 -38.46 39.04 21.63
CA LYS B 118 -38.20 38.01 22.62
C LYS B 118 -38.24 36.62 21.99
N LEU B 119 -39.18 36.38 21.08
CA LEU B 119 -39.22 35.09 20.39
C LEU B 119 -37.95 34.87 19.58
N MET B 120 -37.47 35.92 18.90
CA MET B 120 -36.23 35.77 18.13
C MET B 120 -35.06 35.45 19.04
N LYS B 121 -34.99 36.10 20.21
CA LYS B 121 -33.92 35.79 21.16
C LYS B 121 -33.99 34.34 21.60
N ILE B 122 -35.20 33.84 21.88
CA ILE B 122 -35.34 32.45 22.32
C ILE B 122 -34.83 31.51 21.25
N ARG B 123 -35.23 31.76 20.00
CA ARG B 123 -34.78 30.90 18.90
C ARG B 123 -33.27 30.93 18.76
N THR B 124 -32.66 32.11 18.89
CA THR B 124 -31.21 32.21 18.81
C THR B 124 -30.53 31.39 19.90
N LYS B 125 -31.05 31.49 21.12
CA LYS B 125 -30.47 30.72 22.22
C LYS B 125 -30.53 29.22 21.94
N PHE B 126 -31.69 28.75 21.46
CA PHE B 126 -31.82 27.32 21.20
C PHE B 126 -30.91 26.86 20.08
N ASP B 127 -30.74 27.69 19.04
CA ASP B 127 -29.82 27.32 17.97
C ASP B 127 -28.39 27.21 18.49
N ILE B 128 -27.99 28.16 19.33
CA ILE B 128 -26.63 28.12 19.90
C ILE B 128 -26.45 26.84 20.70
N THR B 129 -27.43 26.50 21.53
CA THR B 129 -27.31 25.28 22.33
C THR B 129 -27.23 24.04 21.45
N ARG B 130 -28.02 23.99 20.39
CA ARG B 130 -27.99 22.85 19.49
C ARG B 130 -26.61 22.69 18.86
N GLU B 131 -26.02 23.79 18.39
CA GLU B 131 -24.69 23.72 17.81
C GLU B 131 -23.67 23.21 18.82
N PHE B 132 -23.72 23.74 20.04
CA PHE B 132 -22.77 23.30 21.06
C PHE B 132 -22.92 21.81 21.34
N LEU B 133 -24.15 21.33 21.44
CA LEU B 133 -24.37 19.91 21.72
C LEU B 133 -23.87 19.05 20.57
N PHE B 134 -24.11 19.47 19.33
CA PHE B 134 -23.60 18.70 18.19
C PHE B 134 -22.09 18.59 18.26
N MET B 135 -21.40 19.70 18.54
CA MET B 135 -19.95 19.65 18.60
C MET B 135 -19.48 18.74 19.74
N GLN B 136 -20.13 18.83 20.90
CA GLN B 136 -19.75 17.98 22.01
C GLN B 136 -19.93 16.51 21.66
N ALA B 137 -21.03 16.18 20.98
CA ALA B 137 -21.24 14.80 20.56
C ALA B 137 -20.15 14.35 19.61
N LEU B 138 -19.78 15.22 18.66
CA LEU B 138 -18.70 14.87 17.74
C LEU B 138 -17.39 14.62 18.49
N LYS B 139 -17.16 15.34 19.59
CA LYS B 139 -15.94 15.10 20.36
C LYS B 139 -15.91 13.69 20.96
N GLY B 140 -17.06 13.07 21.18
CA GLY B 140 -17.14 11.73 21.71
C GLY B 140 -17.79 11.62 23.08
N LYS B 141 -17.89 12.71 23.83
CA LYS B 141 -18.56 12.72 25.12
C LYS B 141 -19.62 13.81 25.10
N VAL B 142 -20.84 13.47 25.50
CA VAL B 142 -21.94 14.43 25.54
C VAL B 142 -22.05 14.91 26.98
N VAL B 143 -21.73 16.19 27.19
CA VAL B 143 -21.78 16.81 28.51
C VAL B 143 -22.45 18.17 28.38
N ASP B 144 -23.32 18.50 29.34
CA ASP B 144 -23.98 19.79 29.32
C ASP B 144 -22.98 20.90 29.63
N ALA B 145 -23.33 22.12 29.22
CA ALA B 145 -22.47 23.27 29.52
C ALA B 145 -22.21 23.39 31.02
N ARG B 146 -23.18 23.01 31.84
CA ARG B 146 -22.98 23.00 33.29
C ARG B 146 -21.91 22.00 33.71
N GLY B 147 -21.58 21.04 32.85
CA GLY B 147 -20.56 20.05 33.13
C GLY B 147 -21.06 18.67 33.44
N THR B 148 -22.38 18.46 33.49
CA THR B 148 -22.93 17.15 33.80
C THR B 148 -22.64 16.18 32.65
N LEU B 149 -22.34 14.93 33.00
CA LEU B 149 -22.07 13.89 32.01
C LEU B 149 -23.35 13.09 31.78
N TYR B 150 -23.80 13.06 30.53
CA TYR B 150 -25.00 12.34 30.14
C TYR B 150 -24.72 11.07 29.34
N ALA B 151 -23.73 11.11 28.44
CA ALA B 151 -23.38 9.95 27.63
C ALA B 151 -21.86 9.87 27.49
N ASP B 152 -21.33 8.67 27.60
CA ASP B 152 -19.89 8.39 27.42
C ASP B 152 -19.78 7.25 26.42
N LEU B 153 -19.63 7.60 25.15
CA LEU B 153 -19.69 6.58 24.09
C LEU B 153 -18.56 5.57 24.23
N TYR B 154 -17.35 6.04 24.56
CA TYR B 154 -16.22 5.12 24.65
C TYR B 154 -16.39 4.08 25.75
N LYS B 155 -17.29 4.31 26.70
CA LYS B 155 -17.65 3.30 27.69
C LYS B 155 -18.95 2.57 27.34
N GLN B 156 -19.90 3.27 26.74
CA GLN B 156 -21.13 2.61 26.28
C GLN B 156 -20.79 1.47 25.34
N PHE B 157 -19.96 1.75 24.34
CA PHE B 157 -19.35 0.72 23.51
C PHE B 157 -17.92 0.53 23.99
N ASP B 158 -17.56 -0.71 24.32
CA ASP B 158 -16.26 -0.95 24.92
C ASP B 158 -15.15 -0.75 23.89
N VAL B 159 -14.61 0.46 23.83
CA VAL B 159 -13.56 0.80 22.86
C VAL B 159 -12.81 2.01 23.39
N GLU B 160 -11.63 2.24 22.86
CA GLU B 160 -10.75 3.32 23.30
C GLU B 160 -10.77 4.44 22.26
N LYS B 161 -9.95 5.47 22.48
CA LYS B 161 -9.81 6.58 21.55
C LYS B 161 -8.35 6.71 21.12
N LYS B 162 -8.16 7.22 19.91
CA LYS B 162 -6.84 7.39 19.33
C LYS B 162 -6.53 8.87 19.13
N THR B 163 -5.28 9.24 19.37
CA THR B 163 -4.79 10.59 19.14
C THR B 163 -3.58 10.51 18.22
N VAL B 164 -3.49 11.46 17.29
CA VAL B 164 -2.41 11.50 16.31
C VAL B 164 -1.61 12.77 16.54
N TYR B 165 -0.29 12.61 16.67
CA TYR B 165 0.62 13.73 16.89
C TYR B 165 1.33 14.05 15.58
N PHE B 166 1.33 15.34 15.21
CA PHE B 166 1.93 15.76 13.96
C PHE B 166 3.34 16.29 14.13
N ASP B 167 3.67 16.89 15.27
CA ASP B 167 5.01 17.40 15.53
C ASP B 167 5.37 18.51 14.54
N LEU B 168 4.44 19.43 14.31
CA LEU B 168 4.66 20.48 13.32
C LEU B 168 5.82 21.39 13.72
N ASP B 169 6.15 21.45 15.02
CA ASP B 169 7.23 22.32 15.45
C ASP B 169 8.58 21.85 14.90
N ASN B 170 8.79 20.55 14.80
CA ASN B 170 10.06 20.03 14.31
C ASN B 170 10.18 20.30 12.82
N PRO B 171 11.23 21.00 12.36
CA PRO B 171 11.36 21.24 10.92
C PRO B 171 11.46 19.98 10.09
N ASN B 172 12.03 18.91 10.64
CA ASN B 172 12.28 17.68 9.90
C ASN B 172 11.14 16.68 10.00
N ALA B 173 10.11 16.96 10.79
CA ALA B 173 9.01 16.01 10.96
C ALA B 173 8.28 15.82 9.64
N ASP B 174 7.86 14.57 9.38
CA ASP B 174 7.10 14.25 8.18
C ASP B 174 5.62 14.19 8.51
N ILE B 175 4.81 14.76 7.62
CA ILE B 175 3.37 14.84 7.85
C ILE B 175 2.65 13.67 7.17
N ASP B 176 3.16 13.21 6.03
CA ASP B 176 2.54 12.10 5.34
C ASP B 176 2.45 10.87 6.22
N ALA B 177 3.40 10.68 7.13
CA ALA B 177 3.34 9.55 8.05
C ALA B 177 2.10 9.63 8.94
N SER B 178 1.85 10.81 9.52
CA SER B 178 0.68 10.98 10.38
C SER B 178 -0.61 10.84 9.56
N ILE B 179 -0.63 11.41 8.36
CA ILE B 179 -1.82 11.30 7.53
C ILE B 179 -2.11 9.84 7.21
N GLU B 180 -1.07 9.07 6.88
CA GLU B 180 -1.28 7.65 6.60
C GLU B 180 -1.74 6.91 7.85
N GLU B 181 -1.18 7.26 9.01
CA GLU B 181 -1.65 6.64 10.24
C GLU B 181 -3.14 6.87 10.43
N LEU B 182 -3.59 8.10 10.22
CA LEU B 182 -5.02 8.41 10.34
C LEU B 182 -5.84 7.59 9.35
N ARG B 183 -5.37 7.54 8.10
CA ARG B 183 -6.12 6.80 7.08
C ARG B 183 -6.25 5.32 7.45
N MET B 184 -5.14 4.70 7.85
CA MET B 184 -5.19 3.29 8.23
C MET B 184 -6.09 3.06 9.42
N HIS B 185 -6.04 3.94 10.43
CA HIS B 185 -6.93 3.79 11.57
C HIS B 185 -8.38 3.80 11.12
N MET B 186 -8.76 4.79 10.31
CA MET B 186 -10.14 4.86 9.87
C MET B 186 -10.54 3.66 9.02
N GLU B 187 -9.63 3.16 8.20
CA GLU B 187 -9.95 2.04 7.32
C GLU B 187 -10.07 0.73 8.09
N ASP B 188 -9.27 0.56 9.15
CA ASP B 188 -9.20 -0.71 9.86
C ASP B 188 -10.17 -0.82 11.02
N GLU B 189 -10.46 0.27 11.72
CA GLU B 189 -11.25 0.18 12.94
C GLU B 189 -12.75 0.23 12.68
N ALA B 190 -13.19 0.37 11.44
CA ALA B 190 -14.63 0.38 11.17
C ALA B 190 -15.24 -1.00 11.40
N LYS B 191 -14.64 -2.04 10.83
CA LYS B 191 -15.17 -3.39 10.93
C LYS B 191 -16.63 -3.37 10.49
N THR B 192 -16.90 -2.70 9.38
CA THR B 192 -18.24 -2.70 8.81
C THR B 192 -18.50 -3.92 7.95
N GLY B 193 -17.46 -4.66 7.57
CA GLY B 193 -17.60 -5.83 6.75
C GLY B 193 -17.54 -5.58 5.26
N THR B 194 -17.34 -4.34 4.83
CA THR B 194 -17.30 -3.98 3.42
C THR B 194 -16.05 -3.18 3.12
N VAL B 195 -15.79 -2.98 1.83
CA VAL B 195 -14.66 -2.17 1.39
C VAL B 195 -14.88 -0.73 1.83
N ILE B 196 -13.85 -0.12 2.40
CA ILE B 196 -13.93 1.22 2.95
C ILE B 196 -12.82 2.07 2.35
N ASN B 197 -13.16 3.31 1.99
CA ASN B 197 -12.20 4.29 1.49
C ASN B 197 -11.99 5.33 2.58
N GLY B 198 -10.81 5.32 3.19
CA GLY B 198 -10.51 6.25 4.27
C GLY B 198 -10.19 7.66 3.81
N GLU B 199 -10.11 7.89 2.50
CA GLU B 199 -9.81 9.22 1.99
C GLU B 199 -10.95 10.20 2.23
N GLU B 200 -12.13 9.72 2.60
CA GLU B 200 -13.31 10.56 2.78
C GLU B 200 -13.47 10.84 4.26
N ILE B 201 -12.91 11.96 4.72
CA ILE B 201 -13.00 12.37 6.11
C ILE B 201 -12.96 13.89 6.18
N HIS B 202 -13.59 14.43 7.22
CA HIS B 202 -13.46 15.84 7.56
C HIS B 202 -12.35 16.01 8.59
N VAL B 203 -11.60 17.10 8.47
CA VAL B 203 -10.54 17.43 9.42
C VAL B 203 -10.71 18.91 9.77
N VAL B 204 -11.25 19.17 10.95
CA VAL B 204 -11.51 20.53 11.42
C VAL B 204 -10.48 20.87 12.49
N VAL B 205 -9.78 21.99 12.30
CA VAL B 205 -8.70 22.39 13.20
C VAL B 205 -8.91 23.84 13.62
N ASP B 206 -8.08 24.29 14.55
CA ASP B 206 -8.16 25.64 15.07
C ASP B 206 -7.15 26.56 14.36
N ARG B 207 -7.03 27.78 14.86
CA ARG B 207 -6.21 28.80 14.20
C ARG B 207 -4.73 28.42 14.26
N VAL B 208 -4.23 28.09 15.45
CA VAL B 208 -2.80 27.84 15.63
C VAL B 208 -2.36 26.65 14.80
N PHE B 209 -3.15 25.57 14.84
CA PHE B 209 -2.81 24.38 14.06
C PHE B 209 -2.75 24.71 12.58
N PHE B 210 -3.73 25.48 12.09
CA PHE B 210 -3.76 25.83 10.68
C PHE B 210 -2.53 26.65 10.30
N SER B 211 -2.18 27.63 11.12
CA SER B 211 -1.01 28.46 10.81
C SER B 211 0.26 27.62 10.79
N LYS B 212 0.44 26.77 11.80
CA LYS B 212 1.63 25.94 11.85
C LYS B 212 1.72 25.02 10.64
N LEU B 213 0.60 24.41 10.27
CA LEU B 213 0.59 23.51 9.13
C LEU B 213 0.92 24.27 7.84
N VAL B 214 0.33 25.44 7.66
CA VAL B 214 0.52 26.18 6.41
C VAL B 214 1.95 26.67 6.28
N LYS B 215 2.55 27.10 7.40
CA LYS B 215 3.86 27.74 7.35
C LYS B 215 5.02 26.77 7.53
N HIS B 216 4.76 25.48 7.57
CA HIS B 216 5.86 24.52 7.71
C HIS B 216 6.76 24.58 6.49
N PRO B 217 8.09 24.57 6.65
CA PRO B 217 8.96 24.67 5.47
C PRO B 217 8.74 23.58 4.43
N LYS B 218 8.52 22.34 4.88
CA LYS B 218 8.43 21.23 3.93
C LYS B 218 7.22 21.39 3.02
N ILE B 219 6.07 21.77 3.58
CA ILE B 219 4.87 21.97 2.77
C ILE B 219 5.07 23.17 1.85
N ARG B 220 5.61 24.26 2.39
CA ARG B 220 5.71 25.50 1.63
C ARG B 220 6.63 25.33 0.42
N ASP B 221 7.80 24.73 0.64
CA ASP B 221 8.74 24.55 -0.47
C ASP B 221 8.16 23.61 -1.52
N ALA B 222 7.52 22.52 -1.08
CA ALA B 222 6.96 21.57 -2.02
C ALA B 222 5.89 22.22 -2.88
N TYR B 223 5.02 23.03 -2.28
CA TYR B 223 3.99 23.70 -3.08
C TYR B 223 4.55 24.87 -3.87
N LEU B 224 5.68 25.43 -3.45
CA LEU B 224 6.30 26.55 -4.17
C LEU B 224 7.03 26.07 -5.42
N ALA B 225 7.56 24.85 -5.39
CA ALA B 225 8.33 24.34 -6.52
C ALA B 225 7.48 23.84 -7.67
N GLN B 226 6.16 23.78 -7.52
CA GLN B 226 5.28 23.21 -8.54
C GLN B 226 4.60 24.31 -9.34
N GLN B 227 4.46 24.08 -10.65
CA GLN B 227 3.79 24.99 -11.56
C GLN B 227 2.42 24.40 -11.91
N THR B 228 1.43 24.68 -11.07
CA THR B 228 0.07 24.23 -11.30
C THR B 228 -0.88 25.19 -10.60
N PRO B 229 -2.11 25.34 -11.10
CA PRO B 229 -3.00 26.36 -10.50
C PRO B 229 -3.21 26.17 -9.01
N LEU B 230 -3.29 24.93 -8.53
CA LEU B 230 -3.46 24.71 -7.10
C LEU B 230 -2.29 25.28 -6.32
N ALA B 231 -1.06 25.05 -6.81
CA ALA B 231 0.11 25.61 -6.14
C ALA B 231 0.08 27.13 -6.14
N TRP B 232 -0.28 27.73 -7.26
CA TRP B 232 -0.34 29.18 -7.34
C TRP B 232 -1.38 29.74 -6.38
N GLN B 233 -2.57 29.12 -6.36
CA GLN B 233 -3.66 29.67 -5.56
C GLN B 233 -3.32 29.64 -4.07
N GLN B 234 -2.75 28.55 -3.60
CA GLN B 234 -2.48 28.43 -2.16
C GLN B 234 -1.30 29.28 -1.71
N ILE B 235 -0.23 29.29 -2.50
CA ILE B 235 1.00 29.96 -2.06
C ILE B 235 0.82 31.47 -2.05
N THR B 236 0.27 32.03 -3.13
CA THR B 236 0.17 33.47 -3.28
C THR B 236 -1.25 33.97 -3.46
N GLY B 237 -2.24 33.09 -3.52
CA GLY B 237 -3.63 33.47 -3.58
C GLY B 237 -4.24 33.57 -2.20
N SER B 238 -5.56 33.45 -2.15
CA SER B 238 -6.31 33.51 -0.92
C SER B 238 -6.80 32.12 -0.55
N LEU B 239 -6.50 31.69 0.67
CA LEU B 239 -6.91 30.37 1.14
C LEU B 239 -8.35 30.33 1.61
N ARG B 240 -9.02 31.46 1.70
CA ARG B 240 -10.41 31.51 2.17
C ARG B 240 -11.33 31.21 1.00
N THR B 241 -11.53 29.91 0.76
CA THR B 241 -12.36 29.45 -0.34
C THR B 241 -13.40 28.43 0.09
N GLY B 242 -13.59 28.23 1.39
CA GLY B 242 -14.54 27.25 1.88
C GLY B 242 -15.96 27.80 1.94
N GLY B 243 -16.82 27.07 2.63
CA GLY B 243 -18.19 27.46 2.80
C GLY B 243 -18.34 28.56 3.84
N THR B 244 -19.59 28.84 4.18
CA THR B 244 -19.92 29.92 5.11
C THR B 244 -20.35 29.33 6.44
N ASP B 245 -19.72 29.77 7.52
CA ASP B 245 -20.25 29.52 8.85
C ASP B 245 -21.23 30.65 9.18
N GLY B 246 -21.60 30.80 10.44
CA GLY B 246 -22.60 31.80 10.80
C GLY B 246 -22.11 33.23 10.77
N VAL B 247 -20.81 33.46 10.62
CA VAL B 247 -20.26 34.81 10.69
C VAL B 247 -19.60 35.18 9.37
N GLN B 248 -18.57 34.46 8.98
CA GLN B 248 -17.77 34.81 7.82
C GLN B 248 -18.25 34.04 6.58
N ALA B 249 -18.02 34.65 5.42
CA ALA B 249 -18.54 34.10 4.17
C ALA B 249 -17.68 32.99 3.58
N HIS B 250 -16.47 32.78 4.11
CA HIS B 250 -15.61 31.70 3.63
C HIS B 250 -14.70 31.25 4.76
N MET B 251 -14.48 29.93 4.84
CA MET B 251 -13.66 29.33 5.87
C MET B 251 -12.31 28.96 5.28
N ASN B 252 -11.23 29.20 6.03
CA ASN B 252 -9.90 28.88 5.56
C ASN B 252 -9.80 27.40 5.21
N THR B 253 -9.23 27.10 4.04
CA THR B 253 -9.11 25.74 3.55
C THR B 253 -7.70 25.51 3.03
N PHE B 254 -7.22 24.29 3.19
CA PHE B 254 -5.90 23.92 2.72
C PHE B 254 -5.93 22.49 2.21
N TYR B 255 -5.24 22.23 1.11
CA TYR B 255 -5.19 20.92 0.48
C TYR B 255 -3.76 20.39 0.52
N TYR B 256 -3.62 19.14 0.98
CA TYR B 256 -2.32 18.48 0.96
C TYR B 256 -2.52 17.00 1.24
N GLY B 257 -1.78 16.16 0.51
CA GLY B 257 -1.88 14.74 0.70
C GLY B 257 -3.27 14.18 0.48
N GLY B 258 -4.10 14.88 -0.28
CA GLY B 258 -5.46 14.46 -0.52
C GLY B 258 -6.43 14.76 0.59
N VAL B 259 -5.95 15.33 1.69
CA VAL B 259 -6.78 15.67 2.84
C VAL B 259 -7.11 17.16 2.77
N LYS B 260 -8.31 17.50 3.24
CA LYS B 260 -8.81 18.88 3.24
C LYS B 260 -8.91 19.36 4.67
N PHE B 261 -8.17 20.41 5.00
CA PHE B 261 -8.16 20.99 6.33
C PHE B 261 -9.01 22.25 6.35
N VAL B 262 -9.82 22.40 7.40
CA VAL B 262 -10.71 23.55 7.55
C VAL B 262 -10.46 24.17 8.91
N GLN B 263 -10.49 25.50 8.97
CA GLN B 263 -10.32 26.24 10.21
C GLN B 263 -11.69 26.71 10.69
N TYR B 264 -12.03 26.36 11.93
CA TYR B 264 -13.31 26.72 12.53
C TYR B 264 -13.06 27.56 13.76
N ASN B 265 -13.65 28.75 13.79
CA ASN B 265 -13.42 29.72 14.87
C ASN B 265 -14.57 29.78 15.86
N GLY B 266 -15.53 28.87 15.78
CA GLY B 266 -16.72 28.95 16.61
C GLY B 266 -16.43 28.94 18.10
N LYS B 267 -17.10 29.81 18.85
CA LYS B 267 -16.98 29.85 20.29
C LYS B 267 -18.23 30.49 20.88
N PHE B 268 -18.58 30.06 22.09
CA PHE B 268 -19.76 30.57 22.78
C PHE B 268 -19.40 30.85 24.23
N LYS B 269 -20.28 31.58 24.90
CA LYS B 269 -20.08 31.98 26.29
C LYS B 269 -21.15 31.35 27.17
N ASP B 270 -20.72 30.65 28.22
CA ASP B 270 -21.65 30.16 29.22
C ASP B 270 -22.17 31.31 30.07
N LYS B 271 -23.33 31.11 30.68
CA LYS B 271 -23.91 32.15 31.52
C LYS B 271 -23.11 32.36 32.80
N ARG B 272 -22.17 31.47 33.12
CA ARG B 272 -21.24 31.72 34.21
C ARG B 272 -20.18 32.75 33.86
N GLY B 273 -19.98 33.04 32.57
CA GLY B 273 -19.05 34.04 32.12
C GLY B 273 -17.87 33.47 31.33
N LYS B 274 -17.61 32.18 31.45
CA LYS B 274 -16.47 31.58 30.77
C LYS B 274 -16.79 31.36 29.29
N VAL B 275 -15.73 31.11 28.52
CA VAL B 275 -15.83 30.94 27.07
C VAL B 275 -15.59 29.48 26.74
N HIS B 276 -16.44 28.92 25.88
CA HIS B 276 -16.37 27.52 25.48
C HIS B 276 -16.00 27.47 24.00
N THR B 277 -14.71 27.34 23.72
CA THR B 277 -14.27 27.13 22.34
C THR B 277 -14.75 25.77 21.86
N LEU B 278 -15.24 25.72 20.62
CA LEU B 278 -15.86 24.50 20.12
C LEU B 278 -14.82 23.46 19.73
N VAL B 279 -13.69 23.88 19.16
CA VAL B 279 -12.73 22.92 18.61
C VAL B 279 -11.69 22.48 19.63
N SER B 280 -11.70 23.02 20.84
CA SER B 280 -10.69 22.69 21.82
C SER B 280 -10.84 21.26 22.31
N ILE B 281 -9.77 20.74 22.91
CA ILE B 281 -9.75 19.42 23.51
C ILE B 281 -9.52 19.59 25.00
N ASP B 282 -10.22 18.79 25.79
CA ASP B 282 -10.29 19.00 27.23
C ASP B 282 -8.90 18.95 27.86
N SER B 283 -8.62 19.93 28.73
CA SER B 283 -7.43 19.93 29.58
C SER B 283 -6.13 20.05 28.77
N VAL B 284 -6.16 20.83 27.69
CA VAL B 284 -4.96 21.10 26.88
C VAL B 284 -4.85 22.60 26.72
N ALA B 285 -3.64 23.13 26.92
CA ALA B 285 -3.42 24.56 26.82
C ALA B 285 -3.81 25.05 25.43
N ALA B 286 -4.45 26.23 25.38
CA ALA B 286 -4.92 26.78 24.13
C ALA B 286 -3.80 27.14 23.17
N THR B 287 -2.55 27.21 23.64
CA THR B 287 -1.43 27.54 22.76
C THR B 287 -1.10 26.41 21.80
N VAL B 288 -1.49 25.18 22.11
CA VAL B 288 -1.19 24.04 21.26
C VAL B 288 -2.29 23.89 20.21
N GLY B 289 -1.90 23.56 18.99
CA GLY B 289 -2.88 23.29 17.95
C GLY B 289 -3.65 22.03 18.25
N VAL B 290 -4.92 22.01 17.83
CA VAL B 290 -5.81 20.89 18.08
C VAL B 290 -6.85 20.81 16.98
N GLY B 291 -7.23 19.58 16.62
CA GLY B 291 -8.24 19.36 15.60
C GLY B 291 -9.00 18.09 15.88
N HIS B 292 -10.06 17.89 15.10
CA HIS B 292 -10.88 16.70 15.19
C HIS B 292 -11.16 16.17 13.80
N ALA B 293 -11.18 14.84 13.67
CA ALA B 293 -11.43 14.18 12.40
C ALA B 293 -12.56 13.18 12.57
N PHE B 294 -13.45 13.14 11.58
CA PHE B 294 -14.59 12.24 11.58
C PHE B 294 -14.94 11.90 10.15
N PRO B 295 -15.57 10.75 9.91
CA PRO B 295 -15.84 10.33 8.54
C PRO B 295 -16.95 11.14 7.89
N ASN B 296 -16.97 11.11 6.55
CA ASN B 296 -18.04 11.69 5.78
C ASN B 296 -19.26 10.77 5.79
N VAL B 297 -20.40 11.33 5.36
CA VAL B 297 -21.61 10.53 5.24
C VAL B 297 -21.47 9.52 4.11
N SER B 298 -20.83 9.91 3.01
CA SER B 298 -20.67 9.01 1.88
C SER B 298 -19.67 7.90 2.14
N MET B 299 -18.89 7.99 3.22
CA MET B 299 -17.91 6.95 3.49
C MET B 299 -18.57 5.61 3.76
N LEU B 300 -19.85 5.62 4.13
CA LEU B 300 -20.60 4.39 4.35
C LEU B 300 -22.00 4.40 3.72
N GLY B 301 -22.49 5.55 3.28
CA GLY B 301 -23.80 5.64 2.66
C GLY B 301 -24.91 5.76 3.69
N GLU B 302 -26.09 6.15 3.20
CA GLU B 302 -27.24 6.28 4.07
C GLU B 302 -27.71 4.95 4.63
N ALA B 303 -27.38 3.84 3.95
CA ALA B 303 -27.77 2.54 4.46
C ALA B 303 -27.13 2.24 5.80
N ASN B 304 -26.02 2.90 6.11
CA ASN B 304 -25.26 2.66 7.33
C ASN B 304 -24.90 3.99 8.00
N ASN B 305 -25.89 4.86 8.15
CA ASN B 305 -25.65 6.17 8.76
C ASN B 305 -25.12 5.99 10.18
N ILE B 306 -24.25 6.91 10.58
CA ILE B 306 -23.48 6.77 11.82
C ILE B 306 -23.92 7.81 12.84
N PHE B 307 -24.40 8.96 12.38
CA PHE B 307 -24.79 10.06 13.24
C PHE B 307 -26.31 10.21 13.25
N GLU B 308 -26.88 10.35 14.43
CA GLU B 308 -28.33 10.48 14.56
C GLU B 308 -28.64 11.45 15.70
N VAL B 309 -29.85 11.99 15.67
CA VAL B 309 -30.39 12.83 16.73
C VAL B 309 -31.77 12.31 17.08
N ALA B 310 -32.05 12.17 18.38
CA ALA B 310 -33.33 11.70 18.87
C ALA B 310 -34.10 12.84 19.51
N TYR B 311 -35.42 12.84 19.32
CA TYR B 311 -36.29 13.87 19.84
C TYR B 311 -37.43 13.23 20.61
N GLY B 312 -37.67 13.71 21.83
CA GLY B 312 -38.72 13.17 22.67
C GLY B 312 -39.93 14.09 22.75
N PRO B 313 -40.98 13.63 23.40
CA PRO B 313 -42.20 14.44 23.51
C PRO B 313 -42.17 15.42 24.68
N CYS B 314 -43.08 16.39 24.60
CA CYS B 314 -43.21 17.42 25.62
C CYS B 314 -43.96 16.88 26.84
N PRO B 315 -43.66 17.38 28.04
CA PRO B 315 -44.35 16.87 29.23
C PRO B 315 -45.78 17.33 29.38
N LYS B 316 -46.24 18.28 28.57
CA LYS B 316 -47.55 18.87 28.78
C LYS B 316 -48.65 17.98 28.20
N MET B 317 -49.88 18.27 28.60
CA MET B 317 -51.03 17.48 28.17
C MET B 317 -51.20 17.57 26.66
N GLY B 318 -51.70 16.48 26.07
CA GLY B 318 -51.89 16.41 24.64
C GLY B 318 -50.69 15.96 23.85
N TYR B 319 -49.57 15.67 24.51
CA TYR B 319 -48.37 15.18 23.85
C TYR B 319 -47.82 13.95 24.58
N ALA B 320 -48.71 13.09 25.09
CA ALA B 320 -48.28 11.99 25.92
C ALA B 320 -47.38 11.02 25.17
N ASN B 321 -47.76 10.67 23.93
CA ASN B 321 -47.00 9.71 23.14
C ASN B 321 -46.84 10.20 21.70
N THR B 322 -46.82 11.51 21.50
CA THR B 322 -46.63 12.04 20.17
C THR B 322 -45.19 11.78 19.69
N LEU B 323 -44.96 12.05 18.41
CA LEU B 323 -43.69 11.70 17.79
C LEU B 323 -42.54 12.55 18.29
N GLY B 324 -42.80 13.78 18.73
CA GLY B 324 -41.75 14.65 19.19
C GLY B 324 -41.34 15.65 18.14
N GLN B 325 -40.90 16.83 18.59
CA GLN B 325 -40.56 17.93 17.69
C GLN B 325 -39.30 18.61 18.19
N GLU B 326 -38.65 19.32 17.28
CA GLU B 326 -37.40 20.00 17.64
C GLU B 326 -37.62 21.04 18.72
N LEU B 327 -38.69 21.83 18.62
CA LEU B 327 -38.93 22.93 19.54
C LEU B 327 -40.43 23.12 19.73
N TYR B 328 -40.82 23.35 20.98
CA TYR B 328 -42.19 23.69 21.34
C TYR B 328 -42.23 25.10 21.89
N VAL B 329 -43.28 25.84 21.53
CA VAL B 329 -43.48 27.20 22.04
C VAL B 329 -44.93 27.33 22.47
N PHE B 330 -45.16 27.82 23.68
CA PHE B 330 -46.49 27.97 24.25
C PHE B 330 -46.65 29.37 24.83
N GLU B 331 -47.90 29.83 24.86
CA GLU B 331 -48.23 31.14 25.40
C GLU B 331 -49.46 31.01 26.28
N TYR B 332 -49.48 31.76 27.38
CA TYR B 332 -50.61 31.79 28.30
C TYR B 332 -50.84 33.22 28.74
N GLU B 333 -52.08 33.50 29.13
CA GLU B 333 -52.47 34.83 29.58
C GLU B 333 -52.46 34.89 31.10
N LYS B 334 -51.88 35.96 31.62
CA LYS B 334 -51.80 36.14 33.07
C LYS B 334 -53.17 36.50 33.64
N ASP B 335 -53.26 36.45 34.97
CA ASP B 335 -54.53 36.69 35.64
C ASP B 335 -54.98 38.13 35.43
N ARG B 336 -56.30 38.30 35.28
CA ARG B 336 -56.94 39.60 35.19
C ARG B 336 -56.12 40.58 34.33
N ASP B 337 -55.77 40.12 33.13
CA ASP B 337 -55.10 40.95 32.14
C ASP B 337 -53.89 41.65 32.77
N GLU B 338 -52.96 40.84 33.28
CA GLU B 338 -51.74 41.36 33.87
C GLU B 338 -50.56 41.30 32.92
N GLY B 339 -50.61 40.42 31.93
CA GLY B 339 -49.51 40.30 30.98
C GLY B 339 -49.56 38.97 30.27
N ILE B 340 -48.43 38.62 29.67
CA ILE B 340 -48.28 37.38 28.90
C ILE B 340 -47.01 36.69 29.32
N ASP B 341 -47.02 35.36 29.29
CA ASP B 341 -45.84 34.57 29.60
C ASP B 341 -45.67 33.47 28.57
N PHE B 342 -44.42 33.22 28.19
CA PHE B 342 -44.07 32.26 27.15
C PHE B 342 -43.27 31.11 27.74
N GLU B 343 -43.15 30.04 26.96
CA GLU B 343 -42.36 28.88 27.33
C GLU B 343 -41.83 28.21 26.09
N ALA B 344 -40.59 27.71 26.16
CA ALA B 344 -39.99 26.97 25.07
C ALA B 344 -39.38 25.69 25.63
N HIS B 345 -39.64 24.57 24.96
CA HIS B 345 -39.22 23.27 25.43
C HIS B 345 -38.40 22.55 24.37
N SER B 346 -37.53 21.65 24.82
CA SER B 346 -36.74 20.81 23.93
C SER B 346 -36.33 19.55 24.68
N TYR B 347 -36.12 18.48 23.91
CA TYR B 347 -35.79 17.18 24.51
C TYR B 347 -35.06 16.37 23.45
N MET B 348 -33.75 16.21 23.59
CA MET B 348 -32.96 15.61 22.53
C MET B 348 -31.68 15.03 23.09
N LEU B 349 -31.04 14.17 22.30
CA LEU B 349 -29.71 13.64 22.59
C LEU B 349 -29.01 13.21 21.30
N PRO B 350 -27.93 13.87 20.90
CA PRO B 350 -27.15 13.37 19.77
C PRO B 350 -26.14 12.33 20.20
N TYR B 351 -25.90 11.35 19.33
CA TYR B 351 -25.01 10.25 19.65
C TYR B 351 -24.36 9.71 18.38
N CYS B 352 -23.43 8.78 18.57
CA CYS B 352 -22.71 8.13 17.49
C CYS B 352 -22.73 6.62 17.72
N THR B 353 -22.80 5.85 16.64
CA THR B 353 -22.90 4.39 16.76
C THR B 353 -21.55 3.69 16.65
N ARG B 354 -20.54 4.34 16.07
CA ARG B 354 -19.19 3.79 15.96
C ARG B 354 -18.20 4.84 16.45
N PRO B 355 -18.14 5.07 17.75
CA PRO B 355 -17.30 6.18 18.26
C PRO B 355 -15.81 5.99 18.02
N GLN B 356 -15.36 4.77 17.72
CA GLN B 356 -13.94 4.55 17.51
C GLN B 356 -13.40 5.24 16.26
N LEU B 357 -14.28 5.72 15.39
CA LEU B 357 -13.86 6.40 14.17
C LEU B 357 -13.57 7.88 14.38
N LEU B 358 -13.74 8.40 15.59
CA LEU B 358 -13.45 9.79 15.89
C LEU B 358 -12.02 9.89 16.40
N VAL B 359 -11.19 10.66 15.68
CA VAL B 359 -9.76 10.76 15.97
C VAL B 359 -9.43 12.22 16.24
N ASP B 360 -8.62 12.46 17.26
CA ASP B 360 -8.16 13.80 17.61
C ASP B 360 -6.75 14.02 17.09
N VAL B 361 -6.46 15.25 16.68
CA VAL B 361 -5.19 15.60 16.07
C VAL B 361 -4.53 16.70 16.90
N ARG B 362 -3.21 16.60 17.06
CA ARG B 362 -2.46 17.53 17.88
C ARG B 362 -1.22 18.00 17.14
N ALA B 363 -0.78 19.23 17.42
CA ALA B 363 0.40 19.77 16.77
C ALA B 363 1.69 19.47 17.51
N ASP B 364 1.62 19.23 18.82
CA ASP B 364 2.80 18.90 19.60
C ASP B 364 3.20 17.46 19.32
N ALA B 365 4.19 16.94 20.04
CA ALA B 365 4.70 15.61 19.79
C ALA B 365 5.02 14.92 21.10
N LYS B 366 4.64 13.65 21.21
CA LYS B 366 4.97 12.84 22.36
C LYS B 366 4.99 11.38 21.94
N MET C 1 -2.72 85.44 -37.34
CA MET C 1 -3.16 86.86 -37.28
C MET C 1 -1.99 87.78 -37.00
N LEU C 2 -2.08 89.02 -37.46
CA LEU C 2 -1.01 89.99 -37.32
C LEU C 2 -1.38 91.04 -36.28
N THR C 3 -0.36 91.56 -35.59
CA THR C 3 -0.53 92.57 -34.57
C THR C 3 0.63 93.54 -34.64
N ASN C 4 0.53 94.61 -33.85
CA ASN C 4 1.60 95.60 -33.80
C ASN C 4 2.88 94.95 -33.30
N SER C 5 4.02 95.48 -33.76
CA SER C 5 5.30 94.93 -33.36
C SER C 5 5.51 95.13 -31.86
N GLU C 6 6.61 94.55 -31.35
CA GLU C 6 6.87 94.59 -29.92
C GLU C 6 7.12 96.02 -29.44
N LYS C 7 7.79 96.84 -30.27
CA LYS C 7 8.28 98.14 -29.82
C LYS C 7 7.84 99.27 -30.76
N SER C 8 7.17 98.95 -31.87
CA SER C 8 6.77 99.96 -32.84
C SER C 8 5.29 99.81 -33.15
N ARG C 9 4.68 100.92 -33.58
CA ARG C 9 3.27 100.95 -33.93
C ARG C 9 3.01 100.92 -35.43
N PHE C 10 4.05 101.12 -36.26
CA PHE C 10 3.89 101.16 -37.70
C PHE C 10 4.23 99.84 -38.38
N PHE C 11 4.80 98.88 -37.65
CA PHE C 11 5.18 97.59 -38.20
C PHE C 11 4.29 96.50 -37.61
N LEU C 12 4.34 95.32 -38.22
CA LEU C 12 3.47 94.21 -37.87
C LEU C 12 4.29 92.99 -37.48
N ALA C 13 3.70 92.16 -36.62
CA ALA C 13 4.28 90.90 -36.21
C ALA C 13 3.19 89.83 -36.26
N ASP C 14 3.59 88.58 -36.06
CA ASP C 14 2.68 87.44 -36.15
C ASP C 14 2.41 86.88 -34.76
N LEU C 15 1.13 86.67 -34.45
CA LEU C 15 0.70 86.12 -33.18
C LEU C 15 0.33 84.65 -33.38
N THR C 16 1.08 83.76 -32.74
CA THR C 16 0.88 82.33 -32.95
C THR C 16 -0.39 81.81 -32.29
N GLY C 17 -0.65 82.20 -31.06
CA GLY C 17 -1.82 81.72 -30.37
C GLY C 17 -1.69 81.96 -28.87
N GLU C 18 -2.11 80.96 -28.09
CA GLU C 18 -2.16 81.06 -26.63
C GLU C 18 -1.86 79.70 -26.02
N VAL C 19 -1.34 79.73 -24.80
CA VAL C 19 -1.09 78.52 -24.01
C VAL C 19 -1.55 78.78 -22.58
N GLN C 20 -2.28 77.84 -22.00
CA GLN C 20 -2.87 77.99 -20.69
C GLN C 20 -2.33 76.95 -19.71
N SER C 21 -2.59 77.18 -18.44
CA SER C 21 -2.24 76.27 -17.36
C SER C 21 -3.41 76.17 -16.40
N ILE C 22 -3.67 74.95 -15.92
CA ILE C 22 -4.81 74.68 -15.05
C ILE C 22 -4.33 73.86 -13.85
N PRO C 23 -4.77 74.17 -12.63
CA PRO C 23 -4.33 73.39 -11.48
C PRO C 23 -4.96 72.00 -11.47
N ASN C 24 -4.29 71.09 -10.76
CA ASN C 24 -4.76 69.72 -10.65
C ASN C 24 -5.95 69.63 -9.70
N THR C 25 -6.79 68.62 -9.92
CA THR C 25 -7.95 68.35 -9.07
C THR C 25 -8.14 66.84 -9.05
N TYR C 26 -7.72 66.21 -7.95
CA TYR C 26 -7.70 64.75 -7.89
C TYR C 26 -9.11 64.18 -7.74
N GLY C 27 -9.75 64.44 -6.62
CA GLY C 27 -11.12 64.01 -6.42
C GLY C 27 -11.37 62.55 -6.72
N TYR C 28 -10.51 61.67 -6.21
CA TYR C 28 -10.66 60.24 -6.49
C TYR C 28 -11.79 59.64 -5.66
N ILE C 29 -11.68 59.71 -4.33
CA ILE C 29 -12.65 59.08 -3.46
C ILE C 29 -14.04 59.67 -3.65
N SER C 30 -14.13 60.91 -4.13
CA SER C 30 -15.43 61.51 -4.36
C SER C 30 -16.23 60.73 -5.39
N ASN C 31 -15.55 60.04 -6.32
CA ASN C 31 -16.23 59.30 -7.36
C ASN C 31 -16.55 57.87 -6.96
N LEU C 32 -16.00 57.37 -5.85
CA LEU C 32 -16.30 56.01 -5.43
C LEU C 32 -17.76 55.86 -5.03
N GLY C 33 -18.41 56.95 -4.62
CA GLY C 33 -19.80 56.88 -4.21
C GLY C 33 -20.04 56.21 -2.88
N LEU C 34 -19.03 56.14 -2.01
CA LEU C 34 -19.22 55.51 -0.72
C LEU C 34 -20.23 56.28 0.12
N PHE C 35 -20.15 57.61 0.09
CA PHE C 35 -21.00 58.44 0.94
C PHE C 35 -22.35 58.71 0.27
N ARG C 36 -23.42 58.58 1.03
CA ARG C 36 -24.74 59.00 0.60
C ARG C 36 -25.09 60.35 1.19
N SER C 37 -26.12 60.97 0.62
CA SER C 37 -26.60 62.26 1.07
C SER C 37 -27.78 62.07 2.00
N ALA C 38 -27.73 62.69 3.17
CA ALA C 38 -28.78 62.59 4.19
C ALA C 38 -29.16 63.98 4.65
N PRO C 39 -29.86 64.74 3.82
CA PRO C 39 -30.20 66.12 4.19
C PRO C 39 -31.13 66.17 5.40
N ILE C 40 -30.99 67.23 6.19
CA ILE C 40 -31.78 67.44 7.39
C ILE C 40 -32.29 68.88 7.39
N THR C 41 -33.07 69.20 8.44
CA THR C 41 -33.69 70.50 8.58
C THR C 41 -33.27 71.21 9.87
N GLN C 42 -32.14 70.82 10.46
CA GLN C 42 -31.72 71.37 11.74
C GLN C 42 -30.20 71.48 11.76
N THR C 43 -29.70 72.24 12.73
CA THR C 43 -28.27 72.45 12.88
C THR C 43 -27.56 71.29 13.57
N THR C 44 -28.30 70.38 14.18
CA THR C 44 -27.71 69.24 14.87
C THR C 44 -28.65 68.05 14.79
N PHE C 45 -28.07 66.84 14.85
CA PHE C 45 -28.85 65.61 14.77
C PHE C 45 -28.36 64.64 15.84
N LEU C 46 -29.25 63.74 16.24
CA LEU C 46 -28.96 62.75 17.26
C LEU C 46 -29.09 61.35 16.69
N MET C 47 -28.69 60.36 17.48
CA MET C 47 -28.72 58.96 17.04
C MET C 47 -28.67 58.07 18.27
N ASP C 48 -29.29 56.89 18.15
CA ASP C 48 -29.40 55.94 19.25
C ASP C 48 -28.57 54.70 18.96
N LEU C 49 -28.00 54.12 20.02
CA LEU C 49 -27.18 52.92 19.93
C LEU C 49 -27.80 51.83 20.79
N THR C 50 -27.89 50.62 20.23
CA THR C 50 -28.52 49.50 20.91
C THR C 50 -27.67 48.25 20.73
N ASP C 51 -27.77 47.33 21.68
CA ASP C 51 -27.03 46.07 21.61
C ASP C 51 -27.59 45.11 22.65
N TRP C 52 -27.28 43.83 22.47
CA TRP C 52 -27.67 42.79 23.42
C TRP C 52 -26.79 41.57 23.19
N ASP C 53 -26.86 40.64 24.15
CA ASP C 53 -26.00 39.46 24.14
C ASP C 53 -26.81 38.24 24.55
N VAL C 54 -26.30 37.06 24.20
CA VAL C 54 -26.94 35.78 24.49
C VAL C 54 -25.92 34.85 25.13
N SER C 55 -26.40 33.70 25.58
CA SER C 55 -25.57 32.72 26.27
C SER C 55 -26.19 31.34 26.13
N LEU C 56 -25.39 30.32 26.43
CA LEU C 56 -25.85 28.94 26.32
C LEU C 56 -26.86 28.62 27.40
N LEU C 57 -27.54 27.49 27.22
CA LEU C 57 -28.50 26.98 28.19
C LEU C 57 -27.90 25.82 28.96
N ASP C 58 -28.49 25.53 30.11
CA ASP C 58 -28.08 24.43 30.97
C ASP C 58 -29.18 23.38 31.05
N ALA C 59 -28.77 22.12 31.21
CA ALA C 59 -29.72 21.03 31.23
C ALA C 59 -30.64 21.12 32.44
N VAL C 60 -31.92 20.83 32.23
CA VAL C 60 -32.93 20.85 33.27
C VAL C 60 -33.68 19.52 33.22
N ASP C 61 -33.86 18.90 34.39
CA ASP C 61 -34.53 17.61 34.43
C ASP C 61 -36.00 17.76 34.08
N ARG C 62 -36.56 16.72 33.46
CA ARG C 62 -37.89 16.82 32.86
C ARG C 62 -38.98 16.91 33.93
N ASP C 63 -38.80 16.21 35.06
CA ASP C 63 -39.88 15.98 36.02
C ASP C 63 -39.87 16.98 37.17
N SER C 64 -39.06 18.03 37.09
CA SER C 64 -39.08 19.08 38.09
C SER C 64 -39.53 20.43 37.58
N ARG C 65 -39.51 20.66 36.26
CA ARG C 65 -40.07 21.87 35.65
C ARG C 65 -39.37 23.13 36.17
N LYS C 66 -38.06 23.19 35.93
CA LYS C 66 -37.30 24.42 36.13
C LYS C 66 -37.21 25.15 34.79
N ALA C 67 -36.55 26.30 34.76
CA ALA C 67 -36.50 27.11 33.55
C ALA C 67 -35.28 28.02 33.62
N GLU C 68 -35.21 28.96 32.67
CA GLU C 68 -34.10 29.89 32.57
C GLU C 68 -34.62 31.18 31.95
N THR C 69 -33.86 32.26 32.14
CA THR C 69 -34.28 33.58 31.69
C THR C 69 -33.08 34.33 31.12
N SER C 70 -33.36 35.33 30.29
CA SER C 70 -32.35 36.13 29.62
C SER C 70 -32.45 37.58 30.07
N ALA C 71 -31.29 38.26 30.04
CA ALA C 71 -31.22 39.66 30.46
C ALA C 71 -31.71 40.58 29.35
N PRO C 72 -32.09 41.81 29.69
CA PRO C 72 -32.57 42.76 28.70
C PRO C 72 -31.41 43.46 27.97
N GLU C 73 -31.77 44.43 27.14
CA GLU C 73 -30.81 45.11 26.29
C GLU C 73 -30.48 46.49 26.85
N ARG C 74 -29.61 47.22 26.16
CA ARG C 74 -29.15 48.52 26.59
C ARG C 74 -29.25 49.52 25.45
N VAL C 75 -29.46 50.79 25.80
CA VAL C 75 -29.64 51.85 24.83
C VAL C 75 -28.79 53.05 25.23
N ARG C 76 -28.43 53.87 24.24
CA ARG C 76 -27.58 55.02 24.46
C ARG C 76 -27.79 56.00 23.31
N GLN C 77 -27.40 57.26 23.53
CA GLN C 77 -27.66 58.33 22.58
C GLN C 77 -26.43 59.21 22.44
N ILE C 78 -26.32 59.88 21.29
CA ILE C 78 -25.19 60.75 20.98
C ILE C 78 -25.65 61.94 20.14
N SER C 79 -24.71 62.85 19.83
CA SER C 79 -25.04 64.07 19.10
C SER C 79 -23.85 64.48 18.24
N PHE C 80 -24.12 65.36 17.27
CA PHE C 80 -23.09 65.83 16.33
C PHE C 80 -23.30 67.27 15.93
N PRO C 81 -22.22 68.08 15.88
CA PRO C 81 -22.32 69.41 15.24
C PRO C 81 -22.03 69.35 13.75
N MET C 82 -22.00 70.49 13.06
CA MET C 82 -21.78 70.53 11.62
C MET C 82 -20.84 71.68 11.27
N MET C 83 -20.41 71.70 10.01
CA MET C 83 -19.44 72.66 9.50
C MET C 83 -20.07 73.53 8.42
N TYR C 84 -19.65 74.80 8.38
CA TYR C 84 -20.20 75.79 7.45
C TYR C 84 -19.10 76.39 6.60
N PHE C 85 -19.42 76.66 5.33
CA PHE C 85 -18.48 77.24 4.38
C PHE C 85 -19.17 78.33 3.57
N LYS C 86 -18.39 79.29 3.10
CA LYS C 86 -18.94 80.42 2.36
C LYS C 86 -17.81 81.16 1.64
N GLU C 87 -18.15 81.75 0.49
CA GLU C 87 -17.22 82.60 -0.24
C GLU C 87 -18.03 83.54 -1.12
N VAL C 88 -17.38 84.61 -1.57
CA VAL C 88 -18.05 85.70 -2.28
C VAL C 88 -17.25 86.09 -3.51
N GLU C 89 -17.96 86.63 -4.51
CA GLU C 89 -17.34 87.17 -5.71
C GLU C 89 -18.30 88.17 -6.33
N SER C 90 -17.78 88.97 -7.26
CA SER C 90 -18.57 90.00 -7.91
C SER C 90 -18.02 90.29 -9.29
N ILE C 91 -18.85 90.92 -10.12
CA ILE C 91 -18.49 91.30 -11.48
C ILE C 91 -18.86 92.76 -11.69
N THR C 92 -17.96 93.51 -12.30
CA THR C 92 -18.14 94.95 -12.52
C THR C 92 -17.89 95.28 -13.98
N PRO C 93 -18.60 96.28 -14.53
CA PRO C 93 -18.42 96.59 -15.95
C PRO C 93 -16.99 96.94 -16.33
N ASP C 94 -16.25 97.64 -15.46
CA ASP C 94 -14.89 98.04 -15.80
C ASP C 94 -13.99 96.85 -16.04
N GLU C 95 -14.36 95.66 -15.57
CA GLU C 95 -13.58 94.47 -15.84
C GLU C 95 -13.71 94.01 -17.28
N ILE C 96 -14.73 94.48 -18.00
CA ILE C 96 -14.98 94.08 -19.38
C ILE C 96 -14.76 95.21 -20.37
N GLN C 97 -14.65 96.46 -19.91
CA GLN C 97 -14.56 97.60 -20.82
C GLN C 97 -13.22 97.60 -21.52
N GLY C 98 -13.23 97.29 -22.82
CA GLY C 98 -12.02 97.39 -23.62
C GLY C 98 -10.90 96.48 -23.21
N VAL C 99 -11.19 95.22 -22.88
CA VAL C 99 -10.17 94.25 -22.51
C VAL C 99 -10.01 93.27 -23.65
N ARG C 100 -8.80 93.19 -24.20
CA ARG C 100 -8.53 92.29 -25.31
C ARG C 100 -8.57 90.83 -24.83
N GLN C 101 -9.15 89.97 -25.66
CA GLN C 101 -9.15 88.55 -25.34
C GLN C 101 -7.74 87.99 -25.48
N PRO C 102 -7.26 87.18 -24.54
CA PRO C 102 -5.84 86.79 -24.57
C PRO C 102 -5.41 86.10 -25.85
N GLY C 103 -6.27 85.28 -26.44
CA GLY C 103 -5.88 84.46 -27.57
C GLY C 103 -6.10 85.07 -28.94
N THR C 104 -6.51 86.33 -29.03
CA THR C 104 -6.81 86.96 -30.30
C THR C 104 -6.17 88.34 -30.36
N ALA C 105 -6.27 88.96 -31.53
CA ALA C 105 -5.60 90.23 -31.79
C ALA C 105 -6.50 91.43 -31.53
N ASN C 106 -7.71 91.44 -32.10
CA ASN C 106 -8.61 92.58 -32.03
C ASN C 106 -10.02 92.12 -31.65
N GLU C 107 -10.12 91.31 -30.61
CA GLU C 107 -11.39 90.82 -30.11
C GLU C 107 -11.59 91.30 -28.68
N LEU C 108 -12.84 91.51 -28.31
CA LEU C 108 -13.21 92.01 -27.00
C LEU C 108 -13.83 90.90 -26.16
N THR C 109 -13.57 90.96 -24.85
CA THR C 109 -14.17 90.02 -23.92
C THR C 109 -15.67 90.30 -23.78
N THR C 110 -16.41 89.26 -23.39
CA THR C 110 -17.85 89.36 -23.22
C THR C 110 -18.21 88.95 -21.79
N GLU C 111 -19.39 89.41 -21.36
CA GLU C 111 -19.83 89.16 -19.99
C GLU C 111 -19.98 87.66 -19.72
N ALA C 112 -20.52 86.92 -20.69
CA ALA C 112 -20.79 85.51 -20.49
C ALA C 112 -19.51 84.73 -20.18
N VAL C 113 -18.42 85.06 -20.88
CA VAL C 113 -17.16 84.35 -20.65
C VAL C 113 -16.71 84.53 -19.20
N VAL C 114 -16.72 85.78 -18.72
CA VAL C 114 -16.29 86.05 -17.35
C VAL C 114 -17.21 85.35 -16.35
N ARG C 115 -18.52 85.43 -16.60
CA ARG C 115 -19.47 84.78 -15.70
C ARG C 115 -19.19 83.29 -15.59
N ALA C 116 -19.05 82.60 -16.72
CA ALA C 116 -18.82 81.17 -16.70
C ALA C 116 -17.49 80.85 -16.03
N LYS C 117 -16.45 81.61 -16.34
CA LYS C 117 -15.14 81.35 -15.74
C LYS C 117 -15.21 81.46 -14.22
N LYS C 118 -15.85 82.53 -13.71
CA LYS C 118 -15.93 82.72 -12.28
C LYS C 118 -16.77 81.63 -11.62
N LEU C 119 -17.87 81.23 -12.26
CA LEU C 119 -18.69 80.17 -11.69
C LEU C 119 -17.92 78.85 -11.61
N MET C 120 -17.17 78.52 -12.66
CA MET C 120 -16.39 77.28 -12.65
C MET C 120 -15.32 77.34 -11.57
N LYS C 121 -14.64 78.49 -11.43
CA LYS C 121 -13.63 78.62 -10.40
C LYS C 121 -14.23 78.49 -9.02
N ILE C 122 -15.46 78.97 -8.84
CA ILE C 122 -16.16 78.80 -7.57
C ILE C 122 -16.44 77.33 -7.30
N ARG C 123 -16.95 76.63 -8.31
CA ARG C 123 -17.32 75.23 -8.13
C ARG C 123 -16.11 74.37 -7.80
N THR C 124 -14.96 74.69 -8.40
CA THR C 124 -13.76 73.88 -8.19
C THR C 124 -13.36 73.87 -6.71
N LYS C 125 -13.44 75.03 -6.06
CA LYS C 125 -13.06 75.11 -4.65
C LYS C 125 -13.93 74.20 -3.80
N PHE C 126 -15.23 74.22 -4.04
CA PHE C 126 -16.13 73.38 -3.25
C PHE C 126 -15.88 71.90 -3.52
N ASP C 127 -15.60 71.53 -4.76
CA ASP C 127 -15.27 70.14 -5.05
C ASP C 127 -14.02 69.71 -4.28
N ILE C 128 -13.00 70.55 -4.30
CA ILE C 128 -11.75 70.23 -3.60
C ILE C 128 -12.01 70.08 -2.10
N THR C 129 -12.78 71.01 -1.53
CA THR C 129 -13.06 70.96 -0.11
C THR C 129 -13.84 69.69 0.25
N ARG C 130 -14.81 69.32 -0.60
CA ARG C 130 -15.57 68.10 -0.33
C ARG C 130 -14.66 66.89 -0.34
N GLU C 131 -13.75 66.81 -1.31
CA GLU C 131 -12.82 65.68 -1.35
C GLU C 131 -11.96 65.65 -0.09
N PHE C 132 -11.44 66.80 0.32
CA PHE C 132 -10.59 66.86 1.51
C PHE C 132 -11.35 66.39 2.74
N LEU C 133 -12.59 66.86 2.90
CA LEU C 133 -13.38 66.48 4.06
C LEU C 133 -13.71 65.00 4.05
N PHE C 134 -14.02 64.45 2.87
CA PHE C 134 -14.30 63.02 2.78
C PHE C 134 -13.08 62.21 3.20
N MET C 135 -11.90 62.59 2.71
CA MET C 135 -10.69 61.91 3.13
C MET C 135 -10.44 62.03 4.63
N GLN C 136 -10.64 63.22 5.21
CA GLN C 136 -10.43 63.38 6.64
C GLN C 136 -11.40 62.51 7.43
N ALA C 137 -12.66 62.44 7.00
CA ALA C 137 -13.64 61.62 7.69
C ALA C 137 -13.27 60.14 7.62
N LEU C 138 -12.74 59.70 6.47
CA LEU C 138 -12.37 58.29 6.36
C LEU C 138 -11.30 57.90 7.36
N LYS C 139 -10.56 58.88 7.89
CA LYS C 139 -9.57 58.59 8.92
C LYS C 139 -10.18 58.36 10.29
N GLY C 140 -11.49 58.59 10.45
CA GLY C 140 -12.12 58.50 11.75
C GLY C 140 -12.03 59.74 12.59
N LYS C 141 -11.53 60.85 12.04
CA LYS C 141 -11.42 62.11 12.76
C LYS C 141 -11.58 63.24 11.77
N VAL C 142 -12.55 64.12 12.00
CA VAL C 142 -12.87 65.20 11.08
C VAL C 142 -12.25 66.48 11.64
N VAL C 143 -11.29 67.04 10.92
CA VAL C 143 -10.64 68.29 11.30
C VAL C 143 -10.54 69.16 10.05
N ASP C 144 -10.85 70.45 10.21
CA ASP C 144 -10.76 71.39 9.11
C ASP C 144 -9.30 71.71 8.82
N ALA C 145 -9.03 72.19 7.60
CA ALA C 145 -7.68 72.58 7.22
C ALA C 145 -7.14 73.63 8.19
N ARG C 146 -8.03 74.43 8.77
CA ARG C 146 -7.63 75.42 9.76
C ARG C 146 -7.16 74.77 11.05
N GLY C 147 -7.41 73.47 11.23
CA GLY C 147 -6.97 72.75 12.40
C GLY C 147 -8.04 72.49 13.45
N THR C 148 -9.22 73.07 13.31
CA THR C 148 -10.27 72.87 14.29
C THR C 148 -10.78 71.44 14.24
N LEU C 149 -11.21 70.94 15.41
CA LEU C 149 -11.77 69.60 15.53
C LEU C 149 -13.28 69.70 15.70
N TYR C 150 -14.02 68.91 14.92
CA TYR C 150 -15.47 68.91 14.97
C TYR C 150 -16.07 67.58 15.41
N ALA C 151 -15.39 66.46 15.20
CA ALA C 151 -15.92 65.17 15.57
C ALA C 151 -14.78 64.21 15.84
N ASP C 152 -14.95 63.36 16.87
CA ASP C 152 -14.02 62.30 17.21
C ASP C 152 -14.84 61.02 17.33
N LEU C 153 -14.96 60.28 16.23
CA LEU C 153 -15.90 59.17 16.17
C LEU C 153 -15.57 58.10 17.21
N TYR C 154 -14.27 57.85 17.44
CA TYR C 154 -13.89 56.80 18.37
C TYR C 154 -14.36 57.12 19.78
N LYS C 155 -14.19 58.37 20.21
CA LYS C 155 -14.71 58.77 21.52
C LYS C 155 -16.24 58.78 21.53
N GLN C 156 -16.85 59.19 20.42
CA GLN C 156 -18.31 59.25 20.37
C GLN C 156 -18.93 57.86 20.56
N PHE C 157 -18.38 56.87 19.88
CA PHE C 157 -18.92 55.51 19.94
C PHE C 157 -18.23 54.64 20.97
N ASP C 158 -17.25 55.16 21.70
CA ASP C 158 -16.55 54.43 22.76
C ASP C 158 -15.93 53.14 22.20
N VAL C 159 -15.02 53.33 21.23
CA VAL C 159 -14.28 52.22 20.64
C VAL C 159 -12.83 52.66 20.47
N GLU C 160 -11.95 51.67 20.35
CA GLU C 160 -10.52 51.91 20.21
C GLU C 160 -10.08 51.60 18.78
N LYS C 161 -9.37 52.54 18.18
CA LYS C 161 -8.85 52.34 16.83
C LYS C 161 -7.79 51.24 16.83
N LYS C 162 -7.66 50.57 15.68
CA LYS C 162 -6.70 49.50 15.51
C LYS C 162 -5.69 49.88 14.43
N THR C 163 -4.41 49.64 14.71
CA THR C 163 -3.33 49.87 13.77
C THR C 163 -2.66 48.54 13.47
N VAL C 164 -2.43 48.27 12.19
CA VAL C 164 -1.81 47.02 11.74
C VAL C 164 -0.42 47.36 11.24
N TYR C 165 0.60 46.71 11.82
CA TYR C 165 1.99 46.95 11.47
C TYR C 165 2.46 45.81 10.58
N PHE C 166 3.01 46.16 9.41
CA PHE C 166 3.53 45.16 8.48
C PHE C 166 5.01 44.89 8.67
N ASP C 167 5.76 45.88 9.14
CA ASP C 167 7.20 45.72 9.37
C ASP C 167 7.90 45.27 8.09
N LEU C 168 7.80 46.11 7.06
CA LEU C 168 8.32 45.76 5.74
C LEU C 168 9.84 45.78 5.68
N ASP C 169 10.51 46.33 6.68
CA ASP C 169 11.97 46.38 6.68
C ASP C 169 12.62 45.15 7.29
N ASN C 170 11.83 44.20 7.80
CA ASN C 170 12.36 42.98 8.37
C ASN C 170 12.12 41.84 7.38
N PRO C 171 13.17 41.26 6.77
CA PRO C 171 12.93 40.19 5.80
C PRO C 171 12.19 39.00 6.39
N ASN C 172 12.32 38.75 7.70
CA ASN C 172 11.65 37.64 8.33
C ASN C 172 10.22 37.95 8.73
N ALA C 173 9.75 39.18 8.50
CA ALA C 173 8.39 39.54 8.89
C ALA C 173 7.37 38.71 8.11
N ASP C 174 6.27 38.38 8.77
CA ASP C 174 5.20 37.59 8.17
C ASP C 174 4.07 38.53 7.75
N ILE C 175 3.99 38.81 6.45
CA ILE C 175 2.92 39.67 5.94
C ILE C 175 1.58 38.96 6.02
N ASP C 176 1.56 37.66 5.73
CA ASP C 176 0.31 36.91 5.76
C ASP C 176 -0.38 37.01 7.11
N ALA C 177 0.40 37.03 8.19
CA ALA C 177 -0.19 37.17 9.52
C ALA C 177 -0.91 38.52 9.65
N SER C 178 -0.30 39.59 9.15
CA SER C 178 -0.93 40.90 9.21
C SER C 178 -2.21 40.93 8.38
N ILE C 179 -2.17 40.35 7.18
CA ILE C 179 -3.35 40.35 6.33
C ILE C 179 -4.48 39.55 6.97
N GLU C 180 -4.14 38.41 7.57
CA GLU C 180 -5.15 37.63 8.27
C GLU C 180 -5.72 38.38 9.46
N GLU C 181 -4.86 39.11 10.18
CA GLU C 181 -5.35 39.94 11.28
C GLU C 181 -6.35 40.97 10.78
N LEU C 182 -6.02 41.61 9.66
CA LEU C 182 -6.94 42.60 9.08
C LEU C 182 -8.28 41.96 8.73
N ARG C 183 -8.23 40.81 8.05
CA ARG C 183 -9.47 40.14 7.66
C ARG C 183 -10.29 39.75 8.89
N MET C 184 -9.63 39.20 9.91
CA MET C 184 -10.35 38.78 11.11
C MET C 184 -10.98 39.97 11.81
N HIS C 185 -10.26 41.09 11.91
CA HIS C 185 -10.83 42.29 12.49
C HIS C 185 -12.07 42.71 11.73
N MET C 186 -11.97 42.78 10.41
CA MET C 186 -13.12 43.20 9.60
C MET C 186 -14.31 42.28 9.82
N GLU C 187 -14.07 40.97 9.84
CA GLU C 187 -15.17 40.01 9.91
C GLU C 187 -15.77 39.91 11.31
N ASP C 188 -14.98 40.18 12.36
CA ASP C 188 -15.45 39.95 13.71
C ASP C 188 -16.01 41.21 14.37
N GLU C 189 -15.45 42.38 14.08
CA GLU C 189 -15.84 43.59 14.79
C GLU C 189 -17.03 44.30 14.16
N ALA C 190 -17.62 43.74 13.11
CA ALA C 190 -18.78 44.38 12.49
C ALA C 190 -19.99 44.32 13.40
N LYS C 191 -20.28 43.15 13.96
CA LYS C 191 -21.45 42.93 14.82
C LYS C 191 -22.75 43.27 14.11
N THR C 192 -22.77 43.19 12.78
CA THR C 192 -23.97 43.51 12.02
C THR C 192 -25.03 42.41 12.07
N GLY C 193 -24.67 41.21 12.53
CA GLY C 193 -25.62 40.13 12.59
C GLY C 193 -25.91 39.47 11.26
N THR C 194 -25.01 39.59 10.29
CA THR C 194 -25.18 38.99 8.97
C THR C 194 -23.84 38.43 8.50
N VAL C 195 -23.90 37.63 7.44
CA VAL C 195 -22.68 37.08 6.87
C VAL C 195 -21.90 38.20 6.19
N ILE C 196 -20.63 38.32 6.54
CA ILE C 196 -19.78 39.40 6.07
C ILE C 196 -18.53 38.82 5.43
N ASN C 197 -18.19 39.32 4.25
CA ASN C 197 -17.00 38.90 3.52
C ASN C 197 -15.88 39.89 3.80
N GLY C 198 -14.77 39.41 4.36
CA GLY C 198 -13.69 40.27 4.75
C GLY C 198 -12.73 40.67 3.65
N GLU C 199 -12.89 40.10 2.45
CA GLU C 199 -12.00 40.41 1.34
C GLU C 199 -12.47 41.59 0.50
N GLU C 200 -13.65 42.14 0.79
CA GLU C 200 -14.19 43.27 0.03
C GLU C 200 -13.88 44.57 0.76
N ILE C 201 -12.60 44.93 0.74
CA ILE C 201 -12.11 46.12 1.44
C ILE C 201 -11.21 46.91 0.51
N HIS C 202 -11.34 48.24 0.57
CA HIS C 202 -10.42 49.12 -0.13
C HIS C 202 -9.16 49.31 0.70
N VAL C 203 -8.02 49.46 0.02
CA VAL C 203 -6.76 49.72 0.70
C VAL C 203 -6.01 50.81 -0.05
N VAL C 204 -5.92 51.98 0.55
CA VAL C 204 -5.22 53.14 -0.03
C VAL C 204 -3.93 53.35 0.75
N VAL C 205 -2.81 53.39 0.04
CA VAL C 205 -1.49 53.44 0.66
C VAL C 205 -0.66 54.55 0.02
N ASP C 206 0.38 54.95 0.73
CA ASP C 206 1.28 55.99 0.27
C ASP C 206 2.33 55.44 -0.68
N ARG C 207 3.05 56.34 -1.34
CA ARG C 207 4.09 55.93 -2.28
C ARG C 207 5.18 55.12 -1.60
N VAL C 208 5.64 55.58 -0.44
CA VAL C 208 6.69 54.87 0.28
C VAL C 208 6.20 53.48 0.68
N PHE C 209 4.95 53.37 1.14
CA PHE C 209 4.41 52.08 1.50
C PHE C 209 4.38 51.14 0.31
N PHE C 210 3.95 51.65 -0.85
CA PHE C 210 3.93 50.83 -2.06
C PHE C 210 5.32 50.34 -2.43
N SER C 211 6.29 51.25 -2.40
CA SER C 211 7.66 50.88 -2.76
C SER C 211 8.20 49.82 -1.81
N LYS C 212 7.98 50.00 -0.50
CA LYS C 212 8.47 49.02 0.46
C LYS C 212 7.79 47.68 0.28
N LEU C 213 6.48 47.68 0.03
CA LEU C 213 5.75 46.43 -0.13
C LEU C 213 6.24 45.67 -1.36
N VAL C 214 6.46 46.38 -2.46
CA VAL C 214 6.84 45.70 -3.70
C VAL C 214 8.20 45.04 -3.58
N LYS C 215 9.09 45.60 -2.75
CA LYS C 215 10.46 45.11 -2.67
C LYS C 215 10.65 43.96 -1.70
N HIS C 216 9.64 43.63 -0.90
CA HIS C 216 9.84 42.66 0.16
C HIS C 216 10.26 41.31 -0.43
N PRO C 217 11.28 40.64 0.13
CA PRO C 217 11.74 39.38 -0.46
C PRO C 217 10.65 38.33 -0.60
N LYS C 218 9.76 38.20 0.38
CA LYS C 218 8.71 37.19 0.31
C LYS C 218 7.79 37.45 -0.88
N ILE C 219 7.25 38.66 -0.97
CA ILE C 219 6.31 39.00 -2.03
C ILE C 219 6.98 38.86 -3.39
N ARG C 220 8.19 39.40 -3.51
CA ARG C 220 8.89 39.38 -4.79
C ARG C 220 9.19 37.93 -5.23
N ASP C 221 9.70 37.13 -4.30
CA ASP C 221 10.09 35.76 -4.65
C ASP C 221 8.87 34.91 -5.01
N ALA C 222 7.78 35.05 -4.25
CA ALA C 222 6.60 34.24 -4.52
C ALA C 222 6.10 34.46 -5.94
N TYR C 223 6.06 35.72 -6.38
CA TYR C 223 5.60 36.02 -7.73
C TYR C 223 6.65 35.70 -8.78
N LEU C 224 7.93 35.88 -8.47
CA LEU C 224 8.99 35.56 -9.42
C LEU C 224 9.08 34.07 -9.70
N ALA C 225 8.60 33.24 -8.77
CA ALA C 225 8.62 31.79 -8.97
C ALA C 225 7.44 31.30 -9.80
N GLN C 226 6.48 32.15 -10.12
CA GLN C 226 5.26 31.74 -10.82
C GLN C 226 5.38 32.01 -12.32
N GLN C 227 5.09 30.99 -13.12
CA GLN C 227 5.01 31.15 -14.58
C GLN C 227 3.56 31.31 -15.01
N THR C 228 2.98 32.44 -14.63
CA THR C 228 1.61 32.77 -14.96
C THR C 228 1.55 34.20 -15.46
N PRO C 229 0.59 34.53 -16.34
CA PRO C 229 0.56 35.89 -16.90
C PRO C 229 0.50 36.97 -15.85
N LEU C 230 -0.23 36.75 -14.75
CA LEU C 230 -0.29 37.75 -13.70
C LEU C 230 1.08 38.00 -13.09
N ALA C 231 1.86 36.94 -12.88
CA ALA C 231 3.18 37.10 -12.28
C ALA C 231 4.10 37.93 -13.16
N TRP C 232 4.09 37.66 -14.47
CA TRP C 232 4.94 38.41 -15.38
C TRP C 232 4.56 39.88 -15.40
N GLN C 233 3.26 40.17 -15.47
CA GLN C 233 2.82 41.56 -15.59
C GLN C 233 3.20 42.37 -14.37
N GLN C 234 3.09 41.77 -13.18
CA GLN C 234 3.31 42.51 -11.94
C GLN C 234 4.78 42.74 -11.62
N ILE C 235 5.70 42.13 -12.36
CA ILE C 235 7.13 42.26 -12.05
C ILE C 235 7.84 42.94 -13.21
N THR C 236 7.81 42.32 -14.39
CA THR C 236 8.48 42.87 -15.56
C THR C 236 7.60 43.78 -16.38
N GLY C 237 6.32 43.90 -16.04
CA GLY C 237 5.38 44.76 -16.73
C GLY C 237 5.16 46.07 -16.01
N SER C 238 4.01 46.67 -16.25
CA SER C 238 3.62 47.94 -15.64
C SER C 238 2.46 47.72 -14.69
N LEU C 239 2.51 48.38 -13.53
CA LEU C 239 1.51 48.21 -12.50
C LEU C 239 0.38 49.23 -12.59
N ARG C 240 0.41 50.14 -13.56
CA ARG C 240 -0.62 51.16 -13.70
C ARG C 240 -1.79 50.59 -14.50
N THR C 241 -2.62 49.83 -13.80
CA THR C 241 -3.82 49.24 -14.38
C THR C 241 -5.10 49.68 -13.67
N GLY C 242 -5.00 50.59 -12.70
CA GLY C 242 -6.15 50.99 -11.93
C GLY C 242 -7.04 51.97 -12.69
N GLY C 243 -8.09 52.39 -12.02
CA GLY C 243 -9.03 53.33 -12.61
C GLY C 243 -8.46 54.74 -12.71
N THR C 244 -9.17 55.55 -13.48
CA THR C 244 -8.72 56.91 -13.73
C THR C 244 -8.71 57.72 -12.43
N ASP C 245 -7.64 58.50 -12.25
CA ASP C 245 -7.58 59.49 -11.18
C ASP C 245 -7.99 60.86 -11.74
N GLY C 246 -8.01 61.87 -10.88
CA GLY C 246 -8.27 63.21 -11.35
C GLY C 246 -7.18 63.76 -12.25
N VAL C 247 -5.98 63.20 -12.17
CA VAL C 247 -4.86 63.65 -12.99
C VAL C 247 -4.36 62.47 -13.83
N GLN C 248 -3.95 61.39 -13.15
CA GLN C 248 -3.43 60.23 -13.85
C GLN C 248 -4.55 59.50 -14.59
N ALA C 249 -4.22 58.95 -15.75
CA ALA C 249 -5.17 58.11 -16.47
C ALA C 249 -5.32 56.74 -15.85
N HIS C 250 -4.35 56.31 -15.03
CA HIS C 250 -4.42 55.03 -14.35
C HIS C 250 -3.69 55.14 -13.02
N MET C 251 -4.00 54.21 -12.12
CA MET C 251 -3.45 54.20 -10.77
C MET C 251 -2.74 52.89 -10.51
N ASN C 252 -1.67 52.95 -9.73
CA ASN C 252 -0.91 51.75 -9.37
C ASN C 252 -1.80 50.76 -8.64
N THR C 253 -1.66 49.48 -9.00
CA THR C 253 -2.42 48.42 -8.37
C THR C 253 -1.52 47.20 -8.19
N PHE C 254 -1.61 46.57 -7.03
CA PHE C 254 -0.83 45.38 -6.73
C PHE C 254 -1.71 44.36 -6.05
N TYR C 255 -1.60 43.10 -6.47
CA TYR C 255 -2.40 42.00 -5.93
C TYR C 255 -1.52 41.05 -5.14
N TYR C 256 -1.98 40.68 -3.95
CA TYR C 256 -1.32 39.64 -3.16
C TYR C 256 -2.26 39.18 -2.08
N GLY C 257 -2.37 37.87 -1.91
CA GLY C 257 -3.24 37.31 -0.89
C GLY C 257 -4.69 37.72 -1.05
N GLY C 258 -5.11 38.06 -2.26
CA GLY C 258 -6.47 38.45 -2.51
C GLY C 258 -6.81 39.88 -2.15
N VAL C 259 -5.83 40.67 -1.72
CA VAL C 259 -6.06 42.07 -1.34
C VAL C 259 -5.47 42.97 -2.42
N LYS C 260 -6.23 43.98 -2.81
CA LYS C 260 -5.84 44.91 -3.86
C LYS C 260 -5.38 46.21 -3.22
N PHE C 261 -4.13 46.59 -3.49
CA PHE C 261 -3.54 47.81 -2.95
C PHE C 261 -3.54 48.88 -4.02
N VAL C 262 -3.93 50.10 -3.65
CA VAL C 262 -4.01 51.23 -4.55
C VAL C 262 -3.17 52.36 -3.96
N GLN C 263 -2.36 53.00 -4.81
CA GLN C 263 -1.51 54.11 -4.39
C GLN C 263 -2.20 55.42 -4.81
N TYR C 264 -2.39 56.31 -3.85
CA TYR C 264 -3.07 57.58 -4.08
C TYR C 264 -2.09 58.71 -3.79
N ASN C 265 -1.92 59.61 -4.76
CA ASN C 265 -1.00 60.73 -4.63
C ASN C 265 -1.71 62.05 -4.41
N GLY C 266 -3.02 62.03 -4.13
CA GLY C 266 -3.76 63.28 -4.02
C GLY C 266 -3.21 64.17 -2.91
N LYS C 267 -3.13 65.46 -3.20
CA LYS C 267 -2.70 66.45 -2.23
C LYS C 267 -3.21 67.81 -2.68
N PHE C 268 -3.43 68.69 -1.71
CA PHE C 268 -3.93 70.03 -1.97
C PHE C 268 -3.10 71.05 -1.21
N LYS C 269 -3.27 72.32 -1.58
CA LYS C 269 -2.50 73.42 -1.02
C LYS C 269 -3.43 74.38 -0.31
N ASP C 270 -3.10 74.71 0.93
CA ASP C 270 -3.87 75.68 1.70
C ASP C 270 -3.57 77.09 1.21
N LYS C 271 -4.50 78.00 1.48
CA LYS C 271 -4.35 79.37 1.00
C LYS C 271 -3.17 80.08 1.66
N ARG C 272 -2.64 79.54 2.75
CA ARG C 272 -1.47 80.09 3.42
C ARG C 272 -0.18 79.40 3.02
N GLY C 273 -0.20 78.59 1.96
CA GLY C 273 0.99 77.94 1.45
C GLY C 273 1.25 76.56 2.02
N LYS C 274 0.52 76.13 3.03
CA LYS C 274 0.72 74.79 3.58
C LYS C 274 0.19 73.74 2.62
N VAL C 275 0.87 72.59 2.58
CA VAL C 275 0.49 71.48 1.70
C VAL C 275 -0.08 70.37 2.56
N HIS C 276 -1.27 69.89 2.19
CA HIS C 276 -1.98 68.86 2.93
C HIS C 276 -1.99 67.57 2.10
N THR C 277 -1.26 66.57 2.56
CA THR C 277 -1.30 65.25 1.94
C THR C 277 -2.51 64.48 2.43
N LEU C 278 -3.19 63.80 1.50
CA LEU C 278 -4.46 63.17 1.82
C LEU C 278 -4.31 61.91 2.66
N VAL C 279 -3.31 61.07 2.36
CA VAL C 279 -3.20 59.76 3.01
C VAL C 279 -2.32 59.77 4.24
N SER C 280 -1.70 60.90 4.59
CA SER C 280 -0.75 60.92 5.70
C SER C 280 -1.48 60.78 7.03
N ILE C 281 -0.78 60.19 8.01
CA ILE C 281 -1.25 60.13 9.39
C ILE C 281 -0.76 61.36 10.12
N ASP C 282 -1.49 61.76 11.15
CA ASP C 282 -1.22 63.05 11.81
C ASP C 282 0.16 63.07 12.44
N SER C 283 0.55 61.99 13.12
CA SER C 283 1.77 62.02 13.92
C SER C 283 2.97 61.45 13.16
N VAL C 284 2.76 60.38 12.39
CA VAL C 284 3.89 59.68 11.78
C VAL C 284 4.63 60.60 10.82
N ALA C 285 5.94 60.36 10.70
CA ALA C 285 6.77 61.14 9.80
C ALA C 285 6.47 60.79 8.35
N ALA C 286 6.92 61.67 7.45
CA ALA C 286 6.63 61.50 6.02
C ALA C 286 7.41 60.36 5.39
N THR C 287 8.45 59.84 6.05
CA THR C 287 9.30 58.80 5.48
C THR C 287 8.95 57.41 6.00
N VAL C 288 7.74 57.22 6.51
CA VAL C 288 7.26 55.93 6.98
C VAL C 288 5.96 55.62 6.26
N GLY C 289 5.91 54.49 5.57
CA GLY C 289 4.72 54.13 4.82
C GLY C 289 3.51 53.99 5.71
N VAL C 290 2.41 54.62 5.31
CA VAL C 290 1.14 54.54 6.02
C VAL C 290 0.01 54.43 5.01
N GLY C 291 -1.14 53.96 5.49
CA GLY C 291 -2.30 53.81 4.64
C GLY C 291 -3.54 53.56 5.48
N HIS C 292 -4.67 53.49 4.80
CA HIS C 292 -5.96 53.27 5.44
C HIS C 292 -6.72 52.19 4.70
N ALA C 293 -7.45 51.37 5.46
CA ALA C 293 -8.28 50.30 4.90
C ALA C 293 -9.70 50.47 5.41
N PHE C 294 -10.66 50.51 4.50
CA PHE C 294 -12.07 50.66 4.83
C PHE C 294 -12.89 49.73 3.95
N PRO C 295 -14.08 49.33 4.41
CA PRO C 295 -14.85 48.33 3.67
C PRO C 295 -15.48 48.88 2.41
N ASN C 296 -15.81 47.97 1.49
CA ASN C 296 -16.53 48.30 0.28
C ASN C 296 -18.01 48.46 0.57
N VAL C 297 -18.73 49.02 -0.41
CA VAL C 297 -20.17 49.15 -0.29
C VAL C 297 -20.83 47.77 -0.34
N SER C 298 -20.30 46.87 -1.18
CA SER C 298 -20.93 45.58 -1.37
C SER C 298 -20.80 44.67 -0.16
N MET C 299 -19.94 44.99 0.80
CA MET C 299 -19.78 44.13 1.97
C MET C 299 -21.09 43.99 2.73
N LEU C 300 -21.79 45.10 2.93
CA LEU C 300 -23.03 45.10 3.70
C LEU C 300 -24.26 45.45 2.86
N GLY C 301 -24.08 45.97 1.65
CA GLY C 301 -25.20 46.30 0.79
C GLY C 301 -25.77 47.68 1.08
N GLU C 302 -26.69 48.09 0.20
CA GLU C 302 -27.31 49.40 0.35
C GLU C 302 -28.16 49.46 1.62
N ALA C 303 -28.82 48.35 1.96
CA ALA C 303 -29.69 48.34 3.14
C ALA C 303 -28.92 48.56 4.44
N ASN C 304 -27.60 48.39 4.42
CA ASN C 304 -26.76 48.52 5.61
C ASN C 304 -25.62 49.49 5.36
N ASN C 305 -25.92 50.66 4.80
CA ASN C 305 -24.88 51.63 4.49
C ASN C 305 -24.23 52.13 5.77
N ILE C 306 -22.96 52.53 5.65
CA ILE C 306 -22.15 52.94 6.79
C ILE C 306 -21.72 54.38 6.65
N PHE C 307 -21.63 54.87 5.41
CA PHE C 307 -21.15 56.22 5.13
C PHE C 307 -22.32 57.11 4.78
N GLU C 308 -22.38 58.28 5.41
CA GLU C 308 -23.47 59.23 5.18
C GLU C 308 -22.93 60.64 5.32
N VAL C 309 -23.66 61.59 4.73
CA VAL C 309 -23.37 63.01 4.82
C VAL C 309 -24.65 63.74 5.20
N ALA C 310 -24.56 64.61 6.19
CA ALA C 310 -25.70 65.40 6.65
C ALA C 310 -25.56 66.82 6.13
N TYR C 311 -26.62 67.33 5.50
CA TYR C 311 -26.64 68.67 4.92
C TYR C 311 -27.66 69.52 5.68
N GLY C 312 -27.24 70.72 6.08
CA GLY C 312 -28.09 71.62 6.82
C GLY C 312 -28.67 72.72 5.94
N PRO C 313 -29.52 73.56 6.53
CA PRO C 313 -30.15 74.63 5.76
C PRO C 313 -29.36 75.93 5.81
N CYS C 314 -29.65 76.79 4.83
CA CYS C 314 -29.02 78.10 4.74
C CYS C 314 -29.61 79.05 5.78
N PRO C 315 -28.80 79.96 6.34
CA PRO C 315 -29.34 80.96 7.29
C PRO C 315 -29.89 82.19 6.59
N LYS C 316 -30.89 81.98 5.75
CA LYS C 316 -31.51 83.06 4.99
C LYS C 316 -33.02 82.93 5.03
N MET C 317 -33.70 84.05 4.83
CA MET C 317 -35.15 84.05 4.80
C MET C 317 -35.65 83.12 3.70
N GLY C 318 -36.69 82.35 4.01
CA GLY C 318 -37.22 81.37 3.09
C GLY C 318 -36.57 80.00 3.16
N TYR C 319 -35.49 79.87 3.94
CA TYR C 319 -34.81 78.59 4.13
C TYR C 319 -34.63 78.27 5.61
N ALA C 320 -35.52 78.79 6.46
CA ALA C 320 -35.33 78.64 7.90
C ALA C 320 -35.35 77.18 8.32
N ASN C 321 -36.30 76.40 7.80
CA ASN C 321 -36.45 75.00 8.18
C ASN C 321 -36.58 74.10 6.95
N THR C 322 -35.87 74.42 5.88
CA THR C 322 -35.93 73.62 4.67
C THR C 322 -35.04 72.39 4.81
N LEU C 323 -35.04 71.55 3.77
CA LEU C 323 -34.38 70.26 3.83
C LEU C 323 -32.88 70.33 3.62
N GLY C 324 -32.37 71.42 3.08
CA GLY C 324 -30.94 71.54 2.83
C GLY C 324 -30.56 71.08 1.44
N GLN C 325 -29.37 71.47 1.02
CA GLN C 325 -28.88 71.17 -0.32
C GLN C 325 -27.37 71.02 -0.29
N GLU C 326 -26.84 70.40 -1.34
CA GLU C 326 -25.39 70.22 -1.44
C GLU C 326 -24.67 71.56 -1.52
N LEU C 327 -25.20 72.49 -2.31
CA LEU C 327 -24.53 73.76 -2.55
C LEU C 327 -25.54 74.79 -3.01
N TYR C 328 -25.66 75.88 -2.26
CA TYR C 328 -26.51 77.00 -2.67
C TYR C 328 -25.69 78.01 -3.47
N VAL C 329 -26.30 78.54 -4.53
CA VAL C 329 -25.71 79.62 -5.31
C VAL C 329 -26.73 80.74 -5.41
N PHE C 330 -26.34 81.95 -5.03
CA PHE C 330 -27.20 83.12 -5.05
C PHE C 330 -26.60 84.19 -5.94
N GLU C 331 -27.47 84.92 -6.63
CA GLU C 331 -27.05 86.05 -7.47
C GLU C 331 -27.83 87.28 -7.04
N TYR C 332 -27.11 88.37 -6.80
CA TYR C 332 -27.71 89.64 -6.39
C TYR C 332 -27.17 90.75 -7.26
N GLU C 333 -28.01 91.76 -7.51
CA GLU C 333 -27.63 92.91 -8.33
C GLU C 333 -27.20 94.06 -7.43
N LYS C 334 -26.07 94.67 -7.77
CA LYS C 334 -25.59 95.82 -7.04
C LYS C 334 -26.52 97.02 -7.26
N ASP C 335 -26.60 97.89 -6.26
CA ASP C 335 -27.56 98.97 -6.28
C ASP C 335 -27.23 99.98 -7.38
N ARG C 336 -28.26 100.65 -7.86
CA ARG C 336 -28.14 101.67 -8.90
C ARG C 336 -27.40 101.12 -10.12
N ASP C 337 -27.72 99.88 -10.47
CA ASP C 337 -27.20 99.24 -11.68
C ASP C 337 -25.68 99.39 -11.77
N GLU C 338 -25.01 98.79 -10.78
CA GLU C 338 -23.56 98.90 -10.66
C GLU C 338 -22.83 97.61 -10.99
N GLY C 339 -23.47 96.46 -10.89
CA GLY C 339 -22.80 95.21 -11.18
C GLY C 339 -23.62 94.02 -10.70
N ILE C 340 -22.92 92.91 -10.46
CA ILE C 340 -23.53 91.67 -10.01
C ILE C 340 -22.75 91.15 -8.82
N ASP C 341 -23.43 90.36 -7.99
CA ASP C 341 -22.82 89.75 -6.81
C ASP C 341 -23.18 88.27 -6.77
N PHE C 342 -22.26 87.47 -6.23
CA PHE C 342 -22.43 86.04 -6.13
C PHE C 342 -22.14 85.59 -4.70
N GLU C 343 -22.80 84.50 -4.29
CA GLU C 343 -22.59 83.90 -2.99
C GLU C 343 -22.74 82.39 -3.10
N ALA C 344 -21.94 81.66 -2.33
CA ALA C 344 -22.00 80.21 -2.28
C ALA C 344 -22.05 79.78 -0.82
N HIS C 345 -22.94 78.84 -0.50
CA HIS C 345 -23.12 78.37 0.85
C HIS C 345 -23.11 76.85 0.88
N SER C 346 -22.65 76.31 2.00
CA SER C 346 -22.65 74.87 2.21
C SER C 346 -22.63 74.61 3.71
N TYR C 347 -23.32 73.54 4.12
CA TYR C 347 -23.46 73.22 5.53
C TYR C 347 -23.52 71.69 5.63
N MET C 348 -22.37 71.06 5.86
CA MET C 348 -22.24 69.63 5.71
C MET C 348 -21.35 69.05 6.79
N LEU C 349 -21.50 67.73 7.01
CA LEU C 349 -20.63 66.98 7.90
C LEU C 349 -20.63 65.50 7.51
N PRO C 350 -19.52 64.97 7.02
CA PRO C 350 -19.44 63.52 6.77
C PRO C 350 -19.09 62.75 8.04
N TYR C 351 -19.62 61.54 8.15
CA TYR C 351 -19.40 60.72 9.34
C TYR C 351 -19.60 59.26 9.00
N CYS C 352 -19.10 58.40 9.88
CA CYS C 352 -19.20 56.95 9.74
C CYS C 352 -19.91 56.39 10.96
N THR C 353 -20.88 55.49 10.73
CA THR C 353 -21.70 54.96 11.80
C THR C 353 -21.08 53.79 12.54
N ARG C 354 -20.05 53.15 11.98
CA ARG C 354 -19.35 52.05 12.63
C ARG C 354 -17.85 52.28 12.50
N PRO C 355 -17.31 53.21 13.29
CA PRO C 355 -15.89 53.59 13.11
C PRO C 355 -14.92 52.45 13.36
N GLN C 356 -15.33 51.39 14.06
CA GLN C 356 -14.39 50.32 14.37
C GLN C 356 -13.93 49.57 13.11
N LEU C 357 -14.60 49.78 11.98
CA LEU C 357 -14.21 49.13 10.74
C LEU C 357 -13.10 49.88 10.01
N LEU C 358 -12.69 51.04 10.50
CA LEU C 358 -11.61 51.81 9.89
C LEU C 358 -10.29 51.40 10.55
N VAL C 359 -9.37 50.87 9.76
CA VAL C 359 -8.11 50.34 10.25
C VAL C 359 -6.97 51.07 9.56
N ASP C 360 -5.99 51.49 10.34
CA ASP C 360 -4.80 52.15 9.82
C ASP C 360 -3.71 51.13 9.57
N VAL C 361 -3.07 51.23 8.40
CA VAL C 361 -2.02 50.31 7.98
C VAL C 361 -0.71 51.07 7.94
N ARG C 362 0.31 50.53 8.61
CA ARG C 362 1.61 51.17 8.74
C ARG C 362 2.70 50.22 8.32
N ALA C 363 3.68 50.72 7.57
CA ALA C 363 4.88 49.94 7.27
C ALA C 363 5.90 50.00 8.39
N ASP C 364 5.64 50.83 9.41
CA ASP C 364 6.59 50.99 10.50
C ASP C 364 6.84 49.67 11.20
N ALA C 365 8.09 49.44 11.59
CA ALA C 365 8.48 48.25 12.34
C ALA C 365 8.10 48.46 13.81
N LYS C 366 6.89 48.05 14.15
CA LYS C 366 6.37 48.23 15.49
C LYS C 366 5.39 47.11 15.82
N ALA C 367 5.15 46.91 17.11
CA ALA C 367 4.21 45.91 17.58
C ALA C 367 3.07 46.48 18.39
N MET D 1 42.23 48.80 -68.02
CA MET D 1 42.87 49.75 -68.98
C MET D 1 44.30 50.05 -68.55
N LEU D 2 45.18 50.22 -69.53
CA LEU D 2 46.60 50.40 -69.25
C LEU D 2 46.93 51.87 -69.03
N THR D 3 47.93 52.11 -68.18
CA THR D 3 48.41 53.45 -67.90
C THR D 3 49.91 53.39 -67.66
N ASN D 4 50.54 54.56 -67.65
CA ASN D 4 51.98 54.63 -67.48
C ASN D 4 52.39 54.07 -66.12
N SER D 5 53.57 53.46 -66.07
CA SER D 5 54.08 52.90 -64.83
C SER D 5 54.27 54.00 -63.79
N GLU D 6 54.55 53.57 -62.56
CA GLU D 6 54.65 54.52 -61.45
C GLU D 6 55.85 55.46 -61.61
N LYS D 7 56.96 54.96 -62.15
CA LYS D 7 58.20 55.73 -62.20
C LYS D 7 58.76 55.92 -63.60
N SER D 8 58.03 55.52 -64.65
CA SER D 8 58.49 55.71 -66.01
C SER D 8 57.30 55.80 -66.94
N ARG D 9 57.38 56.69 -67.92
CA ARG D 9 56.30 56.90 -68.87
C ARG D 9 56.48 56.08 -70.14
N PHE D 10 57.52 55.24 -70.23
CA PHE D 10 57.72 54.36 -71.37
C PHE D 10 57.26 52.93 -71.10
N PHE D 11 56.70 52.66 -69.92
CA PHE D 11 56.20 51.35 -69.56
C PHE D 11 54.74 51.47 -69.15
N LEU D 12 54.05 50.33 -69.12
CA LEU D 12 52.61 50.30 -68.89
C LEU D 12 52.28 49.46 -67.67
N ALA D 13 51.19 49.83 -67.01
CA ALA D 13 50.64 49.07 -65.89
C ALA D 13 49.13 49.07 -65.99
N ASP D 14 48.50 48.13 -65.30
CA ASP D 14 47.06 47.91 -65.39
C ASP D 14 46.35 48.64 -64.27
N LEU D 15 45.29 49.37 -64.62
CA LEU D 15 44.51 50.15 -63.66
C LEU D 15 43.23 49.38 -63.33
N THR D 16 43.00 49.14 -62.04
CA THR D 16 41.89 48.30 -61.61
C THR D 16 40.58 49.09 -61.49
N GLY D 17 40.55 50.12 -60.64
CA GLY D 17 39.32 50.86 -60.45
C GLY D 17 39.47 51.87 -59.34
N GLU D 18 38.33 52.24 -58.75
CA GLU D 18 38.27 53.30 -57.76
C GLU D 18 37.52 52.80 -56.53
N VAL D 19 37.89 53.36 -55.37
CA VAL D 19 37.20 53.11 -54.10
C VAL D 19 36.82 54.46 -53.51
N GLN D 20 35.55 54.62 -53.15
CA GLN D 20 35.01 55.89 -52.70
C GLN D 20 34.63 55.84 -51.23
N SER D 21 34.84 56.96 -50.55
CA SER D 21 34.45 57.14 -49.16
C SER D 21 33.37 58.20 -49.08
N ILE D 22 32.31 57.92 -48.32
CA ILE D 22 31.18 58.83 -48.19
C ILE D 22 30.88 58.99 -46.69
N PRO D 23 30.65 60.21 -46.21
CA PRO D 23 30.42 60.39 -44.77
C PRO D 23 29.06 59.88 -44.34
N ASN D 24 28.95 59.64 -43.03
CA ASN D 24 27.71 59.19 -42.43
C ASN D 24 26.74 60.35 -42.26
N THR D 25 25.43 60.05 -42.29
CA THR D 25 24.38 61.05 -42.16
C THR D 25 23.24 60.47 -41.32
N TYR D 26 23.26 60.78 -40.02
CA TYR D 26 22.19 60.34 -39.14
C TYR D 26 20.95 61.21 -39.34
N GLY D 27 19.79 60.57 -39.36
CA GLY D 27 18.55 61.28 -39.61
C GLY D 27 17.36 60.78 -38.80
N TYR D 28 17.63 60.22 -37.61
CA TYR D 28 16.58 59.59 -36.82
C TYR D 28 15.46 60.55 -36.48
N ILE D 29 15.77 61.63 -35.76
CA ILE D 29 14.72 62.50 -35.22
C ILE D 29 13.95 63.16 -36.36
N SER D 30 14.66 63.63 -37.38
CA SER D 30 14.00 64.33 -38.48
C SER D 30 12.89 63.48 -39.09
N ASN D 31 13.10 62.16 -39.13
CA ASN D 31 12.09 61.24 -39.64
C ASN D 31 11.07 60.84 -38.59
N LEU D 32 11.31 61.17 -37.32
CA LEU D 32 10.38 60.77 -36.26
C LEU D 32 9.04 61.49 -36.39
N GLY D 33 9.03 62.66 -37.03
CA GLY D 33 7.79 63.37 -37.27
C GLY D 33 7.20 64.06 -36.06
N LEU D 34 8.02 64.38 -35.05
CA LEU D 34 7.51 65.09 -33.89
C LEU D 34 7.11 66.51 -34.23
N PHE D 35 7.94 67.20 -35.01
CA PHE D 35 7.73 68.63 -35.27
C PHE D 35 6.74 68.84 -36.41
N ARG D 36 6.07 69.99 -36.39
CA ARG D 36 5.13 70.39 -37.43
C ARG D 36 5.58 71.70 -38.03
N SER D 37 5.47 71.81 -39.35
CA SER D 37 5.83 73.06 -40.03
C SER D 37 4.74 74.10 -39.83
N ALA D 38 5.14 75.31 -39.43
CA ALA D 38 4.23 76.42 -39.20
C ALA D 38 4.77 77.66 -39.89
N PRO D 39 4.73 77.71 -41.21
CA PRO D 39 5.29 78.85 -41.93
C PRO D 39 4.60 80.14 -41.54
N ILE D 40 5.37 81.22 -41.45
CA ILE D 40 4.87 82.54 -41.10
C ILE D 40 5.42 83.55 -42.09
N THR D 41 4.76 84.71 -42.15
CA THR D 41 5.07 85.75 -43.10
C THR D 41 5.84 86.92 -42.48
N GLN D 42 6.37 86.75 -41.28
CA GLN D 42 7.06 87.83 -40.58
C GLN D 42 8.33 87.30 -39.95
N THR D 43 9.19 88.23 -39.52
CA THR D 43 10.48 87.87 -38.96
C THR D 43 10.38 87.46 -37.50
N THR D 44 9.27 87.73 -36.84
CA THR D 44 9.09 87.36 -35.44
C THR D 44 7.63 87.07 -35.18
N PHE D 45 7.37 86.32 -34.11
CA PHE D 45 6.02 85.97 -33.71
C PHE D 45 5.88 86.10 -32.20
N LEU D 46 4.66 86.35 -31.75
CA LEU D 46 4.34 86.55 -30.34
C LEU D 46 3.48 85.39 -29.84
N MET D 47 3.20 85.42 -28.54
CA MET D 47 2.41 84.36 -27.92
C MET D 47 2.00 84.81 -26.52
N ASP D 48 0.83 84.34 -26.10
CA ASP D 48 0.25 84.70 -24.81
C ASP D 48 0.29 83.52 -23.85
N LEU D 49 0.34 83.83 -22.56
CA LEU D 49 0.37 82.84 -21.51
C LEU D 49 -0.69 83.17 -20.46
N THR D 50 -1.20 82.13 -19.81
CA THR D 50 -2.25 82.30 -18.81
C THR D 50 -2.16 81.17 -17.80
N ASP D 51 -2.66 81.43 -16.60
CA ASP D 51 -2.64 80.43 -15.54
C ASP D 51 -3.41 80.95 -14.33
N TRP D 52 -3.89 80.01 -13.54
CA TRP D 52 -4.60 80.32 -12.29
C TRP D 52 -4.50 79.11 -11.37
N ASP D 53 -4.69 79.36 -10.08
CA ASP D 53 -4.52 78.35 -9.05
C ASP D 53 -5.71 78.36 -8.11
N VAL D 54 -5.93 77.22 -7.45
CA VAL D 54 -7.04 77.04 -6.52
C VAL D 54 -6.47 76.55 -5.19
N SER D 55 -6.99 77.11 -4.10
CA SER D 55 -6.62 76.69 -2.75
C SER D 55 -7.88 76.21 -2.04
N LEU D 56 -7.77 75.09 -1.34
CA LEU D 56 -8.95 74.49 -0.71
C LEU D 56 -9.58 75.45 0.29
N LEU D 57 -10.90 75.41 0.36
CA LEU D 57 -11.65 76.38 1.13
C LEU D 57 -11.43 76.18 2.63
N ASP D 58 -11.81 77.19 3.41
CA ASP D 58 -11.62 77.21 4.85
C ASP D 58 -12.95 77.47 5.54
N ALA D 59 -13.18 76.77 6.65
CA ALA D 59 -14.45 76.84 7.35
C ALA D 59 -14.57 78.13 8.14
N VAL D 60 -15.80 78.61 8.29
CA VAL D 60 -16.10 79.83 9.04
C VAL D 60 -17.34 79.59 9.90
N ASP D 61 -17.58 80.52 10.81
CA ASP D 61 -18.73 80.42 11.70
C ASP D 61 -20.02 80.74 10.95
N ARG D 62 -21.09 80.06 11.34
CA ARG D 62 -22.34 80.17 10.60
C ARG D 62 -23.04 81.50 10.84
N ASP D 63 -22.94 82.03 12.06
CA ASP D 63 -23.64 83.27 12.40
C ASP D 63 -22.77 84.50 12.23
N SER D 64 -21.45 84.36 12.19
CA SER D 64 -20.57 85.53 12.03
C SER D 64 -20.70 86.17 10.67
N ARG D 65 -21.13 85.43 9.65
CA ARG D 65 -21.41 85.94 8.31
C ARG D 65 -20.15 86.28 7.52
N LYS D 66 -19.01 85.68 7.85
CA LYS D 66 -17.78 85.96 7.12
C LYS D 66 -17.71 85.09 5.87
N ALA D 67 -16.74 85.41 5.00
CA ALA D 67 -16.60 84.70 3.74
C ALA D 67 -15.19 84.90 3.20
N GLU D 68 -14.86 84.09 2.20
CA GLU D 68 -13.56 84.14 1.54
C GLU D 68 -13.68 84.69 0.12
N THR D 69 -12.55 84.77 -0.57
CA THR D 69 -12.51 85.29 -1.93
C THR D 69 -11.30 84.70 -2.65
N SER D 70 -11.38 84.66 -3.97
CA SER D 70 -10.34 84.06 -4.81
C SER D 70 -9.62 85.15 -5.59
N ALA D 71 -8.31 84.97 -5.75
CA ALA D 71 -7.50 85.94 -6.48
C ALA D 71 -7.76 85.84 -7.98
N PRO D 72 -7.43 86.88 -8.74
CA PRO D 72 -7.65 86.83 -10.19
C PRO D 72 -6.52 86.13 -10.92
N GLU D 73 -6.76 85.88 -12.21
CA GLU D 73 -5.78 85.19 -13.03
C GLU D 73 -4.65 86.13 -13.43
N ARG D 74 -3.67 85.59 -14.16
CA ARG D 74 -2.52 86.34 -14.63
C ARG D 74 -2.31 86.08 -16.11
N VAL D 75 -1.85 87.11 -16.83
CA VAL D 75 -1.64 87.04 -18.27
C VAL D 75 -0.38 87.81 -18.61
N ARG D 76 0.36 87.32 -19.60
CA ARG D 76 1.57 87.98 -20.08
C ARG D 76 1.81 87.58 -21.53
N GLN D 77 2.90 88.08 -22.09
CA GLN D 77 3.20 87.89 -23.51
C GLN D 77 4.70 87.76 -23.71
N ILE D 78 5.09 87.14 -24.83
CA ILE D 78 6.49 86.88 -25.14
C ILE D 78 6.70 86.99 -26.64
N SER D 79 7.96 86.87 -27.05
CA SER D 79 8.35 87.02 -28.46
C SER D 79 9.50 86.08 -28.76
N PHE D 80 9.71 85.83 -30.06
CA PHE D 80 10.75 84.90 -30.50
C PHE D 80 11.48 85.40 -31.74
N PRO D 81 12.81 85.44 -31.74
CA PRO D 81 13.56 85.62 -32.98
C PRO D 81 13.91 84.28 -33.61
N MET D 82 14.32 84.33 -34.88
CA MET D 82 14.58 83.14 -35.66
C MET D 82 15.99 83.15 -36.21
N MET D 83 16.46 81.97 -36.62
CA MET D 83 17.82 81.76 -37.09
C MET D 83 17.83 81.77 -38.62
N TYR D 84 18.88 82.33 -39.20
CA TYR D 84 19.02 82.47 -40.64
C TYR D 84 20.35 81.88 -41.10
N PHE D 85 20.29 81.01 -42.12
CA PHE D 85 21.46 80.32 -42.65
C PHE D 85 21.61 80.63 -44.13
N LYS D 86 22.86 80.67 -44.60
CA LYS D 86 23.16 80.94 -46.00
C LYS D 86 24.39 80.17 -46.42
N GLU D 87 24.46 79.85 -47.71
CA GLU D 87 25.59 79.11 -48.28
C GLU D 87 25.76 79.52 -49.74
N VAL D 88 27.00 79.55 -50.20
CA VAL D 88 27.33 80.00 -51.55
C VAL D 88 28.29 79.02 -52.20
N GLU D 89 28.29 79.01 -53.53
CA GLU D 89 29.15 78.11 -54.30
C GLU D 89 29.27 78.65 -55.71
N SER D 90 30.29 78.18 -56.43
CA SER D 90 30.52 78.65 -57.79
C SER D 90 31.24 77.57 -58.58
N ILE D 91 31.13 77.67 -59.91
CA ILE D 91 31.77 76.75 -60.84
C ILE D 91 32.45 77.58 -61.92
N THR D 92 33.69 77.23 -62.23
CA THR D 92 34.49 77.94 -63.23
C THR D 92 35.16 76.92 -64.14
N PRO D 93 35.51 77.31 -65.37
CA PRO D 93 36.14 76.35 -66.28
C PRO D 93 37.48 75.84 -65.81
N ASP D 94 38.17 76.56 -64.92
CA ASP D 94 39.53 76.18 -64.54
C ASP D 94 39.60 74.80 -63.92
N GLU D 95 38.49 74.29 -63.39
CA GLU D 95 38.46 72.98 -62.75
C GLU D 95 37.97 71.89 -63.67
N ILE D 96 37.72 72.19 -64.95
CA ILE D 96 37.30 71.21 -65.93
C ILE D 96 38.37 70.96 -66.98
N GLN D 97 39.12 71.99 -67.35
CA GLN D 97 40.11 71.90 -68.41
C GLN D 97 41.17 70.86 -68.07
N GLY D 98 41.22 69.76 -68.83
CA GLY D 98 42.29 68.80 -68.70
C GLY D 98 42.36 68.12 -67.34
N VAL D 99 41.23 67.67 -66.82
CA VAL D 99 41.18 66.98 -65.53
C VAL D 99 40.73 65.55 -65.79
N ARG D 100 41.56 64.59 -65.38
CA ARG D 100 41.24 63.19 -65.61
C ARG D 100 40.13 62.71 -64.68
N GLN D 101 39.27 61.86 -65.21
CA GLN D 101 38.25 61.24 -64.38
C GLN D 101 38.91 60.20 -63.46
N PRO D 102 38.67 60.24 -62.15
CA PRO D 102 39.43 59.36 -61.25
C PRO D 102 39.31 57.89 -61.58
N GLY D 103 38.14 57.43 -62.04
CA GLY D 103 37.93 56.01 -62.24
C GLY D 103 38.46 55.45 -63.54
N THR D 104 38.99 56.28 -64.43
CA THR D 104 39.42 55.86 -65.76
C THR D 104 40.87 56.27 -65.97
N ALA D 105 41.33 56.11 -67.21
CA ALA D 105 42.72 56.39 -67.58
C ALA D 105 42.88 57.64 -68.43
N ASN D 106 42.06 57.82 -69.46
CA ASN D 106 42.19 58.95 -70.36
C ASN D 106 40.84 59.56 -70.70
N GLU D 107 39.98 59.71 -69.70
CA GLU D 107 38.69 60.37 -69.88
C GLU D 107 38.66 61.66 -69.06
N LEU D 108 38.32 62.76 -69.71
CA LEU D 108 38.22 64.04 -69.02
C LEU D 108 36.87 64.18 -68.33
N THR D 109 36.84 64.95 -67.25
CA THR D 109 35.62 65.19 -66.52
C THR D 109 34.69 66.09 -67.33
N THR D 110 33.52 66.39 -66.76
CA THR D 110 32.53 67.22 -67.42
C THR D 110 31.89 68.16 -66.40
N GLU D 111 31.10 69.10 -66.90
CA GLU D 111 30.49 70.10 -66.03
C GLU D 111 29.30 69.53 -65.25
N ALA D 112 28.54 68.63 -65.88
CA ALA D 112 27.34 68.11 -65.26
C ALA D 112 27.64 67.40 -63.95
N VAL D 113 28.70 66.57 -63.94
CA VAL D 113 29.02 65.81 -62.74
C VAL D 113 29.41 66.75 -61.61
N VAL D 114 30.19 67.78 -61.91
CA VAL D 114 30.60 68.74 -60.89
C VAL D 114 29.39 69.46 -60.33
N ARG D 115 28.49 69.90 -61.21
CA ARG D 115 27.27 70.57 -60.77
C ARG D 115 26.48 69.68 -59.83
N ALA D 116 26.27 68.42 -60.23
CA ALA D 116 25.47 67.51 -59.41
C ALA D 116 26.12 67.27 -58.06
N LYS D 117 27.45 67.08 -58.05
CA LYS D 117 28.15 66.84 -56.79
C LYS D 117 27.99 68.03 -55.84
N LYS D 118 28.18 69.24 -56.36
CA LYS D 118 28.07 70.41 -55.50
C LYS D 118 26.66 70.58 -54.94
N LEU D 119 25.64 70.36 -55.79
CA LEU D 119 24.27 70.46 -55.32
C LEU D 119 23.98 69.44 -54.21
N MET D 120 24.42 68.19 -54.42
CA MET D 120 24.14 67.17 -53.43
C MET D 120 24.82 67.51 -52.11
N LYS D 121 26.07 68.00 -52.17
CA LYS D 121 26.76 68.35 -50.94
C LYS D 121 26.03 69.47 -50.21
N ILE D 122 25.55 70.48 -50.94
CA ILE D 122 24.82 71.58 -50.29
C ILE D 122 23.60 71.04 -49.56
N ARG D 123 22.81 70.21 -50.26
CA ARG D 123 21.59 69.71 -49.63
C ARG D 123 21.89 68.85 -48.42
N THR D 124 22.95 68.03 -48.51
CA THR D 124 23.35 67.23 -47.36
C THR D 124 23.71 68.09 -46.17
N LYS D 125 24.47 69.17 -46.40
CA LYS D 125 24.82 70.07 -45.30
C LYS D 125 23.58 70.65 -44.65
N PHE D 126 22.62 71.09 -45.45
CA PHE D 126 21.42 71.68 -44.87
C PHE D 126 20.64 70.65 -44.05
N ASP D 127 20.54 69.41 -44.55
CA ASP D 127 19.84 68.38 -43.78
C ASP D 127 20.54 68.12 -42.45
N ILE D 128 21.87 68.05 -42.47
CA ILE D 128 22.62 67.81 -41.24
C ILE D 128 22.34 68.91 -40.23
N THR D 129 22.40 70.17 -40.68
CA THR D 129 22.14 71.28 -39.76
C THR D 129 20.72 71.21 -39.20
N ARG D 130 19.75 70.86 -40.04
CA ARG D 130 18.38 70.73 -39.56
C ARG D 130 18.28 69.69 -38.45
N GLU D 131 18.92 68.54 -38.65
CA GLU D 131 18.87 67.50 -37.63
C GLU D 131 19.50 67.98 -36.33
N PHE D 132 20.66 68.65 -36.42
CA PHE D 132 21.31 69.13 -35.20
C PHE D 132 20.42 70.13 -34.47
N LEU D 133 19.78 71.02 -35.20
CA LEU D 133 18.91 72.01 -34.56
C LEU D 133 17.71 71.35 -33.89
N PHE D 134 17.13 70.33 -34.54
CA PHE D 134 16.02 69.62 -33.92
C PHE D 134 16.45 68.97 -32.61
N MET D 135 17.63 68.34 -32.60
CA MET D 135 18.12 67.74 -31.37
C MET D 135 18.31 68.80 -30.28
N GLN D 136 18.92 69.93 -30.64
CA GLN D 136 19.12 70.98 -29.66
C GLN D 136 17.80 71.49 -29.11
N ALA D 137 16.80 71.65 -29.96
CA ALA D 137 15.49 72.07 -29.49
C ALA D 137 14.90 71.06 -28.51
N LEU D 138 15.03 69.77 -28.81
CA LEU D 138 14.53 68.76 -27.89
C LEU D 138 15.27 68.80 -26.57
N LYS D 139 16.55 69.16 -26.57
CA LYS D 139 17.28 69.26 -25.31
C LYS D 139 16.68 70.32 -24.40
N GLY D 140 16.34 71.48 -24.96
CA GLY D 140 15.76 72.57 -24.20
C GLY D 140 16.43 73.92 -24.37
N LYS D 141 17.43 74.02 -25.25
CA LYS D 141 18.11 75.28 -25.51
C LYS D 141 18.55 75.30 -26.96
N VAL D 142 18.09 76.29 -27.71
CA VAL D 142 18.39 76.41 -29.13
C VAL D 142 19.66 77.25 -29.27
N VAL D 143 20.77 76.60 -29.60
CA VAL D 143 22.05 77.26 -29.79
C VAL D 143 22.68 76.74 -31.07
N ASP D 144 23.28 77.64 -31.85
CA ASP D 144 23.94 77.24 -33.08
C ASP D 144 25.26 76.54 -32.77
N ALA D 145 25.98 76.16 -33.82
CA ALA D 145 27.26 75.48 -33.64
C ALA D 145 28.28 76.34 -32.92
N ARG D 146 28.36 77.63 -33.25
CA ARG D 146 29.32 78.51 -32.61
C ARG D 146 29.03 78.69 -31.12
N GLY D 147 27.82 78.37 -30.67
CA GLY D 147 27.45 78.52 -29.29
C GLY D 147 26.57 79.73 -29.00
N THR D 148 26.19 80.49 -30.01
CA THR D 148 25.28 81.62 -29.80
C THR D 148 23.94 81.11 -29.30
N LEU D 149 23.33 81.88 -28.39
CA LEU D 149 22.07 81.50 -27.76
C LEU D 149 20.93 82.29 -28.39
N TYR D 150 19.92 81.57 -28.87
CA TYR D 150 18.77 82.19 -29.53
C TYR D 150 17.46 81.99 -28.80
N ALA D 151 17.35 80.96 -27.96
CA ALA D 151 16.11 80.70 -27.24
C ALA D 151 16.40 79.85 -26.02
N ASP D 152 16.21 80.43 -24.83
CA ASP D 152 16.32 79.70 -23.57
C ASP D 152 14.89 79.51 -23.06
N LEU D 153 14.30 78.37 -23.42
CA LEU D 153 12.87 78.17 -23.17
C LEU D 153 12.56 78.22 -21.68
N TYR D 154 13.47 77.73 -20.84
CA TYR D 154 13.19 77.68 -19.42
C TYR D 154 13.04 79.08 -18.83
N LYS D 155 13.91 80.01 -19.22
CA LYS D 155 13.75 81.38 -18.79
C LYS D 155 12.56 82.04 -19.48
N GLN D 156 12.29 81.66 -20.72
CA GLN D 156 11.17 82.25 -21.45
C GLN D 156 9.85 81.96 -20.74
N PHE D 157 9.61 80.70 -20.40
CA PHE D 157 8.36 80.29 -19.77
C PHE D 157 8.43 80.30 -18.24
N ASP D 158 9.58 80.56 -17.65
CA ASP D 158 9.75 80.59 -16.20
C ASP D 158 9.41 79.23 -15.59
N VAL D 159 10.18 78.23 -16.00
CA VAL D 159 10.09 76.89 -15.44
C VAL D 159 11.50 76.37 -15.20
N GLU D 160 11.60 75.30 -14.42
CA GLU D 160 12.88 74.72 -14.05
C GLU D 160 12.96 73.29 -14.58
N LYS D 161 14.13 72.92 -15.07
CA LYS D 161 14.34 71.59 -15.59
C LYS D 161 14.52 70.58 -14.46
N LYS D 162 14.25 69.31 -14.77
CA LYS D 162 14.37 68.24 -13.82
C LYS D 162 15.31 67.16 -14.35
N THR D 163 16.03 66.52 -13.44
CA THR D 163 16.94 65.43 -13.77
C THR D 163 16.60 64.23 -12.90
N VAL D 164 16.79 63.04 -13.47
CA VAL D 164 16.52 61.78 -12.79
C VAL D 164 17.81 60.97 -12.76
N TYR D 165 18.20 60.51 -11.58
CA TYR D 165 19.41 59.74 -11.39
C TYR D 165 19.05 58.28 -11.19
N PHE D 166 19.73 57.40 -11.94
CA PHE D 166 19.47 55.97 -11.87
C PHE D 166 20.50 55.20 -11.06
N ASP D 167 21.75 55.68 -11.02
CA ASP D 167 22.81 55.03 -10.24
C ASP D 167 22.91 53.55 -10.61
N LEU D 168 23.02 53.29 -11.91
CA LEU D 168 23.02 51.91 -12.39
C LEU D 168 24.27 51.14 -11.98
N ASP D 169 25.30 51.81 -11.48
CA ASP D 169 26.50 51.13 -11.03
C ASP D 169 26.35 50.45 -9.68
N ASN D 170 25.34 50.85 -8.89
CA ASN D 170 25.18 50.33 -7.54
C ASN D 170 24.24 49.14 -7.56
N PRO D 171 24.65 47.96 -7.08
CA PRO D 171 23.73 46.82 -7.09
C PRO D 171 22.47 47.02 -6.27
N ASN D 172 22.46 47.97 -5.34
CA ASN D 172 21.33 48.23 -4.48
C ASN D 172 20.42 49.33 -5.01
N ALA D 173 20.57 49.70 -6.28
CA ALA D 173 19.76 50.77 -6.85
C ALA D 173 18.29 50.33 -6.96
N ASP D 174 17.39 51.32 -6.90
CA ASP D 174 15.96 51.08 -7.07
C ASP D 174 15.53 51.75 -8.38
N ILE D 175 15.64 50.98 -9.47
CA ILE D 175 15.34 51.53 -10.79
C ILE D 175 13.85 51.84 -10.92
N ASP D 176 13.00 50.96 -10.40
CA ASP D 176 11.56 51.19 -10.49
C ASP D 176 11.17 52.50 -9.83
N ALA D 177 11.85 52.86 -8.74
CA ALA D 177 11.56 54.14 -8.09
C ALA D 177 11.83 55.30 -9.04
N SER D 178 12.97 55.27 -9.75
CA SER D 178 13.29 56.35 -10.67
C SER D 178 12.30 56.39 -11.83
N ILE D 179 11.91 55.22 -12.35
CA ILE D 179 10.95 55.20 -13.45
C ILE D 179 9.62 55.79 -13.01
N GLU D 180 9.16 55.41 -11.81
CA GLU D 180 7.92 55.97 -11.29
C GLU D 180 8.05 57.47 -11.07
N GLU D 181 9.22 57.93 -10.61
CA GLU D 181 9.44 59.36 -10.45
C GLU D 181 9.28 60.08 -11.78
N LEU D 182 9.89 59.54 -12.84
CA LEU D 182 9.77 60.14 -14.16
C LEU D 182 8.31 60.19 -14.62
N ARG D 183 7.59 59.07 -14.46
CA ARG D 183 6.20 59.04 -14.88
C ARG D 183 5.37 60.05 -14.10
N MET D 184 5.59 60.14 -12.79
CA MET D 184 4.82 61.07 -11.97
C MET D 184 5.10 62.50 -12.36
N HIS D 185 6.38 62.83 -12.62
CA HIS D 185 6.70 64.18 -13.07
C HIS D 185 5.97 64.50 -14.36
N MET D 186 6.02 63.59 -15.34
CA MET D 186 5.35 63.83 -16.61
C MET D 186 3.85 64.02 -16.41
N GLU D 187 3.24 63.21 -15.54
CA GLU D 187 1.80 63.27 -15.35
C GLU D 187 1.38 64.52 -14.58
N ASP D 188 2.22 65.02 -13.68
CA ASP D 188 1.82 66.11 -12.80
C ASP D 188 2.20 67.49 -13.31
N GLU D 189 3.26 67.61 -14.11
CA GLU D 189 3.71 68.93 -14.55
C GLU D 189 3.12 69.36 -15.89
N ALA D 190 2.19 68.58 -16.45
CA ALA D 190 1.57 68.98 -17.71
C ALA D 190 0.78 70.27 -17.54
N LYS D 191 -0.02 70.36 -16.47
CA LYS D 191 -0.85 71.53 -16.20
C LYS D 191 -1.72 71.86 -17.42
N THR D 192 -2.61 70.92 -17.75
CA THR D 192 -3.50 71.08 -18.89
C THR D 192 -4.95 70.74 -18.57
N GLY D 193 -5.25 70.31 -17.35
CA GLY D 193 -6.63 70.04 -16.96
C GLY D 193 -7.28 68.88 -17.69
N THR D 194 -6.52 67.82 -17.96
CA THR D 194 -7.08 66.63 -18.58
C THR D 194 -6.32 65.41 -18.08
N VAL D 195 -6.97 64.24 -18.16
CA VAL D 195 -6.31 63.01 -17.79
C VAL D 195 -5.13 62.78 -18.74
N ILE D 196 -4.04 62.25 -18.18
CA ILE D 196 -2.80 62.08 -18.94
C ILE D 196 -2.23 60.70 -18.62
N ASN D 197 -1.72 60.04 -19.65
CA ASN D 197 -1.05 58.75 -19.50
C ASN D 197 0.46 58.98 -19.55
N GLY D 198 1.13 58.72 -18.43
CA GLY D 198 2.55 59.00 -18.32
C GLY D 198 3.46 58.01 -18.99
N GLU D 199 2.93 56.89 -19.49
CA GLU D 199 3.75 55.90 -20.15
C GLU D 199 3.97 56.16 -21.63
N GLU D 200 3.34 57.20 -22.19
CA GLU D 200 3.52 57.54 -23.60
C GLU D 200 4.61 58.60 -23.71
N ILE D 201 5.85 58.13 -23.61
CA ILE D 201 7.02 59.01 -23.68
C ILE D 201 8.14 58.29 -24.41
N HIS D 202 8.98 59.07 -25.08
CA HIS D 202 10.20 58.57 -25.70
C HIS D 202 11.35 58.66 -24.71
N VAL D 203 12.36 57.81 -24.93
CA VAL D 203 13.57 57.81 -24.13
C VAL D 203 14.74 57.49 -25.07
N VAL D 204 15.57 58.49 -25.35
CA VAL D 204 16.76 58.31 -26.17
C VAL D 204 17.95 58.16 -25.22
N VAL D 205 18.73 57.10 -25.42
CA VAL D 205 19.70 56.65 -24.43
C VAL D 205 21.08 56.60 -25.07
N ASP D 206 22.09 57.00 -24.30
CA ASP D 206 23.47 56.92 -24.74
C ASP D 206 23.99 55.48 -24.64
N ARG D 207 25.06 55.21 -25.38
CA ARG D 207 25.59 53.85 -25.43
C ARG D 207 26.01 53.36 -24.05
N VAL D 208 26.75 54.19 -23.31
CA VAL D 208 27.21 53.78 -21.99
C VAL D 208 26.02 53.54 -21.07
N PHE D 209 25.03 54.42 -21.13
CA PHE D 209 23.84 54.27 -20.30
C PHE D 209 23.13 52.95 -20.61
N PHE D 210 22.97 52.63 -21.89
CA PHE D 210 22.32 51.39 -22.28
C PHE D 210 23.10 50.18 -21.78
N SER D 211 24.42 50.20 -21.97
CA SER D 211 25.23 49.07 -21.53
C SER D 211 25.13 48.87 -20.02
N LYS D 212 25.21 49.96 -19.25
CA LYS D 212 25.08 49.84 -17.81
C LYS D 212 23.70 49.33 -17.42
N LEU D 213 22.66 49.84 -18.07
CA LEU D 213 21.29 49.45 -17.73
C LEU D 213 21.08 47.96 -17.94
N VAL D 214 21.56 47.42 -19.07
CA VAL D 214 21.26 46.03 -19.38
C VAL D 214 21.89 45.09 -18.37
N LYS D 215 23.07 45.42 -17.85
CA LYS D 215 23.80 44.48 -16.99
C LYS D 215 23.24 44.40 -15.58
N HIS D 216 22.38 45.33 -15.18
CA HIS D 216 22.03 45.43 -13.77
C HIS D 216 21.44 44.11 -13.27
N PRO D 217 21.79 43.68 -12.05
CA PRO D 217 21.29 42.38 -11.57
C PRO D 217 19.77 42.28 -11.56
N LYS D 218 19.07 43.34 -11.17
CA LYS D 218 17.62 43.26 -11.07
C LYS D 218 16.99 43.12 -12.45
N ILE D 219 17.42 43.93 -13.40
CA ILE D 219 16.85 43.87 -14.75
C ILE D 219 17.09 42.49 -15.35
N ARG D 220 18.31 41.98 -15.22
CA ARG D 220 18.63 40.67 -15.77
C ARG D 220 17.82 39.57 -15.09
N ASP D 221 17.75 39.61 -13.76
CA ASP D 221 17.08 38.55 -13.02
C ASP D 221 15.59 38.52 -13.31
N ALA D 222 14.97 39.71 -13.46
CA ALA D 222 13.54 39.74 -13.71
C ALA D 222 13.17 38.95 -14.95
N TYR D 223 13.96 39.08 -16.01
CA TYR D 223 13.68 38.40 -17.28
C TYR D 223 14.29 37.00 -17.35
N LEU D 224 15.30 36.70 -16.53
CA LEU D 224 15.97 35.41 -16.67
C LEU D 224 15.03 34.25 -16.40
N ALA D 225 14.17 34.37 -15.40
CA ALA D 225 13.30 33.28 -14.97
C ALA D 225 11.95 33.27 -15.67
N GLN D 226 11.73 34.16 -16.63
CA GLN D 226 10.42 34.28 -17.28
C GLN D 226 10.40 33.49 -18.58
N GLN D 227 9.37 32.65 -18.74
CA GLN D 227 9.22 31.83 -19.93
C GLN D 227 8.28 32.53 -20.89
N THR D 228 8.85 33.35 -21.78
CA THR D 228 8.06 34.10 -22.75
C THR D 228 8.97 34.41 -23.93
N PRO D 229 8.44 34.45 -25.16
CA PRO D 229 9.30 34.78 -26.30
C PRO D 229 10.05 36.09 -26.13
N LEU D 230 9.43 37.09 -25.52
CA LEU D 230 10.12 38.35 -25.27
C LEU D 230 11.32 38.13 -24.35
N ALA D 231 11.14 37.35 -23.29
CA ALA D 231 12.26 37.12 -22.36
C ALA D 231 13.40 36.38 -23.03
N TRP D 232 13.07 35.37 -23.85
CA TRP D 232 14.11 34.65 -24.56
C TRP D 232 14.89 35.57 -25.49
N GLN D 233 14.17 36.42 -26.23
CA GLN D 233 14.84 37.29 -27.20
C GLN D 233 15.71 38.33 -26.51
N GLN D 234 15.22 38.93 -25.43
CA GLN D 234 15.94 40.03 -24.80
C GLN D 234 17.16 39.55 -24.03
N ILE D 235 17.14 38.32 -23.55
CA ILE D 235 18.25 37.80 -22.75
C ILE D 235 19.27 37.07 -23.61
N THR D 236 18.80 36.18 -24.48
CA THR D 236 19.68 35.40 -25.34
C THR D 236 19.71 35.86 -26.79
N GLY D 237 18.67 36.56 -27.24
CA GLY D 237 18.59 37.01 -28.62
C GLY D 237 19.25 38.37 -28.82
N SER D 238 19.01 38.93 -29.99
CA SER D 238 19.58 40.21 -30.38
C SER D 238 18.60 41.35 -30.09
N LEU D 239 19.12 42.42 -29.50
CA LEU D 239 18.30 43.58 -29.15
C LEU D 239 18.12 44.55 -30.31
N ARG D 240 18.70 44.29 -31.47
CA ARG D 240 18.57 45.17 -32.63
C ARG D 240 17.23 44.88 -33.30
N THR D 241 16.20 45.61 -32.90
CA THR D 241 14.88 45.46 -33.50
C THR D 241 14.19 46.79 -33.77
N GLY D 242 14.92 47.90 -33.73
CA GLY D 242 14.33 49.21 -33.93
C GLY D 242 14.26 49.59 -35.40
N GLY D 243 14.13 50.89 -35.64
CA GLY D 243 14.06 51.42 -36.99
C GLY D 243 15.42 51.71 -37.56
N THR D 244 15.47 52.66 -38.50
CA THR D 244 16.68 53.03 -39.20
C THR D 244 17.06 54.46 -38.85
N ASP D 245 18.31 54.66 -38.44
CA ASP D 245 18.84 55.99 -38.15
C ASP D 245 19.55 56.61 -39.34
N GLY D 246 19.62 55.92 -40.48
CA GLY D 246 20.33 56.41 -41.63
C GLY D 246 21.75 55.87 -41.77
N VAL D 247 22.31 55.29 -40.72
CA VAL D 247 23.65 54.72 -40.76
C VAL D 247 23.58 53.25 -40.40
N GLN D 248 22.57 52.87 -39.62
CA GLN D 248 22.43 51.51 -39.10
C GLN D 248 21.11 50.93 -39.57
N ALA D 249 21.15 49.66 -39.98
CA ALA D 249 19.94 49.00 -40.47
C ALA D 249 18.90 48.90 -39.37
N HIS D 250 19.32 48.59 -38.14
CA HIS D 250 18.41 48.48 -37.01
C HIS D 250 19.04 49.15 -35.81
N MET D 251 18.20 49.56 -34.87
CA MET D 251 18.62 50.29 -33.68
C MET D 251 18.31 49.46 -32.43
N ASN D 252 19.21 49.54 -31.45
CA ASN D 252 19.01 48.82 -30.20
C ASN D 252 17.78 49.32 -29.47
N THR D 253 17.09 48.43 -28.78
CA THR D 253 15.91 48.78 -28.02
C THR D 253 15.75 47.80 -26.86
N PHE D 254 15.00 48.23 -25.85
CA PHE D 254 14.80 47.41 -24.66
C PHE D 254 13.47 47.79 -24.02
N TYR D 255 12.76 46.80 -23.48
CA TYR D 255 11.48 47.00 -22.83
C TYR D 255 11.59 46.65 -21.36
N TYR D 256 11.08 47.53 -20.50
CA TYR D 256 11.00 47.22 -19.08
C TYR D 256 10.09 48.21 -18.36
N GLY D 257 9.13 47.70 -17.59
CA GLY D 257 8.22 48.55 -16.87
C GLY D 257 7.31 49.37 -17.76
N GLY D 258 7.10 48.93 -19.00
CA GLY D 258 6.29 49.66 -19.95
C GLY D 258 7.02 50.73 -20.71
N VAL D 259 8.23 51.09 -20.31
CA VAL D 259 9.03 52.10 -20.99
C VAL D 259 9.87 51.41 -22.06
N LYS D 260 10.19 52.16 -23.12
CA LYS D 260 10.97 51.65 -24.23
C LYS D 260 12.23 52.50 -24.35
N PHE D 261 13.38 51.90 -24.04
CA PHE D 261 14.66 52.58 -24.15
C PHE D 261 15.25 52.36 -25.53
N VAL D 262 15.87 53.40 -26.08
CA VAL D 262 16.40 53.38 -27.43
C VAL D 262 17.79 54.00 -27.42
N GLN D 263 18.70 53.42 -28.20
CA GLN D 263 20.08 53.87 -28.27
C GLN D 263 20.31 54.64 -29.56
N TYR D 264 20.99 55.78 -29.46
CA TYR D 264 21.21 56.67 -30.59
C TYR D 264 22.66 57.16 -30.56
N ASN D 265 23.40 56.89 -31.63
CA ASN D 265 24.81 57.21 -31.71
C ASN D 265 25.09 58.44 -32.57
N GLY D 266 24.07 59.20 -32.96
CA GLY D 266 24.29 60.29 -33.89
C GLY D 266 25.28 61.31 -33.36
N LYS D 267 26.18 61.73 -34.22
CA LYS D 267 27.13 62.80 -33.92
C LYS D 267 27.53 63.49 -35.20
N PHE D 268 27.95 64.75 -35.08
CA PHE D 268 28.37 65.55 -36.23
C PHE D 268 29.63 66.32 -35.87
N LYS D 269 30.34 66.75 -36.90
CA LYS D 269 31.62 67.45 -36.75
C LYS D 269 31.44 68.91 -37.15
N ASP D 270 31.90 69.81 -36.28
CA ASP D 270 31.85 71.23 -36.56
C ASP D 270 33.02 71.62 -37.46
N LYS D 271 32.90 72.78 -38.10
CA LYS D 271 33.91 73.22 -39.05
C LYS D 271 35.22 73.64 -38.38
N ARG D 272 35.26 73.76 -37.06
CA ARG D 272 36.51 73.91 -36.33
C ARG D 272 37.15 72.58 -36.00
N GLY D 273 36.48 71.46 -36.29
CA GLY D 273 37.00 70.15 -36.02
C GLY D 273 36.47 69.48 -34.78
N LYS D 274 35.87 70.23 -33.85
CA LYS D 274 35.30 69.63 -32.66
C LYS D 274 34.06 68.81 -33.01
N VAL D 275 33.85 67.74 -32.25
CA VAL D 275 32.78 66.79 -32.51
C VAL D 275 31.63 67.07 -31.55
N HIS D 276 30.42 67.19 -32.09
CA HIS D 276 29.21 67.41 -31.30
C HIS D 276 28.45 66.10 -31.23
N THR D 277 28.17 65.65 -30.01
CA THR D 277 27.40 64.44 -29.79
C THR D 277 25.95 64.80 -29.56
N LEU D 278 25.05 64.13 -30.30
CA LEU D 278 23.65 64.53 -30.27
C LEU D 278 23.01 64.32 -28.90
N VAL D 279 23.33 63.22 -28.23
CA VAL D 279 22.62 62.86 -27.01
C VAL D 279 23.31 63.40 -25.76
N SER D 280 24.60 63.72 -25.83
CA SER D 280 25.35 64.05 -24.64
C SER D 280 24.81 65.31 -23.97
N ILE D 281 24.84 65.31 -22.63
CA ILE D 281 24.58 66.53 -21.88
C ILE D 281 25.82 67.40 -21.91
N ASP D 282 25.61 68.72 -21.92
CA ASP D 282 26.72 69.65 -22.13
C ASP D 282 27.76 69.56 -21.01
N SER D 283 27.31 69.51 -19.76
CA SER D 283 28.19 69.63 -18.61
C SER D 283 28.64 68.29 -18.02
N VAL D 284 28.24 67.17 -18.63
CA VAL D 284 28.54 65.84 -18.11
C VAL D 284 29.58 65.20 -19.02
N ALA D 285 30.58 64.56 -18.41
CA ALA D 285 31.63 63.91 -19.18
C ALA D 285 31.08 62.72 -19.95
N ALA D 286 31.80 62.35 -21.01
CA ALA D 286 31.33 61.26 -21.87
C ALA D 286 31.28 59.93 -21.14
N THR D 287 32.16 59.73 -20.16
CA THR D 287 32.22 58.44 -19.49
C THR D 287 30.94 58.13 -18.71
N VAL D 288 30.15 59.16 -18.40
CA VAL D 288 28.90 58.98 -17.67
C VAL D 288 27.76 58.90 -18.68
N GLY D 289 26.88 57.91 -18.49
CA GLY D 289 25.76 57.76 -19.40
C GLY D 289 24.67 58.78 -19.12
N VAL D 290 24.10 59.32 -20.20
CA VAL D 290 23.04 60.32 -20.12
C VAL D 290 21.96 59.97 -21.14
N GLY D 291 20.78 60.54 -20.93
CA GLY D 291 19.67 60.33 -21.84
C GLY D 291 18.65 61.43 -21.70
N HIS D 292 17.74 61.48 -22.68
CA HIS D 292 16.69 62.49 -22.72
C HIS D 292 15.35 61.82 -22.97
N ALA D 293 14.32 62.28 -22.26
CA ALA D 293 12.98 61.76 -22.39
C ALA D 293 12.00 62.90 -22.68
N PHE D 294 11.16 62.71 -23.70
CA PHE D 294 10.18 63.70 -24.09
C PHE D 294 8.88 63.01 -24.45
N PRO D 295 7.77 63.72 -24.40
CA PRO D 295 6.46 63.07 -24.61
C PRO D 295 6.25 62.66 -26.06
N ASN D 296 5.35 61.68 -26.24
CA ASN D 296 4.92 61.29 -27.56
C ASN D 296 4.00 62.34 -28.16
N VAL D 297 3.73 62.20 -29.46
CA VAL D 297 2.77 63.09 -30.10
C VAL D 297 1.37 62.85 -29.55
N SER D 298 1.04 61.60 -29.22
CA SER D 298 -0.30 61.24 -28.78
C SER D 298 -0.53 61.48 -27.28
N MET D 299 0.48 61.93 -26.54
CA MET D 299 0.30 62.12 -25.11
C MET D 299 -0.80 63.14 -24.81
N LEU D 300 -0.78 64.26 -25.53
CA LEU D 300 -1.77 65.32 -25.35
C LEU D 300 -2.71 65.46 -26.53
N GLY D 301 -2.57 64.62 -27.55
CA GLY D 301 -3.41 64.69 -28.72
C GLY D 301 -2.90 65.68 -29.76
N GLU D 302 -3.29 65.45 -31.01
CA GLU D 302 -2.84 66.29 -32.11
C GLU D 302 -3.38 67.71 -31.99
N ALA D 303 -4.50 67.89 -31.30
CA ALA D 303 -5.07 69.23 -31.14
C ALA D 303 -4.22 70.10 -30.23
N ASN D 304 -3.36 69.50 -29.41
CA ASN D 304 -2.53 70.22 -28.44
C ASN D 304 -1.07 69.86 -28.64
N ASN D 305 -0.62 69.91 -29.89
CA ASN D 305 0.78 69.60 -30.19
C ASN D 305 1.70 70.58 -29.48
N ILE D 306 2.85 70.08 -29.05
CA ILE D 306 3.80 70.88 -28.29
C ILE D 306 4.95 71.39 -29.15
N PHE D 307 5.27 70.71 -30.25
CA PHE D 307 6.43 71.04 -31.06
C PHE D 307 6.00 71.70 -32.37
N GLU D 308 6.73 72.73 -32.77
CA GLU D 308 6.46 73.41 -34.03
C GLU D 308 7.77 73.96 -34.59
N VAL D 309 7.78 74.20 -35.89
CA VAL D 309 8.90 74.82 -36.58
C VAL D 309 8.35 75.97 -37.40
N ALA D 310 8.94 77.15 -37.23
CA ALA D 310 8.51 78.36 -37.93
C ALA D 310 9.46 78.65 -39.08
N TYR D 311 8.91 78.93 -40.25
CA TYR D 311 9.68 79.23 -41.45
C TYR D 311 9.36 80.65 -41.90
N GLY D 312 10.40 81.43 -42.16
CA GLY D 312 10.25 82.80 -42.58
C GLY D 312 10.50 82.99 -44.07
N PRO D 313 10.32 84.22 -44.55
CA PRO D 313 10.53 84.48 -45.97
C PRO D 313 11.96 84.89 -46.30
N CYS D 314 12.31 84.69 -47.57
CA CYS D 314 13.63 85.08 -48.05
C CYS D 314 13.71 86.60 -48.22
N PRO D 315 14.88 87.20 -47.97
CA PRO D 315 15.00 88.66 -48.11
C PRO D 315 15.05 89.15 -49.55
N LYS D 316 15.14 88.27 -50.54
CA LYS D 316 15.27 88.72 -51.91
C LYS D 316 13.95 89.25 -52.44
N MET D 317 14.04 90.03 -53.52
CA MET D 317 12.86 90.64 -54.11
C MET D 317 11.91 89.56 -54.63
N GLY D 318 10.61 89.86 -54.55
CA GLY D 318 9.59 88.90 -54.90
C GLY D 318 9.11 88.05 -53.75
N TYR D 319 9.70 88.21 -52.57
CA TYR D 319 9.31 87.47 -51.37
C TYR D 319 9.14 88.43 -50.20
N ALA D 320 8.43 89.52 -50.43
CA ALA D 320 8.28 90.55 -49.39
C ALA D 320 7.55 89.99 -48.18
N ASN D 321 6.40 89.38 -48.39
CA ASN D 321 5.58 88.85 -47.30
C ASN D 321 5.03 87.48 -47.64
N THR D 322 5.77 86.68 -48.41
CA THR D 322 5.33 85.35 -48.74
C THR D 322 5.32 84.45 -47.50
N LEU D 323 4.89 83.20 -47.69
CA LEU D 323 4.68 82.31 -46.56
C LEU D 323 5.99 81.78 -45.99
N GLY D 324 6.97 81.50 -46.84
CA GLY D 324 8.23 80.93 -46.38
C GLY D 324 8.31 79.45 -46.67
N GLN D 325 9.54 79.00 -46.95
CA GLN D 325 9.78 77.64 -47.38
C GLN D 325 10.97 77.06 -46.63
N GLU D 326 11.10 75.73 -46.70
CA GLU D 326 12.18 75.05 -45.99
C GLU D 326 13.53 75.46 -46.56
N LEU D 327 13.64 75.56 -47.88
CA LEU D 327 14.91 75.85 -48.53
C LEU D 327 14.68 76.63 -49.81
N TYR D 328 15.56 77.58 -50.08
CA TYR D 328 15.58 78.31 -51.34
C TYR D 328 16.89 78.02 -52.07
N VAL D 329 16.82 77.95 -53.39
CA VAL D 329 18.01 77.76 -54.23
C VAL D 329 17.92 78.73 -55.40
N PHE D 330 19.02 79.41 -55.68
CA PHE D 330 19.10 80.37 -56.78
C PHE D 330 20.39 80.15 -57.54
N GLU D 331 20.37 80.49 -58.83
CA GLU D 331 21.51 80.34 -59.70
C GLU D 331 21.68 81.61 -60.54
N TYR D 332 22.92 82.05 -60.70
CA TYR D 332 23.22 83.26 -61.44
C TYR D 332 24.46 83.04 -62.30
N GLU D 333 24.44 83.58 -63.52
CA GLU D 333 25.59 83.50 -64.41
C GLU D 333 26.58 84.60 -64.11
N LYS D 334 27.87 84.25 -64.11
CA LYS D 334 28.90 85.25 -63.92
C LYS D 334 29.04 86.11 -65.17
N ASP D 335 29.71 87.25 -65.01
CA ASP D 335 29.88 88.18 -66.10
C ASP D 335 30.82 87.61 -67.16
N ARG D 336 30.52 87.91 -68.41
CA ARG D 336 31.40 87.55 -69.55
C ARG D 336 31.67 86.05 -69.58
N ASP D 337 30.66 85.25 -69.26
CA ASP D 337 30.73 83.79 -69.37
C ASP D 337 31.89 83.22 -68.57
N GLU D 338 32.11 83.74 -67.37
CA GLU D 338 33.19 83.26 -66.52
C GLU D 338 32.78 82.11 -65.61
N GLY D 339 31.50 81.77 -65.54
CA GLY D 339 31.08 80.63 -64.74
C GLY D 339 29.65 80.81 -64.25
N ILE D 340 29.35 80.13 -63.14
CA ILE D 340 28.03 80.10 -62.54
C ILE D 340 28.17 80.29 -61.03
N ASP D 341 27.12 80.80 -60.40
CA ASP D 341 27.06 80.98 -58.96
C ASP D 341 25.81 80.34 -58.41
N PHE D 342 25.87 79.90 -57.15
CA PHE D 342 24.73 79.30 -56.46
C PHE D 342 24.54 79.96 -55.10
N GLU D 343 23.31 79.89 -54.60
CA GLU D 343 22.96 80.41 -53.29
C GLU D 343 21.88 79.54 -52.67
N ALA D 344 21.97 79.36 -51.35
CA ALA D 344 20.99 78.59 -50.60
C ALA D 344 20.65 79.35 -49.32
N HIS D 345 19.36 79.50 -49.06
CA HIS D 345 18.87 80.28 -47.94
C HIS D 345 17.93 79.44 -47.08
N SER D 346 17.97 79.66 -45.77
CA SER D 346 17.06 79.03 -44.84
C SER D 346 16.81 79.97 -43.68
N TYR D 347 15.64 79.87 -43.07
CA TYR D 347 15.21 80.79 -42.02
C TYR D 347 14.20 80.05 -41.15
N MET D 348 14.63 79.59 -39.98
CA MET D 348 13.78 78.72 -39.17
C MET D 348 14.17 78.81 -37.70
N LEU D 349 13.26 78.33 -36.85
CA LEU D 349 13.46 78.25 -35.41
C LEU D 349 12.60 77.14 -34.82
N PRO D 350 13.18 76.03 -34.35
CA PRO D 350 12.38 75.04 -33.64
C PRO D 350 12.21 75.41 -32.18
N TYR D 351 11.03 75.13 -31.63
CA TYR D 351 10.73 75.47 -30.25
C TYR D 351 9.67 74.52 -29.71
N CYS D 352 9.57 74.49 -28.39
CA CYS D 352 8.58 73.68 -27.68
C CYS D 352 7.80 74.59 -26.75
N THR D 353 6.50 74.31 -26.60
CA THR D 353 5.60 75.17 -25.82
C THR D 353 5.44 74.70 -24.38
N ARG D 354 6.16 73.67 -23.96
CA ARG D 354 6.08 73.17 -22.58
C ARG D 354 7.42 72.55 -22.20
N PRO D 355 8.44 73.38 -21.99
CA PRO D 355 9.77 72.84 -21.69
C PRO D 355 9.84 72.05 -20.41
N GLN D 356 8.89 72.24 -19.48
CA GLN D 356 8.95 71.50 -18.22
C GLN D 356 8.69 70.01 -18.40
N LEU D 357 8.22 69.58 -19.57
CA LEU D 357 8.00 68.17 -19.84
C LEU D 357 9.23 67.46 -20.38
N LEU D 358 10.28 68.20 -20.71
CA LEU D 358 11.53 67.59 -21.16
C LEU D 358 12.39 67.28 -19.94
N VAL D 359 12.76 66.01 -19.79
CA VAL D 359 13.46 65.51 -18.61
C VAL D 359 14.79 64.90 -19.06
N ASP D 360 15.83 65.15 -18.27
CA ASP D 360 17.14 64.54 -18.48
C ASP D 360 17.29 63.34 -17.58
N VAL D 361 17.94 62.30 -18.10
CA VAL D 361 18.14 61.04 -17.38
C VAL D 361 19.63 60.78 -17.30
N ARG D 362 20.12 60.50 -16.09
CA ARG D 362 21.53 60.25 -15.85
C ARG D 362 21.71 58.94 -15.10
N ALA D 363 22.74 58.19 -15.47
CA ALA D 363 23.14 57.00 -14.75
C ALA D 363 24.15 57.30 -13.65
N ASP D 364 24.48 58.56 -13.43
CA ASP D 364 25.47 58.91 -12.42
C ASP D 364 24.98 58.51 -11.04
N ALA D 365 25.92 58.06 -10.20
CA ALA D 365 25.62 57.64 -8.84
C ALA D 365 25.39 58.89 -7.98
N LYS D 366 24.19 59.44 -8.11
CA LYS D 366 23.84 60.66 -7.37
C LYS D 366 22.35 60.65 -7.10
N ALA D 367 21.94 61.52 -6.17
CA ALA D 367 20.53 61.75 -5.89
C ALA D 367 20.23 63.23 -5.72
N MET E 1 48.11 -14.68 -52.41
CA MET E 1 49.42 -14.50 -53.10
C MET E 1 50.54 -14.97 -52.17
N LEU E 2 51.40 -15.84 -52.69
CA LEU E 2 52.47 -16.44 -51.89
C LEU E 2 53.77 -15.68 -52.09
N THR E 3 54.58 -15.65 -51.03
CA THR E 3 55.87 -14.98 -51.06
C THR E 3 56.81 -15.69 -50.11
N ASN E 4 58.10 -15.39 -50.25
CA ASN E 4 59.10 -16.04 -49.41
C ASN E 4 58.84 -15.75 -47.93
N SER E 5 59.06 -16.77 -47.10
CA SER E 5 58.89 -16.60 -45.67
C SER E 5 59.81 -15.51 -45.16
N GLU E 6 59.59 -15.10 -43.90
CA GLU E 6 60.33 -14.00 -43.31
C GLU E 6 61.71 -14.42 -42.81
N LYS E 7 62.04 -15.71 -42.82
CA LYS E 7 63.32 -16.18 -42.33
C LYS E 7 64.01 -17.20 -43.22
N SER E 8 63.30 -17.81 -44.18
CA SER E 8 63.88 -18.81 -45.06
C SER E 8 63.38 -18.58 -46.48
N ARG E 9 64.21 -18.96 -47.45
CA ARG E 9 63.91 -18.79 -48.86
C ARG E 9 63.19 -19.98 -49.47
N PHE E 10 63.01 -21.06 -48.72
CA PHE E 10 62.42 -22.29 -49.23
C PHE E 10 61.01 -22.54 -48.70
N PHE E 11 60.40 -21.56 -48.03
CA PHE E 11 59.06 -21.69 -47.49
C PHE E 11 58.23 -20.49 -47.90
N LEU E 12 56.93 -20.72 -48.05
CA LEU E 12 56.00 -19.72 -48.57
C LEU E 12 55.13 -19.19 -47.45
N ALA E 13 54.97 -17.87 -47.41
CA ALA E 13 54.01 -17.19 -46.57
C ALA E 13 52.89 -16.64 -47.44
N ASP E 14 51.97 -15.89 -46.82
CA ASP E 14 50.83 -15.31 -47.52
C ASP E 14 50.83 -13.81 -47.31
N LEU E 15 50.76 -13.07 -48.42
CA LEU E 15 50.71 -11.61 -48.40
C LEU E 15 49.29 -11.16 -48.66
N THR E 16 48.69 -10.45 -47.70
CA THR E 16 47.29 -10.09 -47.79
C THR E 16 47.08 -8.84 -48.65
N GLY E 17 47.64 -7.72 -48.23
CA GLY E 17 47.43 -6.48 -48.95
C GLY E 17 48.26 -5.32 -48.44
N GLU E 18 47.72 -4.11 -48.54
CA GLU E 18 48.43 -2.89 -48.18
C GLU E 18 47.52 -1.99 -47.35
N VAL E 19 48.14 -1.13 -46.55
CA VAL E 19 47.44 -0.15 -45.74
C VAL E 19 47.90 1.24 -46.20
N GLN E 20 46.94 2.09 -46.55
CA GLN E 20 47.23 3.41 -47.09
C GLN E 20 47.11 4.47 -46.00
N SER E 21 48.04 5.42 -46.01
CA SER E 21 48.02 6.55 -45.09
C SER E 21 48.11 7.84 -45.90
N ILE E 22 47.22 8.78 -45.62
CA ILE E 22 47.16 10.03 -46.36
C ILE E 22 47.02 11.19 -45.37
N PRO E 23 47.70 12.31 -45.57
CA PRO E 23 47.60 13.41 -44.61
C PRO E 23 46.30 14.19 -44.75
N ASN E 24 46.00 14.96 -43.71
CA ASN E 24 44.82 15.81 -43.70
C ASN E 24 45.06 17.06 -44.54
N THR E 25 43.98 17.55 -45.15
CA THR E 25 44.05 18.74 -46.02
C THR E 25 42.80 19.59 -45.75
N TYR E 26 42.97 20.59 -44.88
CA TYR E 26 41.87 21.51 -44.59
C TYR E 26 41.63 22.44 -45.77
N GLY E 27 40.36 22.60 -46.13
CA GLY E 27 39.99 23.44 -47.25
C GLY E 27 38.74 24.27 -46.99
N TYR E 28 38.52 24.68 -45.74
CA TYR E 28 37.27 25.33 -45.38
C TYR E 28 37.08 26.64 -46.14
N ILE E 29 38.08 27.52 -46.09
CA ILE E 29 37.90 28.84 -46.67
C ILE E 29 37.86 28.77 -48.19
N SER E 30 38.69 27.91 -48.78
CA SER E 30 38.70 27.81 -50.24
C SER E 30 37.32 27.50 -50.79
N ASN E 31 36.49 26.79 -50.02
CA ASN E 31 35.14 26.47 -50.44
C ASN E 31 34.14 27.55 -50.06
N LEU E 32 34.55 28.56 -49.29
CA LEU E 32 33.61 29.61 -48.89
C LEU E 32 33.23 30.50 -50.05
N GLY E 33 34.13 30.69 -51.02
CA GLY E 33 33.81 31.45 -52.21
C GLY E 33 33.75 32.94 -52.02
N LEU E 34 34.42 33.48 -50.99
CA LEU E 34 34.42 34.93 -50.80
C LEU E 34 35.25 35.62 -51.87
N PHE E 35 36.44 35.10 -52.15
CA PHE E 35 37.38 35.78 -53.03
C PHE E 35 36.97 35.61 -54.49
N ARG E 36 37.15 36.68 -55.26
CA ARG E 36 36.88 36.69 -56.69
C ARG E 36 38.18 36.70 -57.48
N SER E 37 38.09 36.25 -58.73
CA SER E 37 39.24 36.13 -59.60
C SER E 37 39.24 37.26 -60.63
N ALA E 38 40.37 37.94 -60.77
CA ALA E 38 40.50 39.08 -61.68
C ALA E 38 41.89 39.05 -62.32
N PRO E 39 42.07 38.23 -63.35
CA PRO E 39 43.38 38.15 -64.00
C PRO E 39 43.74 39.44 -64.72
N ILE E 40 45.05 39.70 -64.81
CA ILE E 40 45.57 40.88 -65.49
C ILE E 40 46.73 40.45 -66.38
N THR E 41 47.23 41.40 -67.17
CA THR E 41 48.29 41.16 -68.15
C THR E 41 49.57 41.89 -67.81
N GLN E 42 49.75 42.30 -66.56
CA GLN E 42 50.93 43.06 -66.17
C GLN E 42 51.39 42.60 -64.79
N THR E 43 52.62 42.96 -64.44
CA THR E 43 53.19 42.62 -63.15
C THR E 43 52.77 43.58 -62.05
N THR E 44 52.03 44.63 -62.37
CA THR E 44 51.61 45.61 -61.38
C THR E 44 50.28 46.21 -61.82
N PHE E 45 49.55 46.76 -60.85
CA PHE E 45 48.28 47.42 -61.14
C PHE E 45 48.08 48.56 -60.14
N LEU E 46 47.23 49.51 -60.52
CA LEU E 46 47.02 50.73 -59.77
C LEU E 46 45.57 50.79 -59.28
N MET E 47 45.25 51.86 -58.55
CA MET E 47 43.93 52.03 -57.98
C MET E 47 43.82 53.45 -57.44
N ASP E 48 42.63 54.04 -57.57
CA ASP E 48 42.37 55.41 -57.14
C ASP E 48 41.52 55.41 -55.88
N LEU E 49 41.67 56.49 -55.09
CA LEU E 49 40.95 56.65 -53.85
C LEU E 49 40.26 58.00 -53.83
N THR E 50 39.13 58.07 -53.12
CA THR E 50 38.29 59.27 -53.12
C THR E 50 37.50 59.33 -51.83
N ASP E 51 37.28 60.55 -51.34
CA ASP E 51 36.46 60.76 -50.16
C ASP E 51 36.24 62.26 -49.97
N TRP E 52 35.17 62.59 -49.27
CA TRP E 52 34.86 63.98 -48.93
C TRP E 52 34.11 64.01 -47.62
N ASP E 53 34.12 65.17 -46.97
CA ASP E 53 33.53 65.35 -45.65
C ASP E 53 32.68 66.61 -45.63
N VAL E 54 31.74 66.64 -44.69
CA VAL E 54 30.79 67.74 -44.56
C VAL E 54 30.77 68.21 -43.11
N SER E 55 30.39 69.47 -42.92
CA SER E 55 30.39 70.09 -41.59
C SER E 55 29.12 70.92 -41.41
N LEU E 56 28.79 71.18 -40.15
CA LEU E 56 27.58 71.94 -39.84
C LEU E 56 27.75 73.40 -40.24
N LEU E 57 26.61 74.09 -40.33
CA LEU E 57 26.59 75.51 -40.67
C LEU E 57 26.50 76.37 -39.43
N ASP E 58 27.03 77.58 -39.51
CA ASP E 58 26.93 78.56 -38.44
C ASP E 58 25.95 79.67 -38.84
N ALA E 59 25.25 80.20 -37.85
CA ALA E 59 24.22 81.19 -38.11
C ALA E 59 24.85 82.47 -38.67
N VAL E 60 24.06 83.17 -39.49
CA VAL E 60 24.50 84.38 -40.17
C VAL E 60 23.41 85.44 -40.01
N ASP E 61 23.81 86.70 -40.07
CA ASP E 61 22.86 87.80 -39.94
C ASP E 61 22.07 87.97 -41.23
N ARG E 62 20.78 88.27 -41.07
CA ARG E 62 19.90 88.39 -42.24
C ARG E 62 20.23 89.62 -43.08
N ASP E 63 20.76 90.67 -42.46
CA ASP E 63 21.03 91.92 -43.17
C ASP E 63 22.46 92.03 -43.66
N SER E 64 23.44 91.57 -42.89
CA SER E 64 24.82 91.48 -43.35
C SER E 64 24.94 90.20 -44.16
N ARG E 65 24.90 90.33 -45.48
CA ARG E 65 24.71 89.20 -46.38
C ARG E 65 26.01 88.42 -46.56
N LYS E 66 26.35 87.64 -45.53
CA LYS E 66 27.50 86.76 -45.55
C LYS E 66 27.04 85.32 -45.80
N ALA E 67 28.00 84.41 -45.95
CA ALA E 67 27.67 83.03 -46.30
C ALA E 67 28.84 82.13 -45.91
N GLU E 68 28.76 80.87 -46.34
CA GLU E 68 29.78 79.86 -46.05
C GLU E 68 29.98 79.00 -47.28
N THR E 69 31.10 78.27 -47.30
CA THR E 69 31.43 77.40 -48.41
C THR E 69 32.18 76.17 -47.91
N SER E 70 32.19 75.12 -48.73
CA SER E 70 32.78 73.84 -48.38
C SER E 70 34.21 73.74 -48.93
N ALA E 71 34.76 72.50 -48.88
CA ALA E 71 36.13 72.19 -49.31
C ALA E 71 36.12 71.10 -50.37
N PRO E 72 37.17 71.02 -51.19
CA PRO E 72 37.18 70.11 -52.33
C PRO E 72 37.59 68.69 -51.95
N GLU E 73 37.73 67.84 -52.97
CA GLU E 73 38.01 66.42 -52.82
C GLU E 73 39.50 66.17 -52.61
N ARG E 74 39.83 64.94 -52.25
CA ARG E 74 41.18 64.53 -51.85
C ARG E 74 41.64 63.28 -52.61
N VAL E 75 41.56 63.31 -53.95
CA VAL E 75 41.94 62.19 -54.80
C VAL E 75 43.33 61.69 -54.43
N ARG E 76 43.60 60.40 -54.66
CA ARG E 76 44.87 59.78 -54.31
C ARG E 76 45.06 58.57 -55.22
N GLN E 77 46.18 57.87 -55.04
CA GLN E 77 46.49 56.69 -55.85
C GLN E 77 47.46 55.78 -55.09
N ILE E 78 47.44 54.50 -55.45
CA ILE E 78 48.29 53.48 -54.82
C ILE E 78 48.58 52.37 -55.82
N SER E 79 49.47 51.46 -55.44
CA SER E 79 49.88 50.35 -56.31
C SER E 79 50.16 49.12 -55.46
N PHE E 80 50.20 47.96 -56.13
CA PHE E 80 50.37 46.67 -55.46
C PHE E 80 51.38 45.77 -56.19
N PRO E 81 52.24 45.06 -55.45
CA PRO E 81 53.06 44.01 -56.07
C PRO E 81 52.35 42.68 -56.13
N MET E 82 53.05 41.61 -56.52
CA MET E 82 52.46 40.27 -56.56
C MET E 82 53.48 39.25 -56.09
N MET E 83 52.99 38.04 -55.82
CA MET E 83 53.80 36.93 -55.32
C MET E 83 53.93 35.84 -56.39
N TYR E 84 55.09 35.19 -56.41
CA TYR E 84 55.41 34.19 -57.43
C TYR E 84 55.89 32.92 -56.75
N PHE E 85 55.34 31.78 -57.18
CA PHE E 85 55.69 30.47 -56.64
C PHE E 85 56.17 29.55 -57.76
N LYS E 86 56.98 28.57 -57.39
CA LYS E 86 57.53 27.63 -58.36
C LYS E 86 58.19 26.47 -57.63
N GLU E 87 58.12 25.30 -58.24
CA GLU E 87 58.84 24.12 -57.72
C GLU E 87 59.01 23.12 -58.85
N VAL E 88 60.02 22.27 -58.70
CA VAL E 88 60.47 21.37 -59.76
C VAL E 88 60.56 19.95 -59.23
N GLU E 89 60.22 18.99 -60.08
CA GLU E 89 60.39 17.58 -59.79
C GLU E 89 60.71 16.85 -61.09
N SER E 90 61.41 15.71 -60.95
CA SER E 90 61.89 14.97 -62.11
C SER E 90 61.74 13.48 -61.87
N ILE E 91 61.76 12.73 -62.97
CA ILE E 91 61.64 11.27 -62.94
C ILE E 91 62.80 10.67 -63.73
N THR E 92 63.41 9.65 -63.17
CA THR E 92 64.54 8.95 -63.78
C THR E 92 64.28 7.45 -63.79
N PRO E 93 64.95 6.72 -64.67
CA PRO E 93 64.69 5.26 -64.75
C PRO E 93 65.00 4.52 -63.46
N ASP E 94 65.87 5.05 -62.60
CA ASP E 94 66.27 4.32 -61.41
C ASP E 94 65.09 3.99 -60.50
N GLU E 95 63.99 4.74 -60.60
CA GLU E 95 62.82 4.47 -59.79
C GLU E 95 62.00 3.30 -60.30
N ILE E 96 62.26 2.82 -61.52
CA ILE E 96 61.47 1.75 -62.12
C ILE E 96 62.23 0.45 -62.23
N GLN E 97 63.55 0.44 -62.05
CA GLN E 97 64.35 -0.76 -62.25
C GLN E 97 64.26 -1.64 -61.00
N GLY E 98 63.60 -2.78 -61.13
CA GLY E 98 63.58 -3.77 -60.06
C GLY E 98 62.77 -3.38 -58.84
N VAL E 99 62.01 -2.29 -58.90
CA VAL E 99 61.23 -1.85 -57.75
C VAL E 99 59.91 -2.62 -57.76
N ARG E 100 59.61 -3.26 -56.64
CA ARG E 100 58.40 -4.06 -56.52
C ARG E 100 57.22 -3.17 -56.13
N GLN E 101 56.07 -3.44 -56.72
CA GLN E 101 54.86 -2.72 -56.36
C GLN E 101 54.56 -2.97 -54.88
N PRO E 102 54.25 -1.94 -54.09
CA PRO E 102 54.12 -2.16 -52.64
C PRO E 102 53.09 -3.22 -52.26
N GLY E 103 51.96 -3.25 -52.95
CA GLY E 103 50.86 -4.10 -52.56
C GLY E 103 50.79 -5.48 -53.18
N THR E 104 51.76 -5.87 -54.00
CA THR E 104 51.72 -7.12 -54.71
C THR E 104 52.92 -8.00 -54.35
N ALA E 105 52.96 -9.19 -54.93
CA ALA E 105 53.97 -10.18 -54.59
C ALA E 105 55.21 -10.07 -55.47
N ASN E 106 55.03 -10.09 -56.80
CA ASN E 106 56.17 -10.09 -57.71
C ASN E 106 55.93 -9.21 -58.94
N GLU E 107 55.18 -8.12 -58.80
CA GLU E 107 54.88 -7.23 -59.90
C GLU E 107 55.68 -5.94 -59.75
N LEU E 108 56.19 -5.44 -60.88
CA LEU E 108 56.99 -4.23 -60.90
C LEU E 108 56.11 -2.99 -61.07
N THR E 109 56.72 -1.83 -60.89
CA THR E 109 56.03 -0.56 -61.05
C THR E 109 56.07 -0.13 -62.52
N THR E 110 55.64 1.09 -62.79
CA THR E 110 55.63 1.62 -64.15
C THR E 110 55.75 3.13 -64.09
N GLU E 111 56.10 3.72 -65.24
CA GLU E 111 56.28 5.17 -65.30
C GLU E 111 54.98 5.90 -65.05
N ALA E 112 53.86 5.33 -65.50
CA ALA E 112 52.58 6.00 -65.36
C ALA E 112 52.22 6.22 -63.90
N VAL E 113 52.45 5.23 -63.05
CA VAL E 113 52.10 5.35 -61.64
C VAL E 113 52.89 6.48 -60.99
N VAL E 114 54.21 6.50 -61.24
CA VAL E 114 55.05 7.53 -60.64
C VAL E 114 54.63 8.90 -61.14
N ARG E 115 54.38 9.02 -62.44
CA ARG E 115 53.97 10.31 -63.00
C ARG E 115 52.69 10.80 -62.35
N ALA E 116 51.69 9.92 -62.25
CA ALA E 116 50.42 10.32 -61.65
C ALA E 116 50.60 10.74 -60.20
N LYS E 117 51.38 9.96 -59.43
CA LYS E 117 51.56 10.28 -58.03
C LYS E 117 52.23 11.64 -57.86
N LYS E 118 53.29 11.89 -58.64
CA LYS E 118 54.00 13.16 -58.50
C LYS E 118 53.13 14.34 -58.91
N LEU E 119 52.37 14.19 -60.00
CA LEU E 119 51.49 15.27 -60.42
C LEU E 119 50.44 15.57 -59.36
N MET E 120 49.84 14.51 -58.79
CA MET E 120 48.84 14.71 -57.76
C MET E 120 49.44 15.39 -56.53
N LYS E 121 50.67 15.01 -56.17
CA LYS E 121 51.31 15.64 -55.03
C LYS E 121 51.56 17.12 -55.28
N ILE E 122 52.00 17.48 -56.49
CA ILE E 122 52.22 18.89 -56.79
C ILE E 122 50.92 19.67 -56.72
N ARG E 123 49.85 19.11 -57.29
CA ARG E 123 48.56 19.78 -57.25
C ARG E 123 48.09 19.98 -55.82
N THR E 124 48.26 18.95 -54.98
CA THR E 124 47.87 19.08 -53.58
C THR E 124 48.70 20.14 -52.87
N LYS E 125 50.00 20.22 -53.19
CA LYS E 125 50.84 21.25 -52.58
C LYS E 125 50.32 22.64 -52.90
N PHE E 126 50.00 22.88 -54.18
CA PHE E 126 49.51 24.21 -54.55
C PHE E 126 48.16 24.50 -53.90
N ASP E 127 47.28 23.51 -53.87
CA ASP E 127 45.98 23.71 -53.21
C ASP E 127 46.17 24.03 -51.74
N ILE E 128 47.14 23.40 -51.09
CA ILE E 128 47.42 23.67 -49.68
C ILE E 128 47.89 25.10 -49.51
N THR E 129 48.79 25.55 -50.39
CA THR E 129 49.31 26.92 -50.27
C THR E 129 48.21 27.96 -50.47
N ARG E 130 47.25 27.68 -51.35
CA ARG E 130 46.19 28.65 -51.62
C ARG E 130 45.41 29.01 -50.35
N GLU E 131 45.06 28.01 -49.56
CA GLU E 131 44.29 28.27 -48.34
C GLU E 131 45.07 29.15 -47.38
N PHE E 132 46.36 28.86 -47.19
CA PHE E 132 47.17 29.67 -46.31
C PHE E 132 47.24 31.11 -46.79
N LEU E 133 47.41 31.30 -48.10
CA LEU E 133 47.46 32.66 -48.63
C LEU E 133 46.14 33.39 -48.39
N PHE E 134 45.02 32.70 -48.61
CA PHE E 134 43.72 33.35 -48.42
C PHE E 134 43.51 33.72 -46.95
N MET E 135 43.89 32.83 -46.03
CA MET E 135 43.78 33.17 -44.62
C MET E 135 44.65 34.37 -44.26
N GLN E 136 45.87 34.40 -44.77
CA GLN E 136 46.75 35.54 -44.49
C GLN E 136 46.13 36.84 -44.99
N ALA E 137 45.56 36.81 -46.20
CA ALA E 137 44.89 38.00 -46.71
C ALA E 137 43.74 38.41 -45.82
N LEU E 138 42.93 37.45 -45.37
CA LEU E 138 41.80 37.78 -44.51
C LEU E 138 42.26 38.38 -43.18
N LYS E 139 43.42 37.97 -42.68
CA LYS E 139 43.91 38.50 -41.42
C LYS E 139 44.36 39.95 -41.52
N GLY E 140 44.46 40.51 -42.72
CA GLY E 140 44.80 41.90 -42.91
C GLY E 140 46.21 42.16 -43.40
N LYS E 141 47.09 41.16 -43.34
CA LYS E 141 48.45 41.29 -43.86
C LYS E 141 48.78 40.08 -44.71
N VAL E 142 49.38 40.30 -45.87
CA VAL E 142 49.74 39.24 -46.78
C VAL E 142 51.24 39.01 -46.65
N VAL E 143 51.61 37.84 -46.11
CA VAL E 143 53.00 37.48 -45.89
C VAL E 143 53.17 36.01 -46.27
N ASP E 144 54.28 35.69 -46.93
CA ASP E 144 54.55 34.32 -47.30
C ASP E 144 54.83 33.49 -46.05
N ALA E 145 55.04 32.18 -46.26
CA ALA E 145 55.28 31.28 -45.15
C ALA E 145 56.54 31.67 -44.38
N ARG E 146 57.61 32.04 -45.10
CA ARG E 146 58.86 32.39 -44.42
C ARG E 146 58.69 33.62 -43.53
N GLY E 147 57.96 34.63 -44.00
CA GLY E 147 57.70 35.81 -43.19
C GLY E 147 57.89 37.11 -43.92
N THR E 148 58.25 37.04 -45.20
CA THR E 148 58.43 38.26 -45.99
C THR E 148 57.10 38.99 -46.15
N LEU E 149 57.13 40.31 -46.01
CA LEU E 149 55.92 41.13 -46.07
C LEU E 149 55.76 41.67 -47.49
N TYR E 150 54.62 41.39 -48.10
CA TYR E 150 54.33 41.85 -49.46
C TYR E 150 53.26 42.93 -49.52
N ALA E 151 52.28 42.91 -48.63
CA ALA E 151 51.23 43.91 -48.61
C ALA E 151 50.78 44.16 -47.18
N ASP E 152 50.66 45.44 -46.82
CA ASP E 152 50.15 45.87 -45.52
C ASP E 152 48.97 46.78 -45.79
N LEU E 153 47.78 46.18 -45.82
CA LEU E 153 46.59 46.92 -46.27
C LEU E 153 46.31 48.12 -45.37
N TYR E 154 46.50 47.96 -44.06
CA TYR E 154 46.21 49.07 -43.15
C TYR E 154 47.09 50.28 -43.44
N LYS E 155 48.39 50.05 -43.67
CA LYS E 155 49.26 51.15 -44.08
C LYS E 155 48.86 51.68 -45.44
N GLN E 156 48.55 50.78 -46.38
CA GLN E 156 48.29 51.20 -47.76
C GLN E 156 47.08 52.14 -47.82
N PHE E 157 46.01 51.80 -47.11
CA PHE E 157 44.79 52.59 -47.14
C PHE E 157 44.72 53.63 -46.03
N ASP E 158 45.74 53.70 -45.17
CA ASP E 158 45.80 54.71 -44.12
C ASP E 158 44.65 54.56 -43.12
N VAL E 159 44.47 53.33 -42.64
CA VAL E 159 43.46 53.03 -41.64
C VAL E 159 44.09 52.13 -40.58
N GLU E 160 43.49 52.14 -39.40
CA GLU E 160 43.95 51.33 -38.28
C GLU E 160 43.09 50.08 -38.13
N LYS E 161 43.62 49.12 -37.38
CA LYS E 161 42.92 47.88 -37.07
C LYS E 161 42.42 47.92 -35.64
N LYS E 162 41.28 47.28 -35.41
CA LYS E 162 40.63 47.24 -34.11
C LYS E 162 40.62 45.82 -33.58
N THR E 163 40.80 45.68 -32.27
CA THR E 163 40.71 44.40 -31.58
C THR E 163 39.73 44.52 -30.43
N VAL E 164 39.03 43.42 -30.14
CA VAL E 164 38.01 43.38 -29.10
C VAL E 164 38.44 42.34 -28.06
N TYR E 165 38.47 42.75 -26.80
CA TYR E 165 38.84 41.88 -25.69
C TYR E 165 37.58 41.41 -24.99
N PHE E 166 37.41 40.09 -24.88
CA PHE E 166 36.18 39.52 -24.34
C PHE E 166 36.25 39.24 -22.86
N ASP E 167 37.45 38.96 -22.31
CA ASP E 167 37.63 38.75 -20.88
C ASP E 167 36.93 37.48 -20.41
N LEU E 168 37.14 36.39 -21.15
CA LEU E 168 36.51 35.12 -20.80
C LEU E 168 37.06 34.52 -19.52
N ASP E 169 38.17 35.05 -18.99
CA ASP E 169 38.71 34.56 -17.73
C ASP E 169 38.02 35.16 -16.51
N ASN E 170 37.28 36.26 -16.68
CA ASN E 170 36.63 36.93 -15.57
C ASN E 170 35.18 36.50 -15.48
N PRO E 171 34.72 35.97 -14.34
CA PRO E 171 33.31 35.56 -14.27
C PRO E 171 32.32 36.69 -14.49
N ASN E 172 32.73 37.94 -14.27
CA ASN E 172 31.83 39.09 -14.38
C ASN E 172 31.99 39.84 -15.69
N ALA E 173 32.67 39.25 -16.68
CA ALA E 173 32.88 39.93 -17.95
C ALA E 173 31.56 40.17 -18.66
N ASP E 174 31.45 41.30 -19.34
CA ASP E 174 30.27 41.68 -20.11
C ASP E 174 30.52 41.31 -21.56
N ILE E 175 30.04 40.14 -21.96
CA ILE E 175 30.24 39.69 -23.34
C ILE E 175 29.40 40.51 -24.31
N ASP E 176 28.16 40.81 -23.92
CA ASP E 176 27.27 41.55 -24.82
C ASP E 176 27.83 42.92 -25.16
N ALA E 177 28.51 43.56 -24.21
CA ALA E 177 29.12 44.85 -24.50
C ALA E 177 30.16 44.73 -25.60
N SER E 178 31.02 43.71 -25.53
CA SER E 178 32.02 43.52 -26.58
C SER E 178 31.37 43.19 -27.91
N ILE E 179 30.34 42.35 -27.90
CA ILE E 179 29.66 42.00 -29.15
C ILE E 179 29.06 43.24 -29.80
N GLU E 180 28.39 44.08 -28.99
CA GLU E 180 27.81 45.31 -29.53
C GLU E 180 28.89 46.26 -30.00
N GLU E 181 30.04 46.29 -29.33
CA GLU E 181 31.14 47.11 -29.79
C GLU E 181 31.60 46.66 -31.18
N LEU E 182 31.73 45.35 -31.38
CA LEU E 182 32.10 44.85 -32.70
C LEU E 182 31.05 45.21 -33.75
N ARG E 183 29.77 45.03 -33.40
CA ARG E 183 28.71 45.36 -34.34
C ARG E 183 28.77 46.83 -34.73
N MET E 184 28.92 47.72 -33.75
CA MET E 184 28.94 49.15 -34.03
C MET E 184 30.15 49.51 -34.86
N HIS E 185 31.31 48.91 -34.58
CA HIS E 185 32.49 49.19 -35.39
C HIS E 185 32.23 48.82 -36.86
N MET E 186 31.70 47.62 -37.09
CA MET E 186 31.43 47.22 -38.48
C MET E 186 30.40 48.12 -39.14
N GLU E 187 29.35 48.50 -38.40
CA GLU E 187 28.31 49.34 -38.97
C GLU E 187 28.84 50.72 -39.33
N ASP E 188 29.62 51.33 -38.44
CA ASP E 188 30.03 52.72 -38.62
C ASP E 188 31.21 52.88 -39.56
N GLU E 189 32.14 51.93 -39.56
CA GLU E 189 33.36 52.10 -40.34
C GLU E 189 33.21 51.64 -41.79
N ALA E 190 32.04 51.18 -42.21
CA ALA E 190 31.85 50.82 -43.60
C ALA E 190 32.10 52.03 -44.51
N LYS E 191 31.53 53.19 -44.15
CA LYS E 191 31.78 54.43 -44.85
C LYS E 191 31.52 54.29 -46.35
N THR E 192 30.45 53.57 -46.69
CA THR E 192 30.08 53.34 -48.07
C THR E 192 28.77 54.03 -48.46
N GLY E 193 28.26 54.91 -47.61
CA GLY E 193 27.09 55.69 -47.96
C GLY E 193 25.85 54.86 -48.19
N THR E 194 25.58 53.88 -47.33
CA THR E 194 24.35 53.09 -47.42
C THR E 194 24.08 52.49 -46.06
N VAL E 195 22.84 52.00 -45.90
CA VAL E 195 22.44 51.39 -44.64
C VAL E 195 23.08 50.02 -44.51
N ILE E 196 23.76 49.79 -43.40
CA ILE E 196 24.47 48.55 -43.16
C ILE E 196 23.76 47.77 -42.05
N ASN E 197 23.97 46.46 -42.05
CA ASN E 197 23.44 45.56 -41.02
C ASN E 197 24.60 44.74 -40.50
N GLY E 198 25.10 45.12 -39.32
CA GLY E 198 26.30 44.50 -38.76
C GLY E 198 26.13 43.04 -38.39
N GLU E 199 24.90 42.53 -38.35
CA GLU E 199 24.67 41.14 -37.95
C GLU E 199 25.18 40.14 -38.97
N GLU E 200 25.53 40.57 -40.19
CA GLU E 200 25.96 39.66 -41.25
C GLU E 200 27.49 39.63 -41.28
N ILE E 201 28.07 38.83 -40.38
CA ILE E 201 29.51 38.71 -40.26
C ILE E 201 29.86 37.27 -39.93
N HIS E 202 30.97 36.79 -40.49
CA HIS E 202 31.53 35.51 -40.12
C HIS E 202 32.46 35.68 -38.93
N VAL E 203 32.45 34.69 -38.04
CA VAL E 203 33.33 34.68 -36.88
C VAL E 203 34.00 33.31 -36.80
N VAL E 204 35.33 33.30 -36.81
CA VAL E 204 36.12 32.08 -36.70
C VAL E 204 37.00 32.22 -35.47
N VAL E 205 36.96 31.23 -34.59
CA VAL E 205 37.64 31.30 -33.30
C VAL E 205 38.49 30.06 -33.11
N ASP E 206 39.45 30.17 -32.19
CA ASP E 206 40.30 29.06 -31.82
C ASP E 206 39.57 28.14 -30.84
N ARG E 207 40.13 26.93 -30.66
CA ARG E 207 39.50 25.96 -29.79
C ARG E 207 39.44 26.46 -28.34
N VAL E 208 40.52 27.08 -27.87
CA VAL E 208 40.53 27.60 -26.49
C VAL E 208 39.47 28.67 -26.33
N PHE E 209 39.36 29.57 -27.30
CA PHE E 209 38.33 30.61 -27.24
C PHE E 209 36.94 29.98 -27.20
N PHE E 210 36.69 28.97 -28.04
CA PHE E 210 35.39 28.32 -28.06
C PHE E 210 35.07 27.67 -26.72
N SER E 211 36.03 26.95 -26.16
CA SER E 211 35.80 26.28 -24.88
C SER E 211 35.52 27.31 -23.78
N LYS E 212 36.32 28.36 -23.71
CA LYS E 212 36.12 29.37 -22.69
C LYS E 212 34.75 30.03 -22.83
N LEU E 213 34.36 30.37 -24.06
CA LEU E 213 33.07 31.00 -24.28
C LEU E 213 31.93 30.09 -23.88
N VAL E 214 32.00 28.81 -24.25
CA VAL E 214 30.92 27.88 -23.94
C VAL E 214 30.83 27.67 -22.44
N LYS E 215 31.97 27.64 -21.74
CA LYS E 215 31.97 27.33 -20.32
C LYS E 215 31.62 28.52 -19.43
N HIS E 216 31.46 29.71 -19.99
CA HIS E 216 31.30 30.89 -19.15
C HIS E 216 30.01 30.81 -18.35
N PRO E 217 30.01 31.23 -17.08
CA PRO E 217 28.77 31.15 -16.29
C PRO E 217 27.60 31.94 -16.88
N LYS E 218 27.87 33.09 -17.48
CA LYS E 218 26.78 33.95 -17.95
C LYS E 218 25.96 33.24 -19.03
N ILE E 219 26.63 32.59 -19.99
CA ILE E 219 25.92 31.85 -21.03
C ILE E 219 25.27 30.60 -20.43
N ARG E 220 26.00 29.93 -19.55
CA ARG E 220 25.52 28.67 -18.99
C ARG E 220 24.20 28.87 -18.27
N ASP E 221 24.13 29.86 -17.38
CA ASP E 221 22.91 30.09 -16.61
C ASP E 221 21.74 30.45 -17.52
N ALA E 222 21.97 31.34 -18.49
CA ALA E 222 20.88 31.76 -19.36
C ALA E 222 20.33 30.59 -20.17
N TYR E 223 21.21 29.78 -20.76
CA TYR E 223 20.72 28.68 -21.58
C TYR E 223 20.18 27.54 -20.73
N LEU E 224 20.63 27.41 -19.48
CA LEU E 224 20.03 26.44 -18.58
C LEU E 224 18.61 26.84 -18.21
N ALA E 225 18.40 28.12 -17.93
CA ALA E 225 17.07 28.61 -17.57
C ALA E 225 16.11 28.58 -18.75
N GLN E 226 16.58 28.94 -19.95
CA GLN E 226 15.69 29.01 -21.09
C GLN E 226 15.13 27.62 -21.44
N GLN E 227 13.83 27.56 -21.71
CA GLN E 227 13.16 26.31 -22.08
C GLN E 227 12.79 26.40 -23.56
N THR E 228 13.73 25.98 -24.42
CA THR E 228 13.54 26.04 -25.86
C THR E 228 14.34 24.91 -26.48
N PRO E 229 13.92 24.40 -27.65
CA PRO E 229 14.73 23.36 -28.30
C PRO E 229 16.17 23.81 -28.55
N LEU E 230 16.38 25.09 -28.86
CA LEU E 230 17.75 25.59 -29.02
C LEU E 230 18.52 25.48 -27.71
N ALA E 231 17.89 25.83 -26.59
CA ALA E 231 18.57 25.76 -25.31
C ALA E 231 18.92 24.33 -24.95
N TRP E 232 17.98 23.40 -25.14
CA TRP E 232 18.25 22.00 -24.81
C TRP E 232 19.36 21.44 -25.67
N GLN E 233 19.35 21.74 -26.97
CA GLN E 233 20.35 21.17 -27.87
C GLN E 233 21.75 21.63 -27.51
N GLN E 234 21.92 22.91 -27.17
CA GLN E 234 23.24 23.47 -26.95
C GLN E 234 23.82 23.13 -25.57
N ILE E 235 23.02 22.60 -24.65
CA ILE E 235 23.49 22.28 -23.31
C ILE E 235 23.77 20.79 -23.16
N THR E 236 22.84 19.95 -23.57
CA THR E 236 23.00 18.50 -23.48
C THR E 236 23.20 17.84 -24.83
N GLY E 237 22.89 18.52 -25.92
CA GLY E 237 23.05 17.97 -27.26
C GLY E 237 24.45 18.14 -27.79
N SER E 238 24.60 17.95 -29.10
CA SER E 238 25.88 18.04 -29.78
C SER E 238 25.98 19.38 -30.50
N LEU E 239 27.07 20.10 -30.27
CA LEU E 239 27.28 21.39 -30.90
C LEU E 239 27.79 21.27 -32.33
N ARG E 240 28.13 20.07 -32.78
CA ARG E 240 28.67 19.87 -34.13
C ARG E 240 27.51 19.84 -35.12
N THR E 241 27.24 20.99 -35.75
CA THR E 241 26.16 21.07 -36.73
C THR E 241 26.53 21.90 -37.96
N GLY E 242 27.80 22.25 -38.13
CA GLY E 242 28.23 23.07 -39.25
C GLY E 242 28.48 22.23 -40.50
N GLY E 243 29.24 22.83 -41.42
CA GLY E 243 29.60 22.17 -42.66
C GLY E 243 30.84 21.32 -42.53
N THR E 244 31.39 20.94 -43.68
CA THR E 244 32.57 20.09 -43.74
C THR E 244 33.78 20.94 -44.11
N ASP E 245 34.83 20.87 -43.30
CA ASP E 245 36.06 21.59 -43.56
C ASP E 245 37.11 20.74 -44.28
N GLY E 246 36.77 19.50 -44.63
CA GLY E 246 37.67 18.61 -45.35
C GLY E 246 38.32 17.54 -44.50
N VAL E 247 38.20 17.61 -43.18
CA VAL E 247 38.79 16.61 -42.30
C VAL E 247 37.71 16.03 -41.39
N GLN E 248 36.65 16.78 -41.14
CA GLN E 248 35.53 16.31 -40.33
C GLN E 248 34.23 16.75 -40.99
N ALA E 249 33.18 15.97 -40.72
CA ALA E 249 31.91 16.20 -41.42
C ALA E 249 31.19 17.44 -40.91
N HIS E 250 31.40 17.82 -39.65
CA HIS E 250 30.73 18.98 -39.07
C HIS E 250 31.68 19.71 -38.15
N MET E 251 31.45 21.02 -38.01
CA MET E 251 32.27 21.88 -37.17
C MET E 251 31.41 22.48 -36.07
N ASN E 252 32.02 22.66 -34.90
CA ASN E 252 31.31 23.21 -33.76
C ASN E 252 30.70 24.57 -34.10
N THR E 253 29.46 24.77 -33.69
CA THR E 253 28.75 26.02 -33.92
C THR E 253 28.01 26.41 -32.66
N PHE E 254 28.00 27.71 -32.36
CA PHE E 254 27.34 28.23 -31.17
C PHE E 254 26.61 29.51 -31.52
N TYR E 255 25.38 29.63 -31.03
CA TYR E 255 24.54 30.80 -31.26
C TYR E 255 24.38 31.58 -29.96
N TYR E 256 24.60 32.90 -30.03
CA TYR E 256 24.38 33.75 -28.87
C TYR E 256 24.34 35.21 -29.28
N GLY E 257 23.31 35.93 -28.84
CA GLY E 257 23.20 37.35 -29.14
C GLY E 257 23.12 37.65 -30.63
N GLY E 258 22.65 36.71 -31.43
CA GLY E 258 22.57 36.88 -32.87
C GLY E 258 23.80 36.43 -33.62
N VAL E 259 24.98 36.58 -33.02
CA VAL E 259 26.22 36.16 -33.67
C VAL E 259 26.29 34.63 -33.67
N LYS E 260 27.02 34.09 -34.64
CA LYS E 260 27.18 32.66 -34.81
C LYS E 260 28.68 32.35 -34.90
N PHE E 261 29.20 31.73 -33.85
CA PHE E 261 30.63 31.42 -33.78
C PHE E 261 30.91 30.07 -34.41
N VAL E 262 32.14 29.89 -34.89
CA VAL E 262 32.59 28.65 -35.49
C VAL E 262 34.03 28.40 -35.09
N GLN E 263 34.38 27.13 -34.96
CA GLN E 263 35.73 26.70 -34.59
C GLN E 263 36.41 26.10 -35.82
N TYR E 264 37.63 26.55 -36.09
CA TYR E 264 38.40 26.08 -37.25
C TYR E 264 39.73 25.54 -36.74
N ASN E 265 40.02 24.28 -37.07
CA ASN E 265 41.21 23.60 -36.60
C ASN E 265 42.31 23.53 -37.64
N GLY E 266 42.20 24.30 -38.73
CA GLY E 266 43.17 24.19 -39.80
C GLY E 266 44.57 24.50 -39.31
N LYS E 267 45.55 23.77 -39.85
CA LYS E 267 46.95 23.97 -39.52
C LYS E 267 47.80 23.18 -40.50
N PHE E 268 48.97 23.73 -40.83
CA PHE E 268 49.87 23.10 -41.77
C PHE E 268 51.30 23.21 -41.24
N LYS E 269 52.24 22.64 -41.99
CA LYS E 269 53.64 22.61 -41.61
C LYS E 269 54.49 23.29 -42.67
N ASP E 270 55.64 23.81 -42.23
CA ASP E 270 56.56 24.54 -43.09
C ASP E 270 57.80 23.71 -43.39
N LYS E 271 58.60 24.20 -44.34
CA LYS E 271 59.86 23.52 -44.66
C LYS E 271 60.73 23.38 -43.43
N ARG E 272 60.79 24.44 -42.60
CA ARG E 272 61.60 24.41 -41.39
C ARG E 272 61.10 23.39 -40.38
N GLY E 273 59.88 22.89 -40.53
CA GLY E 273 59.32 21.91 -39.63
C GLY E 273 58.31 22.46 -38.63
N LYS E 274 58.18 23.78 -38.54
CA LYS E 274 57.23 24.36 -37.60
C LYS E 274 55.81 24.23 -38.13
N VAL E 275 54.85 24.50 -37.24
CA VAL E 275 53.43 24.35 -37.54
C VAL E 275 52.79 25.73 -37.58
N HIS E 276 52.09 26.01 -38.68
CA HIS E 276 51.38 27.26 -38.86
C HIS E 276 49.90 27.05 -38.55
N THR E 277 49.36 27.85 -37.64
CA THR E 277 47.94 27.80 -37.30
C THR E 277 47.22 28.90 -38.05
N LEU E 278 46.13 28.53 -38.73
CA LEU E 278 45.44 29.48 -39.60
C LEU E 278 44.79 30.60 -38.81
N VAL E 279 44.22 30.29 -37.64
CA VAL E 279 43.41 31.25 -36.91
C VAL E 279 44.21 32.04 -35.87
N SER E 280 45.50 31.77 -35.72
CA SER E 280 46.29 32.38 -34.67
C SER E 280 46.74 33.79 -35.07
N ILE E 281 47.16 34.56 -34.07
CA ILE E 281 47.78 35.86 -34.26
C ILE E 281 49.28 35.69 -34.12
N ASP E 282 50.04 36.57 -34.77
CA ASP E 282 51.48 36.37 -34.91
C ASP E 282 52.17 36.30 -33.55
N SER E 283 51.84 37.22 -32.64
CA SER E 283 52.58 37.39 -31.40
C SER E 283 51.69 37.21 -30.17
N VAL E 284 50.87 36.16 -30.15
CA VAL E 284 50.02 35.84 -29.01
C VAL E 284 50.25 34.39 -28.63
N ALA E 285 50.42 34.13 -27.34
CA ALA E 285 50.66 32.77 -26.87
C ALA E 285 49.47 31.88 -27.20
N ALA E 286 49.77 30.61 -27.48
CA ALA E 286 48.73 29.67 -27.87
C ALA E 286 47.73 29.42 -26.76
N THR E 287 48.09 29.68 -25.50
CA THR E 287 47.20 29.43 -24.39
C THR E 287 46.03 30.42 -24.34
N VAL E 288 46.09 31.50 -25.11
CA VAL E 288 45.06 32.53 -25.11
C VAL E 288 44.18 32.33 -26.33
N GLY E 289 42.87 32.32 -26.13
CA GLY E 289 41.96 32.21 -27.26
C GLY E 289 42.07 33.41 -28.19
N VAL E 290 41.72 33.19 -29.45
CA VAL E 290 41.85 34.22 -30.47
C VAL E 290 41.02 33.82 -31.67
N GLY E 291 40.48 34.81 -32.37
CA GLY E 291 39.65 34.56 -33.54
C GLY E 291 39.66 35.76 -34.45
N HIS E 292 38.94 35.63 -35.57
CA HIS E 292 38.88 36.67 -36.58
C HIS E 292 37.45 36.84 -37.05
N ALA E 293 37.12 38.06 -37.46
CA ALA E 293 35.79 38.39 -37.96
C ALA E 293 35.90 39.18 -39.26
N PHE E 294 35.09 38.80 -40.24
CA PHE E 294 35.05 39.49 -41.52
C PHE E 294 33.62 39.49 -42.03
N PRO E 295 33.23 40.47 -42.84
CA PRO E 295 31.83 40.59 -43.25
C PRO E 295 31.42 39.55 -44.28
N ASN E 296 30.11 39.36 -44.39
CA ASN E 296 29.54 38.49 -45.39
C ASN E 296 29.49 39.20 -46.74
N VAL E 297 29.23 38.41 -47.79
CA VAL E 297 29.06 39.00 -49.12
C VAL E 297 27.81 39.84 -49.18
N SER E 298 26.75 39.44 -48.47
CA SER E 298 25.46 40.11 -48.58
C SER E 298 25.41 41.43 -47.82
N MET E 299 26.38 41.71 -46.94
CA MET E 299 26.35 42.96 -46.18
C MET E 299 26.35 44.15 -47.12
N LEU E 300 27.27 44.17 -48.09
CA LEU E 300 27.38 45.25 -49.05
C LEU E 300 26.75 44.92 -50.40
N GLY E 301 26.16 43.73 -50.54
CA GLY E 301 25.56 43.33 -51.79
C GLY E 301 26.58 42.74 -52.75
N GLU E 302 26.07 42.23 -53.87
CA GLU E 302 26.92 41.64 -54.89
C GLU E 302 27.55 42.68 -55.82
N ALA E 303 27.09 43.92 -55.78
CA ALA E 303 27.63 44.98 -56.61
C ALA E 303 28.79 45.72 -55.97
N ASN E 304 29.12 45.40 -54.71
CA ASN E 304 30.19 46.05 -53.97
C ASN E 304 31.16 45.01 -53.43
N ASN E 305 31.59 44.10 -54.30
CA ASN E 305 32.50 43.04 -53.88
C ASN E 305 33.74 43.63 -53.23
N ILE E 306 34.13 43.06 -52.10
CA ILE E 306 35.21 43.60 -51.29
C ILE E 306 36.49 42.77 -51.41
N PHE E 307 36.39 41.47 -51.70
CA PHE E 307 37.54 40.59 -51.79
C PHE E 307 37.91 40.37 -53.25
N GLU E 308 39.21 40.30 -53.52
CA GLU E 308 39.69 40.16 -54.89
C GLU E 308 40.94 39.29 -54.90
N VAL E 309 41.23 38.74 -56.08
CA VAL E 309 42.44 37.96 -56.31
C VAL E 309 42.91 38.24 -57.74
N ALA E 310 44.20 38.49 -57.89
CA ALA E 310 44.80 38.81 -59.18
C ALA E 310 45.72 37.69 -59.63
N TYR E 311 45.82 37.52 -60.95
CA TYR E 311 46.67 36.50 -61.55
C TYR E 311 47.51 37.13 -62.63
N GLY E 312 48.78 36.72 -62.71
CA GLY E 312 49.71 37.29 -63.65
C GLY E 312 50.25 36.28 -64.63
N PRO E 313 50.95 36.75 -65.66
CA PRO E 313 51.46 35.84 -66.70
C PRO E 313 52.78 35.20 -66.31
N CYS E 314 53.05 34.07 -66.96
CA CYS E 314 54.30 33.34 -66.77
C CYS E 314 55.45 34.06 -67.47
N PRO E 315 56.66 34.02 -66.91
CA PRO E 315 57.81 34.66 -67.58
C PRO E 315 58.51 33.74 -68.56
N LYS E 316 57.84 33.47 -69.68
CA LYS E 316 58.39 32.59 -70.70
C LYS E 316 57.85 32.98 -72.07
N MET E 317 58.57 32.57 -73.10
CA MET E 317 58.18 32.91 -74.47
C MET E 317 56.79 32.40 -74.78
N GLY E 318 55.99 33.24 -75.43
CA GLY E 318 54.60 32.94 -75.71
C GLY E 318 53.63 33.38 -74.64
N TYR E 319 54.12 33.86 -73.50
CA TYR E 319 53.28 34.37 -72.42
C TYR E 319 53.70 35.77 -72.02
N ALA E 320 54.24 36.54 -72.96
CA ALA E 320 54.77 37.86 -72.62
C ALA E 320 53.67 38.79 -72.12
N ASN E 321 52.51 38.78 -72.77
CA ASN E 321 51.40 39.65 -72.40
C ASN E 321 50.09 38.88 -72.32
N THR E 322 50.15 37.62 -71.91
CA THR E 322 48.95 36.82 -71.77
C THR E 322 48.12 37.32 -70.58
N LEU E 323 46.93 36.73 -70.43
CA LEU E 323 45.99 37.19 -69.43
C LEU E 323 46.26 36.63 -68.04
N GLY E 324 47.08 35.60 -67.92
CA GLY E 324 47.34 34.99 -66.63
C GLY E 324 46.40 33.83 -66.33
N GLN E 325 46.87 32.93 -65.47
CA GLN E 325 46.14 31.72 -65.15
C GLN E 325 46.41 31.34 -63.71
N GLU E 326 45.69 30.32 -63.25
CA GLU E 326 45.84 29.87 -61.86
C GLU E 326 47.09 29.02 -61.69
N LEU E 327 47.45 28.23 -62.70
CA LEU E 327 48.57 27.32 -62.57
C LEU E 327 49.03 26.89 -63.96
N TYR E 328 50.34 26.93 -64.20
CA TYR E 328 50.94 26.43 -65.43
C TYR E 328 51.77 25.19 -65.13
N VAL E 329 51.73 24.22 -66.03
CA VAL E 329 52.53 23.00 -65.91
C VAL E 329 53.24 22.76 -67.22
N PHE E 330 54.56 22.54 -67.15
CA PHE E 330 55.37 22.25 -68.32
C PHE E 330 56.24 21.03 -68.05
N GLU E 331 56.59 20.33 -69.12
CA GLU E 331 57.48 19.18 -69.04
C GLU E 331 58.50 19.24 -70.17
N TYR E 332 59.71 18.77 -69.87
CA TYR E 332 60.78 18.72 -70.86
C TYR E 332 61.54 17.41 -70.70
N GLU E 333 62.21 17.02 -71.78
CA GLU E 333 62.98 15.79 -71.80
C GLU E 333 64.44 16.07 -71.48
N LYS E 334 64.99 15.31 -70.54
CA LYS E 334 66.40 15.42 -70.23
C LYS E 334 67.24 14.89 -71.40
N ASP E 335 68.46 15.40 -71.51
CA ASP E 335 69.31 15.06 -72.64
C ASP E 335 69.67 13.58 -72.63
N ARG E 336 69.77 13.00 -73.82
CA ARG E 336 70.24 11.62 -73.99
C ARG E 336 69.34 10.64 -73.25
N ASP E 337 68.03 10.89 -73.27
CA ASP E 337 67.05 9.96 -72.71
C ASP E 337 67.37 9.62 -71.25
N GLU E 338 67.71 10.63 -70.47
CA GLU E 338 68.07 10.42 -69.07
C GLU E 338 66.89 10.55 -68.11
N GLY E 339 65.74 11.03 -68.56
CA GLY E 339 64.59 11.15 -67.70
C GLY E 339 63.65 12.23 -68.19
N ILE E 340 62.81 12.72 -67.27
CA ILE E 340 61.80 13.72 -67.54
C ILE E 340 61.88 14.79 -66.47
N ASP E 341 61.39 15.98 -66.81
CA ASP E 341 61.38 17.12 -65.89
C ASP E 341 60.00 17.77 -65.89
N PHE E 342 59.67 18.44 -64.78
CA PHE E 342 58.40 19.12 -64.63
C PHE E 342 58.63 20.47 -63.95
N GLU E 343 57.69 21.39 -64.16
CA GLU E 343 57.72 22.68 -63.50
C GLU E 343 56.29 23.16 -63.30
N ALA E 344 56.07 23.89 -62.22
CA ALA E 344 54.76 24.46 -61.90
C ALA E 344 54.96 25.92 -61.53
N HIS E 345 54.10 26.79 -62.07
CA HIS E 345 54.24 28.22 -61.88
C HIS E 345 52.91 28.82 -61.42
N SER E 346 53.00 29.83 -60.57
CA SER E 346 51.83 30.59 -60.15
C SER E 346 52.25 32.02 -59.86
N TYR E 347 51.33 32.96 -60.06
CA TYR E 347 51.62 34.38 -59.88
C TYR E 347 50.32 35.05 -59.44
N MET E 348 50.19 35.31 -58.13
CA MET E 348 48.93 35.76 -57.58
C MET E 348 49.16 36.59 -56.33
N LEU E 349 48.14 37.39 -55.97
CA LEU E 349 48.14 38.16 -54.74
C LEU E 349 46.70 38.45 -54.32
N PRO E 350 46.23 37.91 -53.20
CA PRO E 350 44.90 38.28 -52.70
C PRO E 350 44.95 39.55 -51.87
N TYR E 351 43.90 40.36 -51.99
CA TYR E 351 43.86 41.63 -51.29
C TYR E 351 42.41 42.01 -50.99
N CYS E 352 42.25 42.89 -50.02
CA CYS E 352 40.96 43.40 -49.57
C CYS E 352 40.95 44.91 -49.71
N THR E 353 39.86 45.46 -50.26
CA THR E 353 39.79 46.88 -50.57
C THR E 353 39.29 47.73 -49.41
N ARG E 354 38.75 47.13 -48.35
CA ARG E 354 38.28 47.86 -47.17
C ARG E 354 38.81 47.17 -45.93
N PRO E 355 40.10 47.30 -45.65
CA PRO E 355 40.69 46.57 -44.53
C PRO E 355 40.12 46.95 -43.17
N GLN E 356 39.48 48.12 -43.04
CA GLN E 356 38.97 48.55 -41.74
C GLN E 356 37.83 47.68 -41.24
N LEU E 357 37.27 46.82 -42.09
CA LEU E 357 36.17 45.94 -41.72
C LEU E 357 36.63 44.59 -41.20
N LEU E 358 37.95 44.40 -41.05
CA LEU E 358 38.50 43.16 -40.51
C LEU E 358 38.89 43.39 -39.06
N VAL E 359 38.36 42.56 -38.16
CA VAL E 359 38.52 42.74 -36.73
C VAL E 359 39.11 41.48 -36.12
N ASP E 360 39.76 41.64 -34.97
CA ASP E 360 40.31 40.53 -34.22
C ASP E 360 39.67 40.48 -32.84
N VAL E 361 39.58 39.27 -32.29
CA VAL E 361 38.97 39.04 -30.98
C VAL E 361 39.93 38.23 -30.13
N ARG E 362 40.06 38.63 -28.87
CA ARG E 362 40.94 37.96 -27.92
C ARG E 362 40.19 37.68 -26.63
N ALA E 363 40.51 36.57 -25.98
CA ALA E 363 39.78 36.11 -24.82
C ALA E 363 40.35 36.62 -23.50
N ASP E 364 41.41 37.44 -23.53
CA ASP E 364 42.04 37.94 -22.32
C ASP E 364 41.84 39.45 -22.23
N ALA E 365 41.32 39.92 -21.10
CA ALA E 365 41.17 41.35 -20.88
C ALA E 365 42.54 41.99 -20.68
N LYS E 366 42.89 42.92 -21.56
CA LYS E 366 44.19 43.56 -21.52
C LYS E 366 44.04 45.02 -21.93
N MET F 1 1.80 -40.35 -13.75
CA MET F 1 3.12 -41.03 -13.76
C MET F 1 3.55 -41.37 -12.34
N LEU F 2 3.59 -42.67 -12.03
CA LEU F 2 3.86 -43.15 -10.70
C LEU F 2 5.18 -43.92 -10.68
N THR F 3 5.80 -43.96 -9.50
CA THR F 3 7.04 -44.69 -9.29
C THR F 3 7.03 -45.28 -7.87
N ASN F 4 8.04 -46.09 -7.59
CA ASN F 4 8.17 -46.68 -6.26
C ASN F 4 8.30 -45.59 -5.21
N SER F 5 7.71 -45.83 -4.04
CA SER F 5 7.79 -44.88 -2.95
C SER F 5 9.23 -44.67 -2.53
N GLU F 6 9.43 -43.69 -1.65
CA GLU F 6 10.79 -43.32 -1.23
C GLU F 6 11.47 -44.42 -0.44
N LYS F 7 10.72 -45.24 0.30
CA LYS F 7 11.33 -46.22 1.19
C LYS F 7 10.64 -47.58 1.17
N SER F 8 9.82 -47.88 0.15
CA SER F 8 9.12 -49.16 0.11
C SER F 8 9.01 -49.63 -1.33
N ARG F 9 9.12 -50.95 -1.52
CA ARG F 9 9.02 -51.53 -2.85
C ARG F 9 7.58 -51.83 -3.25
N PHE F 10 6.63 -51.71 -2.33
CA PHE F 10 5.25 -52.10 -2.58
C PHE F 10 4.28 -50.92 -2.66
N PHE F 11 4.76 -49.70 -2.50
CA PHE F 11 3.90 -48.52 -2.52
C PHE F 11 4.33 -47.59 -3.65
N LEU F 12 3.39 -46.77 -4.11
CA LEU F 12 3.58 -45.93 -5.27
C LEU F 12 3.55 -44.46 -4.87
N ALA F 13 4.20 -43.63 -5.69
CA ALA F 13 4.19 -42.19 -5.53
C ALA F 13 4.31 -41.56 -6.92
N ASP F 14 3.87 -40.31 -7.02
CA ASP F 14 3.83 -39.62 -8.31
C ASP F 14 5.11 -38.86 -8.57
N LEU F 15 5.33 -38.55 -9.85
CA LEU F 15 6.53 -37.86 -10.32
C LEU F 15 6.09 -36.65 -11.13
N THR F 16 6.39 -35.45 -10.62
CA THR F 16 5.90 -34.20 -11.22
C THR F 16 6.99 -33.58 -12.08
N GLY F 17 7.25 -34.21 -13.22
CA GLY F 17 8.10 -33.62 -14.24
C GLY F 17 9.53 -33.43 -13.78
N GLU F 18 10.18 -32.41 -14.36
CA GLU F 18 11.59 -32.15 -14.14
C GLU F 18 11.85 -30.66 -14.25
N VAL F 19 12.95 -30.22 -13.63
CA VAL F 19 13.40 -28.83 -13.67
C VAL F 19 14.85 -28.82 -14.14
N GLN F 20 15.17 -27.89 -15.05
CA GLN F 20 16.46 -27.86 -15.71
C GLN F 20 17.12 -26.50 -15.52
N SER F 21 18.45 -26.51 -15.51
CA SER F 21 19.26 -25.30 -15.42
C SER F 21 20.27 -25.30 -16.56
N ILE F 22 20.48 -24.14 -17.16
CA ILE F 22 21.37 -24.01 -18.31
C ILE F 22 22.28 -22.81 -18.09
N PRO F 23 23.57 -22.89 -18.42
CA PRO F 23 24.46 -21.76 -18.18
C PRO F 23 24.18 -20.59 -19.10
N ASN F 24 24.59 -19.41 -18.67
CA ASN F 24 24.39 -18.20 -19.45
C ASN F 24 25.45 -18.07 -20.53
N THR F 25 25.06 -17.50 -21.67
CA THR F 25 25.96 -17.25 -22.80
C THR F 25 25.60 -15.88 -23.37
N TYR F 26 26.53 -14.92 -23.24
CA TYR F 26 26.21 -13.54 -23.60
C TYR F 26 26.26 -13.34 -25.11
N GLY F 27 27.43 -13.46 -25.71
CA GLY F 27 27.52 -13.36 -27.16
C GLY F 27 27.00 -12.05 -27.72
N TYR F 28 27.41 -10.92 -27.11
CA TYR F 28 26.93 -9.62 -27.58
C TYR F 28 27.75 -9.11 -28.75
N ILE F 29 29.07 -9.08 -28.60
CA ILE F 29 29.93 -8.52 -29.65
C ILE F 29 29.81 -9.33 -30.94
N SER F 30 29.69 -10.65 -30.81
CA SER F 30 29.60 -11.50 -31.99
C SER F 30 28.40 -11.16 -32.86
N ASN F 31 27.35 -10.55 -32.28
CA ASN F 31 26.16 -10.21 -33.03
C ASN F 31 26.28 -8.90 -33.80
N LEU F 32 27.31 -8.11 -33.53
CA LEU F 32 27.47 -6.83 -34.23
C LEU F 32 27.93 -7.02 -35.67
N GLY F 33 28.55 -8.15 -36.00
CA GLY F 33 29.04 -8.35 -37.34
C GLY F 33 30.23 -7.49 -37.72
N LEU F 34 31.01 -7.05 -36.73
CA LEU F 34 32.14 -6.17 -37.01
C LEU F 34 33.21 -6.86 -37.83
N PHE F 35 33.46 -8.14 -37.55
CA PHE F 35 34.63 -8.83 -38.09
C PHE F 35 34.27 -9.53 -39.41
N ARG F 36 35.18 -9.42 -40.38
CA ARG F 36 35.00 -10.02 -41.69
C ARG F 36 35.93 -11.22 -41.84
N SER F 37 35.39 -12.32 -42.36
CA SER F 37 36.19 -13.53 -42.55
C SER F 37 37.24 -13.31 -43.64
N ALA F 38 38.39 -13.97 -43.48
CA ALA F 38 39.49 -13.89 -44.44
C ALA F 38 40.33 -15.15 -44.34
N PRO F 39 39.84 -16.27 -44.88
CA PRO F 39 40.60 -17.52 -44.80
C PRO F 39 41.86 -17.47 -45.63
N ILE F 40 42.89 -18.19 -45.18
CA ILE F 40 44.18 -18.25 -45.85
C ILE F 40 44.66 -19.70 -45.87
N THR F 41 45.61 -19.98 -46.76
CA THR F 41 46.12 -21.33 -46.95
C THR F 41 47.38 -21.62 -46.15
N GLN F 42 47.98 -20.63 -45.49
CA GLN F 42 49.27 -20.80 -44.85
C GLN F 42 49.15 -20.55 -43.36
N THR F 43 50.28 -20.70 -42.67
CA THR F 43 50.34 -20.53 -41.22
C THR F 43 50.70 -19.11 -40.80
N THR F 44 50.94 -18.21 -41.75
CA THR F 44 51.25 -16.82 -41.42
C THR F 44 51.00 -15.97 -42.66
N PHE F 45 50.76 -14.68 -42.42
CA PHE F 45 50.45 -13.74 -43.50
C PHE F 45 51.18 -12.43 -43.26
N LEU F 46 51.39 -11.69 -44.34
CA LEU F 46 52.15 -10.45 -44.31
C LEU F 46 51.26 -9.29 -44.76
N MET F 47 51.80 -8.08 -44.61
CA MET F 47 51.09 -6.87 -44.99
C MET F 47 52.08 -5.75 -45.22
N ASP F 48 51.70 -4.77 -46.03
CA ASP F 48 52.57 -3.66 -46.38
C ASP F 48 51.92 -2.33 -46.00
N LEU F 49 52.75 -1.38 -45.57
CA LEU F 49 52.30 -0.07 -45.12
C LEU F 49 53.04 1.00 -45.90
N THR F 50 52.37 2.15 -46.09
CA THR F 50 52.94 3.24 -46.85
C THR F 50 52.30 4.55 -46.41
N ASP F 51 52.95 5.66 -46.73
CA ASP F 51 52.47 6.98 -46.33
C ASP F 51 53.35 8.05 -46.95
N TRP F 52 52.86 9.29 -46.90
CA TRP F 52 53.59 10.44 -47.41
C TRP F 52 53.06 11.70 -46.74
N ASP F 53 53.68 12.84 -47.05
CA ASP F 53 53.34 14.09 -46.40
C ASP F 53 53.46 15.23 -47.39
N VAL F 54 53.18 16.45 -46.92
CA VAL F 54 53.21 17.66 -47.73
C VAL F 54 53.75 18.81 -46.89
N SER F 55 53.91 19.96 -47.53
CA SER F 55 54.41 21.16 -46.85
C SER F 55 54.06 22.39 -47.67
N LEU F 56 54.13 23.54 -47.03
CA LEU F 56 53.83 24.81 -47.68
C LEU F 56 55.00 25.28 -48.53
N LEU F 57 54.69 26.03 -49.58
CA LEU F 57 55.72 26.60 -50.43
C LEU F 57 56.11 27.99 -49.95
N ASP F 58 57.35 28.37 -50.25
CA ASP F 58 57.84 29.71 -49.93
C ASP F 58 57.90 30.55 -51.20
N ALA F 59 57.81 31.86 -51.01
CA ALA F 59 57.78 32.79 -52.13
C ALA F 59 59.12 32.82 -52.85
N VAL F 60 59.05 33.09 -54.15
CA VAL F 60 60.23 33.13 -55.02
C VAL F 60 60.11 34.33 -55.94
N ASP F 61 61.24 35.01 -56.18
CA ASP F 61 61.26 36.14 -57.09
C ASP F 61 61.18 35.67 -58.53
N ARG F 62 60.43 36.40 -59.35
CA ARG F 62 60.19 35.97 -60.72
C ARG F 62 61.47 36.00 -61.55
N ASP F 63 62.34 36.98 -61.32
CA ASP F 63 63.53 37.18 -62.14
C ASP F 63 64.65 36.20 -61.82
N SER F 64 64.41 35.23 -60.96
CA SER F 64 65.36 34.16 -60.69
C SER F 64 64.61 32.84 -60.67
N ARG F 65 65.23 31.86 -61.25
CA ARG F 65 64.51 30.60 -61.45
C ARG F 65 64.79 29.70 -60.25
N LYS F 66 64.26 30.02 -59.08
CA LYS F 66 64.31 29.20 -57.88
C LYS F 66 63.08 28.28 -57.84
N ALA F 67 63.16 27.26 -56.99
CA ALA F 67 62.11 26.26 -56.94
C ALA F 67 62.21 25.46 -55.65
N GLU F 68 61.21 24.61 -55.43
CA GLU F 68 61.14 23.73 -54.28
C GLU F 68 60.72 22.35 -54.72
N THR F 69 61.11 21.34 -53.94
CA THR F 69 60.79 19.95 -54.23
C THR F 69 60.39 19.23 -52.96
N SER F 70 59.63 18.14 -53.12
CA SER F 70 59.13 17.39 -51.98
C SER F 70 59.91 16.09 -51.81
N ALA F 71 59.89 15.57 -50.58
CA ALA F 71 60.58 14.33 -50.27
C ALA F 71 59.75 13.12 -50.72
N PRO F 72 60.40 11.96 -50.87
CA PRO F 72 59.67 10.76 -51.31
C PRO F 72 58.90 10.12 -50.17
N GLU F 73 58.30 8.96 -50.48
CA GLU F 73 57.43 8.27 -49.53
C GLU F 73 58.21 7.17 -48.79
N ARG F 74 57.46 6.37 -48.02
CA ARG F 74 58.03 5.34 -47.17
C ARG F 74 57.25 4.04 -47.35
N VAL F 75 57.89 2.93 -46.97
CA VAL F 75 57.31 1.60 -47.11
C VAL F 75 57.80 0.72 -45.97
N ARG F 76 57.01 -0.23 -45.51
CA ARG F 76 57.41 -1.12 -44.42
C ARG F 76 56.67 -2.42 -44.64
N GLN F 77 56.82 -3.40 -43.77
CA GLN F 77 56.21 -4.72 -43.87
C GLN F 77 56.01 -5.30 -42.47
N ILE F 78 55.05 -6.21 -42.35
CA ILE F 78 54.62 -6.76 -41.07
C ILE F 78 54.27 -8.24 -41.25
N SER F 79 54.28 -8.98 -40.14
CA SER F 79 53.92 -10.39 -40.12
C SER F 79 53.09 -10.69 -38.89
N PHE F 80 52.30 -11.77 -38.96
CA PHE F 80 51.43 -12.17 -37.87
C PHE F 80 51.45 -13.68 -37.67
N PRO F 81 51.40 -14.17 -36.42
CA PRO F 81 51.12 -15.59 -36.18
C PRO F 81 49.63 -15.87 -36.01
N MET F 82 49.26 -17.09 -35.64
CA MET F 82 47.86 -17.44 -35.44
C MET F 82 47.71 -18.33 -34.20
N MET F 83 46.46 -18.50 -33.78
CA MET F 83 46.12 -19.25 -32.58
C MET F 83 45.37 -20.52 -32.95
N TYR F 84 45.59 -21.59 -32.18
CA TYR F 84 45.03 -22.91 -32.46
C TYR F 84 44.29 -23.44 -31.23
N PHE F 85 43.16 -24.11 -31.46
CA PHE F 85 42.34 -24.68 -30.40
C PHE F 85 41.94 -26.10 -30.77
N LYS F 86 41.64 -26.89 -29.74
CA LYS F 86 41.26 -28.28 -29.96
C LYS F 86 40.71 -28.88 -28.66
N GLU F 87 39.71 -29.74 -28.80
CA GLU F 87 39.21 -30.53 -27.67
C GLU F 87 38.54 -31.79 -28.22
N VAL F 88 38.52 -32.82 -27.38
CA VAL F 88 38.12 -34.17 -27.79
C VAL F 88 37.16 -34.73 -26.76
N GLU F 89 36.15 -35.47 -27.24
CA GLU F 89 35.19 -36.15 -26.39
C GLU F 89 34.83 -37.47 -27.05
N SER F 90 34.30 -38.40 -26.24
CA SER F 90 34.05 -39.75 -26.73
C SER F 90 32.79 -40.30 -26.07
N ILE F 91 32.21 -41.32 -26.72
CA ILE F 91 30.99 -41.97 -26.26
C ILE F 91 31.26 -43.46 -26.14
N THR F 92 30.72 -44.07 -25.10
CA THR F 92 30.90 -45.49 -24.84
C THR F 92 29.55 -46.10 -24.50
N PRO F 93 29.31 -47.36 -24.87
CA PRO F 93 27.99 -47.95 -24.61
C PRO F 93 27.60 -48.02 -23.15
N ASP F 94 28.56 -47.98 -22.22
CA ASP F 94 28.22 -48.10 -20.80
C ASP F 94 27.35 -46.96 -20.31
N GLU F 95 27.28 -45.85 -21.04
CA GLU F 95 26.46 -44.71 -20.64
C GLU F 95 25.00 -44.86 -21.04
N ILE F 96 24.65 -45.93 -21.75
CA ILE F 96 23.30 -46.12 -22.28
C ILE F 96 22.64 -47.34 -21.68
N GLN F 97 23.41 -48.26 -21.11
CA GLN F 97 22.87 -49.52 -20.61
C GLN F 97 22.07 -49.31 -19.33
N GLY F 98 20.75 -49.40 -19.42
CA GLY F 98 19.91 -49.35 -18.24
C GLY F 98 19.91 -48.03 -17.50
N VAL F 99 19.97 -46.91 -18.21
CA VAL F 99 19.96 -45.59 -17.59
C VAL F 99 18.59 -44.98 -17.81
N ARG F 100 17.91 -44.64 -16.72
CA ARG F 100 16.57 -44.07 -16.80
C ARG F 100 16.64 -42.65 -17.36
N GLN F 101 15.68 -42.29 -18.19
CA GLN F 101 15.55 -40.92 -18.65
C GLN F 101 15.13 -40.05 -17.46
N PRO F 102 15.81 -38.93 -17.18
CA PRO F 102 15.50 -38.20 -15.94
C PRO F 102 14.05 -37.82 -15.77
N GLY F 103 13.37 -37.43 -16.85
CA GLY F 103 12.03 -36.91 -16.76
C GLY F 103 10.91 -37.92 -16.84
N THR F 104 11.23 -39.22 -16.83
CA THR F 104 10.21 -40.26 -16.99
C THR F 104 10.40 -41.31 -15.91
N ALA F 105 9.41 -42.21 -15.82
CA ALA F 105 9.44 -43.28 -14.83
C ALA F 105 10.00 -44.57 -15.39
N ASN F 106 9.85 -44.83 -16.68
CA ASN F 106 10.26 -46.08 -17.29
C ASN F 106 11.09 -45.94 -18.55
N GLU F 107 11.06 -44.78 -19.21
CA GLU F 107 11.76 -44.64 -20.49
C GLU F 107 13.26 -44.81 -20.31
N LEU F 108 13.90 -45.38 -21.32
CA LEU F 108 15.34 -45.61 -21.31
C LEU F 108 16.05 -44.64 -22.25
N THR F 109 17.26 -44.25 -21.88
CA THR F 109 18.04 -43.34 -22.70
C THR F 109 18.45 -44.01 -24.00
N THR F 110 18.66 -43.20 -25.03
CA THR F 110 19.07 -43.68 -26.35
C THR F 110 20.33 -42.96 -26.78
N GLU F 111 21.07 -43.59 -27.69
CA GLU F 111 22.37 -43.06 -28.10
C GLU F 111 22.21 -41.73 -28.81
N ALA F 112 21.14 -41.55 -29.59
CA ALA F 112 20.98 -40.31 -30.34
C ALA F 112 20.90 -39.10 -29.42
N VAL F 113 20.18 -39.23 -28.29
CA VAL F 113 20.03 -38.10 -27.38
C VAL F 113 21.40 -37.66 -26.84
N VAL F 114 22.19 -38.62 -26.36
CA VAL F 114 23.50 -38.28 -25.81
C VAL F 114 24.40 -37.72 -26.90
N ARG F 115 24.35 -38.28 -28.11
CA ARG F 115 25.16 -37.76 -29.20
C ARG F 115 24.84 -36.30 -29.47
N ALA F 116 23.55 -35.98 -29.62
CA ALA F 116 23.15 -34.61 -29.90
C ALA F 116 23.54 -33.67 -28.76
N LYS F 117 23.31 -34.10 -27.52
CA LYS F 117 23.64 -33.25 -26.38
C LYS F 117 25.14 -32.96 -26.34
N LYS F 118 25.96 -33.99 -26.54
CA LYS F 118 27.41 -33.80 -26.51
C LYS F 118 27.87 -32.89 -27.63
N LEU F 119 27.30 -33.06 -28.82
CA LEU F 119 27.67 -32.19 -29.94
C LEU F 119 27.32 -30.74 -29.64
N MET F 120 26.12 -30.50 -29.08
CA MET F 120 25.72 -29.14 -28.78
C MET F 120 26.63 -28.53 -27.71
N LYS F 121 26.98 -29.32 -26.69
CA LYS F 121 27.87 -28.81 -25.65
C LYS F 121 29.23 -28.45 -26.23
N ILE F 122 29.76 -29.30 -27.11
CA ILE F 122 31.04 -28.98 -27.75
C ILE F 122 30.91 -27.70 -28.55
N ARG F 123 29.81 -27.55 -29.29
CA ARG F 123 29.64 -26.39 -30.14
C ARG F 123 29.58 -25.09 -29.34
N THR F 124 28.94 -25.11 -28.18
CA THR F 124 28.76 -23.88 -27.41
C THR F 124 30.10 -23.29 -26.97
N LYS F 125 31.04 -24.15 -26.57
CA LYS F 125 32.31 -23.66 -26.05
C LYS F 125 33.07 -22.83 -27.08
N PHE F 126 33.03 -23.25 -28.34
CA PHE F 126 33.73 -22.50 -29.37
C PHE F 126 33.12 -21.11 -29.57
N ASP F 127 31.79 -21.01 -29.49
CA ASP F 127 31.17 -19.68 -29.56
C ASP F 127 31.60 -18.81 -28.39
N ILE F 128 31.63 -19.39 -27.19
CA ILE F 128 32.08 -18.62 -26.03
C ILE F 128 33.50 -18.12 -26.24
N THR F 129 34.38 -19.00 -26.72
CA THR F 129 35.78 -18.62 -26.93
C THR F 129 35.89 -17.55 -28.02
N ARG F 130 35.10 -17.65 -29.08
CA ARG F 130 35.13 -16.66 -30.13
C ARG F 130 34.71 -15.28 -29.60
N GLU F 131 33.65 -15.25 -28.78
CA GLU F 131 33.24 -13.98 -28.18
C GLU F 131 34.36 -13.40 -27.33
N PHE F 132 34.98 -14.24 -26.50
CA PHE F 132 36.07 -13.76 -25.66
C PHE F 132 37.21 -13.21 -26.48
N LEU F 133 37.59 -13.91 -27.55
CA LEU F 133 38.70 -13.48 -28.38
C LEU F 133 38.39 -12.18 -29.11
N PHE F 134 37.15 -12.03 -29.60
CA PHE F 134 36.78 -10.77 -30.25
C PHE F 134 36.86 -9.62 -29.26
N MET F 135 36.37 -9.82 -28.04
CA MET F 135 36.48 -8.77 -27.04
C MET F 135 37.94 -8.43 -26.74
N GLN F 136 38.80 -9.44 -26.61
CA GLN F 136 40.22 -9.17 -26.38
C GLN F 136 40.82 -8.38 -27.55
N ALA F 137 40.49 -8.76 -28.78
CA ALA F 137 41.04 -8.06 -29.94
C ALA F 137 40.60 -6.61 -29.97
N LEU F 138 39.35 -6.33 -29.59
CA LEU F 138 38.88 -4.95 -29.57
C LEU F 138 39.64 -4.08 -28.58
N LYS F 139 40.38 -4.68 -27.64
CA LYS F 139 41.19 -3.90 -26.70
C LYS F 139 42.55 -3.52 -27.27
N GLY F 140 42.92 -4.03 -28.44
CA GLY F 140 44.22 -3.80 -29.00
C GLY F 140 45.28 -4.82 -28.64
N LYS F 141 44.95 -5.76 -27.74
CA LYS F 141 45.87 -6.83 -27.37
C LYS F 141 45.14 -8.16 -27.46
N VAL F 142 45.76 -9.14 -28.08
CA VAL F 142 45.21 -10.49 -28.23
C VAL F 142 45.99 -11.40 -27.28
N VAL F 143 45.32 -11.91 -26.26
CA VAL F 143 45.93 -12.76 -25.26
C VAL F 143 45.03 -13.96 -24.99
N ASP F 144 45.67 -15.09 -24.72
CA ASP F 144 44.93 -16.31 -24.41
C ASP F 144 44.46 -16.30 -22.95
N ALA F 145 43.52 -17.21 -22.66
CA ALA F 145 43.04 -17.34 -21.28
C ALA F 145 44.16 -17.67 -20.31
N ARG F 146 45.14 -18.47 -20.74
CA ARG F 146 46.31 -18.73 -19.90
C ARG F 146 47.12 -17.46 -19.67
N GLY F 147 46.92 -16.43 -20.47
CA GLY F 147 47.69 -15.21 -20.38
C GLY F 147 48.76 -15.06 -21.44
N THR F 148 48.92 -16.03 -22.33
CA THR F 148 49.92 -15.94 -23.38
C THR F 148 49.60 -14.79 -24.32
N LEU F 149 50.64 -14.14 -24.83
CA LEU F 149 50.51 -13.02 -25.75
C LEU F 149 50.82 -13.48 -27.16
N TYR F 150 49.90 -13.20 -28.08
CA TYR F 150 50.05 -13.57 -29.48
C TYR F 150 50.22 -12.38 -30.41
N ALA F 151 49.62 -11.23 -30.10
CA ALA F 151 49.74 -10.05 -30.94
C ALA F 151 49.66 -8.81 -30.07
N ASP F 152 50.44 -7.79 -30.43
CA ASP F 152 50.42 -6.49 -29.76
C ASP F 152 50.37 -5.45 -30.87
N LEU F 153 49.16 -5.05 -31.24
CA LEU F 153 48.96 -4.23 -32.43
C LEU F 153 49.65 -2.87 -32.33
N TYR F 154 49.72 -2.28 -31.13
CA TYR F 154 50.28 -0.95 -31.00
C TYR F 154 51.77 -0.95 -31.32
N LYS F 155 52.50 -1.97 -30.88
CA LYS F 155 53.91 -2.09 -31.25
C LYS F 155 54.06 -2.58 -32.69
N GLN F 156 53.14 -3.43 -33.14
CA GLN F 156 53.22 -3.95 -34.50
C GLN F 156 53.11 -2.82 -35.52
N PHE F 157 52.21 -1.87 -35.29
CA PHE F 157 52.02 -0.73 -36.17
C PHE F 157 52.75 0.51 -35.69
N ASP F 158 53.64 0.36 -34.70
CA ASP F 158 54.43 1.47 -34.16
C ASP F 158 53.58 2.73 -33.97
N VAL F 159 52.47 2.57 -33.25
CA VAL F 159 51.59 3.68 -32.90
C VAL F 159 51.27 3.58 -31.42
N GLU F 160 50.97 4.72 -30.81
CA GLU F 160 50.77 4.80 -29.37
C GLU F 160 49.28 4.82 -29.03
N LYS F 161 48.93 4.12 -27.95
CA LYS F 161 47.55 4.10 -27.48
C LYS F 161 47.21 5.38 -26.74
N LYS F 162 45.92 5.69 -26.69
CA LYS F 162 45.42 6.87 -26.02
C LYS F 162 44.36 6.48 -25.00
N THR F 163 44.45 7.06 -23.81
CA THR F 163 43.46 6.86 -22.75
C THR F 163 42.85 8.21 -22.39
N VAL F 164 41.54 8.24 -22.25
CA VAL F 164 40.81 9.45 -21.90
C VAL F 164 40.36 9.32 -20.45
N TYR F 165 40.72 10.31 -19.63
CA TYR F 165 40.51 10.25 -18.18
C TYR F 165 39.28 11.08 -17.83
N PHE F 166 38.17 10.41 -17.56
CA PHE F 166 36.99 11.08 -17.01
C PHE F 166 37.18 11.24 -15.51
N ASP F 167 37.19 12.49 -15.04
CA ASP F 167 37.35 12.74 -13.61
C ASP F 167 35.99 12.76 -12.92
N LEU F 168 35.30 11.62 -12.94
CA LEU F 168 33.94 11.57 -12.40
C LEU F 168 33.89 11.77 -10.89
N ASP F 169 35.03 11.72 -10.20
CA ASP F 169 35.04 11.90 -8.76
C ASP F 169 35.14 13.37 -8.36
N ASN F 170 35.35 14.27 -9.31
CA ASN F 170 35.52 15.69 -9.03
C ASN F 170 34.24 16.44 -9.35
N PRO F 171 33.65 17.18 -8.41
CA PRO F 171 32.44 17.96 -8.75
C PRO F 171 32.68 18.99 -9.83
N ASN F 172 33.91 19.45 -10.03
CA ASN F 172 34.23 20.46 -11.02
C ASN F 172 34.88 19.85 -12.26
N ALA F 173 34.60 18.58 -12.53
CA ALA F 173 35.16 17.92 -13.69
C ALA F 173 34.58 18.50 -14.98
N ASP F 174 35.32 18.33 -16.07
CA ASP F 174 34.94 18.82 -17.39
C ASP F 174 34.72 17.62 -18.30
N ILE F 175 33.48 17.10 -18.31
CA ILE F 175 33.15 15.96 -19.14
C ILE F 175 33.15 16.34 -20.61
N ASP F 176 32.66 17.54 -20.92
CA ASP F 176 32.57 17.97 -22.31
C ASP F 176 33.94 18.01 -22.96
N ALA F 177 34.96 18.46 -22.22
CA ALA F 177 36.31 18.46 -22.78
C ALA F 177 36.76 17.06 -23.13
N SER F 178 36.50 16.09 -22.25
CA SER F 178 36.89 14.71 -22.52
C SER F 178 36.17 14.16 -23.75
N ILE F 179 34.87 14.44 -23.87
CA ILE F 179 34.12 13.94 -25.02
C ILE F 179 34.65 14.58 -26.30
N GLU F 180 34.95 15.87 -26.26
CA GLU F 180 35.51 16.54 -27.43
C GLU F 180 36.86 15.94 -27.80
N GLU F 181 37.68 15.62 -26.80
CA GLU F 181 38.96 14.98 -27.07
C GLU F 181 38.75 13.62 -27.73
N LEU F 182 37.77 12.85 -27.24
CA LEU F 182 37.47 11.56 -27.84
C LEU F 182 37.05 11.70 -29.30
N ARG F 183 36.21 12.68 -29.59
CA ARG F 183 35.80 12.92 -30.98
C ARG F 183 36.99 13.33 -31.83
N MET F 184 37.82 14.23 -31.31
CA MET F 184 38.91 14.79 -32.10
C MET F 184 39.97 13.74 -32.42
N HIS F 185 40.27 12.86 -31.46
CA HIS F 185 41.21 11.79 -31.74
C HIS F 185 40.71 10.93 -32.90
N MET F 186 39.43 10.53 -32.86
CA MET F 186 38.86 9.73 -33.92
C MET F 186 38.93 10.45 -35.26
N GLU F 187 38.59 11.75 -35.27
CA GLU F 187 38.51 12.48 -36.53
C GLU F 187 39.88 12.84 -37.09
N ASP F 188 40.91 12.87 -36.25
CA ASP F 188 42.23 13.29 -36.71
C ASP F 188 43.13 12.10 -37.03
N GLU F 189 43.28 11.17 -36.09
CA GLU F 189 44.23 10.08 -36.26
C GLU F 189 43.81 9.07 -37.31
N ALA F 190 42.58 9.15 -37.82
CA ALA F 190 42.12 8.27 -38.89
C ALA F 190 42.53 8.90 -40.22
N LYS F 191 43.75 8.61 -40.66
CA LYS F 191 44.28 9.22 -41.88
C LYS F 191 43.81 8.48 -43.12
N THR F 192 42.48 8.34 -43.26
CA THR F 192 41.93 7.66 -44.43
C THR F 192 41.92 8.55 -45.66
N GLY F 193 42.11 9.86 -45.49
CA GLY F 193 42.05 10.77 -46.62
C GLY F 193 40.65 11.15 -47.03
N THR F 194 39.65 10.90 -46.18
CA THR F 194 38.25 11.21 -46.47
C THR F 194 37.61 11.83 -45.25
N VAL F 195 36.51 12.54 -45.48
CA VAL F 195 35.77 13.16 -44.38
C VAL F 195 35.29 12.08 -43.43
N ILE F 196 35.43 12.34 -42.13
CA ILE F 196 35.09 11.37 -41.10
C ILE F 196 34.14 12.03 -40.10
N ASN F 197 33.12 11.29 -39.71
CA ASN F 197 32.12 11.73 -38.73
C ASN F 197 32.44 11.04 -37.41
N GLY F 198 32.94 11.80 -36.45
CA GLY F 198 33.35 11.24 -35.18
C GLY F 198 32.22 10.82 -34.26
N GLU F 199 30.98 11.21 -34.57
CA GLU F 199 29.86 10.84 -33.71
C GLU F 199 29.48 9.37 -33.85
N GLU F 200 29.92 8.71 -34.91
CA GLU F 200 29.55 7.31 -35.16
C GLU F 200 30.57 6.36 -34.53
N ILE F 201 30.51 6.28 -33.21
CA ILE F 201 31.41 5.43 -32.44
C ILE F 201 30.62 4.63 -31.41
N HIS F 202 31.09 3.43 -31.12
CA HIS F 202 30.54 2.64 -30.04
C HIS F 202 31.29 2.93 -28.74
N VAL F 203 30.58 2.80 -27.62
CA VAL F 203 31.17 3.01 -26.31
C VAL F 203 30.61 1.94 -25.38
N VAL F 204 31.43 0.93 -25.06
CA VAL F 204 31.05 -0.13 -24.13
C VAL F 204 31.59 0.25 -22.76
N VAL F 205 30.71 0.24 -21.75
CA VAL F 205 31.02 0.81 -20.45
C VAL F 205 30.76 -0.24 -19.38
N ASP F 206 31.49 -0.14 -18.27
CA ASP F 206 31.34 -1.05 -17.15
C ASP F 206 30.27 -0.55 -16.19
N ARG F 207 29.84 -1.45 -15.30
CA ARG F 207 28.79 -1.10 -14.35
C ARG F 207 29.20 0.07 -13.47
N VAL F 208 30.39 0.02 -12.87
CA VAL F 208 30.82 1.07 -11.97
C VAL F 208 30.95 2.39 -12.71
N PHE F 209 31.52 2.36 -13.92
CA PHE F 209 31.65 3.58 -14.71
C PHE F 209 30.28 4.16 -15.04
N PHE F 210 29.33 3.30 -15.41
CA PHE F 210 27.99 3.78 -15.73
C PHE F 210 27.34 4.43 -14.51
N SER F 211 27.46 3.80 -13.34
CA SER F 211 26.89 4.37 -12.14
C SER F 211 27.52 5.71 -11.79
N LYS F 212 28.85 5.80 -11.92
CA LYS F 212 29.52 7.06 -11.65
C LYS F 212 29.08 8.14 -12.62
N LEU F 213 28.95 7.80 -13.90
CA LEU F 213 28.60 8.79 -14.91
C LEU F 213 27.18 9.33 -14.66
N VAL F 214 26.22 8.43 -14.49
CA VAL F 214 24.84 8.87 -14.30
C VAL F 214 24.65 9.65 -12.99
N LYS F 215 25.64 9.64 -12.11
CA LYS F 215 25.52 10.26 -10.80
C LYS F 215 26.23 11.60 -10.69
N HIS F 216 27.06 11.96 -11.66
CA HIS F 216 27.88 13.15 -11.52
C HIS F 216 26.99 14.38 -11.36
N PRO F 217 27.33 15.32 -10.46
CA PRO F 217 26.45 16.47 -10.25
C PRO F 217 26.15 17.28 -11.49
N LYS F 218 27.14 17.49 -12.37
CA LYS F 218 26.92 18.32 -13.54
C LYS F 218 25.92 17.69 -14.49
N ILE F 219 26.11 16.41 -14.83
CA ILE F 219 25.18 15.73 -15.73
C ILE F 219 23.78 15.73 -15.13
N ARG F 220 23.68 15.38 -13.85
CA ARG F 220 22.38 15.27 -13.21
C ARG F 220 21.67 16.63 -13.22
N ASP F 221 22.38 17.69 -12.86
CA ASP F 221 21.76 19.01 -12.83
C ASP F 221 21.37 19.47 -14.22
N ALA F 222 22.22 19.23 -15.22
CA ALA F 222 21.90 19.65 -16.58
C ALA F 222 20.65 18.95 -17.08
N TYR F 223 20.52 17.65 -16.82
CA TYR F 223 19.33 16.94 -17.29
C TYR F 223 18.11 17.27 -16.43
N LEU F 224 18.31 17.63 -15.16
CA LEU F 224 17.20 17.96 -14.29
C LEU F 224 16.62 19.33 -14.60
N ALA F 225 17.43 20.25 -15.10
CA ALA F 225 16.94 21.59 -15.44
C ALA F 225 16.07 21.59 -16.69
N GLN F 226 16.08 20.51 -17.47
CA GLN F 226 15.29 20.46 -18.69
C GLN F 226 13.85 20.07 -18.38
N GLN F 227 13.01 20.14 -19.41
CA GLN F 227 11.59 19.79 -19.30
C GLN F 227 11.13 18.99 -20.51
N THR F 228 12.05 18.32 -21.18
CA THR F 228 11.66 17.47 -22.30
C THR F 228 11.37 16.06 -21.83
N PRO F 229 10.58 15.28 -22.58
CA PRO F 229 10.31 13.90 -22.15
C PRO F 229 11.57 13.07 -21.97
N LEU F 230 12.60 13.32 -22.78
CA LEU F 230 13.85 12.58 -22.62
C LEU F 230 14.48 12.84 -21.26
N ALA F 231 14.48 14.10 -20.81
CA ALA F 231 15.08 14.42 -19.53
C ALA F 231 14.38 13.68 -18.39
N TRP F 232 13.05 13.65 -18.40
CA TRP F 232 12.32 12.98 -17.33
C TRP F 232 12.63 11.49 -17.31
N GLN F 233 12.68 10.86 -18.49
CA GLN F 233 12.87 9.42 -18.55
C GLN F 233 14.23 9.02 -17.99
N GLN F 234 15.28 9.78 -18.35
CA GLN F 234 16.63 9.37 -17.98
C GLN F 234 16.91 9.58 -16.50
N ILE F 235 16.18 10.47 -15.84
CA ILE F 235 16.47 10.78 -14.44
C ILE F 235 15.62 9.94 -13.49
N THR F 236 14.33 9.77 -13.77
CA THR F 236 13.45 8.99 -12.91
C THR F 236 12.94 7.70 -13.55
N GLY F 237 13.04 7.56 -14.86
CA GLY F 237 12.60 6.36 -15.54
C GLY F 237 13.67 5.29 -15.55
N SER F 238 13.42 4.25 -16.33
CA SER F 238 14.32 3.12 -16.47
C SER F 238 15.16 3.31 -17.73
N LEU F 239 16.47 3.15 -17.59
CA LEU F 239 17.40 3.34 -18.70
C LEU F 239 17.54 2.08 -19.55
N ARG F 240 16.88 0.98 -19.19
CA ARG F 240 17.04 -0.29 -19.90
C ARG F 240 16.21 -0.27 -21.20
N THR F 241 16.57 0.65 -22.08
CA THR F 241 15.92 0.80 -23.38
C THR F 241 16.75 0.26 -24.53
N GLY F 242 17.90 -0.34 -24.26
CA GLY F 242 18.79 -0.78 -25.31
C GLY F 242 18.36 -2.09 -25.92
N GLY F 243 19.19 -2.57 -26.86
CA GLY F 243 18.93 -3.82 -27.52
C GLY F 243 19.12 -5.00 -26.58
N THR F 244 19.14 -6.19 -27.16
CA THR F 244 19.24 -7.41 -26.38
C THR F 244 20.64 -8.02 -26.49
N ASP F 245 21.02 -8.74 -25.43
CA ASP F 245 22.20 -9.59 -25.47
C ASP F 245 21.76 -11.01 -25.13
N GLY F 246 22.71 -11.89 -24.83
CA GLY F 246 22.37 -13.29 -24.64
C GLY F 246 21.73 -13.64 -23.32
N VAL F 247 21.65 -12.70 -22.37
CA VAL F 247 21.18 -13.04 -21.02
C VAL F 247 20.01 -12.17 -20.61
N GLN F 248 19.89 -10.97 -21.17
CA GLN F 248 18.85 -10.04 -20.80
C GLN F 248 18.25 -9.40 -22.04
N ALA F 249 16.98 -8.98 -21.92
CA ALA F 249 16.27 -8.43 -23.06
C ALA F 249 16.76 -7.03 -23.43
N HIS F 250 17.09 -6.21 -22.43
CA HIS F 250 17.49 -4.82 -22.67
C HIS F 250 18.72 -4.49 -21.86
N MET F 251 19.62 -3.72 -22.47
CA MET F 251 20.83 -3.24 -21.82
C MET F 251 20.67 -1.76 -21.47
N ASN F 252 21.32 -1.34 -20.40
CA ASN F 252 21.27 0.05 -19.99
C ASN F 252 21.85 0.95 -21.08
N THR F 253 21.24 2.12 -21.27
CA THR F 253 21.68 3.07 -22.26
C THR F 253 21.53 4.48 -21.72
N PHE F 254 22.45 5.36 -22.10
CA PHE F 254 22.45 6.74 -21.63
C PHE F 254 22.91 7.66 -22.76
N TYR F 255 22.23 8.79 -22.90
CA TYR F 255 22.53 9.76 -23.95
C TYR F 255 23.01 11.06 -23.31
N TYR F 256 24.14 11.56 -23.79
CA TYR F 256 24.63 12.87 -23.36
C TYR F 256 25.71 13.33 -24.33
N GLY F 257 25.68 14.62 -24.65
CA GLY F 257 26.67 15.18 -25.54
C GLY F 257 26.71 14.56 -26.91
N GLY F 258 25.62 13.92 -27.33
CA GLY F 258 25.56 13.26 -28.62
C GLY F 258 26.16 11.89 -28.67
N VAL F 259 26.73 11.40 -27.57
CA VAL F 259 27.35 10.07 -27.50
C VAL F 259 26.40 9.14 -26.76
N LYS F 260 26.49 7.85 -27.09
CA LYS F 260 25.59 6.83 -26.53
C LYS F 260 26.43 5.82 -25.76
N PHE F 261 26.14 5.66 -24.48
CA PHE F 261 26.83 4.72 -23.61
C PHE F 261 25.94 3.51 -23.35
N VAL F 262 26.55 2.33 -23.35
CA VAL F 262 25.84 1.09 -23.05
C VAL F 262 26.65 0.29 -22.05
N GLN F 263 25.98 -0.23 -21.03
CA GLN F 263 26.62 -1.07 -20.02
C GLN F 263 26.53 -2.52 -20.47
N TYR F 264 27.69 -3.15 -20.65
CA TYR F 264 27.78 -4.53 -21.14
C TYR F 264 28.31 -5.40 -20.01
N ASN F 265 27.43 -6.18 -19.40
CA ASN F 265 27.83 -7.15 -18.40
C ASN F 265 28.26 -8.44 -19.09
N GLY F 266 29.51 -8.85 -18.87
CA GLY F 266 30.02 -10.06 -19.50
C GLY F 266 30.95 -10.82 -18.58
N LYS F 267 30.68 -12.10 -18.37
CA LYS F 267 31.47 -12.91 -17.45
C LYS F 267 31.57 -14.34 -17.98
N PHE F 268 32.80 -14.82 -18.09
CA PHE F 268 33.08 -16.21 -18.38
C PHE F 268 34.11 -16.71 -17.36
N LYS F 269 34.02 -18.00 -17.03
CA LYS F 269 34.89 -18.62 -16.06
C LYS F 269 35.96 -19.43 -16.77
N ASP F 270 37.21 -19.12 -16.49
CA ASP F 270 38.31 -19.94 -16.99
C ASP F 270 38.22 -21.32 -16.36
N LYS F 271 38.65 -22.34 -17.12
CA LYS F 271 38.50 -23.70 -16.66
C LYS F 271 39.21 -23.96 -15.34
N ARG F 272 40.13 -23.10 -14.94
CA ARG F 272 40.84 -23.20 -13.65
C ARG F 272 39.94 -22.66 -12.55
N GLY F 273 38.99 -21.77 -12.86
CA GLY F 273 38.01 -21.30 -11.90
C GLY F 273 37.82 -19.80 -11.87
N LYS F 274 38.86 -19.03 -12.16
CA LYS F 274 38.78 -17.59 -12.05
C LYS F 274 37.83 -17.02 -13.09
N VAL F 275 37.12 -15.97 -12.72
CA VAL F 275 36.15 -15.32 -13.60
C VAL F 275 36.88 -14.29 -14.46
N HIS F 276 36.44 -14.14 -15.70
CA HIS F 276 36.98 -13.16 -16.63
C HIS F 276 35.90 -12.19 -17.03
N THR F 277 36.11 -10.91 -16.73
CA THR F 277 35.16 -9.85 -17.07
C THR F 277 35.54 -9.29 -18.43
N LEU F 278 34.58 -9.28 -19.35
CA LEU F 278 34.88 -8.85 -20.72
C LEU F 278 35.33 -7.39 -20.75
N VAL F 279 34.60 -6.52 -20.06
CA VAL F 279 34.93 -5.09 -20.06
C VAL F 279 35.87 -4.78 -18.91
N SER F 280 37.17 -4.94 -19.15
CA SER F 280 38.19 -4.67 -18.16
C SER F 280 39.44 -4.11 -18.84
N ILE F 281 40.43 -3.76 -18.03
CA ILE F 281 41.69 -3.22 -18.53
C ILE F 281 42.80 -3.68 -17.61
N ASP F 282 44.03 -3.64 -18.11
CA ASP F 282 45.18 -4.21 -17.39
C ASP F 282 45.41 -3.52 -16.06
N SER F 283 45.52 -4.32 -14.99
CA SER F 283 45.95 -3.85 -13.67
C SER F 283 45.13 -2.66 -13.18
N VAL F 284 43.81 -2.71 -13.37
CA VAL F 284 42.90 -1.71 -12.82
C VAL F 284 41.85 -2.43 -11.98
N ALA F 285 41.67 -1.99 -10.74
CA ALA F 285 40.73 -2.62 -9.85
C ALA F 285 39.30 -2.44 -10.36
N ALA F 286 38.44 -3.37 -9.97
CA ALA F 286 37.05 -3.32 -10.38
C ALA F 286 36.33 -2.08 -9.85
N THR F 287 36.84 -1.48 -8.77
CA THR F 287 36.21 -0.31 -8.18
C THR F 287 36.37 0.95 -9.04
N VAL F 288 37.18 0.90 -10.08
CA VAL F 288 37.42 2.05 -10.96
C VAL F 288 36.67 1.82 -12.27
N GLY F 289 35.92 2.81 -12.70
CA GLY F 289 35.19 2.70 -13.95
C GLY F 289 36.15 2.50 -15.11
N VAL F 290 35.75 1.66 -16.06
CA VAL F 290 36.56 1.37 -17.24
C VAL F 290 35.63 1.12 -18.42
N GLY F 291 36.06 1.59 -19.59
CA GLY F 291 35.28 1.42 -20.81
C GLY F 291 36.16 1.45 -22.02
N HIS F 292 35.57 1.09 -23.15
CA HIS F 292 36.28 1.03 -24.43
C HIS F 292 35.43 1.70 -25.51
N ALA F 293 36.10 2.33 -26.47
CA ALA F 293 35.45 2.96 -27.60
C ALA F 293 36.12 2.48 -28.88
N PHE F 294 35.30 2.19 -29.89
CA PHE F 294 35.81 1.70 -31.17
C PHE F 294 34.88 2.19 -32.27
N PRO F 295 35.38 2.31 -33.49
CA PRO F 295 34.58 2.92 -34.56
C PRO F 295 33.44 2.02 -35.02
N ASN F 296 32.42 2.64 -35.58
CA ASN F 296 31.34 1.90 -36.22
C ASN F 296 31.76 1.42 -37.61
N VAL F 297 30.95 0.54 -38.17
CA VAL F 297 31.22 0.03 -39.51
C VAL F 297 31.01 1.13 -40.55
N SER F 298 30.11 2.07 -40.29
CA SER F 298 29.71 3.02 -41.31
C SER F 298 30.59 4.27 -41.36
N MET F 299 31.43 4.50 -40.35
CA MET F 299 32.25 5.71 -40.35
C MET F 299 33.20 5.71 -41.55
N LEU F 300 33.96 4.63 -41.72
CA LEU F 300 34.83 4.50 -42.88
C LEU F 300 34.15 3.80 -44.05
N GLY F 301 32.92 3.35 -43.88
CA GLY F 301 32.22 2.61 -44.91
C GLY F 301 32.64 1.15 -44.94
N GLU F 302 31.96 0.39 -45.80
CA GLU F 302 32.28 -1.02 -45.94
C GLU F 302 33.47 -1.25 -46.87
N ALA F 303 33.86 -0.24 -47.64
CA ALA F 303 35.01 -0.37 -48.53
C ALA F 303 36.32 -0.43 -47.77
N ASN F 304 36.37 0.11 -46.54
CA ASN F 304 37.60 0.19 -45.76
C ASN F 304 37.42 -0.48 -44.42
N ASN F 305 36.87 -1.71 -44.42
CA ASN F 305 36.64 -2.42 -43.18
C ASN F 305 37.95 -2.59 -42.42
N ILE F 306 37.88 -2.36 -41.10
CA ILE F 306 39.09 -2.38 -40.28
C ILE F 306 39.29 -3.75 -39.64
N PHE F 307 38.21 -4.44 -39.30
CA PHE F 307 38.27 -5.67 -38.52
C PHE F 307 38.19 -6.87 -39.45
N GLU F 308 39.05 -7.86 -39.23
CA GLU F 308 39.07 -9.07 -40.03
C GLU F 308 39.54 -10.24 -39.17
N VAL F 309 39.20 -11.45 -39.60
CA VAL F 309 39.57 -12.68 -38.92
C VAL F 309 40.18 -13.62 -39.94
N ALA F 310 41.31 -14.22 -39.59
CA ALA F 310 41.98 -15.17 -40.48
C ALA F 310 41.72 -16.60 -40.02
N TYR F 311 41.76 -17.52 -40.97
CA TYR F 311 41.55 -18.94 -40.71
C TYR F 311 42.62 -19.74 -41.41
N GLY F 312 43.12 -20.78 -40.74
CA GLY F 312 44.16 -21.62 -41.28
C GLY F 312 43.74 -23.07 -41.39
N PRO F 313 44.57 -23.90 -42.03
CA PRO F 313 44.23 -25.31 -42.21
C PRO F 313 44.66 -26.15 -41.02
N CYS F 314 43.93 -27.25 -40.81
CA CYS F 314 44.23 -28.18 -39.74
C CYS F 314 45.37 -29.11 -40.12
N PRO F 315 46.04 -29.72 -39.15
CA PRO F 315 47.17 -30.60 -39.48
C PRO F 315 46.76 -31.94 -40.06
N LYS F 316 45.47 -32.25 -40.12
CA LYS F 316 45.04 -33.57 -40.57
C LYS F 316 45.50 -33.84 -42.00
N MET F 317 45.83 -35.10 -42.26
CA MET F 317 46.25 -35.51 -43.60
C MET F 317 45.15 -35.20 -44.60
N GLY F 318 45.55 -34.67 -45.76
CA GLY F 318 44.61 -34.28 -46.79
C GLY F 318 44.23 -32.81 -46.79
N TYR F 319 44.67 -32.05 -45.81
CA TYR F 319 44.43 -30.61 -45.73
C TYR F 319 45.76 -29.86 -45.74
N ALA F 320 46.69 -30.31 -46.58
CA ALA F 320 48.03 -29.76 -46.55
C ALA F 320 48.04 -28.26 -46.85
N ASN F 321 47.37 -27.84 -47.92
CA ASN F 321 47.35 -26.44 -48.31
C ASN F 321 45.96 -25.98 -48.73
N THR F 322 44.92 -26.47 -48.06
CA THR F 322 43.56 -26.06 -48.39
C THR F 322 43.32 -24.63 -47.92
N LEU F 323 42.21 -24.05 -48.41
CA LEU F 323 41.91 -22.66 -48.10
C LEU F 323 41.68 -22.43 -46.61
N GLY F 324 41.29 -23.45 -45.87
CA GLY F 324 41.06 -23.31 -44.45
C GLY F 324 39.61 -23.03 -44.12
N GLN F 325 39.14 -23.52 -42.98
CA GLN F 325 37.76 -23.38 -42.57
C GLN F 325 37.72 -23.13 -41.08
N GLU F 326 36.64 -22.50 -40.62
CA GLU F 326 36.60 -22.01 -39.24
C GLU F 326 36.41 -23.10 -38.21
N LEU F 327 35.77 -24.22 -38.55
CA LEU F 327 35.51 -25.27 -37.58
C LEU F 327 35.51 -26.61 -38.28
N TYR F 328 36.39 -27.52 -37.84
CA TYR F 328 36.46 -28.89 -38.33
C TYR F 328 35.95 -29.83 -37.26
N VAL F 329 35.05 -30.74 -37.64
CA VAL F 329 34.55 -31.77 -36.75
C VAL F 329 34.84 -33.13 -37.38
N PHE F 330 35.44 -34.03 -36.60
CA PHE F 330 35.81 -35.35 -37.06
C PHE F 330 35.20 -36.42 -36.17
N GLU F 331 34.91 -37.58 -36.77
CA GLU F 331 34.29 -38.69 -36.06
C GLU F 331 35.06 -39.96 -36.41
N TYR F 332 35.46 -40.70 -35.38
CA TYR F 332 36.25 -41.91 -35.55
C TYR F 332 35.62 -43.04 -34.74
N GLU F 333 35.78 -44.26 -35.26
CA GLU F 333 35.30 -45.43 -34.55
C GLU F 333 36.37 -45.99 -33.63
N LYS F 334 35.96 -46.38 -32.42
CA LYS F 334 36.89 -47.05 -31.53
C LYS F 334 37.22 -48.44 -32.06
N ASP F 335 38.42 -48.90 -31.74
CA ASP F 335 38.89 -50.19 -32.23
C ASP F 335 38.06 -51.32 -31.63
N ARG F 336 37.84 -52.36 -32.43
CA ARG F 336 37.13 -53.56 -31.99
C ARG F 336 35.72 -53.22 -31.51
N ASP F 337 35.09 -52.24 -32.17
CA ASP F 337 33.68 -51.92 -31.96
C ASP F 337 33.36 -51.67 -30.48
N GLU F 338 34.02 -50.69 -29.88
CA GLU F 338 33.87 -50.41 -28.46
C GLU F 338 33.27 -49.03 -28.17
N GLY F 339 33.17 -48.15 -29.15
CA GLY F 339 32.62 -46.83 -28.92
C GLY F 339 32.92 -45.89 -30.07
N ILE F 340 32.78 -44.60 -29.79
CA ILE F 340 32.94 -43.54 -30.78
C ILE F 340 33.79 -42.43 -30.18
N ASP F 341 34.44 -41.64 -31.05
CA ASP F 341 35.25 -40.50 -30.65
C ASP F 341 34.90 -39.29 -31.50
N PHE F 342 35.09 -38.10 -30.95
CA PHE F 342 34.84 -36.85 -31.64
C PHE F 342 35.98 -35.88 -31.38
N GLU F 343 36.32 -35.10 -32.42
CA GLU F 343 37.36 -34.09 -32.33
C GLU F 343 36.87 -32.79 -32.96
N ALA F 344 37.33 -31.66 -32.42
CA ALA F 344 37.01 -30.34 -32.93
C ALA F 344 38.29 -29.53 -33.02
N HIS F 345 38.48 -28.87 -34.16
CA HIS F 345 39.68 -28.08 -34.42
C HIS F 345 39.32 -26.66 -34.84
N SER F 346 40.23 -25.73 -34.58
CA SER F 346 40.05 -24.34 -34.97
C SER F 346 41.40 -23.66 -35.01
N TYR F 347 41.62 -22.84 -36.03
CA TYR F 347 42.90 -22.16 -36.24
C TYR F 347 42.60 -20.77 -36.78
N MET F 348 42.70 -19.76 -35.91
CA MET F 348 42.19 -18.43 -36.25
C MET F 348 42.95 -17.37 -35.47
N LEU F 349 42.79 -16.11 -35.92
CA LEU F 349 43.37 -14.95 -35.25
C LEU F 349 42.62 -13.69 -35.65
N PRO F 350 42.05 -12.94 -34.70
CA PRO F 350 41.48 -11.64 -35.04
C PRO F 350 42.53 -10.53 -34.93
N TYR F 351 42.27 -9.42 -35.61
CA TYR F 351 43.20 -8.30 -35.60
C TYR F 351 42.50 -7.07 -36.14
N CYS F 352 43.17 -5.93 -35.99
CA CYS F 352 42.70 -4.64 -36.47
C CYS F 352 43.81 -3.97 -37.27
N THR F 353 43.46 -3.36 -38.40
CA THR F 353 44.45 -2.76 -39.29
C THR F 353 44.74 -1.30 -38.95
N ARG F 354 43.95 -0.67 -38.10
CA ARG F 354 44.18 0.70 -37.67
C ARG F 354 44.02 0.78 -36.16
N PRO F 355 44.98 0.24 -35.41
CA PRO F 355 44.82 0.16 -33.94
C PRO F 355 44.73 1.51 -33.25
N GLN F 356 45.12 2.60 -33.91
CA GLN F 356 45.05 3.91 -33.26
C GLN F 356 43.62 4.39 -33.04
N LEU F 357 42.63 3.72 -33.63
CA LEU F 357 41.23 4.08 -33.45
C LEU F 357 40.57 3.32 -32.31
N LEU F 358 41.34 2.60 -31.50
CA LEU F 358 40.85 1.94 -30.31
C LEU F 358 41.28 2.77 -29.11
N VAL F 359 40.31 3.33 -28.40
CA VAL F 359 40.56 4.26 -27.30
C VAL F 359 39.98 3.68 -26.02
N ASP F 360 40.76 3.70 -24.96
CA ASP F 360 40.31 3.27 -23.64
C ASP F 360 39.86 4.47 -22.83
N VAL F 361 38.85 4.25 -21.98
CA VAL F 361 38.25 5.30 -21.18
C VAL F 361 38.26 4.85 -19.71
N ARG F 362 38.68 5.76 -18.84
CA ARG F 362 38.76 5.48 -17.41
C ARG F 362 38.07 6.58 -16.62
N ALA F 363 37.57 6.22 -15.45
CA ALA F 363 36.90 7.17 -14.56
C ALA F 363 37.82 7.74 -13.49
N ASP F 364 39.09 7.36 -13.48
CA ASP F 364 40.03 7.88 -12.49
C ASP F 364 40.46 9.29 -12.86
N ALA F 365 41.11 9.96 -11.92
CA ALA F 365 41.39 11.39 -12.07
C ALA F 365 42.79 11.67 -12.59
N LYS F 366 43.71 10.71 -12.48
CA LYS F 366 45.12 10.95 -12.82
C LYS F 366 45.25 11.08 -14.35
N ALA F 367 44.85 12.25 -14.85
CA ALA F 367 45.01 12.54 -16.26
C ALA F 367 46.47 12.57 -16.68
N MET G 1 -39.69 0.33 17.27
CA MET G 1 -40.29 -0.92 17.81
C MET G 1 -40.32 -0.88 19.33
N LEU G 2 -41.52 -0.90 19.90
CA LEU G 2 -41.66 -0.80 21.35
C LEU G 2 -41.34 -2.14 22.01
N THR G 3 -40.64 -2.08 23.13
CA THR G 3 -40.28 -3.27 23.90
C THR G 3 -40.44 -2.96 25.38
N ASN G 4 -40.34 -4.00 26.20
CA ASN G 4 -40.46 -3.82 27.64
C ASN G 4 -39.36 -2.90 28.15
N SER G 5 -39.69 -2.10 29.17
CA SER G 5 -38.71 -1.18 29.73
C SER G 5 -37.51 -1.96 30.25
N GLU G 6 -36.43 -1.22 30.52
CA GLU G 6 -35.19 -1.85 30.93
C GLU G 6 -35.29 -2.51 32.30
N LYS G 7 -36.28 -2.14 33.12
CA LYS G 7 -36.38 -2.66 34.46
C LYS G 7 -37.78 -3.09 34.87
N SER G 8 -38.82 -2.71 34.12
CA SER G 8 -40.19 -3.01 34.51
C SER G 8 -40.90 -3.72 33.37
N ARG G 9 -41.76 -4.68 33.73
CA ARG G 9 -42.51 -5.43 32.73
C ARG G 9 -43.71 -4.65 32.21
N PHE G 10 -44.15 -3.60 32.92
CA PHE G 10 -45.41 -2.94 32.61
C PHE G 10 -45.25 -1.61 31.90
N PHE G 11 -44.03 -1.22 31.55
CA PHE G 11 -43.78 0.00 30.78
C PHE G 11 -42.95 -0.35 29.56
N LEU G 12 -42.96 0.57 28.59
CA LEU G 12 -42.37 0.32 27.29
C LEU G 12 -41.22 1.28 27.03
N ALA G 13 -40.23 0.81 26.27
CA ALA G 13 -39.13 1.61 25.79
C ALA G 13 -39.09 1.54 24.27
N ASP G 14 -38.17 2.27 23.67
CA ASP G 14 -38.05 2.36 22.22
C ASP G 14 -36.76 1.67 21.78
N LEU G 15 -36.91 0.62 20.99
CA LEU G 15 -35.77 -0.08 20.42
C LEU G 15 -35.48 0.48 19.04
N THR G 16 -34.21 0.80 18.76
CA THR G 16 -33.84 1.49 17.54
C THR G 16 -33.30 0.56 16.46
N GLY G 17 -32.38 -0.33 16.79
CA GLY G 17 -31.81 -1.20 15.77
C GLY G 17 -30.64 -2.01 16.31
N GLU G 18 -29.78 -2.42 15.39
CA GLU G 18 -28.64 -3.27 15.72
C GLU G 18 -27.38 -2.71 15.07
N VAL G 19 -26.25 -2.99 15.70
CA VAL G 19 -24.93 -2.58 15.20
C VAL G 19 -24.09 -3.85 15.09
N GLN G 20 -23.71 -4.21 13.87
CA GLN G 20 -22.91 -5.40 13.65
C GLN G 20 -21.45 -5.04 13.38
N SER G 21 -20.55 -5.91 13.84
CA SER G 21 -19.12 -5.78 13.58
C SER G 21 -18.62 -7.08 12.97
N ILE G 22 -17.77 -6.96 11.96
CA ILE G 22 -17.29 -8.12 11.21
C ILE G 22 -15.76 -8.05 11.14
N PRO G 23 -15.06 -9.18 11.27
CA PRO G 23 -13.60 -9.14 11.20
C PRO G 23 -13.10 -8.81 9.80
N ASN G 24 -11.89 -8.25 9.75
CA ASN G 24 -11.26 -7.94 8.47
C ASN G 24 -10.80 -9.22 7.79
N THR G 25 -10.78 -9.19 6.45
CA THR G 25 -10.38 -10.34 5.63
C THR G 25 -9.51 -9.85 4.48
N TYR G 26 -8.20 -9.86 4.69
CA TYR G 26 -7.27 -9.49 3.64
C TYR G 26 -7.13 -10.62 2.62
N GLY G 27 -7.20 -10.27 1.35
CA GLY G 27 -7.12 -11.26 0.28
C GLY G 27 -6.31 -10.84 -0.92
N TYR G 28 -5.27 -10.04 -0.71
CA TYR G 28 -4.51 -9.50 -1.84
C TYR G 28 -3.83 -10.60 -2.65
N ILE G 29 -2.93 -11.35 -2.01
CA ILE G 29 -2.10 -12.31 -2.75
C ILE G 29 -2.97 -13.35 -3.44
N SER G 30 -3.98 -13.87 -2.74
CA SER G 30 -4.81 -14.93 -3.30
C SER G 30 -5.49 -14.48 -4.59
N ASN G 31 -5.71 -13.18 -4.76
CA ASN G 31 -6.39 -12.67 -5.94
C ASN G 31 -5.48 -12.47 -7.15
N LEU G 32 -4.17 -12.52 -6.96
CA LEU G 32 -3.26 -12.35 -8.09
C LEU G 32 -3.28 -13.54 -9.03
N GLY G 33 -3.76 -14.70 -8.60
CA GLY G 33 -3.73 -15.88 -9.44
C GLY G 33 -2.34 -16.35 -9.80
N LEU G 34 -1.40 -16.26 -8.85
CA LEU G 34 -0.03 -16.64 -9.15
C LEU G 34 0.14 -18.15 -9.19
N PHE G 35 -0.59 -18.87 -8.33
CA PHE G 35 -0.36 -20.29 -8.11
C PHE G 35 -1.30 -21.12 -8.99
N ARG G 36 -0.72 -22.01 -9.79
CA ARG G 36 -1.52 -22.98 -10.53
C ARG G 36 -2.05 -24.06 -9.59
N SER G 37 -3.09 -24.75 -10.05
CA SER G 37 -3.64 -25.89 -9.32
C SER G 37 -3.15 -27.18 -9.95
N ALA G 38 -2.57 -28.06 -9.13
CA ALA G 38 -1.97 -29.31 -9.60
C ALA G 38 -2.51 -30.47 -8.77
N PRO G 39 -3.71 -30.94 -9.03
CA PRO G 39 -4.23 -32.09 -8.28
C PRO G 39 -3.39 -33.34 -8.52
N ILE G 40 -3.26 -34.15 -7.47
CA ILE G 40 -2.55 -35.43 -7.54
C ILE G 40 -3.33 -36.46 -6.75
N THR G 41 -3.02 -37.73 -7.00
CA THR G 41 -3.72 -38.85 -6.40
C THR G 41 -2.83 -39.64 -5.42
N GLN G 42 -1.88 -38.96 -4.78
CA GLN G 42 -0.94 -39.64 -3.90
C GLN G 42 -0.64 -38.76 -2.70
N THR G 43 -0.12 -39.41 -1.64
CA THR G 43 0.20 -38.69 -0.42
C THR G 43 1.45 -37.84 -0.59
N THR G 44 2.35 -38.22 -1.49
CA THR G 44 3.58 -37.47 -1.71
C THR G 44 3.92 -37.51 -3.20
N PHE G 45 4.73 -36.55 -3.63
CA PHE G 45 5.15 -36.45 -5.02
C PHE G 45 6.65 -36.20 -5.08
N LEU G 46 7.25 -36.62 -6.20
CA LEU G 46 8.68 -36.56 -6.40
C LEU G 46 8.99 -35.61 -7.56
N MET G 47 10.24 -35.18 -7.64
CA MET G 47 10.67 -34.27 -8.68
C MET G 47 12.16 -34.46 -8.94
N ASP G 48 12.58 -34.18 -10.17
CA ASP G 48 13.97 -34.33 -10.58
C ASP G 48 14.62 -32.99 -10.85
N LEU G 49 15.95 -32.97 -10.84
CA LEU G 49 16.73 -31.77 -11.07
C LEU G 49 17.89 -32.10 -12.00
N THR G 50 18.29 -31.13 -12.82
CA THR G 50 19.35 -31.33 -13.80
C THR G 50 20.02 -29.99 -14.10
N ASP G 51 21.30 -30.03 -14.46
CA ASP G 51 22.03 -28.82 -14.77
C ASP G 51 23.41 -29.18 -15.29
N TRP G 52 24.05 -28.19 -15.92
CA TRP G 52 25.40 -28.34 -16.45
C TRP G 52 25.99 -26.97 -16.68
N ASP G 53 27.29 -26.94 -16.96
CA ASP G 53 28.01 -25.68 -17.13
C ASP G 53 29.08 -25.84 -18.20
N VAL G 54 29.60 -24.71 -18.67
CA VAL G 54 30.64 -24.67 -19.70
C VAL G 54 31.68 -23.64 -19.30
N SER G 55 32.80 -23.63 -20.05
CA SER G 55 33.89 -22.71 -19.77
C SER G 55 34.66 -22.47 -21.05
N LEU G 56 35.44 -21.38 -21.05
CA LEU G 56 36.20 -21.00 -22.22
C LEU G 56 37.41 -21.92 -22.41
N LEU G 57 37.75 -22.18 -23.66
CA LEU G 57 38.91 -23.01 -23.98
C LEU G 57 40.20 -22.22 -23.85
N ASP G 58 41.32 -22.93 -23.80
CA ASP G 58 42.63 -22.31 -23.78
C ASP G 58 43.39 -22.64 -25.06
N ALA G 59 44.34 -21.76 -25.40
CA ALA G 59 45.07 -21.90 -26.64
C ALA G 59 45.94 -23.16 -26.63
N VAL G 60 46.27 -23.62 -27.83
CA VAL G 60 47.05 -24.84 -28.02
C VAL G 60 47.84 -24.72 -29.31
N ASP G 61 49.02 -25.33 -29.33
CA ASP G 61 49.87 -25.35 -30.51
C ASP G 61 49.55 -26.58 -31.34
N ARG G 62 49.39 -26.39 -32.65
CA ARG G 62 48.95 -27.48 -33.52
C ARG G 62 50.00 -28.57 -33.67
N ASP G 63 51.26 -28.31 -33.32
CA ASP G 63 52.30 -29.33 -33.33
C ASP G 63 52.63 -29.80 -31.92
N SER G 64 51.93 -29.28 -30.91
CA SER G 64 52.03 -29.72 -29.52
C SER G 64 50.62 -30.07 -29.04
N ARG G 65 49.93 -30.86 -29.85
CA ARG G 65 48.49 -31.01 -29.75
C ARG G 65 48.06 -31.44 -28.36
N LYS G 66 46.98 -30.83 -27.88
CA LYS G 66 46.35 -31.20 -26.62
C LYS G 66 44.85 -31.27 -26.85
N ALA G 67 44.09 -31.36 -25.76
CA ALA G 67 42.64 -31.43 -25.88
C ALA G 67 42.00 -31.15 -24.53
N GLU G 68 40.87 -30.45 -24.57
CA GLU G 68 40.06 -30.22 -23.39
C GLU G 68 38.90 -31.21 -23.37
N THR G 69 38.18 -31.23 -22.24
CA THR G 69 37.02 -32.09 -22.08
C THR G 69 36.03 -31.44 -21.13
N SER G 70 34.75 -31.66 -21.40
CA SER G 70 33.70 -31.12 -20.55
C SER G 70 33.33 -32.12 -19.46
N ALA G 71 33.01 -31.60 -18.27
CA ALA G 71 32.65 -32.45 -17.16
C ALA G 71 31.26 -33.05 -17.39
N PRO G 72 30.96 -34.19 -16.76
CA PRO G 72 29.66 -34.82 -16.98
C PRO G 72 28.52 -34.03 -16.36
N GLU G 73 27.32 -34.25 -16.89
CA GLU G 73 26.12 -33.66 -16.33
C GLU G 73 25.73 -34.40 -15.05
N ARG G 74 25.02 -33.69 -14.17
CA ARG G 74 24.62 -34.22 -12.87
C ARG G 74 23.11 -34.24 -12.76
N VAL G 75 22.59 -35.22 -12.00
CA VAL G 75 21.16 -35.40 -11.81
C VAL G 75 20.88 -35.56 -10.32
N ARG G 76 19.66 -35.25 -9.91
CA ARG G 76 19.31 -35.23 -8.50
C ARG G 76 17.79 -35.35 -8.37
N GLN G 77 17.34 -35.72 -7.17
CA GLN G 77 15.92 -35.97 -6.94
C GLN G 77 15.54 -35.53 -5.53
N ILE G 78 14.26 -35.21 -5.34
CA ILE G 78 13.74 -34.71 -4.07
C ILE G 78 12.29 -35.16 -3.90
N SER G 79 11.75 -34.89 -2.71
CA SER G 79 10.39 -35.31 -2.37
C SER G 79 9.77 -34.30 -1.42
N PHE G 80 8.44 -34.32 -1.33
CA PHE G 80 7.71 -33.37 -0.52
C PHE G 80 6.59 -34.05 0.27
N PRO G 81 6.32 -33.60 1.52
CA PRO G 81 5.10 -34.01 2.21
C PRO G 81 3.94 -33.06 1.92
N MET G 82 2.81 -33.25 2.59
CA MET G 82 1.67 -32.35 2.42
C MET G 82 0.99 -32.10 3.76
N MET G 83 0.15 -31.07 3.79
CA MET G 83 -0.52 -30.62 5.00
C MET G 83 -2.02 -30.93 4.92
N TYR G 84 -2.61 -31.27 6.06
CA TYR G 84 -4.01 -31.67 6.15
C TYR G 84 -4.73 -30.79 7.17
N PHE G 85 -5.92 -30.32 6.81
CA PHE G 85 -6.73 -29.46 7.66
C PHE G 85 -8.14 -30.03 7.78
N LYS G 86 -8.74 -29.88 8.96
CA LYS G 86 -10.09 -30.36 9.21
C LYS G 86 -10.84 -29.41 10.13
N GLU G 87 -12.15 -29.36 9.97
CA GLU G 87 -13.02 -28.54 10.81
C GLU G 87 -14.35 -29.25 10.99
N VAL G 88 -15.03 -28.93 12.09
CA VAL G 88 -16.27 -29.62 12.46
C VAL G 88 -17.23 -28.60 13.06
N GLU G 89 -18.53 -28.83 12.85
CA GLU G 89 -19.58 -28.01 13.44
C GLU G 89 -20.87 -28.82 13.48
N SER G 90 -21.82 -28.33 14.27
CA SER G 90 -23.10 -29.02 14.44
C SER G 90 -24.20 -28.02 14.75
N ILE G 91 -25.44 -28.46 14.52
CA ILE G 91 -26.61 -27.64 14.78
C ILE G 91 -27.59 -28.46 15.62
N THR G 92 -28.20 -27.81 16.60
CA THR G 92 -29.10 -28.47 17.53
C THR G 92 -30.38 -27.65 17.64
N PRO G 93 -31.54 -28.29 17.83
CA PRO G 93 -32.78 -27.51 17.97
C PRO G 93 -32.74 -26.52 19.12
N ASP G 94 -32.02 -26.82 20.19
CA ASP G 94 -31.98 -25.94 21.36
C ASP G 94 -31.37 -24.58 21.05
N GLU G 95 -30.65 -24.44 19.94
CA GLU G 95 -30.11 -23.15 19.55
C GLU G 95 -31.15 -22.26 18.87
N ILE G 96 -32.35 -22.77 18.62
CA ILE G 96 -33.37 -22.03 17.88
C ILE G 96 -34.61 -21.85 18.76
N GLN G 97 -34.78 -22.71 19.75
CA GLN G 97 -35.98 -22.66 20.58
C GLN G 97 -36.00 -21.40 21.42
N GLY G 98 -36.90 -20.48 21.08
CA GLY G 98 -37.12 -19.29 21.89
C GLY G 98 -35.99 -18.29 21.87
N VAL G 99 -35.20 -18.22 20.82
CA VAL G 99 -34.10 -17.27 20.72
C VAL G 99 -34.58 -16.08 19.89
N ARG G 100 -34.63 -14.91 20.52
CA ARG G 100 -35.07 -13.71 19.83
C ARG G 100 -34.01 -13.25 18.84
N GLN G 101 -34.46 -12.78 17.67
CA GLN G 101 -33.55 -12.21 16.70
C GLN G 101 -32.97 -10.91 17.26
N PRO G 102 -31.66 -10.68 17.16
CA PRO G 102 -31.07 -9.51 17.83
C PRO G 102 -31.68 -8.18 17.44
N GLY G 103 -32.06 -8.00 16.16
CA GLY G 103 -32.48 -6.71 15.67
C GLY G 103 -33.97 -6.44 15.71
N THR G 104 -34.76 -7.29 16.35
CA THR G 104 -36.21 -7.13 16.34
C THR G 104 -36.78 -7.41 17.72
N ALA G 105 -37.98 -6.89 17.95
CA ALA G 105 -38.63 -7.02 19.25
C ALA G 105 -39.31 -8.37 19.41
N ASN G 106 -40.17 -8.74 18.45
CA ASN G 106 -40.95 -9.98 18.51
C ASN G 106 -40.69 -10.78 17.23
N GLU G 107 -39.62 -11.57 17.26
CA GLU G 107 -39.24 -12.41 16.13
C GLU G 107 -38.37 -13.55 16.67
N LEU G 108 -38.41 -14.68 15.96
CA LEU G 108 -37.67 -15.87 16.32
C LEU G 108 -36.71 -16.25 15.21
N THR G 109 -35.58 -16.83 15.60
CA THR G 109 -34.59 -17.29 14.64
C THR G 109 -35.12 -18.52 13.89
N THR G 110 -34.47 -18.81 12.77
CA THR G 110 -34.80 -19.97 11.96
C THR G 110 -33.51 -20.72 11.62
N GLU G 111 -33.65 -22.02 11.37
CA GLU G 111 -32.47 -22.85 11.15
C GLU G 111 -31.72 -22.42 9.90
N ALA G 112 -32.42 -21.78 8.95
CA ALA G 112 -31.75 -21.33 7.74
C ALA G 112 -30.68 -20.29 8.06
N VAL G 113 -31.01 -19.33 8.92
CA VAL G 113 -30.06 -18.28 9.28
C VAL G 113 -28.83 -18.88 9.93
N VAL G 114 -29.02 -19.79 10.88
CA VAL G 114 -27.89 -20.40 11.58
C VAL G 114 -27.05 -21.22 10.60
N ARG G 115 -27.70 -21.98 9.73
CA ARG G 115 -26.98 -22.78 8.76
C ARG G 115 -26.11 -21.91 7.87
N ALA G 116 -26.68 -20.83 7.34
CA ALA G 116 -25.92 -19.93 6.50
C ALA G 116 -24.76 -19.30 7.26
N LYS G 117 -25.03 -18.85 8.49
CA LYS G 117 -23.99 -18.21 9.29
C LYS G 117 -22.81 -19.13 9.56
N LYS G 118 -23.07 -20.40 9.86
CA LYS G 118 -22.00 -21.34 10.15
C LYS G 118 -21.25 -21.74 8.88
N LEU G 119 -21.98 -22.03 7.80
CA LEU G 119 -21.34 -22.45 6.56
C LEU G 119 -20.57 -21.32 5.90
N MET G 120 -20.90 -20.06 6.16
CA MET G 120 -20.09 -18.95 5.68
C MET G 120 -18.85 -18.76 6.54
N LYS G 121 -18.98 -18.93 7.86
CA LYS G 121 -17.84 -18.80 8.74
C LYS G 121 -16.78 -19.86 8.43
N ILE G 122 -17.21 -21.08 8.07
CA ILE G 122 -16.23 -22.11 7.74
C ILE G 122 -15.39 -21.69 6.54
N ARG G 123 -16.04 -21.20 5.48
CA ARG G 123 -15.31 -20.78 4.29
C ARG G 123 -14.43 -19.58 4.59
N THR G 124 -14.91 -18.65 5.42
CA THR G 124 -14.08 -17.53 5.82
C THR G 124 -12.82 -18.00 6.54
N LYS G 125 -12.96 -19.00 7.41
CA LYS G 125 -11.79 -19.56 8.08
C LYS G 125 -10.82 -20.18 7.08
N PHE G 126 -11.33 -20.93 6.10
CA PHE G 126 -10.44 -21.61 5.17
C PHE G 126 -9.71 -20.62 4.27
N ASP G 127 -10.38 -19.55 3.85
CA ASP G 127 -9.75 -18.57 2.97
C ASP G 127 -8.55 -17.90 3.65
N ILE G 128 -8.70 -17.57 4.94
CA ILE G 128 -7.61 -16.95 5.68
C ILE G 128 -6.40 -17.87 5.70
N THR G 129 -6.63 -19.15 5.97
CA THR G 129 -5.52 -20.11 5.97
C THR G 129 -4.87 -20.20 4.61
N ARG G 130 -5.66 -20.22 3.54
CA ARG G 130 -5.07 -20.28 2.20
C ARG G 130 -4.19 -19.06 1.94
N GLU G 131 -4.67 -17.87 2.30
CA GLU G 131 -3.87 -16.66 2.10
C GLU G 131 -2.58 -16.72 2.89
N PHE G 132 -2.67 -17.14 4.16
CA PHE G 132 -1.49 -17.20 5.01
C PHE G 132 -0.46 -18.17 4.43
N LEU G 133 -0.93 -19.34 3.97
CA LEU G 133 0.00 -20.34 3.44
C LEU G 133 0.62 -19.87 2.13
N PHE G 134 -0.15 -19.19 1.28
CA PHE G 134 0.42 -18.65 0.06
C PHE G 134 1.52 -17.65 0.38
N MET G 135 1.27 -16.76 1.34
CA MET G 135 2.30 -15.80 1.72
C MET G 135 3.53 -16.50 2.27
N GLN G 136 3.34 -17.50 3.12
CA GLN G 136 4.48 -18.24 3.67
C GLN G 136 5.28 -18.89 2.57
N ALA G 137 4.61 -19.51 1.59
CA ALA G 137 5.32 -20.12 0.47
C ALA G 137 6.10 -19.08 -0.30
N LEU G 138 5.51 -17.91 -0.54
CA LEU G 138 6.23 -16.86 -1.25
C LEU G 138 7.45 -16.39 -0.46
N LYS G 139 7.38 -16.41 0.87
CA LYS G 139 8.51 -15.99 1.69
C LYS G 139 9.65 -16.99 1.68
N GLY G 140 9.46 -18.18 1.12
CA GLY G 140 10.50 -19.17 1.01
C GLY G 140 10.41 -20.34 1.96
N LYS G 141 9.61 -20.23 3.02
CA LYS G 141 9.41 -21.33 3.96
C LYS G 141 7.93 -21.52 4.21
N VAL G 142 7.51 -22.78 4.23
CA VAL G 142 6.13 -23.14 4.52
C VAL G 142 6.08 -23.65 5.96
N VAL G 143 5.42 -22.89 6.83
CA VAL G 143 5.34 -23.20 8.25
C VAL G 143 3.89 -23.10 8.69
N ASP G 144 3.45 -24.08 9.48
CA ASP G 144 2.10 -24.06 10.01
C ASP G 144 1.94 -22.89 10.97
N ALA G 145 0.68 -22.50 11.21
CA ALA G 145 0.42 -21.40 12.12
C ALA G 145 1.00 -21.64 13.51
N ARG G 146 1.13 -22.90 13.92
CA ARG G 146 1.73 -23.22 15.20
C ARG G 146 3.26 -23.19 15.16
N GLY G 147 3.86 -23.10 13.99
CA GLY G 147 5.31 -23.05 13.86
C GLY G 147 5.96 -24.33 13.38
N THR G 148 5.18 -25.35 13.06
CA THR G 148 5.76 -26.61 12.58
C THR G 148 6.22 -26.44 11.14
N LEU G 149 7.47 -26.85 10.87
CA LEU G 149 8.03 -26.70 9.53
C LEU G 149 7.67 -27.91 8.68
N TYR G 150 7.15 -27.65 7.49
CA TYR G 150 6.79 -28.70 6.54
C TYR G 150 7.65 -28.72 5.29
N ALA G 151 8.23 -27.59 4.90
CA ALA G 151 9.08 -27.54 3.72
C ALA G 151 10.08 -26.41 3.87
N ASP G 152 11.29 -26.63 3.36
CA ASP G 152 12.36 -25.63 3.36
C ASP G 152 12.98 -25.66 1.96
N LEU G 153 12.51 -24.77 1.09
CA LEU G 153 12.92 -24.83 -0.31
C LEU G 153 14.42 -24.64 -0.48
N TYR G 154 15.02 -23.72 0.28
CA TYR G 154 16.45 -23.45 0.11
C TYR G 154 17.29 -24.67 0.45
N LYS G 155 16.96 -25.34 1.56
CA LYS G 155 17.66 -26.59 1.89
C LYS G 155 17.34 -27.68 0.87
N GLN G 156 16.09 -27.74 0.39
CA GLN G 156 15.69 -28.79 -0.53
C GLN G 156 16.48 -28.69 -1.83
N PHE G 157 16.58 -27.49 -2.40
CA PHE G 157 17.23 -27.29 -3.69
C PHE G 157 18.71 -26.96 -3.56
N ASP G 158 19.25 -26.89 -2.34
CA ASP G 158 20.67 -26.58 -2.13
C ASP G 158 21.04 -25.24 -2.76
N VAL G 159 20.25 -24.21 -2.45
CA VAL G 159 20.50 -22.86 -2.94
C VAL G 159 20.41 -21.89 -1.77
N GLU G 160 21.00 -20.73 -1.95
CA GLU G 160 21.10 -19.73 -0.89
C GLU G 160 20.27 -18.50 -1.23
N LYS G 161 19.52 -18.00 -0.25
CA LYS G 161 18.71 -16.82 -0.45
C LYS G 161 19.58 -15.57 -0.48
N LYS G 162 19.07 -14.52 -1.13
CA LYS G 162 19.74 -13.24 -1.18
C LYS G 162 18.86 -12.16 -0.54
N THR G 163 19.50 -11.15 0.03
CA THR G 163 18.83 -9.99 0.59
C THR G 163 19.49 -8.73 0.08
N VAL G 164 18.70 -7.67 -0.07
CA VAL G 164 19.16 -6.41 -0.63
C VAL G 164 18.99 -5.33 0.43
N TYR G 165 20.03 -4.53 0.63
CA TYR G 165 20.04 -3.44 1.60
C TYR G 165 19.93 -2.12 0.85
N PHE G 166 18.98 -1.27 1.26
CA PHE G 166 18.74 0.00 0.59
C PHE G 166 19.40 1.18 1.30
N ASP G 167 19.71 1.04 2.60
CA ASP G 167 20.36 2.12 3.35
C ASP G 167 19.55 3.41 3.29
N LEU G 168 18.22 3.31 3.48
CA LEU G 168 17.37 4.48 3.34
C LEU G 168 17.64 5.55 4.40
N ASP G 169 18.37 5.22 5.47
CA ASP G 169 18.69 6.21 6.48
C ASP G 169 19.86 7.10 6.11
N ASN G 170 20.63 6.72 5.09
CA ASN G 170 21.81 7.48 4.67
C ASN G 170 21.44 8.40 3.51
N PRO G 171 21.60 9.72 3.64
CA PRO G 171 21.27 10.60 2.50
C PRO G 171 22.08 10.28 1.26
N ASN G 172 23.29 9.75 1.40
CA ASN G 172 24.15 9.46 0.27
C ASN G 172 23.90 8.08 -0.34
N ALA G 173 22.94 7.33 0.19
CA ALA G 173 22.68 5.99 -0.34
C ALA G 173 22.31 6.05 -1.81
N ASP G 174 22.80 5.06 -2.57
CA ASP G 174 22.54 4.97 -4.01
C ASP G 174 21.41 3.97 -4.21
N ILE G 175 20.18 4.48 -4.23
CA ILE G 175 19.01 3.62 -4.40
C ILE G 175 19.05 2.94 -5.77
N ASP G 176 19.41 3.70 -6.81
CA ASP G 176 19.48 3.12 -8.14
C ASP G 176 20.43 1.93 -8.18
N ALA G 177 21.52 1.99 -7.41
CA ALA G 177 22.43 0.86 -7.35
C ALA G 177 21.73 -0.40 -6.82
N SER G 178 20.94 -0.25 -5.77
CA SER G 178 20.24 -1.41 -5.22
C SER G 178 19.19 -1.93 -6.19
N ILE G 179 18.47 -1.02 -6.86
CA ILE G 179 17.46 -1.46 -7.83
C ILE G 179 18.13 -2.22 -8.96
N GLU G 180 19.24 -1.71 -9.48
CA GLU G 180 19.96 -2.42 -10.54
C GLU G 180 20.51 -3.74 -10.04
N GLU G 181 20.96 -3.81 -8.78
CA GLU G 181 21.43 -5.06 -8.22
C GLU G 181 20.31 -6.10 -8.21
N LEU G 182 19.11 -5.69 -7.79
CA LEU G 182 17.97 -6.60 -7.80
C LEU G 182 17.67 -7.06 -9.22
N ARG G 183 17.68 -6.13 -10.18
CA ARG G 183 17.42 -6.49 -11.57
C ARG G 183 18.42 -7.51 -12.07
N MET G 184 19.71 -7.26 -11.83
CA MET G 184 20.73 -8.17 -12.32
C MET G 184 20.63 -9.54 -11.64
N HIS G 185 20.33 -9.57 -10.35
CA HIS G 185 20.15 -10.84 -9.66
C HIS G 185 19.02 -11.63 -10.30
N MET G 186 17.89 -10.98 -10.53
CA MET G 186 16.75 -11.68 -11.12
C MET G 186 17.07 -12.15 -12.54
N GLU G 187 17.82 -11.36 -13.29
CA GLU G 187 18.12 -11.72 -14.68
C GLU G 187 19.17 -12.82 -14.75
N ASP G 188 20.06 -12.91 -13.76
CA ASP G 188 21.18 -13.84 -13.84
C ASP G 188 20.87 -15.18 -13.18
N GLU G 189 20.17 -15.16 -12.04
CA GLU G 189 19.92 -16.38 -11.29
C GLU G 189 18.72 -17.16 -11.81
N ALA G 190 18.03 -16.66 -12.83
CA ALA G 190 16.99 -17.48 -13.47
C ALA G 190 17.57 -18.76 -14.03
N LYS G 191 18.74 -18.67 -14.65
CA LYS G 191 19.50 -19.84 -15.11
C LYS G 191 18.63 -20.74 -15.99
N THR G 192 18.13 -20.15 -17.08
CA THR G 192 17.37 -20.86 -18.08
C THR G 192 17.80 -20.38 -19.46
N GLY G 193 17.47 -21.17 -20.48
CA GLY G 193 17.92 -20.85 -21.82
C GLY G 193 17.32 -19.57 -22.37
N THR G 194 16.08 -19.27 -22.02
CA THR G 194 15.38 -18.13 -22.61
C THR G 194 15.91 -16.82 -22.04
N VAL G 195 15.60 -15.73 -22.76
CA VAL G 195 15.98 -14.39 -22.30
C VAL G 195 15.04 -13.97 -21.18
N ILE G 196 15.55 -13.12 -20.29
CA ILE G 196 14.83 -12.69 -19.09
C ILE G 196 14.74 -11.17 -19.11
N ASN G 197 13.56 -10.66 -18.77
CA ASN G 197 13.31 -9.22 -18.65
C ASN G 197 13.12 -8.91 -17.18
N GLY G 198 14.16 -8.39 -16.53
CA GLY G 198 14.13 -8.19 -15.10
C GLY G 198 13.14 -7.16 -14.61
N GLU G 199 12.63 -6.30 -15.50
CA GLU G 199 11.69 -5.26 -15.08
C GLU G 199 10.39 -5.85 -14.56
N GLU G 200 10.07 -7.09 -14.90
CA GLU G 200 8.80 -7.70 -14.53
C GLU G 200 8.88 -8.39 -13.17
N ILE G 201 8.69 -7.64 -12.09
CA ILE G 201 8.74 -8.18 -10.75
C ILE G 201 7.75 -7.46 -9.85
N HIS G 202 7.17 -8.20 -8.91
CA HIS G 202 6.36 -7.62 -7.86
C HIS G 202 7.24 -7.24 -6.68
N VAL G 203 6.83 -6.22 -5.93
CA VAL G 203 7.54 -5.79 -4.73
C VAL G 203 6.49 -5.42 -3.69
N VAL G 204 6.32 -6.26 -2.68
CA VAL G 204 5.44 -6.00 -1.55
C VAL G 204 6.27 -5.42 -0.43
N VAL G 205 5.80 -4.29 0.12
CA VAL G 205 6.61 -3.46 1.00
C VAL G 205 5.88 -3.27 2.33
N ASP G 206 6.67 -3.11 3.40
CA ASP G 206 6.10 -2.85 4.72
C ASP G 206 5.81 -1.36 4.88
N ARG G 207 5.02 -1.04 5.91
CA ARG G 207 4.65 0.35 6.15
C ARG G 207 5.88 1.22 6.42
N VAL G 208 6.78 0.73 7.29
CA VAL G 208 7.96 1.52 7.63
C VAL G 208 8.86 1.70 6.42
N PHE G 209 9.07 0.64 5.64
CA PHE G 209 9.91 0.75 4.45
C PHE G 209 9.33 1.76 3.47
N PHE G 210 8.01 1.70 3.25
CA PHE G 210 7.37 2.64 2.34
C PHE G 210 7.50 4.07 2.85
N SER G 211 7.30 4.28 4.16
CA SER G 211 7.44 5.61 4.71
C SER G 211 8.85 6.15 4.57
N LYS G 212 9.86 5.32 4.80
CA LYS G 212 11.25 5.75 4.66
C LYS G 212 11.65 5.99 3.21
N LEU G 213 11.09 5.23 2.27
CA LEU G 213 11.51 5.35 0.88
C LEU G 213 11.19 6.74 0.33
N VAL G 214 10.01 7.27 0.63
CA VAL G 214 9.58 8.52 0.03
C VAL G 214 10.34 9.72 0.58
N LYS G 215 10.88 9.63 1.79
CA LYS G 215 11.58 10.76 2.40
C LYS G 215 12.96 11.00 1.80
N HIS G 216 13.49 10.04 1.05
CA HIS G 216 14.90 10.12 0.66
C HIS G 216 15.12 11.34 -0.23
N PRO G 217 16.18 12.13 -0.01
CA PRO G 217 16.38 13.33 -0.84
C PRO G 217 16.48 13.04 -2.33
N LYS G 218 17.13 11.95 -2.72
CA LYS G 218 17.35 11.71 -4.14
C LYS G 218 16.04 11.50 -4.89
N ILE G 219 15.00 11.04 -4.19
CA ILE G 219 13.69 10.89 -4.81
C ILE G 219 12.91 12.19 -4.72
N ARG G 220 12.90 12.79 -3.52
CA ARG G 220 12.13 14.00 -3.28
C ARG G 220 12.54 15.10 -4.24
N ASP G 221 13.84 15.40 -4.31
CA ASP G 221 14.33 16.48 -5.15
C ASP G 221 14.18 16.18 -6.64
N ALA G 222 14.42 14.93 -7.05
CA ALA G 222 14.26 14.58 -8.46
C ALA G 222 12.82 14.80 -8.91
N TYR G 223 11.85 14.31 -8.11
CA TYR G 223 10.46 14.48 -8.51
C TYR G 223 10.00 15.93 -8.38
N LEU G 224 10.56 16.67 -7.42
CA LEU G 224 10.24 18.09 -7.33
C LEU G 224 10.75 18.85 -8.55
N ALA G 225 11.96 18.52 -9.02
CA ALA G 225 12.48 19.14 -10.23
C ALA G 225 11.65 18.76 -11.46
N GLN G 226 11.25 17.50 -11.56
CA GLN G 226 10.38 17.09 -12.66
C GLN G 226 9.02 17.79 -12.54
N GLN G 227 8.46 18.17 -13.69
CA GLN G 227 7.16 18.84 -13.76
C GLN G 227 6.29 18.10 -14.78
N THR G 228 5.63 17.05 -14.32
CA THR G 228 4.66 16.29 -15.10
C THR G 228 3.54 15.87 -14.16
N PRO G 229 2.38 15.49 -14.70
CA PRO G 229 1.26 15.11 -13.83
C PRO G 229 1.62 14.04 -12.82
N LEU G 230 2.46 13.08 -13.20
CA LEU G 230 2.90 12.07 -12.25
C LEU G 230 3.69 12.69 -11.12
N ALA G 231 4.60 13.60 -11.44
CA ALA G 231 5.46 14.19 -10.41
C ALA G 231 4.65 14.96 -9.38
N TRP G 232 3.69 15.77 -9.85
CA TRP G 232 2.87 16.54 -8.92
C TRP G 232 2.05 15.62 -8.03
N GLN G 233 1.47 14.56 -8.62
CA GLN G 233 0.61 13.67 -7.86
C GLN G 233 1.37 12.95 -6.76
N GLN G 234 2.59 12.51 -7.05
CA GLN G 234 3.32 11.68 -6.10
C GLN G 234 3.90 12.49 -4.95
N ILE G 235 4.26 13.74 -5.18
CA ILE G 235 4.90 14.55 -4.14
C ILE G 235 3.87 15.25 -3.26
N THR G 236 2.85 15.86 -3.86
CA THR G 236 1.83 16.57 -3.09
C THR G 236 0.44 15.96 -3.19
N GLY G 237 0.23 14.99 -4.07
CA GLY G 237 -1.04 14.32 -4.19
C GLY G 237 -1.13 13.09 -3.31
N SER G 238 -2.12 12.26 -3.60
CA SER G 238 -2.37 11.04 -2.85
C SER G 238 -1.81 9.85 -3.61
N LEU G 239 -1.04 9.01 -2.91
CA LEU G 239 -0.41 7.85 -3.51
C LEU G 239 -1.32 6.63 -3.55
N ARG G 240 -2.54 6.74 -3.04
CA ARG G 240 -3.46 5.59 -2.96
C ARG G 240 -4.17 5.45 -4.31
N THR G 241 -3.55 4.70 -5.21
CA THR G 241 -4.08 4.48 -6.55
C THR G 241 -4.24 3.01 -6.92
N GLY G 242 -3.78 2.08 -6.09
CA GLY G 242 -3.87 0.67 -6.42
C GLY G 242 -5.27 0.12 -6.23
N GLY G 243 -5.45 -1.12 -6.64
CA GLY G 243 -6.71 -1.81 -6.50
C GLY G 243 -6.94 -2.26 -5.06
N THR G 244 -8.16 -2.73 -4.81
CA THR G 244 -8.54 -3.12 -3.47
C THR G 244 -7.73 -4.32 -2.99
N ASP G 245 -7.51 -4.39 -1.67
CA ASP G 245 -6.87 -5.54 -1.04
C ASP G 245 -7.84 -6.37 -0.23
N GLY G 246 -9.14 -6.13 -0.37
CA GLY G 246 -10.16 -6.83 0.37
C GLY G 246 -10.65 -6.10 1.61
N VAL G 247 -9.88 -5.13 2.10
CA VAL G 247 -10.27 -4.33 3.26
C VAL G 247 -10.33 -2.84 2.92
N GLN G 248 -9.33 -2.33 2.21
CA GLN G 248 -9.28 -0.93 1.81
C GLN G 248 -9.47 -0.81 0.31
N ALA G 249 -10.14 0.25 -0.11
CA ALA G 249 -10.50 0.40 -1.52
C ALA G 249 -9.28 0.61 -2.40
N HIS G 250 -8.15 1.04 -1.83
CA HIS G 250 -6.95 1.30 -2.61
C HIS G 250 -5.72 0.98 -1.77
N MET G 251 -4.60 0.80 -2.46
CA MET G 251 -3.32 0.48 -1.86
C MET G 251 -2.30 1.53 -2.25
N ASN G 252 -1.49 1.95 -1.28
CA ASN G 252 -0.43 2.91 -1.55
C ASN G 252 0.51 2.35 -2.61
N THR G 253 0.84 3.19 -3.60
CA THR G 253 1.72 2.79 -4.68
C THR G 253 2.70 3.92 -4.99
N PHE G 254 3.95 3.55 -5.26
CA PHE G 254 4.98 4.51 -5.60
C PHE G 254 5.77 3.99 -6.80
N TYR G 255 6.13 4.90 -7.69
CA TYR G 255 6.84 4.56 -8.93
C TYR G 255 8.19 5.26 -8.92
N TYR G 256 9.26 4.48 -9.08
CA TYR G 256 10.59 5.02 -9.27
C TYR G 256 11.40 4.04 -10.09
N GLY G 257 12.25 4.57 -10.97
CA GLY G 257 12.91 3.71 -11.92
C GLY G 257 11.88 2.96 -12.74
N GLY G 258 12.10 1.65 -12.88
CA GLY G 258 11.13 0.80 -13.55
C GLY G 258 10.25 0.00 -12.62
N VAL G 259 10.49 0.07 -11.31
CA VAL G 259 9.77 -0.76 -10.35
C VAL G 259 8.64 0.02 -9.73
N LYS G 260 7.58 -0.68 -9.35
CA LYS G 260 6.47 -0.11 -8.60
C LYS G 260 6.40 -0.78 -7.24
N PHE G 261 6.26 0.02 -6.19
CA PHE G 261 6.23 -0.47 -4.83
C PHE G 261 4.79 -0.45 -4.31
N VAL G 262 4.42 -1.50 -3.57
CA VAL G 262 3.08 -1.64 -3.02
C VAL G 262 3.20 -1.92 -1.53
N GLN G 263 2.42 -1.22 -0.72
CA GLN G 263 2.40 -1.42 0.72
C GLN G 263 1.23 -2.33 1.09
N TYR G 264 1.54 -3.47 1.70
CA TYR G 264 0.54 -4.45 2.09
C TYR G 264 0.51 -4.55 3.61
N ASN G 265 -0.67 -4.34 4.20
CA ASN G 265 -0.83 -4.30 5.65
C ASN G 265 -1.52 -5.55 6.20
N GLY G 266 -1.65 -6.59 5.40
CA GLY G 266 -2.39 -7.76 5.84
C GLY G 266 -1.78 -8.36 7.09
N LYS G 267 -2.64 -8.68 8.06
CA LYS G 267 -2.24 -9.38 9.27
C LYS G 267 -3.41 -10.20 9.76
N PHE G 268 -3.11 -11.34 10.38
CA PHE G 268 -4.12 -12.26 10.87
C PHE G 268 -3.77 -12.69 12.30
N LYS G 269 -4.82 -12.93 13.08
CA LYS G 269 -4.67 -13.44 14.44
C LYS G 269 -5.01 -14.92 14.43
N ASP G 270 -4.07 -15.74 14.92
CA ASP G 270 -4.23 -17.19 14.85
C ASP G 270 -5.24 -17.66 15.88
N LYS G 271 -5.37 -18.99 16.00
CA LYS G 271 -6.31 -19.57 16.95
C LYS G 271 -5.91 -19.34 18.40
N ARG G 272 -4.61 -19.13 18.67
CA ARG G 272 -4.15 -18.90 20.03
C ARG G 272 -4.10 -17.43 20.42
N GLY G 273 -4.31 -16.52 19.45
CA GLY G 273 -4.37 -15.10 19.74
C GLY G 273 -3.16 -14.30 19.33
N LYS G 274 -2.04 -14.95 19.01
CA LYS G 274 -0.88 -14.23 18.53
C LYS G 274 -1.16 -13.65 17.14
N VAL G 275 -0.65 -12.45 16.91
CA VAL G 275 -0.87 -11.75 15.65
C VAL G 275 0.26 -12.09 14.69
N HIS G 276 -0.09 -12.50 13.47
CA HIS G 276 0.86 -12.85 12.43
C HIS G 276 0.81 -11.77 11.36
N THR G 277 1.94 -11.09 11.14
CA THR G 277 2.04 -10.11 10.07
C THR G 277 2.54 -10.78 8.80
N LEU G 278 1.85 -10.50 7.69
CA LEU G 278 2.15 -11.21 6.45
C LEU G 278 3.47 -10.77 5.83
N VAL G 279 3.74 -9.46 5.82
CA VAL G 279 4.89 -8.95 5.10
C VAL G 279 6.17 -8.95 5.93
N SER G 280 6.06 -8.97 7.26
CA SER G 280 7.24 -8.85 8.11
C SER G 280 8.15 -10.07 7.94
N ILE G 281 9.46 -9.81 7.90
CA ILE G 281 10.44 -10.88 7.96
C ILE G 281 10.52 -11.38 9.40
N ASP G 282 10.47 -12.71 9.56
CA ASP G 282 10.37 -13.29 10.90
C ASP G 282 11.54 -12.92 11.80
N SER G 283 12.68 -12.57 11.23
CA SER G 283 13.89 -12.27 12.00
C SER G 283 14.29 -10.81 11.95
N VAL G 284 13.33 -9.90 11.76
CA VAL G 284 13.59 -8.47 11.67
C VAL G 284 12.66 -7.73 12.62
N ALA G 285 13.17 -6.66 13.22
CA ALA G 285 12.37 -5.88 14.16
C ALA G 285 11.23 -5.16 13.45
N ALA G 286 10.17 -4.89 14.19
CA ALA G 286 9.00 -4.23 13.61
C ALA G 286 9.33 -2.82 13.13
N THR G 287 10.35 -2.18 13.68
CA THR G 287 10.71 -0.81 13.31
C THR G 287 11.65 -0.75 12.12
N VAL G 288 12.04 -1.89 11.57
CA VAL G 288 12.94 -1.95 10.41
C VAL G 288 12.12 -2.32 9.19
N GLY G 289 12.22 -1.51 8.14
CA GLY G 289 11.49 -1.80 6.91
C GLY G 289 11.95 -3.09 6.28
N VAL G 290 11.00 -3.82 5.69
CA VAL G 290 11.26 -5.10 5.04
C VAL G 290 10.28 -5.26 3.88
N GLY G 291 10.59 -6.21 3.00
CA GLY G 291 9.74 -6.48 1.87
C GLY G 291 10.18 -7.76 1.18
N HIS G 292 9.43 -8.13 0.14
CA HIS G 292 9.71 -9.30 -0.65
C HIS G 292 9.48 -8.99 -2.12
N ALA G 293 10.34 -9.53 -2.98
CA ALA G 293 10.22 -9.39 -4.43
C ALA G 293 10.21 -10.76 -5.08
N PHE G 294 9.25 -10.97 -5.97
CA PHE G 294 9.13 -12.23 -6.69
C PHE G 294 8.73 -11.93 -8.13
N PRO G 295 9.06 -12.81 -9.07
CA PRO G 295 8.81 -12.50 -10.47
C PRO G 295 7.34 -12.57 -10.82
N ASN G 296 6.98 -11.88 -11.90
CA ASN G 296 5.64 -11.98 -12.46
C ASN G 296 5.50 -13.27 -13.26
N VAL G 297 4.25 -13.62 -13.56
CA VAL G 297 3.98 -14.80 -14.39
C VAL G 297 4.52 -14.59 -15.79
N SER G 298 4.43 -13.37 -16.31
CA SER G 298 4.86 -13.11 -17.68
C SER G 298 6.38 -13.09 -17.80
N MET G 299 7.10 -13.06 -16.68
CA MET G 299 8.56 -13.01 -16.74
C MET G 299 9.13 -14.24 -17.44
N LEU G 300 8.59 -15.42 -17.12
CA LEU G 300 9.05 -16.66 -17.73
C LEU G 300 8.04 -17.28 -18.68
N GLY G 301 6.81 -16.79 -18.69
CA GLY G 301 5.77 -17.35 -19.55
C GLY G 301 5.13 -18.58 -18.94
N GLU G 302 4.11 -19.08 -19.65
CA GLU G 302 3.39 -20.26 -19.19
C GLU G 302 4.19 -21.54 -19.41
N ALA G 303 5.10 -21.55 -20.38
CA ALA G 303 5.87 -22.76 -20.66
C ALA G 303 6.80 -23.13 -19.51
N ASN G 304 7.12 -22.19 -18.63
CA ASN G 304 8.04 -22.43 -17.51
C ASN G 304 7.43 -21.86 -16.24
N ASN G 305 6.17 -22.18 -15.97
CA ASN G 305 5.52 -21.70 -14.77
C ASN G 305 6.30 -22.10 -13.53
N ILE G 306 6.34 -21.19 -12.54
CA ILE G 306 7.23 -21.34 -11.41
C ILE G 306 6.47 -21.61 -10.10
N PHE G 307 5.19 -21.27 -10.03
CA PHE G 307 4.41 -21.43 -8.81
C PHE G 307 3.35 -22.50 -9.01
N GLU G 308 3.27 -23.44 -8.07
CA GLU G 308 2.34 -24.56 -8.16
C GLU G 308 1.72 -24.81 -6.80
N VAL G 309 0.53 -25.42 -6.82
CA VAL G 309 -0.17 -25.85 -5.60
C VAL G 309 -0.62 -27.28 -5.81
N ALA G 310 -0.35 -28.13 -4.83
CA ALA G 310 -0.70 -29.55 -4.92
C ALA G 310 -1.92 -29.86 -4.06
N TYR G 311 -2.73 -30.81 -4.51
CA TYR G 311 -3.92 -31.23 -3.79
C TYR G 311 -3.98 -32.76 -3.74
N GLY G 312 -4.36 -33.28 -2.57
CA GLY G 312 -4.42 -34.70 -2.37
C GLY G 312 -5.84 -35.20 -2.11
N PRO G 313 -6.01 -36.51 -2.08
CA PRO G 313 -7.35 -37.07 -1.90
C PRO G 313 -7.81 -37.06 -0.45
N CYS G 314 -9.12 -37.06 -0.28
CA CYS G 314 -9.70 -37.11 1.06
C CYS G 314 -9.55 -38.52 1.64
N PRO G 315 -9.30 -38.66 2.95
CA PRO G 315 -9.19 -39.99 3.55
C PRO G 315 -10.53 -40.58 3.95
N LYS G 316 -11.31 -40.99 2.94
CA LYS G 316 -12.63 -41.55 3.17
C LYS G 316 -12.94 -42.56 2.07
N MET G 317 -13.88 -43.46 2.36
CA MET G 317 -14.30 -44.45 1.38
C MET G 317 -14.89 -43.75 0.15
N GLY G 318 -14.52 -44.25 -1.03
CA GLY G 318 -14.93 -43.64 -2.28
C GLY G 318 -13.98 -42.61 -2.83
N TYR G 319 -12.91 -42.27 -2.10
CA TYR G 319 -11.91 -41.32 -2.57
C TYR G 319 -10.48 -41.85 -2.42
N ALA G 320 -10.28 -43.16 -2.52
CA ALA G 320 -8.97 -43.73 -2.24
C ALA G 320 -7.89 -43.22 -3.18
N ASN G 321 -8.17 -43.17 -4.49
CA ASN G 321 -7.17 -42.79 -5.48
C ASN G 321 -7.69 -41.72 -6.43
N THR G 322 -8.76 -41.02 -6.07
CA THR G 322 -9.28 -39.96 -6.92
C THR G 322 -8.42 -38.72 -6.79
N LEU G 323 -8.53 -37.84 -7.79
CA LEU G 323 -7.81 -36.58 -7.76
C LEU G 323 -8.30 -35.69 -6.62
N GLY G 324 -7.37 -34.99 -6.00
CA GLY G 324 -7.70 -34.14 -4.87
C GLY G 324 -8.44 -32.88 -5.27
N GLN G 325 -9.45 -32.53 -4.48
CA GLN G 325 -10.18 -31.29 -4.70
C GLN G 325 -9.66 -30.20 -3.78
N GLU G 326 -10.11 -28.97 -4.03
CA GLU G 326 -9.68 -27.85 -3.22
C GLU G 326 -10.29 -27.90 -1.81
N LEU G 327 -11.54 -28.35 -1.72
CA LEU G 327 -12.25 -28.39 -0.45
C LEU G 327 -13.33 -29.46 -0.51
N TYR G 328 -13.50 -30.17 0.60
CA TYR G 328 -14.57 -31.15 0.74
C TYR G 328 -15.53 -30.71 1.84
N VAL G 329 -16.81 -31.00 1.65
CA VAL G 329 -17.84 -30.70 2.64
C VAL G 329 -18.76 -31.89 2.73
N PHE G 330 -19.14 -32.25 3.96
CA PHE G 330 -20.01 -33.40 4.20
C PHE G 330 -21.05 -33.01 5.25
N GLU G 331 -22.19 -33.70 5.19
CA GLU G 331 -23.29 -33.47 6.12
C GLU G 331 -23.82 -34.81 6.60
N TYR G 332 -24.07 -34.93 7.90
CA TYR G 332 -24.56 -36.17 8.49
C TYR G 332 -25.60 -35.85 9.54
N GLU G 333 -26.65 -36.68 9.60
CA GLU G 333 -27.65 -36.55 10.64
C GLU G 333 -27.15 -37.21 11.92
N LYS G 334 -27.83 -36.89 13.03
CA LYS G 334 -27.43 -37.42 14.32
C LYS G 334 -28.17 -38.73 14.61
N ASP G 335 -27.93 -39.27 15.81
CA ASP G 335 -28.29 -40.66 16.08
C ASP G 335 -29.79 -40.88 15.95
N ARG G 336 -30.61 -40.08 16.62
CA ARG G 336 -32.05 -40.29 16.68
C ARG G 336 -32.78 -38.98 16.38
N ASP G 337 -32.41 -38.36 15.26
CA ASP G 337 -32.99 -37.08 14.86
C ASP G 337 -32.73 -36.04 15.94
N GLU G 338 -31.45 -35.75 16.19
CA GLU G 338 -31.06 -34.78 17.21
C GLU G 338 -30.52 -33.49 16.62
N GLY G 339 -30.04 -33.52 15.37
CA GLY G 339 -29.48 -32.33 14.76
C GLY G 339 -28.76 -32.69 13.47
N ILE G 340 -27.81 -31.83 13.10
CA ILE G 340 -27.02 -32.00 11.90
C ILE G 340 -25.56 -31.73 12.24
N ASP G 341 -24.66 -32.44 11.56
CA ASP G 341 -23.23 -32.27 11.74
C ASP G 341 -22.57 -32.00 10.39
N PHE G 342 -21.49 -31.23 10.41
CA PHE G 342 -20.75 -30.87 9.22
C PHE G 342 -19.27 -31.16 9.39
N GLU G 343 -18.58 -31.34 8.27
CA GLU G 343 -17.14 -31.57 8.26
C GLU G 343 -16.54 -30.92 7.02
N ALA G 344 -15.34 -30.38 7.18
CA ALA G 344 -14.61 -29.77 6.08
C ALA G 344 -13.19 -30.32 6.06
N HIS G 345 -12.74 -30.74 4.87
CA HIS G 345 -11.43 -31.36 4.71
C HIS G 345 -10.65 -30.61 3.63
N SER G 346 -9.34 -30.52 3.83
CA SER G 346 -8.45 -29.93 2.84
C SER G 346 -7.06 -30.55 3.00
N TYR G 347 -6.38 -30.72 1.87
CA TYR G 347 -5.09 -31.42 1.86
C TYR G 347 -4.28 -30.82 0.72
N MET G 348 -3.30 -29.98 1.05
CA MET G 348 -2.63 -29.19 0.02
C MET G 348 -1.23 -28.80 0.50
N LEU G 349 -0.42 -28.34 -0.46
CA LEU G 349 0.90 -27.80 -0.19
C LEU G 349 1.31 -26.84 -1.31
N PRO G 350 1.55 -25.57 -1.00
CA PRO G 350 2.09 -24.66 -2.02
C PRO G 350 3.61 -24.67 -2.00
N TYR G 351 4.21 -24.67 -3.19
CA TYR G 351 5.66 -24.72 -3.31
C TYR G 351 6.11 -23.93 -4.53
N CYS G 352 7.39 -23.61 -4.55
CA CYS G 352 8.02 -22.85 -5.63
C CYS G 352 9.18 -23.67 -6.19
N THR G 353 9.24 -23.79 -7.51
CA THR G 353 10.22 -24.65 -8.16
C THR G 353 11.58 -23.97 -8.36
N ARG G 354 11.65 -22.65 -8.24
CA ARG G 354 12.91 -21.92 -8.39
C ARG G 354 13.03 -20.93 -7.24
N PRO G 355 13.35 -21.40 -6.03
CA PRO G 355 13.38 -20.51 -4.87
C PRO G 355 14.44 -19.43 -4.95
N GLN G 356 15.47 -19.58 -5.78
CA GLN G 356 16.53 -18.58 -5.84
C GLN G 356 16.07 -17.25 -6.41
N LEU G 357 14.90 -17.21 -7.03
CA LEU G 357 14.36 -15.97 -7.58
C LEU G 357 13.55 -15.17 -6.57
N LEU G 358 13.54 -15.58 -5.31
CA LEU G 358 12.86 -14.86 -4.24
C LEU G 358 13.90 -14.05 -3.48
N VAL G 359 13.67 -12.74 -3.37
CA VAL G 359 14.65 -11.81 -2.82
C VAL G 359 13.98 -11.01 -1.71
N ASP G 360 14.71 -10.78 -0.63
CA ASP G 360 14.26 -9.93 0.46
C ASP G 360 14.91 -8.56 0.34
N VAL G 361 14.21 -7.54 0.84
CA VAL G 361 14.70 -6.16 0.80
C VAL G 361 14.58 -5.57 2.20
N ARG G 362 15.60 -4.81 2.60
CA ARG G 362 15.66 -4.18 3.91
C ARG G 362 15.86 -2.69 3.75
N ALA G 363 15.34 -1.92 4.70
CA ALA G 363 15.43 -0.47 4.67
C ALA G 363 16.76 0.05 5.23
N ASP G 364 17.56 -0.81 5.84
CA ASP G 364 18.83 -0.40 6.46
C ASP G 364 19.99 -1.09 5.76
N ALA G 365 21.21 -0.66 6.10
CA ALA G 365 22.41 -1.25 5.57
C ALA G 365 23.27 -1.72 6.73
N LYS G 366 23.63 -3.00 6.73
CA LYS G 366 24.37 -3.60 7.82
C LYS G 366 25.17 -4.78 7.29
N MET H 1 50.69 -94.75 -51.92
CA MET H 1 51.42 -93.50 -51.60
C MET H 1 52.78 -93.80 -50.99
N LEU H 2 53.83 -93.58 -51.78
CA LEU H 2 55.19 -93.87 -51.34
C LEU H 2 55.78 -92.65 -50.65
N THR H 3 56.49 -92.89 -49.56
CA THR H 3 57.09 -91.83 -48.76
C THR H 3 58.48 -92.25 -48.33
N ASN H 4 59.20 -91.32 -47.70
CA ASN H 4 60.54 -91.62 -47.22
C ASN H 4 60.50 -92.73 -46.18
N SER H 5 61.58 -93.52 -46.14
CA SER H 5 61.65 -94.64 -45.22
C SER H 5 61.70 -94.15 -43.78
N GLU H 6 61.76 -95.09 -42.83
CA GLU H 6 61.74 -94.70 -41.41
C GLU H 6 63.03 -94.00 -41.02
N LYS H 7 64.18 -94.49 -41.50
CA LYS H 7 65.47 -93.93 -41.10
C LYS H 7 66.41 -93.78 -42.28
N SER H 8 65.89 -93.50 -43.47
CA SER H 8 66.72 -93.29 -44.64
C SER H 8 66.06 -92.28 -45.55
N ARG H 9 66.89 -91.57 -46.32
CA ARG H 9 66.44 -90.56 -47.25
C ARG H 9 66.34 -91.08 -48.68
N PHE H 10 66.67 -92.34 -48.93
CA PHE H 10 66.76 -92.87 -50.29
C PHE H 10 65.88 -94.09 -50.54
N PHE H 11 65.40 -94.76 -49.51
CA PHE H 11 64.45 -95.85 -49.65
C PHE H 11 63.03 -95.33 -49.41
N LEU H 12 62.06 -96.13 -49.84
CA LEU H 12 60.66 -95.73 -49.81
C LEU H 12 59.85 -96.71 -48.98
N ALA H 13 58.72 -96.24 -48.47
CA ALA H 13 57.78 -97.05 -47.71
C ALA H 13 56.37 -96.63 -48.08
N ASP H 14 55.42 -97.52 -47.81
CA ASP H 14 54.03 -97.31 -48.21
C ASP H 14 53.24 -96.73 -47.05
N LEU H 15 52.48 -95.67 -47.32
CA LEU H 15 51.62 -95.03 -46.33
C LEU H 15 50.18 -95.42 -46.60
N THR H 16 49.45 -95.81 -45.54
CA THR H 16 48.09 -96.31 -45.67
C THR H 16 47.05 -95.21 -45.47
N GLY H 17 47.06 -94.55 -44.32
CA GLY H 17 46.06 -93.53 -44.05
C GLY H 17 46.12 -93.09 -42.60
N GLU H 18 45.10 -92.31 -42.23
CA GLU H 18 45.00 -91.73 -40.90
C GLU H 18 43.95 -92.47 -40.07
N VAL H 19 44.02 -92.27 -38.75
CA VAL H 19 43.06 -92.83 -37.80
C VAL H 19 42.65 -91.67 -36.88
N GLN H 20 41.44 -91.16 -37.08
CA GLN H 20 40.96 -90.02 -36.31
C GLN H 20 40.23 -90.46 -35.05
N SER H 21 40.34 -89.65 -34.02
CA SER H 21 39.62 -89.86 -32.76
C SER H 21 38.92 -88.57 -32.37
N ILE H 22 37.69 -88.70 -31.88
CA ILE H 22 36.88 -87.54 -31.49
C ILE H 22 36.32 -87.79 -30.10
N PRO H 23 36.32 -86.81 -29.21
CA PRO H 23 35.80 -87.04 -27.86
C PRO H 23 34.28 -87.18 -27.86
N ASN H 24 33.79 -87.83 -26.80
CA ASN H 24 32.36 -88.02 -26.64
C ASN H 24 31.68 -86.71 -26.24
N THR H 25 30.40 -86.58 -26.58
CA THR H 25 29.62 -85.39 -26.28
C THR H 25 28.18 -85.82 -25.97
N TYR H 26 27.82 -85.82 -24.70
CA TYR H 26 26.47 -86.17 -24.29
C TYR H 26 25.54 -84.98 -24.42
N GLY H 27 24.33 -85.24 -24.90
CA GLY H 27 23.36 -84.17 -25.11
C GLY H 27 21.94 -84.55 -24.72
N TYR H 28 21.79 -85.40 -23.73
CA TYR H 28 20.47 -85.89 -23.33
C TYR H 28 19.56 -84.76 -22.87
N ILE H 29 19.95 -84.07 -21.81
CA ILE H 29 19.07 -83.05 -21.23
C ILE H 29 18.83 -81.92 -22.21
N SER H 30 19.85 -81.58 -23.00
CA SER H 30 19.75 -80.43 -23.90
C SER H 30 18.61 -80.60 -24.88
N ASN H 31 18.47 -81.79 -25.47
CA ASN H 31 17.44 -82.05 -26.46
C ASN H 31 16.12 -82.47 -25.84
N LEU H 32 16.05 -82.58 -24.51
CA LEU H 32 14.81 -82.98 -23.87
C LEU H 32 13.73 -81.92 -24.00
N GLY H 33 14.10 -80.67 -24.21
CA GLY H 33 13.13 -79.61 -24.46
C GLY H 33 12.42 -79.08 -23.24
N LEU H 34 12.95 -79.33 -22.04
CA LEU H 34 12.28 -78.85 -20.84
C LEU H 34 12.39 -77.33 -20.70
N PHE H 35 13.59 -76.79 -20.95
CA PHE H 35 13.86 -75.40 -20.65
C PHE H 35 13.37 -74.49 -21.76
N ARG H 36 12.72 -73.39 -21.38
CA ARG H 36 12.24 -72.39 -22.32
C ARG H 36 13.28 -71.27 -22.47
N SER H 37 13.03 -70.40 -23.44
CA SER H 37 13.91 -69.27 -23.73
C SER H 37 13.16 -67.97 -23.43
N ALA H 38 13.73 -67.13 -22.59
CA ALA H 38 13.11 -65.87 -22.17
C ALA H 38 14.15 -64.75 -22.28
N PRO H 39 14.38 -64.23 -23.48
CA PRO H 39 15.34 -63.13 -23.62
C PRO H 39 14.88 -61.90 -22.86
N ILE H 40 15.86 -61.15 -22.35
CA ILE H 40 15.60 -59.90 -21.64
C ILE H 40 16.56 -58.84 -22.15
N THR H 41 16.32 -57.59 -21.76
CA THR H 41 17.10 -56.45 -22.21
C THR H 41 17.71 -55.70 -21.04
N GLN H 42 18.12 -56.43 -19.99
CA GLN H 42 18.67 -55.80 -18.80
C GLN H 42 19.64 -56.75 -18.13
N THR H 43 20.43 -56.20 -17.21
CA THR H 43 21.45 -57.00 -16.54
C THR H 43 20.85 -57.96 -15.53
N THR H 44 19.72 -57.62 -14.92
CA THR H 44 19.08 -58.46 -13.92
C THR H 44 17.57 -58.39 -14.09
N PHE H 45 16.87 -59.16 -13.27
CA PHE H 45 15.41 -59.18 -13.30
C PHE H 45 14.88 -59.49 -11.91
N LEU H 46 13.61 -59.17 -11.69
CA LEU H 46 12.95 -59.33 -10.41
C LEU H 46 11.74 -60.25 -10.57
N MET H 47 11.17 -60.65 -9.43
CA MET H 47 10.02 -61.54 -9.42
C MET H 47 9.31 -61.41 -8.09
N ASP H 48 7.98 -61.50 -8.13
CA ASP H 48 7.15 -61.37 -6.94
C ASP H 48 6.60 -62.72 -6.52
N LEU H 49 6.32 -62.86 -5.22
CA LEU H 49 5.78 -64.09 -4.65
C LEU H 49 4.57 -63.77 -3.80
N THR H 50 3.63 -64.69 -3.75
CA THR H 50 2.40 -64.50 -3.00
C THR H 50 1.91 -65.85 -2.49
N ASP H 51 1.14 -65.82 -1.40
CA ASP H 51 0.58 -67.04 -0.83
C ASP H 51 -0.40 -66.65 0.27
N TRP H 52 -1.30 -67.59 0.58
CA TRP H 52 -2.26 -67.41 1.65
C TRP H 52 -2.72 -68.79 2.12
N ASP H 53 -3.33 -68.83 3.30
CA ASP H 53 -3.75 -70.07 3.92
C ASP H 53 -5.16 -69.93 4.45
N VAL H 54 -5.73 -71.06 4.89
CA VAL H 54 -7.09 -71.09 5.40
C VAL H 54 -7.18 -72.16 6.48
N SER H 55 -8.08 -71.95 7.44
CA SER H 55 -8.25 -72.88 8.55
C SER H 55 -9.71 -73.29 8.70
N LEU H 56 -10.02 -74.01 9.78
CA LEU H 56 -11.38 -74.49 10.02
C LEU H 56 -12.10 -73.53 10.96
N LEU H 57 -13.38 -73.28 10.67
CA LEU H 57 -14.21 -72.49 11.56
C LEU H 57 -14.51 -73.27 12.84
N ASP H 58 -14.81 -72.52 13.89
CA ASP H 58 -15.13 -73.10 15.19
C ASP H 58 -16.53 -72.65 15.61
N ALA H 59 -17.30 -73.59 16.13
CA ALA H 59 -18.69 -73.31 16.46
C ALA H 59 -18.79 -72.26 17.57
N VAL H 60 -19.86 -71.47 17.50
CA VAL H 60 -20.12 -70.42 18.47
C VAL H 60 -21.57 -70.49 18.92
N ASP H 61 -21.84 -69.91 20.08
CA ASP H 61 -23.19 -69.90 20.64
C ASP H 61 -24.06 -68.93 19.84
N ARG H 62 -25.28 -69.36 19.51
CA ARG H 62 -26.15 -68.54 18.67
C ARG H 62 -26.51 -67.23 19.35
N ASP H 63 -26.83 -67.28 20.65
CA ASP H 63 -27.25 -66.08 21.37
C ASP H 63 -26.08 -65.19 21.79
N SER H 64 -24.86 -65.72 21.81
CA SER H 64 -23.70 -64.93 22.19
C SER H 64 -23.24 -64.00 21.09
N ARG H 65 -23.45 -64.36 19.82
CA ARG H 65 -23.12 -63.52 18.67
C ARG H 65 -21.61 -63.26 18.58
N LYS H 66 -20.81 -64.26 18.93
CA LYS H 66 -19.37 -64.17 18.73
C LYS H 66 -18.99 -64.65 17.34
N ALA H 67 -17.76 -64.34 16.93
CA ALA H 67 -17.29 -64.70 15.61
C ALA H 67 -15.77 -64.66 15.58
N GLU H 68 -15.20 -65.25 14.53
CA GLU H 68 -13.76 -65.27 14.30
C GLU H 68 -13.46 -64.71 12.92
N THR H 69 -12.18 -64.47 12.65
CA THR H 69 -11.76 -63.80 11.43
C THR H 69 -10.47 -64.41 10.92
N SER H 70 -10.26 -64.32 9.62
CA SER H 70 -9.06 -64.87 8.98
C SER H 70 -7.96 -63.83 8.92
N ALA H 71 -6.72 -64.32 8.82
CA ALA H 71 -5.56 -63.44 8.79
C ALA H 71 -5.25 -63.00 7.36
N PRO H 72 -4.43 -61.93 7.20
CA PRO H 72 -4.10 -61.47 5.85
C PRO H 72 -3.10 -62.37 5.13
N GLU H 73 -2.66 -61.94 3.95
CA GLU H 73 -1.73 -62.69 3.13
C GLU H 73 -0.32 -62.10 3.24
N ARG H 74 0.60 -62.63 2.44
CA ARG H 74 2.00 -62.23 2.47
C ARG H 74 2.50 -62.03 1.05
N VAL H 75 3.44 -61.10 0.90
CA VAL H 75 4.05 -60.80 -0.40
C VAL H 75 5.51 -60.44 -0.17
N ARG H 76 6.36 -60.82 -1.12
CA ARG H 76 7.78 -60.51 -1.06
C ARG H 76 8.36 -60.57 -2.47
N GLN H 77 9.62 -60.12 -2.58
CA GLN H 77 10.27 -59.95 -3.87
C GLN H 77 11.69 -60.52 -3.82
N ILE H 78 12.22 -60.86 -4.99
CA ILE H 78 13.55 -61.47 -5.12
C ILE H 78 14.20 -60.96 -6.41
N SER H 79 15.46 -61.34 -6.61
CA SER H 79 16.24 -60.90 -7.76
C SER H 79 17.29 -61.96 -8.10
N PHE H 80 17.80 -61.88 -9.33
CA PHE H 80 18.79 -62.84 -9.82
C PHE H 80 19.89 -62.15 -10.62
N PRO H 81 21.16 -62.59 -10.47
CA PRO H 81 22.20 -62.18 -11.42
C PRO H 81 22.24 -63.08 -12.65
N MET H 82 23.26 -62.94 -13.50
CA MET H 82 23.40 -63.78 -14.69
C MET H 82 24.86 -64.13 -14.89
N MET H 83 25.09 -65.21 -15.64
CA MET H 83 26.41 -65.73 -15.93
C MET H 83 26.89 -65.26 -17.30
N TYR H 84 28.17 -64.93 -17.41
CA TYR H 84 28.77 -64.44 -18.63
C TYR H 84 29.91 -65.35 -19.06
N PHE H 85 29.99 -65.65 -20.35
CA PHE H 85 31.04 -66.49 -20.91
C PHE H 85 31.66 -65.82 -22.12
N LYS H 86 32.93 -66.11 -22.36
CA LYS H 86 33.65 -65.51 -23.48
C LYS H 86 34.69 -66.50 -24.00
N GLU H 87 35.04 -66.35 -25.27
CA GLU H 87 36.00 -67.22 -25.93
C GLU H 87 36.84 -66.42 -26.91
N VAL H 88 38.08 -66.86 -27.13
CA VAL H 88 39.03 -66.14 -27.96
C VAL H 88 39.81 -67.14 -28.81
N GLU H 89 40.02 -66.79 -30.08
CA GLU H 89 40.81 -67.61 -30.99
C GLU H 89 41.35 -66.72 -32.09
N SER H 90 42.38 -67.21 -32.77
CA SER H 90 43.00 -66.46 -33.86
C SER H 90 43.67 -67.42 -34.82
N ILE H 91 43.94 -66.93 -36.02
CA ILE H 91 44.59 -67.69 -37.08
C ILE H 91 45.81 -66.92 -37.57
N THR H 92 46.92 -67.62 -37.77
CA THR H 92 48.17 -67.03 -38.19
C THR H 92 48.72 -67.77 -39.39
N PRO H 93 49.37 -67.07 -40.33
CA PRO H 93 49.97 -67.79 -41.46
C PRO H 93 51.04 -68.78 -41.08
N ASP H 94 51.61 -68.67 -39.89
CA ASP H 94 52.67 -69.59 -39.47
C ASP H 94 52.17 -71.01 -39.29
N GLU H 95 50.86 -71.22 -39.22
CA GLU H 95 50.28 -72.55 -39.07
C GLU H 95 49.93 -73.20 -40.40
N ILE H 96 50.20 -72.53 -41.52
CA ILE H 96 49.83 -73.03 -42.84
C ILE H 96 51.06 -73.37 -43.67
N GLN H 97 52.12 -72.59 -43.57
CA GLN H 97 53.26 -72.77 -44.45
C GLN H 97 54.04 -74.03 -44.09
N GLY H 98 54.31 -74.85 -45.10
CA GLY H 98 55.13 -76.05 -44.90
C GLY H 98 54.55 -77.03 -43.92
N VAL H 99 53.24 -77.19 -43.89
CA VAL H 99 52.56 -78.11 -42.98
C VAL H 99 51.90 -79.19 -43.83
N ARG H 100 52.39 -80.43 -43.71
CA ARG H 100 51.82 -81.52 -44.47
C ARG H 100 50.48 -81.94 -43.88
N GLN H 101 49.53 -82.26 -44.75
CA GLN H 101 48.25 -82.78 -44.29
C GLN H 101 48.46 -84.18 -43.72
N PRO H 102 47.97 -84.46 -42.52
CA PRO H 102 48.28 -85.77 -41.91
C PRO H 102 47.84 -86.95 -42.76
N GLY H 103 46.75 -86.83 -43.50
CA GLY H 103 46.22 -87.94 -44.26
C GLY H 103 46.88 -88.21 -45.59
N THR H 104 47.87 -87.41 -45.99
CA THR H 104 48.49 -87.56 -47.29
C THR H 104 50.00 -87.35 -47.14
N ALA H 105 50.71 -87.49 -48.27
CA ALA H 105 52.16 -87.42 -48.28
C ALA H 105 52.71 -86.17 -48.95
N ASN H 106 51.92 -85.48 -49.78
CA ASN H 106 52.42 -84.31 -50.51
C ASN H 106 51.44 -83.14 -50.51
N GLU H 107 50.39 -83.17 -49.70
CA GLU H 107 49.38 -82.12 -49.69
C GLU H 107 49.60 -81.21 -48.49
N LEU H 108 49.49 -79.90 -48.73
CA LEU H 108 49.64 -78.90 -47.69
C LEU H 108 48.27 -78.47 -47.19
N THR H 109 48.22 -78.01 -45.94
CA THR H 109 46.97 -77.58 -45.34
C THR H 109 46.52 -76.27 -45.95
N THR H 110 45.25 -75.94 -45.72
CA THR H 110 44.63 -74.73 -46.24
C THR H 110 43.95 -73.97 -45.11
N GLU H 111 43.73 -72.67 -45.33
CA GLU H 111 43.11 -71.84 -44.31
C GLU H 111 41.71 -72.31 -43.98
N ALA H 112 40.97 -72.76 -44.99
CA ALA H 112 39.57 -73.15 -44.78
C ALA H 112 39.47 -74.29 -43.78
N VAL H 113 40.35 -75.28 -43.87
CA VAL H 113 40.30 -76.42 -42.96
C VAL H 113 40.48 -75.96 -41.52
N VAL H 114 41.50 -75.12 -41.29
CA VAL H 114 41.78 -74.66 -39.93
C VAL H 114 40.60 -73.85 -39.41
N ARG H 115 40.06 -72.96 -40.25
CA ARG H 115 38.91 -72.16 -39.84
C ARG H 115 37.74 -73.03 -39.42
N ALA H 116 37.42 -74.04 -40.24
CA ALA H 116 36.29 -74.90 -39.94
C ALA H 116 36.52 -75.67 -38.64
N LYS H 117 37.73 -76.21 -38.47
CA LYS H 117 38.01 -76.96 -37.24
C LYS H 117 37.86 -76.08 -36.01
N LYS H 118 38.42 -74.88 -36.05
CA LYS H 118 38.36 -73.99 -34.89
C LYS H 118 36.91 -73.60 -34.58
N LEU H 119 36.13 -73.30 -35.61
CA LEU H 119 34.73 -72.94 -35.38
C LEU H 119 33.96 -74.11 -34.77
N MET H 120 34.18 -75.31 -35.28
CA MET H 120 33.48 -76.47 -34.74
C MET H 120 33.87 -76.69 -33.29
N LYS H 121 35.15 -76.50 -32.97
CA LYS H 121 35.59 -76.68 -31.59
C LYS H 121 34.91 -75.67 -30.67
N ILE H 122 34.83 -74.42 -31.10
CA ILE H 122 34.18 -73.39 -30.28
C ILE H 122 32.72 -73.77 -30.03
N ARG H 123 32.01 -74.15 -31.09
CA ARG H 123 30.60 -74.48 -30.93
C ARG H 123 30.40 -75.68 -30.03
N THR H 124 31.27 -76.69 -30.15
CA THR H 124 31.17 -77.86 -29.28
C THR H 124 31.41 -77.48 -27.83
N LYS H 125 32.40 -76.63 -27.56
CA LYS H 125 32.63 -76.20 -26.19
C LYS H 125 31.40 -75.51 -25.63
N PHE H 126 30.79 -74.62 -26.40
CA PHE H 126 29.61 -73.92 -25.91
C PHE H 126 28.46 -74.88 -25.65
N ASP H 127 28.25 -75.86 -26.54
CA ASP H 127 27.17 -76.82 -26.34
C ASP H 127 27.39 -77.63 -25.07
N ILE H 128 28.63 -78.07 -24.84
CA ILE H 128 28.94 -78.84 -23.63
C ILE H 128 28.66 -78.00 -22.39
N THR H 129 29.09 -76.74 -22.42
CA THR H 129 28.85 -75.86 -21.27
C THR H 129 27.37 -75.69 -21.01
N ARG H 130 26.58 -75.52 -22.08
CA ARG H 130 25.14 -75.36 -21.91
C ARG H 130 24.51 -76.60 -21.29
N GLU H 131 24.93 -77.77 -21.75
CA GLU H 131 24.39 -79.02 -21.19
C GLU H 131 24.71 -79.11 -19.71
N PHE H 132 25.96 -78.82 -19.34
CA PHE H 132 26.35 -78.87 -17.94
C PHE H 132 25.53 -77.90 -17.10
N LEU H 133 25.34 -76.68 -17.61
CA LEU H 133 24.58 -75.69 -16.86
C LEU H 133 23.13 -76.12 -16.68
N PHE H 134 22.53 -76.69 -17.71
CA PHE H 134 21.15 -77.17 -17.59
C PHE H 134 21.05 -78.26 -16.53
N MET H 135 22.00 -79.20 -16.54
CA MET H 135 21.97 -80.25 -15.53
C MET H 135 22.11 -79.65 -14.12
N GLN H 136 23.02 -78.69 -13.97
CA GLN H 136 23.22 -78.07 -12.66
C GLN H 136 21.95 -77.38 -12.20
N ALA H 137 21.28 -76.66 -13.10
CA ALA H 137 20.03 -76.01 -12.73
C ALA H 137 18.98 -77.02 -12.30
N LEU H 138 18.88 -78.13 -13.03
CA LEU H 138 17.94 -79.19 -12.63
C LEU H 138 18.31 -79.78 -11.28
N LYS H 139 19.58 -79.77 -10.90
CA LYS H 139 19.98 -80.31 -9.60
C LYS H 139 19.62 -79.40 -8.43
N GLY H 140 19.16 -78.17 -8.69
CA GLY H 140 18.72 -77.27 -7.64
C GLY H 140 19.68 -76.15 -7.31
N LYS H 141 20.95 -76.24 -7.74
CA LYS H 141 21.92 -75.19 -7.52
C LYS H 141 22.68 -74.92 -8.81
N VAL H 142 23.06 -73.67 -9.01
CA VAL H 142 23.76 -73.23 -10.21
C VAL H 142 25.16 -72.79 -9.80
N VAL H 143 26.16 -73.49 -10.31
CA VAL H 143 27.57 -73.16 -10.05
C VAL H 143 28.36 -73.47 -11.32
N ASP H 144 29.33 -72.62 -11.62
CA ASP H 144 30.18 -72.86 -12.77
C ASP H 144 31.14 -74.01 -12.49
N ALA H 145 31.95 -74.35 -13.49
CA ALA H 145 32.93 -75.41 -13.34
C ALA H 145 34.00 -75.10 -12.30
N ARG H 146 34.13 -73.85 -11.89
CA ARG H 146 35.13 -73.45 -10.92
C ARG H 146 34.58 -73.39 -9.50
N GLY H 147 33.34 -73.80 -9.29
CA GLY H 147 32.76 -73.86 -7.96
C GLY H 147 32.11 -72.59 -7.47
N THR H 148 32.16 -71.51 -8.25
CA THR H 148 31.54 -70.26 -7.81
C THR H 148 30.03 -70.40 -7.78
N LEU H 149 29.40 -69.90 -6.72
CA LEU H 149 27.97 -70.01 -6.53
C LEU H 149 27.29 -68.74 -7.03
N TYR H 150 26.34 -68.90 -7.96
CA TYR H 150 25.60 -67.79 -8.52
C TYR H 150 24.13 -67.76 -8.11
N ALA H 151 23.50 -68.92 -7.93
CA ALA H 151 22.11 -68.97 -7.51
C ALA H 151 21.93 -70.09 -6.52
N ASP H 152 21.11 -69.85 -5.50
CA ASP H 152 20.72 -70.85 -4.52
C ASP H 152 19.20 -70.83 -4.44
N LEU H 153 18.56 -71.67 -5.24
CA LEU H 153 17.10 -71.62 -5.36
C LEU H 153 16.42 -71.87 -4.02
N TYR H 154 16.91 -72.84 -3.25
CA TYR H 154 16.29 -73.15 -1.97
C TYR H 154 16.44 -72.01 -0.97
N LYS H 155 17.52 -71.23 -1.05
CA LYS H 155 17.67 -70.08 -0.17
C LYS H 155 16.72 -68.97 -0.56
N GLN H 156 16.64 -68.64 -1.85
CA GLN H 156 15.78 -67.55 -2.28
C GLN H 156 14.32 -67.87 -2.05
N PHE H 157 13.90 -69.09 -2.38
CA PHE H 157 12.53 -69.53 -2.19
C PHE H 157 12.30 -70.15 -0.82
N ASP H 158 13.31 -70.13 0.04
CA ASP H 158 13.22 -70.59 1.44
C ASP H 158 12.34 -71.83 1.57
N VAL H 159 12.72 -72.87 0.83
CA VAL H 159 12.05 -74.16 0.88
C VAL H 159 13.10 -75.25 1.00
N GLU H 160 12.80 -76.26 1.82
CA GLU H 160 13.71 -77.35 2.08
C GLU H 160 13.63 -78.39 0.98
N LYS H 161 14.76 -79.04 0.70
CA LYS H 161 14.83 -80.09 -0.31
C LYS H 161 14.59 -81.44 0.35
N LYS H 162 13.83 -82.29 -0.34
CA LYS H 162 13.48 -83.62 0.16
C LYS H 162 14.25 -84.69 -0.58
N THR H 163 14.76 -85.66 0.18
CA THR H 163 15.46 -86.81 -0.37
C THR H 163 14.74 -88.08 0.04
N VAL H 164 14.73 -89.07 -0.83
CA VAL H 164 14.03 -90.33 -0.59
C VAL H 164 15.05 -91.45 -0.55
N TYR H 165 14.98 -92.27 0.50
CA TYR H 165 15.90 -93.39 0.68
C TYR H 165 15.17 -94.68 0.31
N PHE H 166 15.85 -95.53 -0.47
CA PHE H 166 15.26 -96.77 -0.93
C PHE H 166 15.75 -98.00 -0.16
N ASP H 167 16.91 -97.91 0.49
CA ASP H 167 17.45 -99.01 1.30
C ASP H 167 17.56 -100.29 0.47
N LEU H 168 18.09 -100.14 -0.75
CA LEU H 168 18.18 -101.28 -1.67
C LEU H 168 19.09 -102.38 -1.14
N ASP H 169 19.93 -102.09 -0.14
CA ASP H 169 20.77 -103.13 0.45
C ASP H 169 20.03 -104.01 1.42
N ASN H 170 18.83 -103.63 1.84
CA ASN H 170 18.05 -104.41 2.80
C ASN H 170 17.05 -105.27 2.06
N PRO H 171 17.08 -106.61 2.21
CA PRO H 171 16.10 -107.44 1.50
C PRO H 171 14.66 -107.09 1.82
N ASN H 172 14.38 -106.61 3.03
CA ASN H 172 13.02 -106.29 3.45
C ASN H 172 12.60 -104.87 3.07
N ALA H 173 13.47 -104.10 2.44
CA ALA H 173 13.12 -102.73 2.08
C ALA H 173 11.89 -102.71 1.19
N ASP H 174 11.00 -101.75 1.45
CA ASP H 174 9.76 -101.60 0.68
C ASP H 174 9.97 -100.47 -0.33
N ILE H 175 10.18 -100.85 -1.59
CA ILE H 175 10.30 -99.85 -2.65
C ILE H 175 8.97 -99.13 -2.86
N ASP H 176 7.86 -99.87 -2.71
CA ASP H 176 6.55 -99.27 -2.94
C ASP H 176 6.30 -98.10 -1.99
N ALA H 177 6.72 -98.25 -0.72
CA ALA H 177 6.55 -97.16 0.24
C ALA H 177 7.30 -95.92 -0.21
N SER H 178 8.54 -96.07 -0.66
CA SER H 178 9.32 -94.91 -1.10
C SER H 178 8.71 -94.28 -2.34
N ILE H 179 8.25 -95.10 -3.29
CA ILE H 179 7.62 -94.55 -4.48
C ILE H 179 6.37 -93.76 -4.13
N GLU H 180 5.55 -94.30 -3.22
CA GLU H 180 4.35 -93.59 -2.80
C GLU H 180 4.71 -92.31 -2.07
N GLU H 181 5.79 -92.33 -1.29
CA GLU H 181 6.24 -91.10 -0.62
C GLU H 181 6.63 -90.05 -1.64
N LEU H 182 7.34 -90.45 -2.70
CA LEU H 182 7.71 -89.51 -3.75
C LEU H 182 6.48 -88.93 -4.42
N ARG H 183 5.50 -89.79 -4.74
CA ARG H 183 4.28 -89.31 -5.37
C ARG H 183 3.56 -88.31 -4.46
N MET H 184 3.41 -88.65 -3.18
CA MET H 184 2.71 -87.77 -2.25
C MET H 184 3.42 -86.43 -2.12
N HIS H 185 4.75 -86.45 -2.04
CA HIS H 185 5.48 -85.19 -2.00
C HIS H 185 5.20 -84.35 -3.23
N MET H 186 5.38 -84.94 -4.41
CA MET H 186 5.22 -84.18 -5.64
C MET H 186 3.81 -83.66 -5.81
N GLU H 187 2.82 -84.36 -5.25
CA GLU H 187 1.43 -83.94 -5.43
C GLU H 187 1.03 -82.90 -4.39
N ASP H 188 1.38 -83.10 -3.13
CA ASP H 188 0.94 -82.20 -2.07
C ASP H 188 1.72 -80.89 -2.07
N GLU H 189 3.01 -80.93 -2.42
CA GLU H 189 3.83 -79.74 -2.30
C GLU H 189 3.74 -78.81 -3.51
N ALA H 190 2.89 -79.13 -4.49
CA ALA H 190 2.80 -78.30 -5.68
C ALA H 190 2.30 -76.90 -5.35
N LYS H 191 1.24 -76.80 -4.54
CA LYS H 191 0.63 -75.52 -4.19
C LYS H 191 0.39 -74.70 -5.46
N THR H 192 -0.56 -75.20 -6.24
CA THR H 192 -0.97 -74.53 -7.48
C THR H 192 -2.48 -74.36 -7.60
N GLY H 193 -3.25 -74.93 -6.68
CA GLY H 193 -4.69 -74.75 -6.71
C GLY H 193 -5.40 -75.51 -7.82
N THR H 194 -4.80 -76.60 -8.30
CA THR H 194 -5.41 -77.39 -9.36
C THR H 194 -5.01 -78.85 -9.18
N VAL H 195 -5.77 -79.73 -9.84
CA VAL H 195 -5.49 -81.16 -9.74
C VAL H 195 -4.10 -81.45 -10.26
N ILE H 196 -3.39 -82.34 -9.58
CA ILE H 196 -2.02 -82.72 -9.93
C ILE H 196 -1.97 -84.23 -10.11
N ASN H 197 -1.33 -84.68 -11.17
CA ASN H 197 -1.11 -86.10 -11.46
C ASN H 197 0.36 -86.38 -11.25
N GLY H 198 0.69 -86.98 -10.11
CA GLY H 198 2.08 -87.21 -9.74
C GLY H 198 2.73 -88.35 -10.50
N GLU H 199 1.97 -89.12 -11.27
CA GLU H 199 2.56 -90.24 -12.00
C GLU H 199 3.50 -89.76 -13.10
N GLU H 200 3.29 -88.54 -13.60
CA GLU H 200 4.10 -88.00 -14.70
C GLU H 200 5.30 -87.30 -14.11
N ILE H 201 6.44 -88.01 -14.06
CA ILE H 201 7.68 -87.46 -13.56
C ILE H 201 8.84 -88.14 -14.27
N HIS H 202 9.94 -87.41 -14.43
CA HIS H 202 11.16 -87.96 -14.98
C HIS H 202 12.05 -88.46 -13.84
N VAL H 203 12.75 -89.55 -14.09
CA VAL H 203 13.67 -90.13 -13.11
C VAL H 203 14.97 -90.47 -13.84
N VAL H 204 16.03 -89.74 -13.52
CA VAL H 204 17.37 -90.02 -14.05
C VAL H 204 18.16 -90.73 -12.96
N VAL H 205 18.76 -91.86 -13.30
CA VAL H 205 19.34 -92.76 -12.32
C VAL H 205 20.80 -93.02 -12.66
N ASP H 206 21.55 -93.43 -11.64
CA ASP H 206 22.95 -93.78 -11.79
C ASP H 206 23.10 -95.28 -12.04
N ARG H 207 24.28 -95.65 -12.56
CA ARG H 207 24.52 -97.05 -12.89
C ARG H 207 24.42 -97.93 -11.65
N VAL H 208 25.04 -97.52 -10.55
CA VAL H 208 25.00 -98.31 -9.33
C VAL H 208 23.57 -98.43 -8.82
N PHE H 209 22.82 -97.32 -8.82
CA PHE H 209 21.44 -97.37 -8.36
C PHE H 209 20.60 -98.27 -9.26
N PHE H 210 20.81 -98.18 -10.58
CA PHE H 210 20.07 -99.03 -11.50
C PHE H 210 20.34 -100.50 -11.24
N SER H 211 21.61 -100.87 -11.08
CA SER H 211 21.96 -102.26 -10.81
C SER H 211 21.35 -102.73 -9.50
N LYS H 212 21.44 -101.92 -8.45
CA LYS H 212 20.91 -102.31 -7.16
C LYS H 212 19.40 -102.50 -7.23
N LEU H 213 18.70 -101.59 -7.92
CA LEU H 213 17.25 -101.72 -8.05
C LEU H 213 16.89 -102.99 -8.82
N VAL H 214 17.63 -103.29 -9.89
CA VAL H 214 17.31 -104.46 -10.69
C VAL H 214 17.55 -105.74 -9.89
N LYS H 215 18.59 -105.75 -9.04
CA LYS H 215 18.95 -106.96 -8.32
C LYS H 215 17.98 -107.33 -7.21
N HIS H 216 17.16 -106.38 -6.74
CA HIS H 216 16.42 -106.60 -5.50
C HIS H 216 15.49 -107.80 -5.64
N PRO H 217 15.43 -108.70 -4.66
CA PRO H 217 14.54 -109.86 -4.78
C PRO H 217 13.07 -109.50 -4.93
N LYS H 218 12.63 -108.43 -4.27
CA LYS H 218 11.22 -108.07 -4.34
C LYS H 218 10.78 -107.76 -5.77
N ILE H 219 11.71 -107.31 -6.60
CA ILE H 219 11.42 -107.09 -8.02
C ILE H 219 11.63 -108.36 -8.82
N ARG H 220 12.73 -109.07 -8.54
CA ARG H 220 13.06 -110.28 -9.29
C ARG H 220 11.93 -111.30 -9.22
N ASP H 221 11.50 -111.64 -8.00
CA ASP H 221 10.47 -112.67 -7.86
C ASP H 221 9.13 -112.18 -8.37
N ALA H 222 8.80 -110.91 -8.13
CA ALA H 222 7.54 -110.38 -8.60
C ALA H 222 7.44 -110.48 -10.11
N TYR H 223 8.52 -110.15 -10.82
CA TYR H 223 8.49 -110.24 -12.28
C TYR H 223 8.61 -111.68 -12.76
N LEU H 224 9.31 -112.54 -12.02
CA LEU H 224 9.41 -113.94 -12.42
C LEU H 224 8.05 -114.62 -12.37
N ALA H 225 7.24 -114.30 -11.35
CA ALA H 225 5.95 -114.95 -11.20
C ALA H 225 4.96 -114.60 -12.30
N GLN H 226 5.24 -113.59 -13.11
CA GLN H 226 4.29 -113.10 -14.11
C GLN H 226 4.61 -113.70 -15.47
N GLN H 227 3.59 -114.29 -16.11
CA GLN H 227 3.73 -114.84 -17.46
C GLN H 227 3.18 -113.87 -18.49
N THR H 228 3.84 -112.72 -18.58
CA THR H 228 3.44 -111.65 -19.48
C THR H 228 4.65 -111.17 -20.28
N PRO H 229 4.43 -110.67 -21.50
CA PRO H 229 5.58 -110.31 -22.34
C PRO H 229 6.51 -109.29 -21.70
N LEU H 230 5.97 -108.33 -20.94
CA LEU H 230 6.83 -107.36 -20.28
C LEU H 230 7.74 -108.03 -19.27
N ALA H 231 7.21 -108.97 -18.50
CA ALA H 231 8.03 -109.66 -17.50
C ALA H 231 9.14 -110.45 -18.16
N TRP H 232 8.85 -111.12 -19.27
CA TRP H 232 9.87 -111.90 -19.96
C TRP H 232 11.01 -111.01 -20.43
N GLN H 233 10.69 -109.87 -21.02
CA GLN H 233 11.72 -109.01 -21.61
C GLN H 233 12.63 -108.41 -20.54
N GLN H 234 12.06 -108.05 -19.39
CA GLN H 234 12.83 -107.33 -18.37
C GLN H 234 13.67 -108.25 -17.50
N ILE H 235 13.52 -109.56 -17.61
CA ILE H 235 14.27 -110.50 -16.79
C ILE H 235 15.31 -111.26 -17.60
N THR H 236 15.00 -111.60 -18.85
CA THR H 236 15.91 -112.34 -19.71
C THR H 236 16.30 -111.59 -20.97
N GLY H 237 15.59 -110.54 -21.34
CA GLY H 237 15.88 -109.78 -22.54
C GLY H 237 16.87 -108.67 -22.29
N SER H 238 16.88 -107.71 -23.21
CA SER H 238 17.76 -106.55 -23.12
C SER H 238 16.95 -105.33 -22.71
N LEU H 239 17.41 -104.64 -21.66
CA LEU H 239 16.71 -103.47 -21.14
C LEU H 239 17.01 -102.21 -21.94
N ARG H 240 17.98 -102.24 -22.85
CA ARG H 240 18.35 -101.06 -23.62
C ARG H 240 17.27 -100.81 -24.68
N THR H 241 16.32 -99.93 -24.37
CA THR H 241 15.27 -99.59 -25.30
C THR H 241 14.95 -98.09 -25.32
N GLY H 242 15.75 -97.26 -24.67
CA GLY H 242 15.48 -95.85 -24.60
C GLY H 242 15.96 -95.10 -25.83
N GLY H 243 15.88 -93.77 -25.75
CA GLY H 243 16.30 -92.92 -26.83
C GLY H 243 17.81 -92.85 -26.96
N THR H 244 18.31 -91.73 -27.47
CA THR H 244 19.74 -91.54 -27.71
C THR H 244 20.24 -90.36 -26.90
N ASP H 245 21.30 -90.59 -26.11
CA ASP H 245 21.92 -89.54 -25.33
C ASP H 245 23.09 -88.87 -26.05
N GLY H 246 23.38 -89.27 -27.29
CA GLY H 246 24.44 -88.68 -28.07
C GLY H 246 25.70 -89.50 -28.15
N VAL H 247 25.85 -90.52 -27.31
CA VAL H 247 27.05 -91.35 -27.33
C VAL H 247 26.67 -92.80 -27.60
N GLN H 248 25.44 -93.18 -27.22
CA GLN H 248 24.96 -94.54 -27.41
C GLN H 248 23.56 -94.50 -28.02
N ALA H 249 23.25 -95.54 -28.79
CA ALA H 249 21.98 -95.57 -29.52
C ALA H 249 20.80 -95.64 -28.56
N HIS H 250 20.91 -96.42 -27.49
CA HIS H 250 19.79 -96.67 -26.59
C HIS H 250 20.23 -96.53 -25.14
N MET H 251 19.26 -96.17 -24.30
CA MET H 251 19.49 -95.96 -22.87
C MET H 251 18.74 -97.01 -22.07
N ASN H 252 19.35 -97.46 -20.98
CA ASN H 252 18.70 -98.43 -20.11
C ASN H 252 17.37 -97.88 -19.60
N THR H 253 16.34 -98.71 -19.63
CA THR H 253 15.01 -98.31 -19.17
C THR H 253 14.42 -99.44 -18.35
N PHE H 254 13.68 -99.07 -17.30
CA PHE H 254 13.07 -100.03 -16.40
C PHE H 254 11.72 -99.51 -15.96
N TYR H 255 10.73 -100.39 -15.93
CA TYR H 255 9.36 -100.05 -15.55
C TYR H 255 8.99 -100.81 -14.29
N TYR H 256 8.44 -100.10 -13.31
CA TYR H 256 7.96 -100.74 -12.09
C TYR H 256 7.03 -99.79 -11.36
N GLY H 257 5.83 -100.27 -11.05
CA GLY H 257 4.90 -99.45 -10.29
C GLY H 257 4.50 -98.17 -10.98
N GLY H 258 4.49 -98.15 -12.31
CA GLY H 258 4.12 -96.97 -13.05
C GLY H 258 5.22 -95.94 -13.19
N VAL H 259 6.39 -96.19 -12.64
CA VAL H 259 7.51 -95.27 -12.72
C VAL H 259 8.50 -95.80 -13.75
N LYS H 260 9.15 -94.89 -14.46
CA LYS H 260 10.12 -95.23 -15.50
C LYS H 260 11.48 -94.71 -15.06
N PHE H 261 12.46 -95.61 -15.01
CA PHE H 261 13.82 -95.28 -14.60
C PHE H 261 14.73 -95.29 -15.82
N VAL H 262 15.54 -94.25 -15.98
CA VAL H 262 16.46 -94.12 -17.10
C VAL H 262 17.86 -93.90 -16.54
N GLN H 263 18.84 -94.61 -17.09
CA GLN H 263 20.21 -94.54 -16.64
C GLN H 263 20.98 -93.57 -17.55
N TYR H 264 21.65 -92.60 -16.93
CA TYR H 264 22.41 -91.59 -17.65
C TYR H 264 23.86 -91.60 -17.16
N ASN H 265 24.81 -91.60 -18.09
CA ASN H 265 26.23 -91.70 -17.77
C ASN H 265 27.03 -90.48 -18.24
N GLY H 266 26.36 -89.34 -18.48
CA GLY H 266 27.08 -88.19 -18.99
C GLY H 266 28.13 -87.69 -18.01
N LYS H 267 29.23 -87.16 -18.55
CA LYS H 267 30.29 -86.60 -17.74
C LYS H 267 31.17 -85.72 -18.63
N PHE H 268 31.93 -84.84 -17.99
CA PHE H 268 32.80 -83.91 -18.69
C PHE H 268 34.05 -83.65 -17.85
N LYS H 269 34.95 -82.85 -18.39
CA LYS H 269 36.21 -82.54 -17.73
C LYS H 269 36.45 -81.03 -17.73
N ASP H 270 37.16 -80.56 -16.72
CA ASP H 270 37.44 -79.14 -16.58
C ASP H 270 38.70 -78.76 -17.36
N LYS H 271 39.07 -77.48 -17.25
CA LYS H 271 40.30 -77.00 -17.85
C LYS H 271 41.53 -77.55 -17.15
N ARG H 272 41.36 -78.13 -15.95
CA ARG H 272 42.48 -78.60 -15.14
C ARG H 272 42.32 -80.06 -14.77
N GLY H 273 41.63 -80.84 -15.60
CA GLY H 273 41.65 -82.28 -15.54
C GLY H 273 40.55 -82.92 -14.71
N LYS H 274 39.91 -82.16 -13.82
CA LYS H 274 38.88 -82.75 -12.96
C LYS H 274 37.69 -83.20 -13.79
N VAL H 275 37.15 -84.37 -13.45
CA VAL H 275 36.02 -84.95 -14.17
C VAL H 275 34.74 -84.63 -13.41
N HIS H 276 33.76 -84.09 -14.12
CA HIS H 276 32.47 -83.70 -13.56
C HIS H 276 31.41 -84.68 -14.03
N THR H 277 30.65 -85.22 -13.08
CA THR H 277 29.58 -86.17 -13.38
C THR H 277 28.23 -85.45 -13.30
N LEU H 278 27.38 -85.71 -14.30
CA LEU H 278 26.12 -85.00 -14.39
C LEU H 278 25.11 -85.48 -13.35
N VAL H 279 25.04 -86.80 -13.14
CA VAL H 279 23.97 -87.35 -12.32
C VAL H 279 24.35 -87.36 -10.84
N SER H 280 25.65 -87.45 -10.54
CA SER H 280 26.10 -87.64 -9.17
C SER H 280 25.61 -86.51 -8.26
N ILE H 281 25.11 -86.89 -7.08
CA ILE H 281 24.75 -85.90 -6.08
C ILE H 281 26.02 -85.30 -5.49
N ASP H 282 25.91 -84.07 -5.01
CA ASP H 282 27.05 -83.40 -4.42
C ASP H 282 27.42 -84.04 -3.09
N SER H 283 28.70 -84.39 -2.93
CA SER H 283 29.28 -84.88 -1.68
C SER H 283 28.84 -86.28 -1.32
N VAL H 284 28.34 -87.06 -2.27
CA VAL H 284 27.93 -88.43 -2.02
C VAL H 284 28.98 -89.38 -2.61
N ALA H 285 29.23 -90.48 -1.91
CA ALA H 285 30.23 -91.44 -2.38
C ALA H 285 29.80 -92.04 -3.71
N ALA H 286 30.77 -92.32 -4.56
CA ALA H 286 30.48 -92.88 -5.88
C ALA H 286 29.89 -94.28 -5.80
N THR H 287 30.08 -94.98 -4.68
CA THR H 287 29.60 -96.34 -4.54
C THR H 287 28.14 -96.41 -4.10
N VAL H 288 27.51 -95.27 -3.81
CA VAL H 288 26.12 -95.22 -3.38
C VAL H 288 25.26 -94.76 -4.54
N GLY H 289 24.23 -95.53 -4.86
CA GLY H 289 23.32 -95.17 -5.94
C GLY H 289 22.64 -93.85 -5.69
N VAL H 290 22.63 -92.97 -6.69
CA VAL H 290 22.02 -91.65 -6.59
C VAL H 290 21.23 -91.36 -7.85
N GLY H 291 20.35 -90.38 -7.76
CA GLY H 291 19.53 -89.98 -8.89
C GLY H 291 18.71 -88.75 -8.55
N HIS H 292 18.09 -88.20 -9.59
CA HIS H 292 17.26 -87.00 -9.47
C HIS H 292 15.93 -87.22 -10.16
N ALA H 293 14.88 -86.61 -9.61
CA ALA H 293 13.54 -86.69 -10.18
C ALA H 293 12.95 -85.29 -10.29
N PHE H 294 12.44 -84.96 -11.46
CA PHE H 294 11.83 -83.67 -11.72
C PHE H 294 10.55 -83.88 -12.51
N PRO H 295 9.60 -82.94 -12.42
CA PRO H 295 8.30 -83.14 -13.06
C PRO H 295 8.37 -83.01 -14.57
N ASN H 296 7.36 -83.56 -15.24
CA ASN H 296 7.24 -83.46 -16.68
C ASN H 296 6.59 -82.13 -17.06
N VAL H 297 6.59 -81.84 -18.36
CA VAL H 297 5.93 -80.64 -18.85
C VAL H 297 4.42 -80.77 -18.73
N SER H 298 3.88 -81.95 -19.04
CA SER H 298 2.43 -82.14 -19.01
C SER H 298 1.88 -82.18 -17.59
N MET H 299 2.74 -82.31 -16.58
CA MET H 299 2.26 -82.40 -15.21
C MET H 299 1.50 -81.13 -14.81
N LEU H 300 2.04 -79.96 -15.17
CA LEU H 300 1.41 -78.70 -14.86
C LEU H 300 0.86 -77.97 -16.07
N GLY H 301 1.15 -78.44 -17.28
CA GLY H 301 0.71 -77.78 -18.48
C GLY H 301 1.67 -76.67 -18.89
N GLU H 302 1.42 -76.11 -20.08
CA GLU H 302 2.26 -75.04 -20.59
C GLU H 302 1.96 -73.71 -19.91
N ALA H 303 0.73 -73.51 -19.45
CA ALA H 303 0.37 -72.25 -18.81
C ALA H 303 1.15 -72.02 -17.53
N ASN H 304 1.71 -73.07 -16.93
CA ASN H 304 2.45 -72.99 -15.67
C ASN H 304 3.84 -73.57 -15.85
N ASN H 305 4.51 -73.16 -16.92
CA ASN H 305 5.86 -73.65 -17.17
C ASN H 305 6.78 -73.32 -16.01
N ILE H 306 7.63 -74.29 -15.65
CA ILE H 306 8.47 -74.18 -14.48
C ILE H 306 9.92 -73.89 -14.82
N PHE H 307 10.39 -74.24 -16.01
CA PHE H 307 11.78 -74.10 -16.40
C PHE H 307 11.92 -72.96 -17.39
N GLU H 308 12.85 -72.05 -17.11
CA GLU H 308 13.08 -70.88 -17.94
C GLU H 308 14.57 -70.63 -18.10
N VAL H 309 14.93 -69.93 -19.17
CA VAL H 309 16.30 -69.51 -19.43
C VAL H 309 16.28 -68.06 -19.86
N ALA H 310 17.16 -67.25 -19.28
CA ALA H 310 17.23 -65.83 -19.58
C ALA H 310 18.49 -65.54 -20.39
N TYR H 311 18.40 -64.52 -21.24
CA TYR H 311 19.51 -64.11 -22.09
C TYR H 311 19.67 -62.61 -22.03
N GLY H 312 20.90 -62.14 -21.85
CA GLY H 312 21.18 -60.72 -21.77
C GLY H 312 21.92 -60.23 -22.99
N PRO H 313 22.19 -58.93 -23.04
CA PRO H 313 22.83 -58.32 -24.21
C PRO H 313 24.35 -58.33 -24.13
N CYS H 314 24.96 -58.14 -25.31
CA CYS H 314 26.41 -58.06 -25.43
C CYS H 314 26.92 -56.70 -24.96
N PRO H 315 28.11 -56.65 -24.37
CA PRO H 315 28.67 -55.36 -23.93
C PRO H 315 29.30 -54.52 -25.03
N LYS H 316 29.06 -54.84 -26.31
CA LYS H 316 29.65 -54.09 -27.40
C LYS H 316 28.70 -53.01 -27.89
N MET H 317 29.22 -52.12 -28.74
CA MET H 317 28.42 -51.02 -29.26
C MET H 317 27.30 -51.54 -30.13
N GLY H 318 26.16 -50.87 -30.08
CA GLY H 318 24.98 -51.27 -30.83
C GLY H 318 24.07 -52.24 -30.11
N TYR H 319 24.46 -52.73 -28.94
CA TYR H 319 23.67 -53.67 -28.15
C TYR H 319 23.37 -53.10 -26.77
N ALA H 320 23.11 -51.80 -26.68
CA ALA H 320 22.93 -51.17 -25.38
C ALA H 320 21.73 -51.76 -24.65
N ASN H 321 20.60 -51.89 -25.33
CA ASN H 321 19.37 -52.37 -24.72
C ASN H 321 18.62 -53.31 -25.65
N THR H 322 19.35 -54.04 -26.48
CA THR H 322 18.72 -55.00 -27.39
C THR H 322 18.48 -56.32 -26.69
N LEU H 323 17.48 -57.05 -27.16
CA LEU H 323 17.19 -58.38 -26.62
C LEU H 323 18.38 -59.30 -26.85
N GLY H 324 18.76 -60.02 -25.81
CA GLY H 324 19.91 -60.91 -25.92
C GLY H 324 19.59 -62.12 -26.79
N GLN H 325 20.61 -62.61 -27.48
CA GLN H 325 20.50 -63.83 -28.28
C GLN H 325 21.25 -64.96 -27.59
N GLU H 326 21.11 -66.15 -28.17
CA GLU H 326 21.73 -67.33 -27.58
C GLU H 326 23.24 -67.29 -27.69
N LEU H 327 23.78 -66.71 -28.76
CA LEU H 327 25.23 -66.68 -28.95
C LEU H 327 25.59 -65.53 -29.88
N TYR H 328 26.72 -64.90 -29.59
CA TYR H 328 27.29 -63.87 -30.45
C TYR H 328 28.62 -64.35 -31.00
N VAL H 329 28.90 -64.03 -32.25
CA VAL H 329 30.18 -64.34 -32.88
C VAL H 329 30.67 -63.10 -33.62
N PHE H 330 31.94 -62.76 -33.43
CA PHE H 330 32.53 -61.58 -34.05
C PHE H 330 33.85 -61.95 -34.72
N GLU H 331 34.17 -61.21 -35.78
CA GLU H 331 35.37 -61.46 -36.57
C GLU H 331 36.10 -60.15 -36.79
N TYR H 332 37.40 -60.14 -36.49
CA TYR H 332 38.22 -58.95 -36.67
C TYR H 332 39.56 -59.34 -37.27
N GLU H 333 39.88 -58.75 -38.41
CA GLU H 333 41.16 -58.99 -39.05
C GLU H 333 42.27 -58.20 -38.35
N LYS H 334 43.45 -58.80 -38.26
CA LYS H 334 44.56 -58.13 -37.60
C LYS H 334 45.07 -56.97 -38.44
N ASP H 335 45.77 -56.05 -37.78
CA ASP H 335 46.37 -54.93 -38.48
C ASP H 335 47.54 -55.40 -39.33
N ARG H 336 47.76 -54.73 -40.45
CA ARG H 336 48.82 -55.08 -41.39
C ARG H 336 48.69 -56.53 -41.84
N ASP H 337 47.45 -56.97 -42.07
CA ASP H 337 47.13 -58.31 -42.56
C ASP H 337 48.00 -59.38 -41.91
N GLU H 338 48.20 -59.28 -40.60
CA GLU H 338 48.97 -60.28 -39.87
C GLU H 338 48.18 -61.56 -39.60
N GLY H 339 46.85 -61.51 -39.70
CA GLY H 339 46.05 -62.68 -39.41
C GLY H 339 44.60 -62.29 -39.15
N ILE H 340 43.88 -63.18 -38.48
CA ILE H 340 42.46 -63.01 -38.20
C ILE H 340 42.21 -63.37 -36.74
N ASP H 341 41.15 -62.79 -36.18
CA ASP H 341 40.77 -63.01 -34.79
C ASP H 341 39.30 -63.39 -34.71
N PHE H 342 38.94 -64.10 -33.64
CA PHE H 342 37.58 -64.55 -33.41
C PHE H 342 37.17 -64.24 -31.97
N GLU H 343 35.86 -64.21 -31.75
CA GLU H 343 35.31 -63.97 -30.43
C GLU H 343 33.92 -64.59 -30.35
N ALA H 344 33.59 -65.10 -29.17
CA ALA H 344 32.26 -65.66 -28.92
C ALA H 344 31.81 -65.24 -27.53
N HIS H 345 30.56 -64.81 -27.41
CA HIS H 345 30.01 -64.30 -26.17
C HIS H 345 28.71 -65.03 -25.84
N SER H 346 28.43 -65.13 -24.54
CA SER H 346 27.18 -65.71 -24.08
C SER H 346 26.86 -65.14 -22.71
N TYR H 347 25.56 -64.98 -22.44
CA TYR H 347 25.09 -64.36 -21.21
C TYR H 347 23.75 -64.99 -20.86
N MET H 348 23.75 -65.88 -19.87
CA MET H 348 22.55 -66.65 -19.57
C MET H 348 22.52 -67.06 -18.10
N LEU H 349 21.34 -67.44 -17.63
CA LEU H 349 21.17 -68.10 -16.35
C LEU H 349 19.89 -68.93 -16.35
N PRO H 350 19.98 -70.26 -16.28
CA PRO H 350 18.76 -71.07 -16.12
C PRO H 350 18.33 -71.15 -14.67
N TYR H 351 17.01 -71.14 -14.45
CA TYR H 351 16.47 -71.12 -13.11
C TYR H 351 15.15 -71.88 -13.09
N CYS H 352 14.71 -72.21 -11.88
CA CYS H 352 13.48 -72.96 -11.64
C CYS H 352 12.55 -72.12 -10.75
N THR H 353 11.27 -72.11 -11.10
CA THR H 353 10.29 -71.30 -10.38
C THR H 353 9.57 -72.06 -9.27
N ARG H 354 9.94 -73.32 -9.04
CA ARG H 354 9.35 -74.10 -7.95
C ARG H 354 10.36 -75.15 -7.51
N PRO H 355 11.39 -74.73 -6.77
CA PRO H 355 12.45 -75.68 -6.40
C PRO H 355 11.99 -76.82 -5.52
N GLN H 356 10.85 -76.70 -4.83
CA GLN H 356 10.39 -77.78 -3.98
C GLN H 356 9.97 -79.01 -4.77
N LEU H 357 9.82 -78.90 -6.09
CA LEU H 357 9.42 -80.01 -6.93
C LEU H 357 10.61 -80.83 -7.44
N LEU H 358 11.82 -80.50 -7.02
CA LEU H 358 13.02 -81.25 -7.37
C LEU H 358 13.39 -82.14 -6.20
N VAL H 359 13.51 -83.45 -6.44
CA VAL H 359 13.69 -84.43 -5.39
C VAL H 359 14.90 -85.29 -5.73
N ASP H 360 15.72 -85.59 -4.72
CA ASP H 360 16.85 -86.48 -4.85
C ASP H 360 16.47 -87.88 -4.40
N VAL H 361 17.23 -88.86 -4.88
CA VAL H 361 17.00 -90.26 -4.59
C VAL H 361 18.33 -90.92 -4.23
N ARG H 362 18.32 -91.75 -3.19
CA ARG H 362 19.52 -92.40 -2.71
C ARG H 362 19.25 -93.88 -2.51
N ALA H 363 20.24 -94.72 -2.87
CA ALA H 363 20.06 -96.16 -2.76
C ALA H 363 20.07 -96.61 -1.31
N ASP H 364 20.98 -96.08 -0.51
CA ASP H 364 21.09 -96.49 0.89
C ASP H 364 20.00 -95.83 1.73
N ALA H 365 19.97 -96.18 3.01
CA ALA H 365 19.02 -95.59 3.95
C ALA H 365 19.74 -95.23 5.23
N LYS H 366 19.55 -94.00 5.69
CA LYS H 366 20.23 -93.51 6.88
C LYS H 366 19.45 -92.33 7.43
N MET I 1 8.42 -55.57 -18.35
CA MET I 1 8.16 -54.32 -17.57
C MET I 1 9.41 -53.87 -16.85
N LEU I 2 9.69 -52.57 -16.90
CA LEU I 2 10.88 -52.01 -16.29
C LEU I 2 10.53 -51.34 -14.96
N THR I 3 11.40 -51.53 -13.97
CA THR I 3 11.24 -50.92 -12.66
C THR I 3 12.60 -50.42 -12.18
N ASN I 4 12.61 -49.81 -11.00
CA ASN I 4 13.86 -49.31 -10.45
C ASN I 4 14.81 -50.45 -10.14
N SER I 5 16.10 -50.14 -10.13
CA SER I 5 17.10 -51.14 -9.78
C SER I 5 16.98 -51.52 -8.31
N GLU I 6 17.86 -52.43 -7.88
CA GLU I 6 17.80 -52.92 -6.51
C GLU I 6 18.08 -51.79 -5.51
N LYS I 7 19.07 -50.96 -5.79
CA LYS I 7 19.50 -49.95 -4.82
C LYS I 7 19.78 -48.59 -5.45
N SER I 8 19.32 -48.34 -6.66
CA SER I 8 19.54 -47.06 -7.33
C SER I 8 18.24 -46.58 -7.92
N ARG I 9 17.94 -45.29 -7.74
CA ARG I 9 16.72 -44.70 -8.28
C ARG I 9 16.86 -44.33 -9.75
N PHE I 10 18.08 -44.30 -10.29
CA PHE I 10 18.32 -43.82 -11.63
C PHE I 10 18.69 -44.93 -12.61
N PHE I 11 18.51 -46.19 -12.23
CA PHE I 11 18.77 -47.31 -13.11
C PHE I 11 17.54 -48.22 -13.15
N LEU I 12 17.45 -49.01 -14.20
CA LEU I 12 16.27 -49.83 -14.44
C LEU I 12 16.63 -51.31 -14.44
N ALA I 13 15.63 -52.15 -14.17
CA ALA I 13 15.76 -53.59 -14.23
C ALA I 13 14.40 -54.18 -14.59
N ASP I 14 14.42 -55.42 -15.04
CA ASP I 14 13.24 -56.06 -15.61
C ASP I 14 12.51 -56.86 -14.54
N LEU I 15 11.18 -56.76 -14.54
CA LEU I 15 10.34 -57.48 -13.58
C LEU I 15 9.63 -58.61 -14.30
N THR I 16 9.94 -59.85 -13.91
CA THR I 16 9.49 -61.04 -14.64
C THR I 16 8.30 -61.68 -13.92
N GLY I 17 7.14 -61.03 -14.04
CA GLY I 17 5.92 -61.69 -13.61
C GLY I 17 5.84 -61.96 -12.11
N GLU I 18 5.02 -62.95 -11.79
CA GLU I 18 4.67 -63.28 -10.41
C GLU I 18 4.49 -64.78 -10.26
N VAL I 19 4.60 -65.26 -9.03
CA VAL I 19 4.35 -66.66 -8.69
C VAL I 19 3.38 -66.68 -7.51
N GLN I 20 2.44 -67.61 -7.55
CA GLN I 20 1.41 -67.71 -6.52
C GLN I 20 1.30 -69.14 -6.02
N SER I 21 0.94 -69.28 -4.75
CA SER I 21 0.70 -70.57 -4.12
C SER I 21 -0.65 -70.55 -3.43
N ILE I 22 -1.38 -71.66 -3.53
CA ILE I 22 -2.74 -71.74 -3.00
C ILE I 22 -2.86 -72.98 -2.12
N PRO I 23 -3.55 -72.90 -0.98
CA PRO I 23 -3.66 -74.08 -0.11
C PRO I 23 -4.54 -75.16 -0.72
N ASN I 24 -4.31 -76.39 -0.25
CA ASN I 24 -5.06 -77.54 -0.73
C ASN I 24 -6.47 -77.55 -0.13
N THR I 25 -7.40 -78.20 -0.83
CA THR I 25 -8.80 -78.27 -0.43
C THR I 25 -9.36 -79.64 -0.81
N TYR I 26 -9.36 -80.56 0.15
CA TYR I 26 -9.93 -81.88 -0.09
C TYR I 26 -11.46 -81.81 -0.05
N GLY I 27 -12.09 -82.55 -0.96
CA GLY I 27 -13.54 -82.54 -1.06
C GLY I 27 -14.16 -83.87 -1.41
N TYR I 28 -13.44 -84.96 -1.14
CA TYR I 28 -13.88 -86.27 -1.61
C TYR I 28 -15.28 -86.61 -1.13
N ILE I 29 -15.52 -86.51 0.18
CA ILE I 29 -16.79 -86.96 0.72
C ILE I 29 -17.94 -86.06 0.30
N SER I 30 -17.71 -84.74 0.26
CA SER I 30 -18.78 -83.84 -0.18
C SER I 30 -19.22 -84.18 -1.60
N ASN I 31 -18.27 -84.48 -2.48
CA ASN I 31 -18.62 -84.89 -3.84
C ASN I 31 -19.39 -86.20 -3.87
N LEU I 32 -19.24 -87.02 -2.83
CA LEU I 32 -19.92 -88.31 -2.81
C LEU I 32 -21.44 -88.13 -2.76
N GLY I 33 -21.91 -87.03 -2.19
CA GLY I 33 -23.33 -86.72 -2.19
C GLY I 33 -24.18 -87.70 -1.39
N LEU I 34 -23.70 -88.09 -0.21
CA LEU I 34 -24.47 -89.01 0.62
C LEU I 34 -25.62 -88.30 1.33
N PHE I 35 -25.37 -87.07 1.79
CA PHE I 35 -26.30 -86.41 2.70
C PHE I 35 -27.32 -85.57 1.93
N ARG I 36 -28.56 -85.57 2.41
CA ARG I 36 -29.62 -84.77 1.83
C ARG I 36 -29.85 -83.52 2.67
N SER I 37 -30.32 -82.46 2.00
CA SER I 37 -30.66 -81.24 2.71
C SER I 37 -32.09 -81.32 3.23
N ALA I 38 -32.26 -81.04 4.51
CA ALA I 38 -33.57 -81.10 5.17
C ALA I 38 -33.78 -79.83 5.99
N PRO I 39 -33.98 -78.70 5.31
CA PRO I 39 -34.16 -77.44 6.04
C PRO I 39 -35.41 -77.48 6.90
N ILE I 40 -35.33 -76.81 8.05
CA ILE I 40 -36.42 -76.76 9.01
C ILE I 40 -36.62 -75.30 9.44
N THR I 41 -37.69 -75.08 10.20
CA THR I 41 -38.06 -73.74 10.62
C THR I 41 -37.63 -73.43 12.05
N GLN I 42 -37.54 -74.43 12.91
CA GLN I 42 -37.25 -74.22 14.32
C GLN I 42 -35.80 -74.57 14.63
N THR I 43 -35.44 -74.42 15.90
CA THR I 43 -34.08 -74.68 16.37
C THR I 43 -33.89 -76.11 16.86
N THR I 44 -34.91 -76.95 16.81
CA THR I 44 -34.77 -78.34 17.24
C THR I 44 -35.83 -79.17 16.54
N PHE I 45 -35.62 -80.49 16.53
CA PHE I 45 -36.55 -81.41 15.89
C PHE I 45 -36.56 -82.73 16.64
N LEU I 46 -37.60 -83.52 16.39
CA LEU I 46 -37.87 -84.73 17.15
C LEU I 46 -38.09 -85.90 16.21
N MET I 47 -38.05 -87.10 16.77
CA MET I 47 -38.30 -88.32 16.02
C MET I 47 -38.87 -89.39 16.93
N ASP I 48 -39.53 -90.37 16.33
CA ASP I 48 -40.15 -91.47 17.06
C ASP I 48 -39.48 -92.79 16.68
N LEU I 49 -39.29 -93.66 17.66
CA LEU I 49 -38.65 -94.95 17.47
C LEU I 49 -39.57 -96.05 17.99
N THR I 50 -39.76 -97.10 17.18
CA THR I 50 -40.67 -98.19 17.52
C THR I 50 -40.01 -99.51 17.18
N ASP I 51 -40.53 -100.59 17.76
CA ASP I 51 -39.97 -101.92 17.51
C ASP I 51 -40.88 -102.97 18.14
N TRP I 52 -40.63 -104.22 17.78
CA TRP I 52 -41.36 -105.35 18.33
C TRP I 52 -40.50 -106.60 18.18
N ASP I 53 -40.91 -107.66 18.88
CA ASP I 53 -40.15 -108.90 18.92
C ASP I 53 -41.08 -110.09 18.77
N VAL I 54 -40.49 -111.24 18.43
CA VAL I 54 -41.22 -112.49 18.30
C VAL I 54 -40.46 -113.59 19.03
N SER I 55 -41.17 -114.67 19.34
CA SER I 55 -40.58 -115.79 20.05
C SER I 55 -41.26 -117.08 19.61
N LEU I 56 -40.58 -118.19 19.84
CA LEU I 56 -41.07 -119.49 19.42
C LEU I 56 -42.25 -119.93 20.27
N LEU I 57 -43.20 -120.61 19.63
CA LEU I 57 -44.36 -121.15 20.32
C LEU I 57 -44.00 -122.44 21.04
N ASP I 58 -44.52 -122.60 22.27
CA ASP I 58 -44.33 -123.81 23.04
C ASP I 58 -45.53 -124.72 22.83
N ALA I 59 -45.27 -125.99 22.53
CA ALA I 59 -46.36 -126.94 22.36
C ALA I 59 -47.17 -127.05 23.64
N VAL I 60 -48.49 -127.19 23.49
CA VAL I 60 -49.40 -127.25 24.62
C VAL I 60 -50.38 -128.40 24.40
N ASP I 61 -51.02 -128.81 25.49
CA ASP I 61 -51.91 -129.96 25.44
C ASP I 61 -53.16 -129.62 24.61
N ARG I 62 -53.83 -130.68 24.16
CA ARG I 62 -54.97 -130.54 23.27
C ARG I 62 -56.30 -130.58 24.02
N ASP I 63 -56.54 -131.62 24.81
CA ASP I 63 -57.79 -131.72 25.55
C ASP I 63 -57.93 -130.59 26.55
N SER I 64 -56.86 -130.26 27.26
CA SER I 64 -56.86 -129.14 28.20
C SER I 64 -56.56 -127.87 27.41
N ARG I 65 -57.60 -127.09 27.13
CA ARG I 65 -57.42 -125.89 26.31
C ARG I 65 -56.57 -124.86 27.05
N LYS I 66 -55.38 -124.62 26.52
CA LYS I 66 -54.50 -123.56 27.00
C LYS I 66 -53.92 -122.84 25.79
N ALA I 67 -53.33 -121.68 26.02
CA ALA I 67 -52.90 -120.84 24.93
C ALA I 67 -51.67 -120.04 25.32
N GLU I 68 -51.17 -119.25 24.38
CA GLU I 68 -50.08 -118.33 24.59
C GLU I 68 -50.39 -117.02 23.88
N THR I 69 -49.75 -115.95 24.35
CA THR I 69 -49.97 -114.62 23.78
C THR I 69 -48.64 -113.89 23.66
N SER I 70 -48.64 -112.84 22.86
CA SER I 70 -47.46 -112.04 22.60
C SER I 70 -47.49 -110.74 23.39
N ALA I 71 -46.32 -110.14 23.54
CA ALA I 71 -46.15 -108.88 24.24
C ALA I 71 -46.43 -107.71 23.32
N PRO I 72 -46.75 -106.53 23.86
CA PRO I 72 -47.02 -105.36 23.03
C PRO I 72 -45.71 -104.75 22.51
N GLU I 73 -45.87 -103.63 21.82
CA GLU I 73 -44.73 -102.92 21.22
C GLU I 73 -44.30 -101.77 22.12
N ARG I 74 -43.26 -101.05 21.68
CA ARG I 74 -42.67 -99.98 22.46
C ARG I 74 -42.47 -98.75 21.58
N VAL I 75 -42.46 -97.58 22.22
CA VAL I 75 -42.28 -96.31 21.52
C VAL I 75 -41.50 -95.35 22.39
N ARG I 76 -40.68 -94.51 21.76
CA ARG I 76 -39.87 -93.52 22.46
C ARG I 76 -39.86 -92.23 21.65
N GLN I 77 -39.06 -91.28 22.10
CA GLN I 77 -38.90 -90.00 21.40
C GLN I 77 -37.55 -89.41 21.77
N ILE I 78 -37.06 -88.50 20.93
CA ILE I 78 -35.73 -87.93 21.10
C ILE I 78 -35.71 -86.53 20.49
N SER I 79 -34.63 -85.80 20.77
CA SER I 79 -34.47 -84.43 20.30
C SER I 79 -33.02 -84.19 19.91
N PHE I 80 -32.81 -83.19 19.04
CA PHE I 80 -31.48 -82.85 18.55
C PHE I 80 -31.24 -81.35 18.62
N PRO I 81 -30.06 -80.92 19.07
CA PRO I 81 -29.67 -79.51 18.92
C PRO I 81 -29.03 -79.28 17.55
N MET I 82 -28.47 -78.09 17.37
CA MET I 82 -27.78 -77.75 16.13
C MET I 82 -26.61 -76.83 16.43
N MET I 83 -25.68 -76.78 15.48
CA MET I 83 -24.45 -76.00 15.61
C MET I 83 -24.53 -74.73 14.78
N TYR I 84 -23.94 -73.65 15.30
CA TYR I 84 -24.01 -72.34 14.69
C TYR I 84 -22.61 -71.82 14.43
N PHE I 85 -22.39 -71.23 13.25
CA PHE I 85 -21.11 -70.69 12.85
C PHE I 85 -21.27 -69.26 12.37
N LYS I 86 -20.23 -68.44 12.60
CA LYS I 86 -20.29 -67.03 12.23
C LYS I 86 -18.90 -66.57 11.81
N GLU I 87 -18.87 -65.56 10.93
CA GLU I 87 -17.64 -65.05 10.38
C GLU I 87 -17.82 -63.56 10.08
N VAL I 88 -16.74 -62.81 10.17
CA VAL I 88 -16.78 -61.36 10.02
C VAL I 88 -15.55 -60.89 9.26
N GLU I 89 -15.73 -59.85 8.45
CA GLU I 89 -14.63 -59.27 7.69
C GLU I 89 -14.99 -57.82 7.36
N SER I 90 -13.98 -57.03 7.04
CA SER I 90 -14.19 -55.61 6.77
C SER I 90 -13.18 -55.12 5.75
N ILE I 91 -13.52 -53.99 5.12
CA ILE I 91 -12.66 -53.34 4.13
C ILE I 91 -12.51 -51.88 4.52
N THR I 92 -11.28 -51.37 4.43
CA THR I 92 -10.97 -50.01 4.82
C THR I 92 -10.22 -49.32 3.69
N PRO I 93 -10.37 -48.01 3.52
CA PRO I 93 -9.64 -47.31 2.45
C PRO I 93 -8.12 -47.46 2.55
N ASP I 94 -7.58 -47.60 3.76
CA ASP I 94 -6.14 -47.71 3.92
C ASP I 94 -5.57 -48.95 3.26
N GLU I 95 -6.41 -49.93 2.91
CA GLU I 95 -5.96 -51.12 2.20
C GLU I 95 -5.74 -50.88 0.72
N ILE I 96 -6.21 -49.74 0.19
CA ILE I 96 -6.15 -49.46 -1.24
C ILE I 96 -5.24 -48.28 -1.55
N GLN I 97 -5.19 -47.29 -0.67
CA GLN I 97 -4.45 -46.07 -0.95
C GLN I 97 -2.98 -46.35 -1.22
N GLY I 98 -2.54 -46.17 -2.45
CA GLY I 98 -1.14 -46.23 -2.81
C GLY I 98 -0.52 -47.61 -2.81
N VAL I 99 -1.31 -48.68 -2.79
CA VAL I 99 -0.79 -50.03 -2.72
C VAL I 99 -0.61 -50.54 -4.15
N ARG I 100 0.61 -50.96 -4.47
CA ARG I 100 0.92 -51.44 -5.81
C ARG I 100 0.30 -52.80 -6.04
N GLN I 101 -0.08 -53.06 -7.29
CA GLN I 101 -0.58 -54.38 -7.67
C GLN I 101 0.58 -55.37 -7.66
N PRO I 102 0.48 -56.50 -6.96
CA PRO I 102 1.67 -57.36 -6.80
C PRO I 102 2.30 -57.82 -8.10
N GLY I 103 1.49 -58.13 -9.11
CA GLY I 103 2.03 -58.70 -10.32
C GLY I 103 2.56 -57.73 -11.34
N THR I 104 2.33 -56.43 -11.17
CA THR I 104 2.70 -55.44 -12.17
C THR I 104 3.27 -54.22 -11.49
N ALA I 105 4.11 -53.50 -12.23
CA ALA I 105 4.66 -52.24 -11.74
C ALA I 105 3.69 -51.09 -12.03
N ASN I 106 3.90 -49.97 -11.34
CA ASN I 106 3.17 -48.73 -11.57
C ASN I 106 1.67 -48.98 -11.80
N GLU I 107 1.11 -49.93 -11.06
CA GLU I 107 -0.31 -50.22 -11.12
C GLU I 107 -0.86 -50.31 -9.70
N LEU I 108 -2.12 -49.91 -9.54
CA LEU I 108 -2.75 -49.79 -8.23
C LEU I 108 -3.88 -50.79 -8.09
N THR I 109 -4.08 -51.26 -6.86
CA THR I 109 -5.20 -52.15 -6.59
C THR I 109 -6.52 -51.39 -6.65
N THR I 110 -7.61 -52.13 -6.51
CA THR I 110 -8.95 -51.54 -6.53
C THR I 110 -9.83 -52.30 -5.56
N GLU I 111 -10.95 -51.68 -5.17
CA GLU I 111 -11.82 -52.29 -4.17
C GLU I 111 -12.43 -53.59 -4.67
N ALA I 112 -12.72 -53.68 -5.97
CA ALA I 112 -13.38 -54.87 -6.50
C ALA I 112 -12.54 -56.11 -6.27
N VAL I 113 -11.23 -56.02 -6.50
CA VAL I 113 -10.35 -57.18 -6.33
C VAL I 113 -10.36 -57.62 -4.87
N VAL I 114 -10.25 -56.67 -3.95
CA VAL I 114 -10.23 -57.02 -2.53
C VAL I 114 -11.54 -57.69 -2.14
N ARG I 115 -12.67 -57.14 -2.59
CA ARG I 115 -13.96 -57.73 -2.28
C ARG I 115 -14.03 -59.17 -2.78
N ALA I 116 -13.62 -59.39 -4.03
CA ALA I 116 -13.69 -60.73 -4.60
C ALA I 116 -12.82 -61.69 -3.81
N LYS I 117 -11.60 -61.29 -3.48
CA LYS I 117 -10.69 -62.18 -2.75
C LYS I 117 -11.28 -62.55 -1.40
N LYS I 118 -11.82 -61.57 -0.67
CA LYS I 118 -12.36 -61.85 0.65
C LYS I 118 -13.56 -62.79 0.57
N LEU I 119 -14.44 -62.56 -0.40
CA LEU I 119 -15.60 -63.44 -0.54
C LEU I 119 -15.16 -64.87 -0.86
N MET I 120 -14.18 -65.02 -1.75
CA MET I 120 -13.69 -66.35 -2.08
C MET I 120 -13.09 -67.02 -0.85
N LYS I 121 -12.33 -66.27 -0.04
CA LYS I 121 -11.74 -66.85 1.16
C LYS I 121 -12.81 -67.34 2.11
N ILE I 122 -13.86 -66.54 2.31
CA ILE I 122 -14.93 -66.93 3.22
C ILE I 122 -15.60 -68.21 2.73
N ARG I 123 -15.90 -68.27 1.44
CA ARG I 123 -16.56 -69.45 0.90
C ARG I 123 -15.69 -70.69 1.07
N THR I 124 -14.40 -70.55 0.83
CA THR I 124 -13.49 -71.69 0.99
C THR I 124 -13.48 -72.16 2.43
N LYS I 125 -13.41 -71.23 3.38
CA LYS I 125 -13.41 -71.65 4.78
C LYS I 125 -14.67 -72.43 5.11
N PHE I 126 -15.82 -71.94 4.66
CA PHE I 126 -17.06 -72.63 4.99
C PHE I 126 -17.12 -74.01 4.35
N ASP I 127 -16.65 -74.14 3.11
CA ASP I 127 -16.61 -75.46 2.47
C ASP I 127 -15.74 -76.43 3.26
N ILE I 128 -14.57 -75.96 3.69
CA ILE I 128 -13.66 -76.82 4.46
C ILE I 128 -14.35 -77.28 5.74
N THR I 129 -14.99 -76.35 6.44
CA THR I 129 -15.68 -76.72 7.67
C THR I 129 -16.78 -77.75 7.41
N ARG I 130 -17.54 -77.56 6.33
CA ARG I 130 -18.61 -78.50 6.03
C ARG I 130 -18.05 -79.90 5.76
N GLU I 131 -16.95 -79.97 5.01
CA GLU I 131 -16.34 -81.27 4.75
C GLU I 131 -15.92 -81.94 6.06
N PHE I 132 -15.28 -81.18 6.94
CA PHE I 132 -14.83 -81.75 8.21
C PHE I 132 -16.02 -82.27 9.01
N LEU I 133 -17.11 -81.49 9.04
CA LEU I 133 -18.28 -81.91 9.82
C LEU I 133 -18.91 -83.16 9.23
N PHE I 134 -19.00 -83.26 7.91
CA PHE I 134 -19.53 -84.46 7.31
C PHE I 134 -18.70 -85.68 7.69
N MET I 135 -17.37 -85.54 7.65
CA MET I 135 -16.52 -86.65 8.05
C MET I 135 -16.77 -87.03 9.51
N GLN I 136 -16.86 -86.03 10.39
CA GLN I 136 -17.08 -86.32 11.81
C GLN I 136 -18.39 -87.07 12.01
N ALA I 137 -19.44 -86.64 11.31
CA ALA I 137 -20.72 -87.31 11.43
C ALA I 137 -20.62 -88.75 10.96
N LEU I 138 -19.93 -88.99 9.85
CA LEU I 138 -19.76 -90.36 9.37
C LEU I 138 -19.02 -91.21 10.40
N LYS I 139 -18.04 -90.61 11.09
CA LYS I 139 -17.29 -91.38 12.07
C LYS I 139 -18.19 -91.91 13.18
N GLY I 140 -19.29 -91.23 13.47
CA GLY I 140 -20.24 -91.66 14.48
C GLY I 140 -20.63 -90.59 15.48
N LYS I 141 -19.72 -89.67 15.81
CA LYS I 141 -19.98 -88.60 16.75
C LYS I 141 -19.68 -87.26 16.09
N VAL I 142 -20.48 -86.25 16.40
CA VAL I 142 -20.34 -84.92 15.82
C VAL I 142 -19.65 -84.03 16.86
N VAL I 143 -18.45 -83.57 16.55
CA VAL I 143 -17.68 -82.70 17.43
C VAL I 143 -17.05 -81.60 16.58
N ASP I 144 -17.06 -80.37 17.09
CA ASP I 144 -16.44 -79.27 16.38
C ASP I 144 -14.92 -79.34 16.53
N ALA I 145 -14.23 -78.41 15.85
CA ALA I 145 -12.78 -78.38 15.90
C ALA I 145 -12.25 -78.21 17.32
N ARG I 146 -12.98 -77.51 18.17
CA ARG I 146 -12.57 -77.33 19.56
C ARG I 146 -12.77 -78.58 20.40
N GLY I 147 -13.57 -79.53 19.94
CA GLY I 147 -13.80 -80.75 20.65
C GLY I 147 -15.10 -80.82 21.43
N THR I 148 -15.96 -79.81 21.32
CA THR I 148 -17.22 -79.84 22.03
C THR I 148 -18.12 -80.94 21.45
N LEU I 149 -18.85 -81.61 22.33
CA LEU I 149 -19.72 -82.72 21.95
C LEU I 149 -21.13 -82.19 21.72
N TYR I 150 -21.66 -82.40 20.52
CA TYR I 150 -22.99 -81.93 20.16
C TYR I 150 -24.00 -83.05 19.93
N ALA I 151 -23.55 -84.23 19.50
CA ALA I 151 -24.47 -85.34 19.27
C ALA I 151 -23.69 -86.64 19.38
N ASP I 152 -24.26 -87.61 20.09
CA ASP I 152 -23.68 -88.95 20.25
C ASP I 152 -24.75 -89.95 19.85
N LEU I 153 -24.71 -90.36 18.59
CA LEU I 153 -25.81 -91.16 18.04
C LEU I 153 -25.93 -92.50 18.75
N TYR I 154 -24.80 -93.08 19.16
CA TYR I 154 -24.84 -94.40 19.80
C TYR I 154 -25.63 -94.36 21.09
N LYS I 155 -25.43 -93.31 21.90
CA LYS I 155 -26.24 -93.16 23.10
C LYS I 155 -27.67 -92.76 22.77
N GLN I 156 -27.84 -91.91 21.75
CA GLN I 156 -29.17 -91.44 21.40
C GLN I 156 -30.09 -92.61 21.03
N PHE I 157 -29.62 -93.48 20.15
CA PHE I 157 -30.42 -94.60 19.69
C PHE I 157 -30.21 -95.86 20.50
N ASP I 158 -29.40 -95.80 21.57
CA ASP I 158 -29.20 -96.92 22.47
C ASP I 158 -28.63 -98.13 21.72
N VAL I 159 -27.46 -97.92 21.14
CA VAL I 159 -26.72 -98.98 20.44
C VAL I 159 -25.24 -98.77 20.71
N GLU I 160 -24.45 -99.81 20.43
CA GLU I 160 -23.02 -99.78 20.67
C GLU I 160 -22.26 -99.98 19.36
N LYS I 161 -21.13 -99.30 19.25
CA LYS I 161 -20.31 -99.38 18.05
C LYS I 161 -19.50 -100.67 18.04
N LYS I 162 -19.05 -101.05 16.85
CA LYS I 162 -18.26 -102.25 16.66
C LYS I 162 -16.94 -101.92 15.98
N THR I 163 -15.86 -102.55 16.45
CA THR I 163 -14.54 -102.41 15.87
C THR I 163 -14.05 -103.76 15.38
N VAL I 164 -13.64 -103.83 14.12
CA VAL I 164 -13.13 -105.05 13.51
C VAL I 164 -11.62 -104.95 13.51
N TYR I 165 -10.96 -105.95 14.11
CA TYR I 165 -9.52 -105.94 14.25
C TYR I 165 -8.88 -106.79 13.17
N PHE I 166 -8.04 -106.18 12.36
CA PHE I 166 -7.21 -106.88 11.39
C PHE I 166 -5.83 -107.06 12.03
N ASP I 167 -5.42 -108.31 12.21
CA ASP I 167 -4.12 -108.59 12.80
C ASP I 167 -3.05 -108.60 11.72
N LEU I 168 -2.93 -107.50 10.97
CA LEU I 168 -2.09 -107.49 9.78
C LEU I 168 -0.62 -107.71 10.08
N ASP I 169 -0.18 -107.55 11.33
CA ASP I 169 1.23 -107.79 11.64
C ASP I 169 1.57 -109.26 11.79
N ASN I 170 0.56 -110.11 11.99
CA ASN I 170 0.81 -111.53 12.21
C ASN I 170 0.86 -112.25 10.86
N PRO I 171 1.93 -112.98 10.53
CA PRO I 171 1.95 -113.68 9.25
C PRO I 171 0.84 -114.70 9.10
N ASN I 172 0.29 -115.21 10.20
CA ASN I 172 -0.76 -116.21 10.15
C ASN I 172 -2.16 -115.61 10.33
N ALA I 173 -2.28 -114.29 10.28
CA ALA I 173 -3.58 -113.66 10.47
C ALA I 173 -4.57 -114.11 9.40
N ASP I 174 -5.85 -113.95 9.71
CA ASP I 174 -6.94 -114.32 8.79
C ASP I 174 -7.71 -113.04 8.46
N ILE I 175 -7.71 -112.66 7.18
CA ILE I 175 -8.42 -111.47 6.76
C ILE I 175 -9.85 -111.81 6.36
N ASP I 176 -10.05 -113.01 5.83
CA ASP I 176 -11.39 -113.42 5.41
C ASP I 176 -12.36 -113.44 6.59
N ALA I 177 -11.88 -113.84 7.77
CA ALA I 177 -12.74 -113.81 8.94
C ALA I 177 -13.21 -112.40 9.24
N SER I 178 -12.29 -111.43 9.15
CA SER I 178 -12.66 -110.03 9.41
C SER I 178 -13.64 -109.51 8.36
N ILE I 179 -13.41 -109.80 7.09
CA ILE I 179 -14.34 -109.33 6.07
C ILE I 179 -15.72 -109.94 6.28
N GLU I 180 -15.77 -111.24 6.60
CA GLU I 180 -17.06 -111.86 6.87
C GLU I 180 -17.71 -111.26 8.10
N GLU I 181 -16.90 -110.86 9.09
CA GLU I 181 -17.46 -110.19 10.26
C GLU I 181 -18.13 -108.88 9.87
N LEU I 182 -17.47 -108.09 9.02
CA LEU I 182 -18.10 -106.86 8.54
C LEU I 182 -19.41 -107.17 7.83
N ARG I 183 -19.39 -108.12 6.90
CA ARG I 183 -20.59 -108.42 6.13
C ARG I 183 -21.73 -108.87 7.03
N MET I 184 -21.44 -109.79 7.95
CA MET I 184 -22.48 -110.31 8.84
C MET I 184 -23.03 -109.21 9.73
N HIS I 185 -22.17 -108.37 10.28
CA HIS I 185 -22.66 -107.28 11.13
C HIS I 185 -23.59 -106.37 10.35
N MET I 186 -23.19 -105.97 9.15
CA MET I 186 -24.02 -105.05 8.39
C MET I 186 -25.32 -105.69 7.92
N GLU I 187 -25.29 -106.99 7.60
CA GLU I 187 -26.51 -107.66 7.15
C GLU I 187 -27.45 -107.96 8.31
N ASP I 188 -26.93 -108.11 9.53
CA ASP I 188 -27.79 -108.44 10.67
C ASP I 188 -28.37 -107.19 11.30
N GLU I 189 -27.51 -106.25 11.69
CA GLU I 189 -27.95 -105.12 12.50
C GLU I 189 -28.79 -104.11 11.72
N ALA I 190 -28.81 -104.19 10.40
CA ALA I 190 -29.63 -103.29 9.62
C ALA I 190 -31.04 -103.84 9.50
N LYS I 191 -31.69 -104.07 10.64
CA LYS I 191 -32.97 -104.77 10.65
C LYS I 191 -34.09 -103.86 10.18
N THR I 192 -34.08 -103.53 8.88
CA THR I 192 -35.16 -102.77 8.29
C THR I 192 -36.35 -103.64 7.91
N GLY I 193 -36.22 -104.96 8.02
CA GLY I 193 -37.30 -105.86 7.65
C GLY I 193 -37.26 -106.35 6.23
N THR I 194 -36.14 -106.17 5.53
CA THR I 194 -36.01 -106.61 4.15
C THR I 194 -34.65 -107.26 3.95
N VAL I 195 -34.48 -107.92 2.80
CA VAL I 195 -33.23 -108.57 2.47
C VAL I 195 -32.17 -107.50 2.25
N ILE I 196 -31.01 -107.66 2.88
CA ILE I 196 -29.93 -106.68 2.83
C ILE I 196 -28.72 -107.34 2.20
N ASN I 197 -28.18 -106.73 1.15
CA ASN I 197 -26.98 -107.22 0.48
C ASN I 197 -25.78 -106.49 1.07
N GLY I 198 -24.99 -107.20 1.88
CA GLY I 198 -23.92 -106.57 2.62
C GLY I 198 -22.65 -106.32 1.84
N GLU I 199 -22.61 -106.69 0.56
CA GLU I 199 -21.42 -106.44 -0.25
C GLU I 199 -21.28 -104.98 -0.64
N GLU I 200 -22.37 -104.21 -0.60
CA GLU I 200 -22.35 -102.81 -1.04
C GLU I 200 -22.03 -101.90 0.15
N ILE I 201 -20.74 -101.61 0.30
CA ILE I 201 -20.27 -100.74 1.38
C ILE I 201 -19.07 -99.95 0.88
N HIS I 202 -18.88 -98.76 1.48
CA HIS I 202 -17.69 -97.97 1.24
C HIS I 202 -16.69 -98.22 2.35
N VAL I 203 -15.44 -98.43 1.99
CA VAL I 203 -14.35 -98.58 2.95
C VAL I 203 -13.33 -97.50 2.66
N VAL I 204 -13.07 -96.65 3.65
CA VAL I 204 -12.06 -95.60 3.56
C VAL I 204 -10.95 -95.95 4.54
N VAL I 205 -9.71 -95.93 4.04
CA VAL I 205 -8.58 -96.51 4.76
C VAL I 205 -7.49 -95.46 4.90
N ASP I 206 -6.69 -95.60 5.96
CA ASP I 206 -5.54 -94.73 6.18
C ASP I 206 -4.33 -95.26 5.41
N ARG I 207 -3.32 -94.40 5.26
CA ARG I 207 -2.13 -94.79 4.50
C ARG I 207 -1.42 -95.97 5.14
N VAL I 208 -1.21 -95.91 6.45
CA VAL I 208 -0.49 -97.00 7.14
C VAL I 208 -1.26 -98.30 7.00
N PHE I 209 -2.58 -98.23 7.19
CA PHE I 209 -3.42 -99.42 7.05
C PHE I 209 -3.31 -99.98 5.64
N PHE I 210 -3.35 -99.11 4.63
CA PHE I 210 -3.27 -99.58 3.26
C PHE I 210 -1.94 -100.28 2.99
N SER I 211 -0.84 -99.69 3.45
CA SER I 211 0.47 -100.31 3.25
C SER I 211 0.53 -101.67 3.93
N LYS I 212 0.10 -101.73 5.20
CA LYS I 212 0.15 -102.99 5.92
C LYS I 212 -0.69 -104.05 5.24
N LEU I 213 -1.87 -103.67 4.75
CA LEU I 213 -2.74 -104.62 4.07
C LEU I 213 -2.06 -105.16 2.81
N VAL I 214 -1.47 -104.26 2.02
CA VAL I 214 -0.89 -104.70 0.75
C VAL I 214 0.33 -105.59 0.98
N LYS I 215 1.13 -105.29 2.01
CA LYS I 215 2.37 -106.05 2.20
C LYS I 215 2.14 -107.44 2.77
N HIS I 216 0.92 -107.77 3.19
CA HIS I 216 0.70 -109.02 3.91
C HIS I 216 1.04 -110.21 3.01
N PRO I 217 1.79 -111.19 3.50
CA PRO I 217 2.13 -112.34 2.64
C PRO I 217 0.92 -113.08 2.11
N LYS I 218 -0.14 -113.23 2.91
CA LYS I 218 -1.31 -113.97 2.47
C LYS I 218 -2.00 -113.30 1.28
N ILE I 219 -1.79 -112.01 1.06
CA ILE I 219 -2.29 -111.35 -0.14
C ILE I 219 -1.24 -111.37 -1.24
N ARG I 220 0.01 -111.09 -0.88
CA ARG I 220 1.08 -111.03 -1.87
C ARG I 220 1.19 -112.33 -2.63
N ASP I 221 1.30 -113.46 -1.92
CA ASP I 221 1.46 -114.75 -2.59
C ASP I 221 0.18 -115.15 -3.31
N ALA I 222 -0.97 -114.87 -2.70
CA ALA I 222 -2.24 -115.24 -3.32
C ALA I 222 -2.38 -114.58 -4.69
N TYR I 223 -2.00 -113.31 -4.79
CA TYR I 223 -2.11 -112.63 -6.08
C TYR I 223 -0.93 -112.92 -7.00
N LEU I 224 0.23 -113.26 -6.44
CA LEU I 224 1.36 -113.65 -7.30
C LEU I 224 1.08 -114.94 -8.03
N ALA I 225 0.47 -115.91 -7.35
CA ALA I 225 0.18 -117.19 -7.97
C ALA I 225 -0.96 -117.11 -8.99
N GLN I 226 -1.66 -115.98 -9.06
CA GLN I 226 -2.83 -115.83 -9.92
C GLN I 226 -2.38 -115.25 -11.26
N GLN I 227 -2.63 -115.98 -12.35
CA GLN I 227 -2.19 -115.56 -13.68
C GLN I 227 -3.35 -114.89 -14.43
N THR I 228 -3.80 -113.77 -13.89
CA THR I 228 -4.90 -113.01 -14.47
C THR I 228 -4.50 -111.54 -14.61
N PRO I 229 -5.07 -110.82 -15.57
CA PRO I 229 -4.67 -109.42 -15.77
C PRO I 229 -4.80 -108.57 -14.52
N LEU I 230 -5.84 -108.79 -13.72
CA LEU I 230 -5.98 -108.01 -12.48
C LEU I 230 -4.79 -108.23 -11.56
N ALA I 231 -4.36 -109.48 -11.42
CA ALA I 231 -3.28 -109.79 -10.49
C ALA I 231 -1.98 -109.08 -10.89
N TRP I 232 -1.67 -109.08 -12.19
CA TRP I 232 -0.43 -108.45 -12.63
C TRP I 232 -0.42 -106.97 -12.29
N GLN I 233 -1.54 -106.27 -12.55
CA GLN I 233 -1.58 -104.83 -12.32
C GLN I 233 -1.41 -104.49 -10.85
N GLN I 234 -2.02 -105.28 -9.97
CA GLN I 234 -2.03 -104.93 -8.56
C GLN I 234 -0.72 -105.26 -7.86
N ILE I 235 0.16 -106.05 -8.49
CA ILE I 235 1.38 -106.50 -7.82
C ILE I 235 2.60 -105.80 -8.40
N THR I 236 2.53 -105.41 -9.67
CA THR I 236 3.62 -104.71 -10.33
C THR I 236 3.21 -103.42 -11.00
N GLY I 237 1.93 -103.19 -11.22
CA GLY I 237 1.45 -101.98 -11.86
C GLY I 237 1.24 -100.87 -10.86
N SER I 238 0.39 -99.93 -11.23
CA SER I 238 0.04 -98.78 -10.39
C SER I 238 -1.34 -98.99 -9.81
N LEU I 239 -1.45 -98.85 -8.50
CA LEU I 239 -2.73 -98.96 -7.82
C LEU I 239 -3.53 -97.67 -7.85
N ARG I 240 -2.99 -96.61 -8.45
CA ARG I 240 -3.67 -95.32 -8.52
C ARG I 240 -4.62 -95.33 -9.72
N THR I 241 -5.85 -95.78 -9.45
CA THR I 241 -6.88 -95.87 -10.47
C THR I 241 -8.21 -95.28 -10.03
N GLY I 242 -8.29 -94.69 -8.84
CA GLY I 242 -9.54 -94.19 -8.32
C GLY I 242 -9.92 -92.86 -8.95
N GLY I 243 -10.86 -92.20 -8.28
CA GLY I 243 -11.31 -90.89 -8.71
C GLY I 243 -10.43 -89.78 -8.16
N THR I 244 -11.00 -88.59 -8.09
CA THR I 244 -10.28 -87.39 -7.67
C THR I 244 -10.75 -86.97 -6.28
N ASP I 245 -9.80 -86.68 -5.40
CA ASP I 245 -10.12 -86.20 -4.06
C ASP I 245 -10.01 -84.69 -3.93
N GLY I 246 -9.78 -83.97 -5.03
CA GLY I 246 -9.60 -82.54 -5.00
C GLY I 246 -8.16 -82.10 -5.08
N VAL I 247 -7.21 -83.00 -4.79
CA VAL I 247 -5.79 -82.70 -4.89
C VAL I 247 -5.14 -83.68 -5.86
N GLN I 248 -5.44 -84.96 -5.69
CA GLN I 248 -4.87 -86.01 -6.52
C GLN I 248 -5.74 -86.27 -7.74
N ALA I 249 -5.10 -86.48 -8.87
CA ALA I 249 -5.84 -86.86 -10.08
C ALA I 249 -6.50 -88.22 -9.89
N HIS I 250 -5.78 -89.17 -9.29
CA HIS I 250 -6.31 -90.48 -8.97
C HIS I 250 -5.84 -90.90 -7.59
N MET I 251 -6.62 -91.74 -6.93
CA MET I 251 -6.34 -92.16 -5.57
C MET I 251 -6.27 -93.68 -5.50
N ASN I 252 -5.46 -94.17 -4.56
CA ASN I 252 -5.16 -95.59 -4.50
C ASN I 252 -6.43 -96.41 -4.29
N THR I 253 -6.49 -97.56 -4.96
CA THR I 253 -7.62 -98.46 -4.85
C THR I 253 -7.10 -99.89 -4.86
N PHE I 254 -7.75 -100.76 -4.09
CA PHE I 254 -7.32 -102.15 -3.98
C PHE I 254 -8.53 -103.05 -3.81
N TYR I 255 -8.59 -104.11 -4.61
CA TYR I 255 -9.69 -105.07 -4.60
C TYR I 255 -9.22 -106.38 -4.00
N TYR I 256 -9.97 -106.90 -3.03
CA TYR I 256 -9.70 -108.21 -2.48
C TYR I 256 -10.92 -108.69 -1.72
N GLY I 257 -11.23 -109.98 -1.90
CA GLY I 257 -12.36 -110.57 -1.21
C GLY I 257 -13.69 -109.92 -1.52
N GLY I 258 -13.82 -109.31 -2.69
CA GLY I 258 -15.04 -108.65 -3.07
C GLY I 258 -15.19 -107.24 -2.55
N VAL I 259 -14.26 -106.76 -1.73
CA VAL I 259 -14.32 -105.42 -1.18
C VAL I 259 -13.31 -104.55 -1.90
N LYS I 260 -13.56 -103.24 -1.89
CA LYS I 260 -12.66 -102.25 -2.48
C LYS I 260 -12.20 -101.29 -1.40
N PHE I 261 -10.89 -101.19 -1.22
CA PHE I 261 -10.30 -100.30 -0.23
C PHE I 261 -9.80 -99.04 -0.93
N VAL I 262 -10.04 -97.89 -0.31
CA VAL I 262 -9.62 -96.60 -0.84
C VAL I 262 -8.80 -95.89 0.22
N GLN I 263 -7.63 -95.39 -0.17
CA GLN I 263 -6.79 -94.62 0.74
C GLN I 263 -7.15 -93.15 0.61
N TYR I 264 -7.56 -92.54 1.71
CA TYR I 264 -7.98 -91.14 1.73
C TYR I 264 -7.00 -90.34 2.57
N ASN I 265 -6.43 -89.29 1.98
CA ASN I 265 -5.54 -88.38 2.67
C ASN I 265 -6.28 -87.06 2.88
N GLY I 266 -6.45 -86.67 4.14
CA GLY I 266 -7.17 -85.45 4.44
C GLY I 266 -6.63 -84.77 5.68
N LYS I 267 -6.28 -83.49 5.56
CA LYS I 267 -5.72 -82.74 6.66
C LYS I 267 -6.24 -81.31 6.60
N PHE I 268 -6.51 -80.74 7.76
CA PHE I 268 -6.89 -79.34 7.87
C PHE I 268 -6.26 -78.75 9.11
N LYS I 269 -5.95 -77.46 9.04
CA LYS I 269 -5.26 -76.78 10.12
C LYS I 269 -6.25 -76.12 11.05
N ASP I 270 -6.27 -76.56 12.31
CA ASP I 270 -7.01 -75.83 13.33
C ASP I 270 -6.28 -74.53 13.64
N LYS I 271 -7.05 -73.45 13.85
CA LYS I 271 -6.44 -72.14 14.00
C LYS I 271 -5.51 -72.07 15.20
N ARG I 272 -5.62 -72.99 16.15
CA ARG I 272 -4.65 -73.06 17.23
C ARG I 272 -3.32 -73.64 16.77
N GLY I 273 -3.30 -74.34 15.62
CA GLY I 273 -2.09 -74.84 15.01
C GLY I 273 -2.12 -76.32 14.70
N LYS I 274 -2.78 -77.12 15.54
CA LYS I 274 -2.71 -78.56 15.40
C LYS I 274 -3.46 -79.03 14.15
N VAL I 275 -3.09 -80.21 13.67
CA VAL I 275 -3.58 -80.76 12.42
C VAL I 275 -4.62 -81.83 12.72
N HIS I 276 -5.73 -81.80 11.98
CA HIS I 276 -6.79 -82.79 12.11
C HIS I 276 -6.75 -83.72 10.91
N THR I 277 -6.69 -85.02 11.17
CA THR I 277 -6.68 -86.02 10.12
C THR I 277 -8.07 -86.63 10.03
N LEU I 278 -8.64 -86.60 8.82
CA LEU I 278 -10.04 -86.97 8.66
C LEU I 278 -10.28 -88.43 9.03
N VAL I 279 -9.37 -89.32 8.61
CA VAL I 279 -9.67 -90.75 8.71
C VAL I 279 -9.27 -91.32 10.07
N SER I 280 -8.34 -90.67 10.77
CA SER I 280 -7.80 -91.25 11.99
C SER I 280 -8.87 -91.44 13.05
N ILE I 281 -8.74 -92.51 13.82
CA ILE I 281 -9.64 -92.77 14.94
C ILE I 281 -9.18 -91.98 16.16
N ASP I 282 -10.10 -91.72 17.07
CA ASP I 282 -9.79 -90.95 18.26
C ASP I 282 -8.87 -91.75 19.17
N SER I 283 -7.80 -91.10 19.65
CA SER I 283 -6.90 -91.64 20.66
C SER I 283 -6.13 -92.87 20.19
N VAL I 284 -5.87 -92.98 18.89
CA VAL I 284 -5.06 -94.06 18.33
C VAL I 284 -3.86 -93.45 17.61
N ALA I 285 -2.67 -93.96 17.91
CA ALA I 285 -1.47 -93.42 17.31
C ALA I 285 -1.48 -93.60 15.80
N ALA I 286 -0.91 -92.63 15.08
CA ALA I 286 -0.91 -92.69 13.63
C ALA I 286 -0.16 -93.90 13.11
N THR I 287 0.70 -94.50 13.94
CA THR I 287 1.46 -95.66 13.50
C THR I 287 0.60 -96.90 13.34
N VAL I 288 -0.65 -96.87 13.79
CA VAL I 288 -1.57 -98.00 13.73
C VAL I 288 -2.61 -97.69 12.66
N GLY I 289 -2.74 -98.60 11.69
CA GLY I 289 -3.70 -98.38 10.63
C GLY I 289 -5.12 -98.32 11.17
N VAL I 290 -5.93 -97.46 10.56
CA VAL I 290 -7.33 -97.29 10.96
C VAL I 290 -8.14 -96.91 9.73
N GLY I 291 -9.41 -97.30 9.73
CA GLY I 291 -10.30 -96.99 8.63
C GLY I 291 -11.74 -97.06 9.08
N HIS I 292 -12.63 -96.62 8.20
CA HIS I 292 -14.06 -96.59 8.48
C HIS I 292 -14.82 -97.25 7.34
N ALA I 293 -15.95 -97.87 7.68
CA ALA I 293 -16.83 -98.50 6.69
C ALA I 293 -18.25 -98.02 6.93
N PHE I 294 -18.90 -97.55 5.87
CA PHE I 294 -20.28 -97.09 5.94
C PHE I 294 -21.03 -97.59 4.72
N PRO I 295 -22.35 -97.76 4.84
CA PRO I 295 -23.10 -98.40 3.76
C PRO I 295 -23.23 -97.52 2.53
N ASN I 296 -23.43 -98.17 1.39
CA ASN I 296 -23.75 -97.46 0.15
C ASN I 296 -25.18 -96.93 0.21
N VAL I 297 -25.49 -96.04 -0.73
CA VAL I 297 -26.86 -95.54 -0.83
C VAL I 297 -27.80 -96.67 -1.24
N SER I 298 -27.33 -97.59 -2.07
CA SER I 298 -28.21 -98.59 -2.68
C SER I 298 -28.56 -99.72 -1.74
N MET I 299 -27.85 -99.89 -0.63
CA MET I 299 -28.09 -101.05 0.23
C MET I 299 -29.52 -101.04 0.74
N LEU I 300 -29.95 -99.93 1.33
CA LEU I 300 -31.31 -99.81 1.84
C LEU I 300 -32.29 -99.28 0.80
N GLY I 301 -31.80 -98.72 -0.28
CA GLY I 301 -32.68 -98.12 -1.29
C GLY I 301 -32.88 -96.64 -1.06
N GLU I 302 -33.11 -95.93 -2.16
CA GLU I 302 -33.33 -94.48 -2.07
C GLU I 302 -34.54 -94.16 -1.20
N ALA I 303 -35.51 -95.07 -1.12
CA ALA I 303 -36.70 -94.82 -0.32
C ALA I 303 -36.39 -94.76 1.17
N ASN I 304 -35.26 -95.28 1.60
CA ASN I 304 -34.90 -95.37 3.01
C ASN I 304 -33.59 -94.61 3.29
N ASN I 305 -33.48 -93.40 2.77
CA ASN I 305 -32.25 -92.64 2.95
C ASN I 305 -31.92 -92.51 4.43
N ILE I 306 -30.64 -92.65 4.75
CA ILE I 306 -30.20 -92.83 6.13
C ILE I 306 -29.44 -91.61 6.62
N PHE I 307 -28.90 -90.81 5.69
CA PHE I 307 -28.13 -89.63 6.03
C PHE I 307 -28.95 -88.38 5.74
N GLU I 308 -28.87 -87.39 6.64
CA GLU I 308 -29.62 -86.14 6.48
C GLU I 308 -28.81 -84.99 7.07
N VAL I 309 -29.19 -83.77 6.67
CA VAL I 309 -28.67 -82.55 7.26
C VAL I 309 -29.83 -81.58 7.44
N ALA I 310 -29.87 -80.91 8.59
CA ALA I 310 -30.92 -79.96 8.90
C ALA I 310 -30.34 -78.55 8.95
N TYR I 311 -31.04 -77.61 8.33
CA TYR I 311 -30.61 -76.21 8.26
C TYR I 311 -31.59 -75.35 9.04
N GLY I 312 -31.05 -74.51 9.92
CA GLY I 312 -31.86 -73.68 10.78
C GLY I 312 -31.88 -72.23 10.34
N PRO I 313 -32.72 -71.42 10.98
CA PRO I 313 -32.86 -70.02 10.57
C PRO I 313 -31.78 -69.11 11.12
N CYS I 314 -31.90 -67.81 10.86
CA CYS I 314 -30.93 -66.80 11.25
C CYS I 314 -31.58 -65.81 12.21
N PRO I 315 -30.84 -65.32 13.21
CA PRO I 315 -31.44 -64.44 14.22
C PRO I 315 -31.72 -63.02 13.76
N LYS I 316 -31.49 -62.69 12.49
CA LYS I 316 -31.77 -61.33 12.04
C LYS I 316 -33.27 -61.12 11.90
N MET I 317 -33.66 -59.84 11.90
CA MET I 317 -35.06 -59.50 11.73
C MET I 317 -35.55 -59.94 10.36
N GLY I 318 -36.77 -60.44 10.29
CA GLY I 318 -37.35 -60.91 9.04
C GLY I 318 -37.00 -62.33 8.68
N TYR I 319 -36.29 -63.06 9.53
CA TYR I 319 -35.94 -64.44 9.28
C TYR I 319 -36.47 -65.40 10.32
N ALA I 320 -37.11 -64.90 11.37
CA ALA I 320 -37.68 -65.78 12.39
C ALA I 320 -38.79 -66.64 11.78
N ASN I 321 -38.83 -67.91 12.20
CA ASN I 321 -39.81 -68.86 11.68
C ASN I 321 -39.76 -68.91 10.16
N THR I 322 -38.55 -69.03 9.61
CA THR I 322 -38.35 -69.10 8.18
C THR I 322 -37.45 -70.28 7.84
N LEU I 323 -37.70 -70.90 6.69
CA LEU I 323 -36.92 -72.06 6.28
C LEU I 323 -35.46 -71.71 6.19
N GLY I 324 -34.60 -72.57 6.75
CA GLY I 324 -33.19 -72.28 6.82
C GLY I 324 -32.51 -72.37 5.47
N GLN I 325 -31.31 -71.78 5.42
CA GLN I 325 -30.46 -71.83 4.25
C GLN I 325 -29.06 -72.21 4.68
N GLU I 326 -28.28 -72.76 3.74
CA GLU I 326 -26.97 -73.27 4.10
C GLU I 326 -25.96 -72.15 4.35
N LEU I 327 -26.20 -70.96 3.83
CA LEU I 327 -25.25 -69.86 4.02
C LEU I 327 -25.95 -68.54 3.79
N TYR I 328 -25.85 -67.63 4.77
CA TYR I 328 -26.31 -66.26 4.62
C TYR I 328 -25.10 -65.34 4.57
N VAL I 329 -25.20 -64.28 3.75
CA VAL I 329 -24.16 -63.25 3.69
C VAL I 329 -24.83 -61.89 3.74
N PHE I 330 -24.30 -61.01 4.60
CA PHE I 330 -24.84 -59.68 4.78
C PHE I 330 -23.73 -58.65 4.62
N GLU I 331 -24.11 -57.44 4.23
CA GLU I 331 -23.17 -56.33 4.07
C GLU I 331 -23.76 -55.08 4.73
N TYR I 332 -22.89 -54.30 5.36
CA TYR I 332 -23.31 -53.09 6.05
C TYR I 332 -22.26 -52.01 5.86
N GLU I 333 -22.71 -50.76 5.77
CA GLU I 333 -21.78 -49.64 5.64
C GLU I 333 -21.39 -49.12 7.01
N LYS I 334 -20.08 -48.98 7.22
CA LYS I 334 -19.59 -48.38 8.45
C LYS I 334 -20.05 -46.94 8.55
N ASP I 335 -20.23 -46.48 9.79
CA ASP I 335 -20.76 -45.14 10.01
C ASP I 335 -19.75 -44.09 9.52
N ARG I 336 -20.29 -42.94 9.15
CA ARG I 336 -19.50 -41.79 8.70
C ARG I 336 -18.74 -42.08 7.41
N ASP I 337 -19.19 -43.07 6.65
CA ASP I 337 -18.52 -43.43 5.39
C ASP I 337 -17.05 -43.75 5.68
N GLU I 338 -16.82 -44.84 6.40
CA GLU I 338 -15.48 -45.25 6.78
C GLU I 338 -15.04 -46.55 6.14
N GLY I 339 -15.96 -47.35 5.63
CA GLY I 339 -15.61 -48.62 5.03
C GLY I 339 -16.84 -49.49 4.86
N ILE I 340 -16.60 -50.80 4.80
CA ILE I 340 -17.65 -51.79 4.59
C ILE I 340 -17.46 -52.91 5.60
N ASP I 341 -18.55 -53.59 5.94
CA ASP I 341 -18.52 -54.73 6.86
C ASP I 341 -19.30 -55.89 6.26
N PHE I 342 -18.86 -57.11 6.58
CA PHE I 342 -19.50 -58.32 6.08
C PHE I 342 -19.79 -59.27 7.24
N GLU I 343 -20.76 -60.15 7.03
CA GLU I 343 -21.10 -61.19 7.98
C GLU I 343 -21.56 -62.44 7.23
N ALA I 344 -21.17 -63.60 7.73
CA ALA I 344 -21.61 -64.87 7.18
C ALA I 344 -22.10 -65.75 8.31
N HIS I 345 -23.26 -66.38 8.10
CA HIS I 345 -23.90 -67.18 9.13
C HIS I 345 -24.23 -68.56 8.58
N SER I 346 -24.25 -69.54 9.48
CA SER I 346 -24.65 -70.89 9.13
C SER I 346 -25.10 -71.61 10.38
N TYR I 347 -26.08 -72.50 10.21
CA TYR I 347 -26.74 -73.16 11.34
C TYR I 347 -27.19 -74.53 10.84
N MET I 348 -26.39 -75.56 11.12
CA MET I 348 -26.61 -76.86 10.48
C MET I 348 -26.10 -77.96 11.39
N LEU I 349 -26.56 -79.18 11.12
CA LEU I 349 -26.15 -80.38 11.86
C LEU I 349 -26.34 -81.63 11.03
N PRO I 350 -25.27 -82.38 10.72
CA PRO I 350 -25.44 -83.66 10.03
C PRO I 350 -25.57 -84.81 11.00
N TYR I 351 -26.43 -85.76 10.67
CA TYR I 351 -26.70 -86.88 11.57
C TYR I 351 -27.06 -88.12 10.76
N CYS I 352 -27.03 -89.26 11.45
CA CYS I 352 -27.36 -90.56 10.87
C CYS I 352 -28.45 -91.22 11.70
N THR I 353 -29.41 -91.85 11.03
CA THR I 353 -30.57 -92.42 11.73
C THR I 353 -30.37 -93.87 12.15
N ARG I 354 -29.37 -94.57 11.62
CA ARG I 354 -29.06 -95.93 12.02
C ARG I 354 -27.56 -96.03 12.29
N PRO I 355 -27.12 -95.52 13.44
CA PRO I 355 -25.67 -95.49 13.70
C PRO I 355 -25.03 -96.85 13.82
N GLN I 356 -25.82 -97.91 14.04
CA GLN I 356 -25.23 -99.23 14.20
C GLN I 356 -24.62 -99.77 12.91
N LEU I 357 -24.86 -99.12 11.78
CA LEU I 357 -24.29 -99.55 10.50
C LEU I 357 -22.90 -99.00 10.26
N LEU I 358 -22.36 -98.20 11.18
CA LEU I 358 -21.03 -97.64 11.03
C LEU I 358 -20.04 -98.50 11.81
N VAL I 359 -18.96 -98.91 11.16
CA VAL I 359 -17.99 -99.83 11.73
C VAL I 359 -16.59 -99.25 11.54
N ASP I 360 -15.70 -99.53 12.48
CA ASP I 360 -14.32 -99.09 12.40
C ASP I 360 -13.40 -100.29 12.27
N VAL I 361 -12.43 -100.19 11.35
CA VAL I 361 -11.47 -101.24 11.09
C VAL I 361 -10.11 -100.78 11.58
N ARG I 362 -9.39 -101.67 12.26
CA ARG I 362 -8.07 -101.37 12.79
C ARG I 362 -7.08 -102.44 12.37
N ALA I 363 -5.87 -102.02 12.02
CA ALA I 363 -4.79 -102.95 11.73
C ALA I 363 -4.01 -103.26 13.01
N ASP I 364 -4.76 -103.62 14.05
CA ASP I 364 -4.20 -103.84 15.37
C ASP I 364 -4.50 -105.26 15.79
N ALA I 365 -3.69 -105.76 16.73
CA ALA I 365 -3.77 -107.16 17.10
C ALA I 365 -4.90 -107.42 18.10
N LYS I 366 -4.93 -106.65 19.19
CA LYS I 366 -5.84 -106.93 20.30
C LYS I 366 -7.27 -107.03 19.78
N ALA J 2 -100.87 48.69 65.48
CA ALA J 2 -101.40 47.84 66.54
C ALA J 2 -101.54 48.69 67.79
N TYR J 3 -102.03 48.08 68.86
CA TYR J 3 -102.12 48.78 70.14
C TYR J 3 -100.75 49.32 70.53
N GLN J 4 -100.71 50.60 70.88
CA GLN J 4 -99.49 51.38 71.11
C GLN J 4 -98.80 51.77 69.80
N GLY J 5 -99.38 51.44 68.65
CA GLY J 5 -98.88 51.93 67.38
C GLY J 5 -97.83 51.06 66.73
N PHE J 6 -96.61 51.08 67.25
CA PHE J 6 -95.49 50.47 66.56
C PHE J 6 -95.60 48.95 66.55
N THR J 7 -95.16 48.35 65.45
CA THR J 7 -95.03 46.91 65.33
C THR J 7 -93.76 46.61 64.54
N LYS J 8 -92.93 45.71 65.07
CA LYS J 8 -91.65 45.35 64.46
C LYS J 8 -91.62 43.85 64.23
N LEU J 9 -91.18 43.44 63.04
CA LEU J 9 -91.19 42.04 62.65
C LEU J 9 -89.83 41.36 62.74
N GLY J 10 -88.74 42.12 62.71
CA GLY J 10 -87.42 41.54 62.86
C GLY J 10 -86.39 42.31 62.05
N ASN J 11 -85.27 41.64 61.80
CA ASN J 11 -84.15 42.23 61.09
C ASN J 11 -83.48 41.16 60.24
N ARG J 12 -82.76 41.62 59.21
CA ARG J 12 -82.00 40.71 58.37
C ARG J 12 -80.75 40.22 59.10
N GLU J 13 -80.52 38.92 59.05
CA GLU J 13 -79.23 38.41 59.49
C GLU J 13 -78.18 38.66 58.41
N PRO J 14 -76.92 38.85 58.80
CA PRO J 14 -75.89 39.20 57.81
C PRO J 14 -75.75 38.11 56.75
N LEU J 15 -75.50 38.55 55.52
CA LEU J 15 -75.30 37.65 54.40
C LEU J 15 -73.82 37.28 54.28
N ASN J 16 -73.57 36.16 53.58
CA ASN J 16 -72.21 35.65 53.42
C ASN J 16 -71.60 36.27 52.17
N ASP J 17 -71.19 37.54 52.31
CA ASP J 17 -70.47 38.25 51.26
C ASP J 17 -69.13 38.77 51.75
N ILE J 18 -68.62 38.28 52.88
CA ILE J 18 -67.38 38.79 53.44
C ILE J 18 -66.21 38.47 52.54
N ILE J 19 -66.16 37.25 52.01
CA ILE J 19 -64.99 36.81 51.26
C ILE J 19 -64.80 37.69 50.04
N LEU J 20 -63.60 38.25 49.90
CA LEU J 20 -63.20 38.95 48.69
C LEU J 20 -62.30 38.09 47.80
N TRP J 21 -61.44 37.28 48.41
CA TRP J 21 -60.59 36.35 47.66
C TRP J 21 -60.30 35.15 48.55
N GLU J 22 -60.48 33.95 48.00
CA GLU J 22 -60.09 32.73 48.68
C GLU J 22 -59.50 31.78 47.64
N GLN J 23 -58.58 30.93 48.09
CA GLN J 23 -57.90 30.01 47.19
C GLN J 23 -58.84 28.87 46.78
N ILE J 24 -59.48 29.01 45.62
CA ILE J 24 -60.44 28.00 45.18
C ILE J 24 -59.69 26.72 44.85
N THR J 25 -60.10 25.63 45.48
CA THR J 25 -59.53 24.31 45.28
C THR J 25 -60.65 23.30 45.22
N PRO J 26 -60.41 22.12 44.64
CA PRO J 26 -61.50 21.14 44.51
C PRO J 26 -62.11 20.73 45.84
N THR J 27 -61.35 20.76 46.94
CA THR J 27 -61.85 20.31 48.23
C THR J 27 -61.84 21.42 49.28
N GLY J 28 -62.03 22.66 48.88
CA GLY J 28 -62.10 23.75 49.84
C GLY J 28 -60.87 23.85 50.71
N HIS J 29 -59.74 24.22 50.11
CA HIS J 29 -58.49 24.28 50.86
C HIS J 29 -58.54 25.28 52.01
N SER J 30 -59.36 26.32 51.87
CA SER J 30 -59.38 27.42 52.83
C SER J 30 -60.53 27.36 53.82
N ARG J 31 -61.28 26.27 53.87
CA ARG J 31 -62.45 26.16 54.72
C ARG J 31 -62.33 24.97 55.67
N LYS J 32 -63.08 25.03 56.77
CA LYS J 32 -63.16 23.96 57.74
C LYS J 32 -64.58 23.89 58.27
N GLU J 33 -64.94 22.72 58.82
CA GLU J 33 -66.27 22.47 59.35
C GLU J 33 -66.19 22.12 60.82
N TYR J 34 -67.13 22.63 61.61
CA TYR J 34 -67.17 22.42 63.04
C TYR J 34 -68.51 21.81 63.42
N THR J 35 -68.51 21.07 64.53
CA THR J 35 -69.77 20.58 65.10
C THR J 35 -70.30 21.61 66.08
N PRO J 36 -71.43 22.26 65.81
CA PRO J 36 -71.87 23.35 66.67
C PRO J 36 -72.15 22.86 68.09
N GLN J 37 -71.81 23.71 69.06
CA GLN J 37 -72.12 23.39 70.44
C GLN J 37 -73.59 23.66 70.74
N ALA J 38 -74.07 23.11 71.85
CA ALA J 38 -75.49 23.14 72.15
C ALA J 38 -75.97 24.56 72.44
N SER J 39 -77.11 24.92 71.84
CA SER J 39 -77.84 26.14 72.16
C SER J 39 -76.99 27.41 72.07
N THR J 40 -76.16 27.53 71.04
CA THR J 40 -75.42 28.76 70.80
C THR J 40 -75.68 29.26 69.39
N GLU J 41 -76.10 30.51 69.27
CA GLU J 41 -76.35 31.10 67.96
C GLU J 41 -75.04 31.43 67.26
N TYR J 42 -75.03 31.24 65.95
CA TYR J 42 -73.87 31.55 65.12
C TYR J 42 -74.30 32.50 64.01
N ARG J 43 -73.55 33.59 63.85
CA ARG J 43 -73.80 34.58 62.81
C ARG J 43 -72.50 34.91 62.11
N VAL J 44 -72.62 35.33 60.85
CA VAL J 44 -71.44 35.63 60.05
C VAL J 44 -70.61 36.70 60.75
N GLY J 45 -69.29 36.51 60.75
CA GLY J 45 -68.36 37.46 61.31
C GLY J 45 -67.80 37.09 62.67
N GLU J 46 -68.40 36.11 63.35
CA GLU J 46 -67.90 35.72 64.65
C GLU J 46 -66.58 34.95 64.51
N VAL J 47 -65.79 34.96 65.59
CA VAL J 47 -64.51 34.27 65.62
C VAL J 47 -64.65 33.02 66.48
N LEU J 48 -64.21 31.89 65.95
CA LEU J 48 -64.35 30.60 66.60
C LEU J 48 -62.99 30.05 67.00
N LYS J 49 -62.95 29.37 68.14
CA LYS J 49 -61.76 28.66 68.56
C LYS J 49 -61.66 27.33 67.82
N ALA J 50 -60.57 26.61 68.09
CA ALA J 50 -60.35 25.33 67.42
C ALA J 50 -61.41 24.30 67.77
N ASP J 51 -62.09 24.45 68.90
CA ASP J 51 -63.10 23.51 69.34
C ASP J 51 -64.51 23.90 68.91
N GLY J 52 -64.66 24.96 68.13
CA GLY J 52 -65.96 25.40 67.68
C GLY J 52 -66.69 26.33 68.62
N THR J 53 -66.08 26.70 69.74
CA THR J 53 -66.69 27.65 70.67
C THR J 53 -66.20 29.06 70.38
N LYS J 54 -67.09 30.02 70.55
CA LYS J 54 -66.78 31.40 70.21
C LYS J 54 -65.72 31.97 71.14
N VAL J 55 -64.87 32.83 70.59
CA VAL J 55 -63.76 33.40 71.34
C VAL J 55 -64.29 34.30 72.45
N GLN J 56 -63.56 34.36 73.56
CA GLN J 56 -63.90 35.20 74.69
C GLN J 56 -62.65 35.93 75.16
N ALA J 57 -62.83 36.81 76.15
CA ALA J 57 -61.72 37.62 76.65
C ALA J 57 -60.58 36.73 77.13
N GLY J 58 -59.37 37.10 76.75
CA GLY J 58 -58.19 36.33 77.10
C GLY J 58 -57.87 35.18 76.18
N GLU J 59 -58.73 34.91 75.19
CA GLU J 59 -58.53 33.80 74.26
C GLU J 59 -58.18 34.27 72.86
N GLU J 60 -57.65 35.49 72.72
CA GLU J 60 -57.34 36.00 71.39
C GLU J 60 -56.29 35.15 70.70
N ALA J 61 -55.26 34.70 71.45
CA ALA J 61 -54.21 33.88 70.85
C ALA J 61 -54.76 32.56 70.33
N GLN J 62 -55.93 32.12 70.81
CA GLN J 62 -56.52 30.86 70.41
C GLN J 62 -57.51 31.00 69.25
N ALA J 63 -57.67 32.19 68.69
CA ALA J 63 -58.57 32.39 67.57
C ALA J 63 -58.18 31.46 66.42
N ASP J 64 -59.17 30.80 65.84
CA ASP J 64 -58.93 29.78 64.82
C ASP J 64 -59.53 30.12 63.46
N SER J 65 -60.80 30.52 63.41
CA SER J 65 -61.48 30.71 62.15
C SER J 65 -62.60 31.73 62.33
N VAL J 66 -63.13 32.20 61.20
CA VAL J 66 -64.21 33.18 61.17
C VAL J 66 -65.45 32.48 60.66
N CYS J 67 -66.55 32.58 61.41
CA CYS J 67 -67.78 31.91 61.02
C CYS J 67 -68.30 32.48 59.71
N ILE J 68 -68.97 31.63 58.93
CA ILE J 68 -69.48 32.02 57.62
C ILE J 68 -70.95 31.65 57.40
N VAL J 69 -71.55 30.79 58.22
CA VAL J 69 -72.91 30.33 58.02
C VAL J 69 -73.74 30.70 59.25
N ASN J 70 -74.98 31.11 59.02
CA ASN J 70 -75.90 31.45 60.10
C ASN J 70 -76.58 30.17 60.60
N PHE J 71 -76.42 29.90 61.89
CA PHE J 71 -76.96 28.69 62.51
C PHE J 71 -78.02 29.08 63.52
N TYR J 72 -79.17 28.42 63.46
CA TYR J 72 -80.27 28.69 64.37
C TYR J 72 -80.25 27.66 65.48
N ALA J 73 -80.14 28.12 66.73
CA ALA J 73 -79.96 27.21 67.85
C ALA J 73 -81.16 26.30 68.03
N ASP J 74 -82.36 26.87 68.11
CA ASP J 74 -83.55 26.05 68.34
C ASP J 74 -83.85 25.17 67.13
N LEU J 75 -83.70 25.68 65.92
CA LEU J 75 -83.98 24.89 64.73
C LEU J 75 -82.97 23.77 64.53
N GLN J 76 -81.81 23.85 65.16
CA GLN J 76 -80.77 22.83 65.12
C GLN J 76 -80.17 22.64 63.73
N LEU J 77 -80.40 23.58 62.81
CA LEU J 77 -79.79 23.50 61.49
C LEU J 77 -79.63 24.92 60.95
N SER J 78 -78.70 25.06 60.00
CA SER J 78 -78.39 26.37 59.46
C SER J 78 -79.48 26.83 58.49
N TYR J 79 -79.39 28.09 58.07
CA TYR J 79 -80.40 28.67 57.20
C TYR J 79 -80.40 28.06 55.81
N HIS J 80 -79.38 27.27 55.46
CA HIS J 80 -79.36 26.52 54.21
C HIS J 80 -79.72 25.05 54.41
N GLY J 81 -80.23 24.68 55.58
CA GLY J 81 -80.61 23.29 55.82
C GLY J 81 -79.44 22.33 55.86
N GLN J 82 -78.36 22.72 56.53
CA GLN J 82 -77.20 21.84 56.73
C GLN J 82 -76.80 21.87 58.19
N LEU J 83 -76.15 20.79 58.62
CA LEU J 83 -76.00 20.47 60.04
C LEU J 83 -74.63 20.83 60.60
N LYS J 84 -73.83 21.62 59.90
CA LYS J 84 -72.50 21.95 60.36
C LYS J 84 -72.23 23.44 60.18
N VAL J 85 -71.29 23.95 60.98
CA VAL J 85 -70.85 25.33 60.92
C VAL J 85 -69.53 25.37 60.18
N VAL J 86 -69.40 26.30 59.24
CA VAL J 86 -68.22 26.42 58.39
C VAL J 86 -67.48 27.70 58.75
N GLY J 87 -66.17 27.60 58.93
CA GLY J 87 -65.34 28.75 59.22
C GLY J 87 -64.11 28.77 58.35
N ILE J 88 -63.73 29.97 57.92
CA ILE J 88 -62.57 30.14 57.06
C ILE J 88 -61.30 29.95 57.87
N HIS J 89 -60.36 29.19 57.33
CA HIS J 89 -59.21 28.72 58.09
C HIS J 89 -57.90 29.37 57.70
N ARG J 90 -57.67 29.62 56.41
CA ARG J 90 -56.40 30.18 55.98
C ARG J 90 -56.50 30.61 54.52
N ASP J 91 -55.55 31.45 54.11
CA ASP J 91 -55.38 31.83 52.70
C ASP J 91 -56.65 32.48 52.15
N ALA J 92 -57.01 33.63 52.71
CA ALA J 92 -58.17 34.37 52.23
C ALA J 92 -58.04 35.83 52.63
N GLU J 93 -58.82 36.67 51.97
CA GLU J 93 -58.95 38.08 52.31
C GLU J 93 -60.41 38.39 52.59
N LEU J 94 -60.67 39.09 53.69
CA LEU J 94 -62.01 39.29 54.18
C LEU J 94 -62.25 40.77 54.46
N LYS J 95 -63.52 41.18 54.43
CA LYS J 95 -63.88 42.52 54.83
C LYS J 95 -63.68 42.68 56.33
N ASP J 96 -63.44 43.93 56.75
CA ASP J 96 -63.22 44.24 58.16
C ASP J 96 -64.56 44.43 58.87
N LEU J 97 -65.25 43.31 59.06
CA LEU J 97 -66.57 43.29 59.69
C LEU J 97 -66.64 42.19 60.74
N LEU J 98 -65.58 42.04 61.54
CA LEU J 98 -65.56 41.01 62.57
C LEU J 98 -66.56 41.33 63.67
N THR J 99 -67.13 40.29 64.25
CA THR J 99 -67.98 40.39 65.43
C THR J 99 -67.25 39.74 66.60
N LEU J 100 -67.02 40.53 67.65
CA LEU J 100 -66.22 40.11 68.79
C LEU J 100 -67.04 40.16 70.07
N GLU J 101 -66.85 39.16 70.92
CA GLU J 101 -67.52 39.14 72.20
C GLU J 101 -67.11 40.35 73.04
N ALA J 102 -67.85 40.59 74.12
CA ALA J 102 -67.60 41.74 74.95
C ALA J 102 -66.19 41.71 75.53
N SER J 103 -65.52 42.86 75.51
CA SER J 103 -64.20 43.08 76.11
C SER J 103 -63.10 42.29 75.41
N VAL J 104 -63.29 41.91 74.15
CA VAL J 104 -62.27 41.16 73.42
C VAL J 104 -61.50 42.13 72.54
N ASP J 105 -60.18 42.15 72.70
CA ASP J 105 -59.32 43.01 71.88
C ASP J 105 -59.35 42.55 70.43
N ALA J 106 -59.40 43.52 69.51
CA ALA J 106 -59.42 43.22 68.09
C ALA J 106 -58.00 43.08 67.51
N ALA J 107 -57.05 43.87 68.01
CA ALA J 107 -55.70 43.82 67.47
C ALA J 107 -55.06 42.45 67.68
N ALA J 108 -55.22 41.90 68.89
CA ALA J 108 -54.64 40.58 69.17
C ALA J 108 -55.25 39.52 68.26
N VAL J 109 -56.57 39.55 68.07
CA VAL J 109 -57.22 38.56 67.21
C VAL J 109 -56.73 38.71 65.79
N LYS J 110 -56.62 39.96 65.30
CA LYS J 110 -56.14 40.17 63.94
C LYS J 110 -54.71 39.67 63.76
N THR J 111 -53.84 39.94 64.73
CA THR J 111 -52.48 39.44 64.64
C THR J 111 -52.44 37.92 64.65
N ALA J 112 -53.26 37.29 65.49
CA ALA J 112 -53.29 35.84 65.55
C ALA J 112 -53.76 35.25 64.22
N LEU J 113 -54.82 35.81 63.64
CA LEU J 113 -55.33 35.30 62.38
C LEU J 113 -54.39 35.64 61.22
N ALA J 114 -53.75 36.81 61.26
CA ALA J 114 -52.86 37.20 60.19
C ALA J 114 -51.70 36.23 60.04
N ALA J 115 -51.26 35.62 61.14
CA ALA J 115 -50.17 34.64 61.06
C ALA J 115 -50.55 33.43 60.24
N LYS J 116 -51.84 33.11 60.14
CA LYS J 116 -52.30 31.95 59.38
C LYS J 116 -52.57 32.28 57.91
N GLY J 117 -52.40 33.52 57.49
CA GLY J 117 -52.59 33.88 56.10
C GLY J 117 -53.96 34.47 55.82
N ILE J 118 -54.45 35.31 56.73
CA ILE J 118 -55.74 35.99 56.57
C ILE J 118 -55.47 37.49 56.63
N ASP J 119 -55.90 38.20 55.60
CA ASP J 119 -55.72 39.64 55.50
C ASP J 119 -57.06 40.32 55.39
N PHE J 120 -57.16 41.52 55.96
CA PHE J 120 -58.39 42.30 55.96
C PHE J 120 -58.23 43.53 55.08
N VAL J 121 -59.06 43.62 54.05
CA VAL J 121 -59.04 44.79 53.18
C VAL J 121 -59.75 45.94 53.88
N PRO J 122 -59.14 47.12 53.97
CA PRO J 122 -59.79 48.22 54.70
C PRO J 122 -61.17 48.53 54.11
N THR J 123 -62.13 48.76 55.00
CA THR J 123 -63.48 49.11 54.61
C THR J 123 -64.05 50.10 55.62
N GLY J 124 -65.02 50.90 55.17
CA GLY J 124 -65.64 51.86 56.06
C GLY J 124 -66.88 52.44 55.44
N LEU J 125 -67.62 53.18 56.28
CA LEU J 125 -68.82 53.87 55.85
C LEU J 125 -68.66 55.37 56.05
N ALA K 2 -18.92 68.83 18.55
CA ALA K 2 -18.75 69.62 19.76
C ALA K 2 -17.27 69.85 20.05
N TYR K 3 -17.01 70.76 20.98
CA TYR K 3 -15.64 71.03 21.41
C TYR K 3 -15.05 69.77 22.03
N GLN K 4 -14.01 69.24 21.40
CA GLN K 4 -13.44 67.91 21.66
C GLN K 4 -14.26 66.80 21.01
N GLY K 5 -15.25 67.15 20.20
CA GLY K 5 -15.97 66.17 19.40
C GLY K 5 -17.11 65.46 20.10
N PHE K 6 -16.79 64.52 20.98
CA PHE K 6 -17.78 63.60 21.50
C PHE K 6 -18.77 64.29 22.42
N THR K 7 -20.04 63.88 22.33
CA THR K 7 -21.07 64.29 23.26
C THR K 7 -21.89 63.06 23.63
N LYS K 8 -22.40 63.05 24.86
CA LYS K 8 -23.12 61.90 25.38
C LYS K 8 -24.36 62.39 26.13
N LEU K 9 -25.48 61.67 25.96
CA LEU K 9 -26.74 62.07 26.55
C LEU K 9 -27.25 61.06 27.58
N GLY K 10 -26.42 60.11 28.00
CA GLY K 10 -26.80 59.18 29.04
C GLY K 10 -27.43 57.91 28.51
N ASN K 11 -27.52 56.92 29.39
CA ASN K 11 -28.11 55.63 29.06
C ASN K 11 -29.53 55.53 29.61
N ARG K 12 -30.24 54.52 29.12
CA ARG K 12 -31.61 54.29 29.58
C ARG K 12 -31.59 53.58 30.93
N GLU K 13 -32.51 53.98 31.81
CA GLU K 13 -32.63 53.36 33.12
C GLU K 13 -33.21 51.95 32.97
N PRO K 14 -32.90 51.06 33.90
CA PRO K 14 -33.45 49.69 33.81
C PRO K 14 -34.97 49.71 33.95
N LEU K 15 -35.63 48.83 33.18
CA LEU K 15 -37.07 48.75 33.21
C LEU K 15 -37.53 47.72 34.25
N ASN K 16 -38.80 47.79 34.60
CA ASN K 16 -39.39 46.86 35.57
C ASN K 16 -39.91 45.65 34.82
N ASP K 17 -39.07 44.62 34.73
CA ASP K 17 -39.45 43.35 34.11
C ASP K 17 -38.96 42.15 34.93
N ILE K 18 -38.56 42.37 36.18
CA ILE K 18 -38.01 41.29 36.99
C ILE K 18 -39.06 40.24 37.28
N ILE K 19 -40.31 40.63 37.46
CA ILE K 19 -41.35 39.71 37.92
C ILE K 19 -41.65 38.70 36.82
N LEU K 20 -41.60 37.42 37.18
CA LEU K 20 -42.03 36.35 36.29
C LEU K 20 -43.37 35.74 36.71
N TRP K 21 -43.62 35.63 38.01
CA TRP K 21 -44.90 35.15 38.51
C TRP K 21 -45.12 35.71 39.90
N GLU K 22 -46.33 36.17 40.16
CA GLU K 22 -46.69 36.69 41.48
C GLU K 22 -48.12 36.29 41.78
N GLN K 23 -48.45 36.25 43.07
CA GLN K 23 -49.78 35.87 43.53
C GLN K 23 -50.73 37.03 43.28
N ILE K 24 -51.39 36.99 42.12
CA ILE K 24 -52.30 38.06 41.74
C ILE K 24 -53.53 38.01 42.63
N THR K 25 -53.83 39.12 43.28
CA THR K 25 -54.98 39.22 44.17
C THR K 25 -55.54 40.63 44.06
N PRO K 26 -56.80 40.85 44.42
CA PRO K 26 -57.37 42.20 44.30
C PRO K 26 -56.63 43.24 45.11
N THR K 27 -56.00 42.86 46.22
CA THR K 27 -55.35 43.80 47.13
C THR K 27 -53.84 43.84 46.98
N GLY K 28 -53.27 43.24 45.94
CA GLY K 28 -51.84 43.24 45.78
C GLY K 28 -51.13 42.51 46.88
N HIS K 29 -51.57 41.29 47.16
CA HIS K 29 -51.06 40.47 48.25
C HIS K 29 -49.54 40.45 48.34
N SER K 30 -48.86 40.48 47.19
CA SER K 30 -47.43 40.23 47.16
C SER K 30 -46.58 41.49 47.24
N ARG K 31 -47.19 42.68 47.28
CA ARG K 31 -46.46 43.93 47.23
C ARG K 31 -46.68 44.77 48.48
N LYS K 32 -45.64 45.49 48.88
CA LYS K 32 -45.68 46.42 50.00
C LYS K 32 -45.05 47.73 49.58
N GLU K 33 -45.50 48.82 50.19
CA GLU K 33 -45.06 50.17 49.84
C GLU K 33 -44.25 50.76 50.98
N TYR K 34 -43.13 51.40 50.63
CA TYR K 34 -42.23 52.01 51.61
C TYR K 34 -42.16 53.50 51.38
N THR K 35 -41.97 54.26 52.45
CA THR K 35 -41.74 55.69 52.32
C THR K 35 -40.27 55.94 51.99
N PRO K 36 -39.96 56.69 50.95
CA PRO K 36 -38.56 56.86 50.55
C PRO K 36 -37.79 57.69 51.57
N GLN K 37 -36.57 57.23 51.87
CA GLN K 37 -35.71 57.97 52.78
C GLN K 37 -35.12 59.19 52.08
N ALA K 38 -34.74 60.17 52.90
CA ALA K 38 -34.23 61.42 52.35
C ALA K 38 -32.87 61.23 51.69
N SER K 39 -32.65 61.98 50.61
CA SER K 39 -31.36 62.02 49.92
C SER K 39 -30.87 60.64 49.55
N THR K 40 -31.77 59.80 49.03
CA THR K 40 -31.40 58.48 48.55
C THR K 40 -32.13 58.21 47.24
N GLU K 41 -31.46 57.47 46.35
CA GLU K 41 -32.01 57.14 45.04
C GLU K 41 -32.18 55.63 44.93
N TYR K 42 -33.35 55.22 44.45
CA TYR K 42 -33.69 53.80 44.32
C TYR K 42 -33.79 53.41 42.86
N ARG K 43 -33.39 52.17 42.57
CA ARG K 43 -33.43 51.62 41.24
C ARG K 43 -33.89 50.17 41.31
N VAL K 44 -34.41 49.67 40.20
CA VAL K 44 -34.94 48.31 40.16
C VAL K 44 -33.81 47.33 40.47
N GLY K 45 -34.10 46.36 41.34
CA GLY K 45 -33.14 45.34 41.69
C GLY K 45 -32.43 45.54 43.01
N GLU K 46 -32.80 46.56 43.79
CA GLU K 46 -32.16 46.80 45.07
C GLU K 46 -32.94 46.13 46.19
N VAL K 47 -32.24 45.81 47.28
CA VAL K 47 -32.81 45.14 48.43
C VAL K 47 -32.99 46.17 49.54
N LEU K 48 -34.19 46.22 50.11
CA LEU K 48 -34.56 47.20 51.12
C LEU K 48 -34.78 46.52 52.46
N LYS K 49 -34.40 47.21 53.53
CA LYS K 49 -34.70 46.74 54.88
C LYS K 49 -36.17 46.97 55.19
N ALA K 50 -36.60 46.45 56.35
CA ALA K 50 -37.99 46.62 56.77
C ALA K 50 -38.36 48.09 56.94
N ASP K 51 -37.39 48.97 57.18
CA ASP K 51 -37.65 50.38 57.37
C ASP K 51 -37.50 51.20 56.10
N GLY K 52 -37.27 50.56 54.96
CA GLY K 52 -37.11 51.25 53.70
C GLY K 52 -35.69 51.63 53.35
N THR K 53 -34.73 51.41 54.24
CA THR K 53 -33.34 51.72 53.95
C THR K 53 -32.67 50.52 53.29
N LYS K 54 -31.69 50.81 52.44
CA LYS K 54 -31.02 49.76 51.69
C LYS K 54 -30.20 48.86 52.61
N VAL K 55 -30.17 47.57 52.30
CA VAL K 55 -29.40 46.62 53.09
C VAL K 55 -27.92 46.81 52.82
N GLN K 56 -27.14 46.95 53.87
CA GLN K 56 -25.69 47.08 53.78
C GLN K 56 -25.03 45.85 54.42
N ALA K 57 -23.71 45.83 54.38
CA ALA K 57 -22.97 44.68 54.89
C ALA K 57 -23.18 44.53 56.39
N GLY K 58 -23.34 43.28 56.83
CA GLY K 58 -23.50 42.97 58.23
C GLY K 58 -24.92 42.75 58.69
N GLU K 59 -25.92 42.99 57.84
CA GLU K 59 -27.30 42.76 58.23
C GLU K 59 -28.10 42.06 57.13
N GLU K 60 -27.49 41.13 56.40
CA GLU K 60 -28.22 40.41 55.36
C GLU K 60 -29.44 39.70 55.91
N ALA K 61 -29.40 39.30 57.19
CA ALA K 61 -30.53 38.61 57.79
C ALA K 61 -31.76 39.50 57.89
N GLN K 62 -31.60 40.82 57.75
CA GLN K 62 -32.70 41.75 57.87
C GLN K 62 -33.32 42.13 56.53
N ALA K 63 -32.90 41.49 55.45
CA ALA K 63 -33.48 41.79 54.14
C ALA K 63 -34.98 41.55 54.18
N ASP K 64 -35.73 42.49 53.61
CA ASP K 64 -37.19 42.45 53.68
C ASP K 64 -37.86 42.38 52.32
N SER K 65 -37.39 43.14 51.33
CA SER K 65 -38.08 43.22 50.06
C SER K 65 -37.11 43.68 48.99
N VAL K 66 -37.53 43.52 47.73
CA VAL K 66 -36.75 43.90 46.56
C VAL K 66 -37.43 45.08 45.89
N CYS K 67 -36.65 46.10 45.55
CA CYS K 67 -37.20 47.29 44.94
C CYS K 67 -37.79 46.96 43.57
N ILE K 68 -38.79 47.74 43.16
CA ILE K 68 -39.50 47.50 41.90
C ILE K 68 -39.64 48.76 41.07
N VAL K 69 -39.20 49.92 41.58
CA VAL K 69 -39.40 51.19 40.89
C VAL K 69 -38.08 51.97 40.89
N ASN K 70 -38.01 52.94 39.99
CA ASN K 70 -36.88 53.87 39.92
C ASN K 70 -37.31 55.19 40.53
N PHE K 71 -36.54 55.65 41.52
CA PHE K 71 -36.90 56.83 42.30
C PHE K 71 -35.78 57.85 42.20
N TYR K 72 -36.16 59.13 42.04
CA TYR K 72 -35.22 60.22 41.91
C TYR K 72 -35.21 61.04 43.20
N ALA K 73 -34.01 61.31 43.72
CA ALA K 73 -33.90 62.03 44.98
C ALA K 73 -34.31 63.49 44.85
N ASP K 74 -33.80 64.18 43.82
CA ASP K 74 -34.08 65.61 43.69
C ASP K 74 -35.57 65.86 43.48
N LEU K 75 -36.19 65.08 42.59
CA LEU K 75 -37.63 65.24 42.36
C LEU K 75 -38.46 64.71 43.52
N GLN K 76 -37.91 63.78 44.33
CA GLN K 76 -38.70 63.09 45.34
C GLN K 76 -39.91 62.43 44.71
N LEU K 77 -39.73 61.91 43.50
CA LEU K 77 -40.83 61.40 42.70
C LEU K 77 -40.32 60.25 41.84
N SER K 78 -41.10 59.18 41.77
CA SER K 78 -40.72 58.03 40.98
C SER K 78 -40.84 58.35 39.49
N TYR K 79 -40.28 57.46 38.66
CA TYR K 79 -40.32 57.66 37.22
C TYR K 79 -41.74 57.54 36.66
N HIS K 80 -42.68 57.02 37.45
CA HIS K 80 -44.09 56.97 37.07
C HIS K 80 -44.92 58.05 37.76
N GLY K 81 -44.28 59.05 38.36
CA GLY K 81 -45.01 60.13 39.00
C GLY K 81 -45.80 59.71 40.22
N GLN K 82 -45.20 58.92 41.11
CA GLN K 82 -45.84 58.53 42.36
C GLN K 82 -44.88 58.79 43.52
N LEU K 83 -45.47 58.95 44.71
CA LEU K 83 -44.74 59.49 45.85
C LEU K 83 -44.04 58.45 46.71
N LYS K 84 -44.33 57.16 46.52
CA LYS K 84 -43.83 56.12 47.40
C LYS K 84 -43.10 55.04 46.62
N VAL K 85 -42.15 54.41 47.29
CA VAL K 85 -41.43 53.27 46.72
C VAL K 85 -42.23 52.00 47.00
N VAL K 86 -42.09 51.02 46.11
CA VAL K 86 -42.81 49.76 46.20
C VAL K 86 -41.81 48.62 46.14
N GLY K 87 -42.06 47.56 46.90
CA GLY K 87 -41.18 46.41 46.91
C GLY K 87 -41.90 45.10 47.15
N ILE K 88 -41.47 44.04 46.46
CA ILE K 88 -42.06 42.72 46.64
C ILE K 88 -41.40 42.06 47.84
N HIS K 89 -42.22 41.52 48.74
CA HIS K 89 -41.72 40.94 49.98
C HIS K 89 -42.21 39.53 50.27
N ARG K 90 -42.96 38.90 49.35
CA ARG K 90 -43.38 37.53 49.56
C ARG K 90 -44.09 37.00 48.32
N ASP K 91 -44.04 35.69 48.15
CA ASP K 91 -44.80 34.98 47.13
C ASP K 91 -44.57 35.55 45.74
N ALA K 92 -43.32 35.42 45.27
CA ALA K 92 -42.97 35.90 43.94
C ALA K 92 -41.80 35.11 43.40
N GLU K 93 -41.67 35.13 42.07
CA GLU K 93 -40.52 34.59 41.37
C GLU K 93 -39.88 35.72 40.57
N LEU K 94 -38.57 35.90 40.75
CA LEU K 94 -37.87 37.05 40.22
C LEU K 94 -36.65 36.63 39.41
N LYS K 95 -36.32 37.45 38.42
CA LYS K 95 -35.07 37.26 37.69
C LYS K 95 -33.88 37.52 38.61
N ASP K 96 -32.82 36.73 38.44
CA ASP K 96 -31.63 36.86 39.27
C ASP K 96 -30.81 38.04 38.79
N LEU K 97 -31.27 39.24 39.12
CA LEU K 97 -30.61 40.48 38.74
C LEU K 97 -30.56 41.44 39.92
N LEU K 98 -30.27 40.93 41.11
CA LEU K 98 -30.20 41.77 42.29
C LEU K 98 -29.01 42.71 42.22
N THR K 99 -29.16 43.87 42.85
CA THR K 99 -28.08 44.84 43.01
C THR K 99 -27.84 45.01 44.51
N LEU K 100 -26.59 44.83 44.93
CA LEU K 100 -26.24 44.82 46.34
C LEU K 100 -25.12 45.81 46.62
N GLU K 101 -25.11 46.34 47.84
CA GLU K 101 -24.08 47.26 48.25
C GLU K 101 -22.75 46.53 48.39
N ALA K 102 -21.70 47.30 48.64
CA ALA K 102 -20.36 46.73 48.72
C ALA K 102 -20.25 45.70 49.82
N SER K 103 -19.65 44.56 49.50
CA SER K 103 -19.32 43.49 50.45
C SER K 103 -20.56 42.80 51.00
N VAL K 104 -21.73 42.98 50.38
CA VAL K 104 -22.94 42.29 50.82
C VAL K 104 -22.93 40.88 50.28
N ASP K 105 -23.21 39.90 51.15
CA ASP K 105 -23.21 38.50 50.76
C ASP K 105 -24.50 38.20 50.00
N ALA K 106 -24.37 37.94 48.70
CA ALA K 106 -25.56 37.65 47.89
C ALA K 106 -26.25 36.38 48.36
N ALA K 107 -25.48 35.34 48.67
CA ALA K 107 -26.08 34.08 49.10
C ALA K 107 -26.85 34.24 50.40
N ALA K 108 -26.31 35.00 51.36
CA ALA K 108 -27.02 35.23 52.61
C ALA K 108 -28.34 35.96 52.36
N VAL K 109 -28.32 36.97 51.49
CA VAL K 109 -29.54 37.70 51.19
C VAL K 109 -30.56 36.79 50.54
N LYS K 110 -30.11 35.95 49.59
CA LYS K 110 -31.03 35.04 48.92
C LYS K 110 -31.64 34.06 49.91
N THR K 111 -30.83 33.53 50.83
CA THR K 111 -31.38 32.63 51.84
C THR K 111 -32.36 33.34 52.75
N ALA K 112 -32.08 34.58 53.13
CA ALA K 112 -32.99 35.33 53.98
C ALA K 112 -34.32 35.57 53.28
N LEU K 113 -34.28 35.92 52.00
CA LEU K 113 -35.51 36.18 51.26
C LEU K 113 -36.25 34.90 50.92
N ALA K 114 -35.53 33.78 50.78
CA ALA K 114 -36.19 32.52 50.46
C ALA K 114 -37.16 32.11 51.55
N ALA K 115 -36.91 32.52 52.79
CA ALA K 115 -37.80 32.19 53.89
C ALA K 115 -39.19 32.78 53.72
N LYS K 116 -39.31 33.90 53.02
CA LYS K 116 -40.58 34.57 52.81
C LYS K 116 -41.28 34.11 51.54
N GLY K 117 -40.73 33.11 50.83
CA GLY K 117 -41.38 32.60 49.65
C GLY K 117 -40.99 33.27 48.36
N ILE K 118 -39.79 33.84 48.29
CA ILE K 118 -39.29 34.48 47.09
C ILE K 118 -38.23 33.59 46.48
N ASP K 119 -38.38 33.26 45.20
CA ASP K 119 -37.44 32.42 44.48
C ASP K 119 -36.85 33.18 43.31
N PHE K 120 -35.61 32.86 42.98
CA PHE K 120 -34.87 33.51 41.91
C PHE K 120 -34.62 32.52 40.77
N VAL K 121 -34.87 32.95 39.55
CA VAL K 121 -34.68 32.12 38.36
C VAL K 121 -33.34 32.49 37.74
N PRO K 122 -32.51 31.51 37.37
CA PRO K 122 -31.24 31.84 36.72
C PRO K 122 -31.46 32.66 35.45
N THR K 123 -30.57 33.62 35.21
CA THR K 123 -30.65 34.50 34.07
C THR K 123 -29.47 34.27 33.14
N GLY K 124 -29.72 34.38 31.84
CA GLY K 124 -28.68 34.21 30.85
C GLY K 124 -27.75 35.40 30.78
N LEU K 125 -26.70 35.24 30.00
CA LEU K 125 -25.70 36.29 29.84
C LEU K 125 -26.31 37.51 29.13
N ALA L 2 -43.99 -25.02 38.27
CA ALA L 2 -42.88 -24.35 38.94
C ALA L 2 -42.75 -24.84 40.37
N TYR L 3 -41.53 -24.74 40.91
CA TYR L 3 -41.30 -25.11 42.31
C TYR L 3 -42.23 -24.31 43.22
N GLN L 4 -42.80 -24.99 44.20
CA GLN L 4 -43.85 -24.47 45.07
C GLN L 4 -45.16 -24.21 44.33
N GLY L 5 -45.24 -24.61 43.05
CA GLY L 5 -46.49 -24.62 42.33
C GLY L 5 -46.97 -23.28 41.80
N PHE L 6 -46.23 -22.19 42.01
CA PHE L 6 -46.66 -20.89 41.55
C PHE L 6 -45.46 -19.96 41.43
N THR L 7 -45.60 -18.96 40.55
CA THR L 7 -44.61 -17.91 40.38
C THR L 7 -45.32 -16.60 40.14
N LYS L 8 -44.84 -15.54 40.80
CA LYS L 8 -45.43 -14.21 40.69
C LYS L 8 -44.36 -13.25 40.16
N LEU L 9 -44.69 -12.53 39.10
CA LEU L 9 -43.74 -11.62 38.47
C LEU L 9 -43.75 -10.23 39.08
N GLY L 10 -44.68 -9.94 39.98
CA GLY L 10 -44.70 -8.66 40.66
C GLY L 10 -45.80 -7.75 40.14
N ASN L 11 -46.29 -6.88 41.02
CA ASN L 11 -47.33 -5.95 40.66
C ASN L 11 -46.75 -4.71 39.96
N ARG L 12 -47.61 -4.01 39.22
CA ARG L 12 -47.19 -2.78 38.57
C ARG L 12 -46.82 -1.73 39.61
N GLU L 13 -45.79 -0.96 39.31
CA GLU L 13 -45.39 0.11 40.22
C GLU L 13 -46.50 1.16 40.29
N PRO L 14 -46.66 1.83 41.44
CA PRO L 14 -47.72 2.84 41.55
C PRO L 14 -47.52 3.97 40.57
N LEU L 15 -48.59 4.35 39.89
CA LEU L 15 -48.53 5.43 38.92
C LEU L 15 -48.59 6.79 39.63
N ASN L 16 -48.12 7.82 38.93
CA ASN L 16 -48.08 9.18 39.46
C ASN L 16 -49.43 9.84 39.18
N ASP L 17 -50.40 9.55 40.05
CA ASP L 17 -51.75 10.10 39.95
C ASP L 17 -52.30 10.57 41.28
N ILE L 18 -51.47 10.67 42.32
CA ILE L 18 -51.95 11.07 43.64
C ILE L 18 -52.20 12.57 43.73
N ILE L 19 -51.72 13.34 42.76
CA ILE L 19 -51.83 14.79 42.83
C ILE L 19 -53.21 15.21 42.33
N LEU L 20 -53.98 15.88 43.20
CA LEU L 20 -55.27 16.43 42.82
C LEU L 20 -55.18 17.91 42.49
N TRP L 21 -54.33 18.64 43.20
CA TRP L 21 -54.16 20.06 42.97
C TRP L 21 -52.78 20.48 43.47
N GLU L 22 -52.20 21.47 42.80
CA GLU L 22 -50.90 21.99 43.18
C GLU L 22 -50.77 23.42 42.65
N GLN L 23 -49.81 24.15 43.22
CA GLN L 23 -49.56 25.53 42.80
C GLN L 23 -48.80 25.54 41.48
N ILE L 24 -49.54 25.54 40.37
CA ILE L 24 -48.89 25.47 39.06
C ILE L 24 -48.34 26.83 38.70
N THR L 25 -47.01 26.93 38.67
CA THR L 25 -46.33 28.16 38.27
C THR L 25 -45.07 27.76 37.50
N PRO L 26 -44.54 28.64 36.67
CA PRO L 26 -43.29 28.34 35.98
C PRO L 26 -42.18 28.05 36.98
N THR L 27 -41.31 27.10 36.64
CA THR L 27 -40.19 26.66 37.46
C THR L 27 -40.62 25.76 38.62
N GLY L 28 -41.87 25.29 38.62
CA GLY L 28 -42.32 24.35 39.63
C GLY L 28 -42.17 24.86 41.05
N HIS L 29 -42.98 25.86 41.42
CA HIS L 29 -42.88 26.44 42.76
C HIS L 29 -43.16 25.40 43.84
N SER L 30 -43.96 24.38 43.54
CA SER L 30 -44.37 23.41 44.54
C SER L 30 -43.56 22.13 44.52
N ARG L 31 -42.48 22.07 43.75
CA ARG L 31 -41.67 20.86 43.62
C ARG L 31 -40.22 21.15 43.96
N LYS L 32 -39.56 20.15 44.54
CA LYS L 32 -38.15 20.24 44.91
C LYS L 32 -37.44 18.97 44.48
N GLU L 33 -36.13 19.07 44.24
CA GLU L 33 -35.34 17.94 43.79
C GLU L 33 -34.47 17.40 44.92
N TYR L 34 -34.19 16.09 44.86
CA TYR L 34 -33.34 15.43 45.83
C TYR L 34 -32.30 14.59 45.09
N THR L 35 -31.15 14.42 45.73
CA THR L 35 -30.08 13.62 45.14
C THR L 35 -30.19 12.17 45.63
N PRO L 36 -30.32 11.20 44.73
CA PRO L 36 -30.39 9.80 45.18
C PRO L 36 -29.07 9.37 45.80
N GLN L 37 -29.17 8.47 46.78
CA GLN L 37 -27.98 8.04 47.51
C GLN L 37 -28.21 6.66 48.10
N ALA L 38 -27.10 5.97 48.39
CA ALA L 38 -27.11 4.70 49.11
C ALA L 38 -27.90 3.63 48.37
N SER L 39 -27.97 3.71 47.04
CA SER L 39 -28.66 2.72 46.23
C SER L 39 -30.09 2.48 46.72
N THR L 40 -30.71 3.50 47.29
CA THR L 40 -32.04 3.35 47.86
C THR L 40 -33.09 3.34 46.76
N GLU L 41 -34.02 2.40 46.84
CA GLU L 41 -35.12 2.35 45.88
C GLU L 41 -36.23 3.31 46.33
N TYR L 42 -36.74 4.09 45.38
CA TYR L 42 -37.77 5.07 45.64
C TYR L 42 -39.05 4.72 44.88
N ARG L 43 -40.19 4.94 45.52
CA ARG L 43 -41.48 4.68 44.92
C ARG L 43 -42.43 5.81 45.29
N VAL L 44 -43.44 6.01 44.44
CA VAL L 44 -44.38 7.10 44.65
C VAL L 44 -45.08 6.94 46.00
N GLY L 45 -45.33 8.07 46.66
CA GLY L 45 -46.02 8.07 47.93
C GLY L 45 -45.14 7.95 49.15
N GLU L 46 -43.83 7.78 48.98
CA GLU L 46 -42.92 7.68 50.10
C GLU L 46 -42.58 9.07 50.65
N VAL L 47 -42.29 9.12 51.94
CA VAL L 47 -41.96 10.36 52.64
C VAL L 47 -40.45 10.43 52.81
N LEU L 48 -39.88 11.58 52.49
CA LEU L 48 -38.44 11.78 52.51
C LEU L 48 -38.06 12.89 53.49
N LYS L 49 -36.89 12.76 54.08
CA LYS L 49 -36.36 13.79 54.97
C LYS L 49 -35.73 14.92 54.15
N ALA L 50 -35.22 15.93 54.87
CA ALA L 50 -34.57 17.04 54.20
C ALA L 50 -33.30 16.62 53.48
N ASP L 51 -32.67 15.54 53.90
CA ASP L 51 -31.42 15.07 53.30
C ASP L 51 -31.66 14.07 52.16
N GLY L 52 -32.90 13.81 51.78
CA GLY L 52 -33.19 12.89 50.71
C GLY L 52 -33.39 11.45 51.15
N THR L 53 -33.26 11.15 52.44
CA THR L 53 -33.48 9.81 52.94
C THR L 53 -34.93 9.65 53.41
N LYS L 54 -35.36 8.39 53.49
CA LYS L 54 -36.74 8.09 53.87
C LYS L 54 -36.93 8.27 55.37
N VAL L 55 -38.09 8.81 55.74
CA VAL L 55 -38.42 8.99 57.16
C VAL L 55 -38.54 7.63 57.82
N GLN L 56 -38.13 7.56 59.08
CA GLN L 56 -38.17 6.33 59.85
C GLN L 56 -38.79 6.60 61.22
N ALA L 57 -39.05 5.52 61.94
CA ALA L 57 -39.69 5.63 63.25
C ALA L 57 -38.81 6.44 64.20
N GLY L 58 -39.47 7.27 65.03
CA GLY L 58 -38.78 8.10 65.99
C GLY L 58 -38.36 9.46 65.48
N GLU L 59 -38.54 9.74 64.19
CA GLU L 59 -38.16 11.01 63.60
C GLU L 59 -39.25 11.52 62.64
N GLU L 60 -40.52 11.32 63.01
CA GLU L 60 -41.61 11.76 62.15
C GLU L 60 -41.64 13.28 62.02
N ALA L 61 -41.13 14.00 63.02
CA ALA L 61 -41.13 15.45 62.98
C ALA L 61 -40.23 16.00 61.88
N GLN L 62 -39.34 15.19 61.31
CA GLN L 62 -38.42 15.63 60.28
C GLN L 62 -38.97 15.45 58.87
N ALA L 63 -40.22 15.02 58.73
CA ALA L 63 -40.79 14.84 57.40
C ALA L 63 -40.75 16.14 56.63
N ASP L 64 -40.30 16.06 55.37
CA ASP L 64 -40.10 17.23 54.53
C ASP L 64 -40.95 17.24 53.27
N SER L 65 -41.01 16.13 52.54
CA SER L 65 -41.72 16.11 51.26
C SER L 65 -42.12 14.68 50.94
N VAL L 66 -43.02 14.57 49.96
CA VAL L 66 -43.54 13.28 49.52
C VAL L 66 -42.97 12.98 48.14
N CYS L 67 -42.46 11.76 47.97
CA CYS L 67 -41.88 11.36 46.70
C CYS L 67 -42.94 11.33 45.61
N ILE L 68 -42.51 11.58 44.38
CA ILE L 68 -43.41 11.66 43.24
C ILE L 68 -42.94 10.81 42.05
N VAL L 69 -41.72 10.30 42.07
CA VAL L 69 -41.17 9.53 40.96
C VAL L 69 -40.62 8.22 41.47
N ASN L 70 -40.59 7.22 40.59
CA ASN L 70 -39.99 5.93 40.90
C ASN L 70 -38.54 5.90 40.43
N PHE L 71 -37.63 5.49 41.31
CA PHE L 71 -36.21 5.50 41.02
C PHE L 71 -35.65 4.10 41.24
N TYR L 72 -34.79 3.66 40.33
CA TYR L 72 -34.15 2.35 40.41
C TYR L 72 -32.69 2.54 40.80
N ALA L 73 -32.25 1.82 41.83
CA ALA L 73 -30.90 1.98 42.34
C ALA L 73 -29.85 1.47 41.36
N ASP L 74 -30.02 0.27 40.83
CA ASP L 74 -29.00 -0.30 39.94
C ASP L 74 -28.87 0.51 38.65
N LEU L 75 -29.99 0.94 38.06
CA LEU L 75 -29.91 1.80 36.89
C LEU L 75 -29.41 3.19 37.24
N GLN L 76 -29.67 3.64 38.48
CA GLN L 76 -29.34 5.00 38.89
C GLN L 76 -30.09 6.01 38.02
N LEU L 77 -31.30 5.66 37.61
CA LEU L 77 -32.13 6.51 36.77
C LEU L 77 -33.58 6.35 37.18
N SER L 78 -34.36 7.41 36.99
CA SER L 78 -35.78 7.35 37.25
C SER L 78 -36.48 6.53 36.16
N TYR L 79 -37.74 6.18 36.42
CA TYR L 79 -38.49 5.40 35.45
C TYR L 79 -38.77 6.19 34.18
N HIS L 80 -38.57 7.51 34.20
CA HIS L 80 -38.66 8.34 33.01
C HIS L 80 -37.28 8.69 32.44
N GLY L 81 -36.23 8.04 32.93
CA GLY L 81 -34.90 8.32 32.43
C GLY L 81 -34.26 9.58 32.95
N GLN L 82 -34.71 10.08 34.10
CA GLN L 82 -34.14 11.29 34.68
C GLN L 82 -33.08 10.94 35.73
N LEU L 83 -32.27 11.94 36.07
CA LEU L 83 -31.12 11.72 36.93
C LEU L 83 -31.41 11.93 38.41
N LYS L 84 -32.45 12.68 38.75
CA LYS L 84 -32.68 13.14 40.12
C LYS L 84 -34.08 12.76 40.59
N VAL L 85 -34.22 12.65 41.90
CA VAL L 85 -35.51 12.38 42.52
C VAL L 85 -36.23 13.70 42.77
N VAL L 86 -37.56 13.66 42.71
CA VAL L 86 -38.40 14.84 42.88
C VAL L 86 -39.47 14.53 43.92
N GLY L 87 -39.95 15.58 44.58
CA GLY L 87 -41.00 15.43 45.58
C GLY L 87 -41.77 16.73 45.76
N ILE L 88 -42.92 16.60 46.39
CA ILE L 88 -43.80 17.74 46.67
C ILE L 88 -43.61 18.12 48.13
N HIS L 89 -43.28 19.40 48.37
CA HIS L 89 -42.94 19.87 49.70
C HIS L 89 -43.79 21.03 50.20
N ARG L 90 -44.74 21.52 49.42
CA ARG L 90 -45.63 22.58 49.90
C ARG L 90 -46.74 22.82 48.90
N ASP L 91 -47.89 23.25 49.42
CA ASP L 91 -49.00 23.76 48.63
C ASP L 91 -49.47 22.73 47.60
N ALA L 92 -49.99 21.62 48.13
CA ALA L 92 -50.52 20.56 47.28
C ALA L 92 -51.62 19.81 48.02
N GLU L 93 -52.52 19.21 47.24
CA GLU L 93 -53.54 18.31 47.75
C GLU L 93 -53.29 16.94 47.15
N LEU L 94 -53.23 15.92 47.99
CA LEU L 94 -52.81 14.59 47.58
C LEU L 94 -53.80 13.54 48.06
N LYS L 95 -53.81 12.41 47.37
CA LYS L 95 -54.61 11.27 47.81
C LYS L 95 -53.99 10.65 49.05
N ASP L 96 -54.78 9.79 49.71
CA ASP L 96 -54.36 9.19 50.97
C ASP L 96 -53.49 7.94 50.77
N LEU L 97 -53.06 7.66 49.55
CA LEU L 97 -52.26 6.46 49.29
C LEU L 97 -50.80 6.68 49.65
N LEU L 98 -50.51 6.83 50.94
CA LEU L 98 -49.14 7.00 51.38
C LEU L 98 -48.47 5.66 51.61
N THR L 99 -47.14 5.67 51.60
CA THR L 99 -46.32 4.53 51.95
C THR L 99 -45.34 4.95 53.04
N LEU L 100 -45.28 4.17 54.12
CA LEU L 100 -44.48 4.53 55.28
C LEU L 100 -43.62 3.36 55.72
N GLU L 101 -42.48 3.67 56.33
CA GLU L 101 -41.63 2.64 56.88
C GLU L 101 -42.27 2.01 58.10
N ALA L 102 -41.74 0.85 58.50
CA ALA L 102 -42.32 0.11 59.61
C ALA L 102 -42.29 0.94 60.88
N SER L 103 -43.37 0.83 61.67
CA SER L 103 -43.52 1.47 62.97
C SER L 103 -43.58 3.00 62.89
N VAL L 104 -43.90 3.56 61.72
CA VAL L 104 -44.03 5.00 61.59
C VAL L 104 -45.49 5.39 61.76
N ASP L 105 -45.74 6.39 62.61
CA ASP L 105 -47.10 6.84 62.88
C ASP L 105 -47.56 7.74 61.75
N ALA L 106 -48.72 7.41 61.16
CA ALA L 106 -49.24 8.22 60.07
C ALA L 106 -49.74 9.58 60.57
N ALA L 107 -50.29 9.62 61.78
CA ALA L 107 -50.78 10.89 62.31
C ALA L 107 -49.64 11.91 62.43
N ALA L 108 -48.47 11.47 62.90
CA ALA L 108 -47.36 12.40 63.07
C ALA L 108 -46.92 13.00 61.74
N VAL L 109 -46.77 12.16 60.71
CA VAL L 109 -46.30 12.66 59.42
C VAL L 109 -47.37 13.53 58.78
N LYS L 110 -48.64 13.16 58.92
CA LYS L 110 -49.71 13.99 58.38
C LYS L 110 -49.73 15.36 59.06
N THR L 111 -49.56 15.40 60.37
CA THR L 111 -49.51 16.68 61.07
C THR L 111 -48.29 17.50 60.64
N ALA L 112 -47.14 16.86 60.50
CA ALA L 112 -45.94 17.58 60.09
C ALA L 112 -46.10 18.17 58.70
N LEU L 113 -46.64 17.38 57.76
CA LEU L 113 -46.84 17.87 56.40
C LEU L 113 -47.94 18.91 56.32
N ALA L 114 -48.97 18.78 57.17
CA ALA L 114 -50.06 19.76 57.15
C ALA L 114 -49.55 21.16 57.46
N ALA L 115 -48.48 21.27 58.25
CA ALA L 115 -47.91 22.58 58.55
C ALA L 115 -47.35 23.27 57.31
N LYS L 116 -46.97 22.51 56.29
CA LYS L 116 -46.40 23.06 55.07
C LYS L 116 -47.47 23.32 54.00
N GLY L 117 -48.74 23.13 54.33
CA GLY L 117 -49.79 23.36 53.37
C GLY L 117 -50.14 22.17 52.51
N ILE L 118 -49.77 20.96 52.92
CA ILE L 118 -50.07 19.74 52.19
C ILE L 118 -51.28 19.08 52.85
N ASP L 119 -52.32 18.84 52.06
CA ASP L 119 -53.56 18.28 52.56
C ASP L 119 -53.84 16.94 51.87
N PHE L 120 -54.62 16.11 52.55
CA PHE L 120 -54.99 14.79 52.04
C PHE L 120 -56.51 14.70 51.92
N VAL L 121 -56.95 13.98 50.89
CA VAL L 121 -58.37 13.81 50.59
C VAL L 121 -58.76 12.36 50.87
N PRO L 122 -59.88 12.11 51.53
CA PRO L 122 -60.28 10.71 51.76
C PRO L 122 -60.48 9.96 50.45
N THR L 123 -60.11 8.68 50.45
CA THR L 123 -60.25 7.81 49.28
C THR L 123 -61.13 6.64 49.65
N GLY L 124 -62.17 6.40 48.86
CA GLY L 124 -63.08 5.31 49.11
C GLY L 124 -62.69 4.04 48.38
N LEU L 125 -61.58 3.43 48.80
CA LEU L 125 -61.09 2.21 48.18
C LEU L 125 -60.83 2.42 46.69
N ALA M 2 -27.41 8.46 31.54
CA ALA M 2 -26.90 7.54 32.55
C ALA M 2 -26.12 8.30 33.63
N TYR M 3 -26.19 7.79 34.87
CA TYR M 3 -25.50 8.45 35.96
C TYR M 3 -23.99 8.47 35.73
N GLN M 4 -23.43 7.35 35.29
CA GLN M 4 -22.02 7.25 34.98
C GLN M 4 -21.71 7.53 33.52
N GLY M 5 -22.73 7.80 32.71
CA GLY M 5 -22.54 8.01 31.28
C GLY M 5 -22.75 6.79 30.43
N PHE M 6 -23.11 5.65 31.02
CA PHE M 6 -23.34 4.43 30.25
C PHE M 6 -24.23 3.50 31.05
N THR M 7 -25.04 2.73 30.34
CA THR M 7 -25.88 1.70 30.93
C THR M 7 -25.67 0.39 30.19
N LYS M 8 -25.67 -0.72 30.92
CA LYS M 8 -25.46 -2.04 30.35
C LYS M 8 -26.49 -2.99 30.91
N LEU M 9 -27.25 -3.62 30.03
CA LEU M 9 -28.32 -4.54 30.43
C LEU M 9 -27.87 -5.99 30.49
N GLY M 10 -26.58 -6.26 30.27
CA GLY M 10 -26.05 -7.60 30.41
C GLY M 10 -25.96 -8.34 29.08
N ASN M 11 -25.15 -9.38 29.07
CA ASN M 11 -24.95 -10.19 27.87
C ASN M 11 -25.92 -11.37 27.86
N ARG M 12 -26.15 -11.87 26.65
CA ARG M 12 -27.00 -13.06 26.50
C ARG M 12 -26.33 -14.26 27.14
N GLU M 13 -27.11 -15.10 27.82
CA GLU M 13 -26.56 -16.28 28.44
C GLU M 13 -26.08 -17.24 27.36
N PRO M 14 -25.07 -18.07 27.66
CA PRO M 14 -24.58 -19.02 26.67
C PRO M 14 -25.67 -20.00 26.25
N LEU M 15 -25.72 -20.30 24.96
CA LEU M 15 -26.68 -21.27 24.45
C LEU M 15 -26.09 -22.66 24.47
N ASN M 16 -26.96 -23.65 24.61
CA ASN M 16 -26.53 -25.05 24.69
C ASN M 16 -26.15 -25.56 23.30
N ASP M 17 -24.89 -25.32 22.90
CA ASP M 17 -24.38 -25.83 21.63
C ASP M 17 -22.98 -26.41 21.77
N ILE M 18 -22.50 -26.60 23.00
CA ILE M 18 -21.16 -27.13 23.19
C ILE M 18 -21.06 -28.60 22.87
N ILE M 19 -22.19 -29.31 22.75
CA ILE M 19 -22.18 -30.74 22.52
C ILE M 19 -21.95 -31.00 21.04
N LEU M 20 -20.83 -31.63 20.70
CA LEU M 20 -20.55 -32.04 19.33
C LEU M 20 -20.96 -33.48 19.07
N TRP M 21 -20.81 -34.35 20.06
CA TRP M 21 -21.21 -35.75 19.91
C TRP M 21 -21.50 -36.33 21.28
N GLU M 22 -22.50 -37.21 21.33
CA GLU M 22 -22.87 -37.90 22.56
C GLU M 22 -23.60 -39.19 22.19
N GLN M 23 -23.65 -40.10 23.15
CA GLN M 23 -24.29 -41.39 22.94
C GLN M 23 -25.81 -41.20 22.90
N ILE M 24 -26.41 -41.35 21.73
CA ILE M 24 -27.85 -41.28 21.59
C ILE M 24 -28.45 -42.60 22.06
N THR M 25 -29.55 -42.52 22.81
CA THR M 25 -30.15 -43.69 23.42
C THR M 25 -31.62 -43.36 23.69
N PRO M 26 -32.50 -44.36 23.68
CA PRO M 26 -33.91 -44.08 24.02
C PRO M 26 -34.06 -43.31 25.32
N THR M 27 -33.25 -43.61 26.32
CA THR M 27 -33.11 -42.79 27.52
C THR M 27 -31.68 -42.27 27.58
N GLY M 28 -31.53 -41.00 27.92
CA GLY M 28 -30.24 -40.36 27.88
C GLY M 28 -29.18 -41.15 28.63
N HIS M 29 -28.26 -41.77 27.90
CA HIS M 29 -27.24 -42.59 28.52
C HIS M 29 -26.13 -41.76 29.15
N SER M 30 -25.81 -40.61 28.55
CA SER M 30 -24.72 -39.77 29.03
C SER M 30 -25.21 -38.55 29.82
N ARG M 31 -26.50 -38.47 30.13
CA ARG M 31 -27.05 -37.34 30.85
C ARG M 31 -27.56 -37.78 32.22
N LYS M 32 -27.46 -36.87 33.19
CA LYS M 32 -27.90 -37.13 34.55
C LYS M 32 -28.65 -35.92 35.07
N GLU M 33 -29.52 -36.14 36.04
CA GLU M 33 -30.35 -35.09 36.62
C GLU M 33 -29.94 -34.85 38.06
N TYR M 34 -29.83 -33.57 38.43
CA TYR M 34 -29.48 -33.16 39.78
C TYR M 34 -30.62 -32.34 40.37
N THR M 35 -30.79 -32.43 41.68
CA THR M 35 -31.73 -31.55 42.36
C THR M 35 -31.07 -30.19 42.56
N PRO M 36 -31.67 -29.10 42.06
CA PRO M 36 -30.99 -27.80 42.14
C PRO M 36 -30.77 -27.38 43.59
N GLN M 37 -29.54 -26.98 43.88
CA GLN M 37 -29.21 -26.50 45.21
C GLN M 37 -29.79 -25.12 45.45
N ALA M 38 -30.09 -24.83 46.71
CA ALA M 38 -30.72 -23.57 47.05
C ALA M 38 -29.80 -22.39 46.77
N SER M 39 -30.36 -21.34 46.19
CA SER M 39 -29.69 -20.06 45.97
C SER M 39 -28.46 -20.17 45.08
N THR M 40 -28.38 -21.20 44.24
CA THR M 40 -27.26 -21.39 43.34
C THR M 40 -27.70 -21.12 41.91
N GLU M 41 -26.92 -20.31 41.19
CA GLU M 41 -27.21 -20.01 39.80
C GLU M 41 -26.35 -20.90 38.90
N TYR M 42 -26.98 -21.60 37.97
CA TYR M 42 -26.30 -22.51 37.07
C TYR M 42 -26.33 -21.97 35.65
N ARG M 43 -25.25 -22.19 34.91
CA ARG M 43 -25.13 -21.75 33.54
C ARG M 43 -24.40 -22.82 32.74
N VAL M 44 -24.57 -22.76 31.41
CA VAL M 44 -23.96 -23.76 30.54
C VAL M 44 -22.45 -23.75 30.72
N GLY M 45 -21.86 -24.95 30.69
CA GLY M 45 -20.42 -25.08 30.75
C GLY M 45 -19.82 -25.10 32.14
N GLU M 46 -20.64 -25.18 33.18
CA GLU M 46 -20.12 -25.22 34.54
C GLU M 46 -19.90 -26.65 34.99
N VAL M 47 -18.97 -26.82 35.94
CA VAL M 47 -18.58 -28.13 36.45
C VAL M 47 -19.25 -28.34 37.80
N LEU M 48 -19.83 -29.52 38.00
CA LEU M 48 -20.58 -29.84 39.20
C LEU M 48 -20.03 -31.10 39.85
N LYS M 49 -20.12 -31.15 41.18
CA LYS M 49 -19.70 -32.32 41.92
C LYS M 49 -20.82 -33.37 41.92
N ALA M 50 -20.62 -34.45 42.66
CA ALA M 50 -21.62 -35.51 42.72
C ALA M 50 -22.93 -35.01 43.33
N ASP M 51 -22.83 -34.13 44.32
CA ASP M 51 -24.01 -33.66 45.05
C ASP M 51 -24.71 -32.49 44.36
N GLY M 52 -24.25 -32.07 43.19
CA GLY M 52 -24.86 -30.97 42.48
C GLY M 52 -24.29 -29.60 42.78
N THR M 53 -23.36 -29.50 43.74
CA THR M 53 -22.71 -28.23 44.01
C THR M 53 -21.51 -28.05 43.10
N LYS M 54 -21.16 -26.79 42.88
CA LYS M 54 -20.06 -26.46 41.97
C LYS M 54 -18.72 -26.87 42.60
N VAL M 55 -17.70 -26.94 41.77
CA VAL M 55 -16.37 -27.38 42.17
C VAL M 55 -15.53 -26.13 42.46
N GLN M 56 -14.95 -26.07 43.65
CA GLN M 56 -14.06 -24.98 44.04
C GLN M 56 -12.62 -25.47 44.10
N ALA M 57 -11.73 -24.58 44.48
CA ALA M 57 -10.31 -24.90 44.51
C ALA M 57 -10.03 -26.00 45.52
N GLY M 58 -9.06 -26.86 45.20
CA GLY M 58 -8.63 -27.92 46.08
C GLY M 58 -9.41 -29.21 45.97
N GLU M 59 -10.42 -29.28 45.11
CA GLU M 59 -11.22 -30.48 44.96
C GLU M 59 -11.54 -30.78 43.50
N GLU M 60 -10.62 -30.44 42.59
CA GLU M 60 -10.84 -30.71 41.18
C GLU M 60 -10.99 -32.20 40.92
N ALA M 61 -10.40 -33.05 41.76
CA ALA M 61 -10.52 -34.49 41.57
C ALA M 61 -11.95 -34.98 41.76
N GLN M 62 -12.82 -34.17 42.34
CA GLN M 62 -14.20 -34.55 42.57
C GLN M 62 -15.15 -34.13 41.45
N ALA M 63 -14.62 -33.53 40.38
CA ALA M 63 -15.47 -33.13 39.27
C ALA M 63 -16.26 -34.32 38.75
N ASP M 64 -17.56 -34.12 38.54
CA ASP M 64 -18.48 -35.21 38.19
C ASP M 64 -19.14 -35.02 36.84
N SER M 65 -19.66 -33.83 36.54
CA SER M 65 -20.43 -33.63 35.32
C SER M 65 -20.34 -32.17 34.92
N VAL M 66 -20.79 -31.89 33.70
CA VAL M 66 -20.80 -30.55 33.12
C VAL M 66 -22.25 -30.12 32.93
N CYS M 67 -22.60 -28.94 33.45
CA CYS M 67 -23.96 -28.46 33.34
C CYS M 67 -24.31 -28.17 31.88
N ILE M 68 -25.60 -28.25 31.56
CA ILE M 68 -26.08 -28.05 30.20
C ILE M 68 -27.21 -27.04 30.11
N VAL M 69 -27.91 -26.75 31.21
CA VAL M 69 -29.09 -25.89 31.19
C VAL M 69 -28.86 -24.71 32.12
N ASN M 70 -29.29 -23.53 31.68
CA ASN M 70 -29.23 -22.33 32.51
C ASN M 70 -30.39 -22.35 33.49
N PHE M 71 -30.07 -22.26 34.78
CA PHE M 71 -31.05 -22.37 35.85
C PHE M 71 -31.10 -21.07 36.64
N TYR M 72 -32.30 -20.55 36.87
CA TYR M 72 -32.51 -19.32 37.63
C TYR M 72 -32.91 -19.69 39.05
N ALA M 73 -32.10 -19.26 40.01
CA ALA M 73 -32.32 -19.67 41.40
C ALA M 73 -33.61 -19.09 41.95
N ASP M 74 -33.84 -17.79 41.77
CA ASP M 74 -34.99 -17.14 42.39
C ASP M 74 -36.32 -17.69 41.90
N LEU M 75 -36.39 -18.17 40.66
CA LEU M 75 -37.60 -18.81 40.16
C LEU M 75 -37.66 -20.30 40.47
N GLN M 76 -36.55 -20.90 40.89
CA GLN M 76 -36.47 -22.36 41.06
C GLN M 76 -36.89 -23.08 39.79
N LEU M 77 -36.57 -22.49 38.63
CA LEU M 77 -37.06 -22.99 37.36
C LEU M 77 -36.02 -22.67 36.28
N SER M 78 -35.78 -23.63 35.39
CA SER M 78 -34.82 -23.43 34.32
C SER M 78 -35.44 -22.57 33.22
N TYR M 79 -34.58 -22.09 32.32
CA TYR M 79 -35.04 -21.22 31.25
C TYR M 79 -35.97 -21.94 30.28
N HIS M 80 -36.01 -23.27 30.31
CA HIS M 80 -36.96 -24.04 29.53
C HIS M 80 -38.17 -24.48 30.35
N GLY M 81 -38.28 -24.00 31.59
CA GLY M 81 -39.40 -24.35 32.43
C GLY M 81 -39.31 -25.70 33.13
N GLN M 82 -38.14 -26.33 33.11
CA GLN M 82 -37.96 -27.62 33.76
C GLN M 82 -37.56 -27.43 35.22
N LEU M 83 -37.81 -28.46 36.03
CA LEU M 83 -37.62 -28.37 37.47
C LEU M 83 -36.25 -28.80 37.94
N LYS M 84 -35.40 -29.36 37.07
CA LYS M 84 -34.16 -29.99 37.50
C LYS M 84 -33.00 -29.54 36.63
N VAL M 85 -31.80 -29.65 37.18
CA VAL M 85 -30.57 -29.37 36.44
C VAL M 85 -30.10 -30.64 35.76
N VAL M 86 -29.56 -30.50 34.55
CA VAL M 86 -29.11 -31.62 33.75
C VAL M 86 -27.65 -31.40 33.38
N GLY M 87 -26.85 -32.46 33.46
CA GLY M 87 -25.44 -32.36 33.16
C GLY M 87 -24.91 -33.62 32.50
N ILE M 88 -23.83 -33.44 31.75
CA ILE M 88 -23.19 -34.56 31.05
C ILE M 88 -22.19 -35.21 31.99
N HIS M 89 -22.29 -36.54 32.16
CA HIS M 89 -21.45 -37.26 33.08
C HIS M 89 -20.81 -38.50 32.48
N ARG M 90 -20.80 -38.65 31.16
CA ARG M 90 -20.29 -39.85 30.52
C ARG M 90 -19.73 -39.47 29.15
N ASP M 91 -19.08 -40.44 28.51
CA ASP M 91 -18.39 -40.22 27.25
C ASP M 91 -19.14 -39.26 26.33
N ALA M 92 -18.43 -38.26 25.83
CA ALA M 92 -18.99 -37.27 24.93
C ALA M 92 -17.87 -36.33 24.48
N GLU M 93 -18.17 -35.54 23.46
CA GLU M 93 -17.23 -34.56 22.92
C GLU M 93 -17.86 -33.18 23.05
N LEU M 94 -17.16 -32.28 23.73
CA LEU M 94 -17.68 -30.95 24.03
C LEU M 94 -16.68 -29.88 23.59
N LYS M 95 -17.21 -28.71 23.24
CA LYS M 95 -16.35 -27.58 22.94
C LYS M 95 -15.63 -27.11 24.19
N ASP M 96 -14.38 -26.69 24.03
CA ASP M 96 -13.54 -26.26 25.15
C ASP M 96 -13.95 -24.86 25.58
N LEU M 97 -15.08 -24.78 26.28
CA LEU M 97 -15.62 -23.53 26.79
C LEU M 97 -16.05 -23.69 28.23
N LEU M 98 -15.20 -24.30 29.06
CA LEU M 98 -15.53 -24.50 30.46
C LEU M 98 -15.54 -23.18 31.21
N THR M 99 -16.45 -23.08 32.19
CA THR M 99 -16.50 -21.96 33.12
C THR M 99 -16.19 -22.50 34.52
N LEU M 100 -15.19 -21.91 35.17
CA LEU M 100 -14.70 -22.42 36.44
C LEU M 100 -14.68 -21.31 37.48
N GLU M 101 -14.72 -21.71 38.75
CA GLU M 101 -14.67 -20.76 39.85
C GLU M 101 -13.26 -20.21 40.00
N ALA M 102 -13.07 -19.39 41.03
CA ALA M 102 -11.78 -18.76 41.27
C ALA M 102 -10.74 -19.80 41.71
N SER M 103 -9.52 -19.63 41.21
CA SER M 103 -8.37 -20.44 41.60
C SER M 103 -8.60 -21.93 41.36
N VAL M 104 -9.42 -22.28 40.37
CA VAL M 104 -9.64 -23.67 40.00
C VAL M 104 -8.71 -24.01 38.84
N ASP M 105 -7.91 -25.06 39.01
CA ASP M 105 -6.94 -25.45 38.00
C ASP M 105 -7.68 -26.21 36.89
N ALA M 106 -7.69 -25.64 35.69
CA ALA M 106 -8.42 -26.26 34.59
C ALA M 106 -7.84 -27.62 34.22
N ALA M 107 -6.51 -27.75 34.28
CA ALA M 107 -5.87 -28.98 33.84
C ALA M 107 -6.32 -30.16 34.70
N ALA M 108 -6.39 -29.96 36.02
CA ALA M 108 -6.82 -31.04 36.91
C ALA M 108 -8.25 -31.45 36.60
N VAL M 109 -9.13 -30.48 36.38
CA VAL M 109 -10.53 -30.79 36.07
C VAL M 109 -10.61 -31.57 34.77
N LYS M 110 -9.87 -31.15 33.75
CA LYS M 110 -9.90 -31.82 32.46
C LYS M 110 -9.37 -33.25 32.58
N THR M 111 -8.29 -33.44 33.34
CA THR M 111 -7.77 -34.80 33.53
C THR M 111 -8.78 -35.67 34.26
N ALA M 112 -9.43 -35.13 35.29
CA ALA M 112 -10.41 -35.90 36.03
C ALA M 112 -11.59 -36.29 35.13
N LEU M 113 -12.10 -35.35 34.35
CA LEU M 113 -13.22 -35.66 33.46
C LEU M 113 -12.82 -36.65 32.38
N ALA M 114 -11.60 -36.54 31.84
CA ALA M 114 -11.19 -37.43 30.77
C ALA M 114 -11.26 -38.89 31.20
N ALA M 115 -11.12 -39.17 32.50
CA ALA M 115 -11.23 -40.54 32.97
C ALA M 115 -12.61 -41.11 32.73
N LYS M 116 -13.62 -40.24 32.60
CA LYS M 116 -14.99 -40.68 32.35
C LYS M 116 -15.33 -40.72 30.87
N GLY M 117 -14.38 -40.42 29.99
CA GLY M 117 -14.60 -40.49 28.56
C GLY M 117 -14.95 -39.18 27.89
N ILE M 118 -14.91 -38.07 28.62
CA ILE M 118 -15.26 -36.78 28.04
C ILE M 118 -14.00 -36.15 27.45
N ASP M 119 -14.07 -35.76 26.18
CA ASP M 119 -12.98 -35.11 25.48
C ASP M 119 -13.39 -33.70 25.07
N PHE M 120 -12.41 -32.80 25.00
CA PHE M 120 -12.64 -31.41 24.67
C PHE M 120 -11.98 -31.09 23.34
N VAL M 121 -12.77 -30.57 22.41
CA VAL M 121 -12.27 -30.16 21.09
C VAL M 121 -11.72 -28.74 21.21
N PRO M 122 -10.48 -28.49 20.78
CA PRO M 122 -9.91 -27.14 20.94
C PRO M 122 -10.60 -26.15 20.02
N THR M 123 -11.43 -25.29 20.60
CA THR M 123 -12.17 -24.32 19.81
C THR M 123 -11.22 -23.26 19.25
N GLY M 124 -11.58 -22.73 18.09
CA GLY M 124 -10.84 -21.65 17.50
C GLY M 124 -11.08 -20.34 18.24
N LEU M 125 -10.93 -19.24 17.51
CA LEU M 125 -11.14 -17.93 18.08
C LEU M 125 -12.53 -17.42 17.72
N ALA N 2 23.57 -63.63 -6.59
CA ALA N 2 24.13 -62.73 -5.60
C ALA N 2 25.49 -63.23 -5.14
N TYR N 3 26.13 -62.48 -4.24
CA TYR N 3 27.43 -62.89 -3.73
C TYR N 3 27.31 -64.19 -2.95
N GLN N 4 26.27 -64.31 -2.14
CA GLN N 4 26.01 -65.52 -1.36
C GLN N 4 25.09 -66.50 -2.08
N GLY N 5 24.65 -66.16 -3.30
CA GLY N 5 23.78 -67.01 -4.09
C GLY N 5 22.32 -66.66 -4.02
N PHE N 6 21.90 -65.79 -3.10
CA PHE N 6 20.52 -65.40 -2.96
C PHE N 6 20.44 -63.95 -2.52
N THR N 7 19.35 -63.30 -2.89
CA THR N 7 19.12 -61.90 -2.53
C THR N 7 17.64 -61.69 -2.29
N LYS N 8 17.32 -60.95 -1.23
CA LYS N 8 15.95 -60.66 -0.84
C LYS N 8 15.77 -59.16 -0.73
N LEU N 9 14.69 -58.65 -1.32
CA LEU N 9 14.39 -57.23 -1.30
C LEU N 9 13.42 -56.85 -0.18
N GLY N 10 13.06 -57.79 0.67
CA GLY N 10 12.24 -57.50 1.83
C GLY N 10 10.78 -57.82 1.61
N ASN N 11 10.09 -58.15 2.71
CA ASN N 11 8.67 -58.45 2.65
C ASN N 11 7.85 -57.17 2.74
N ARG N 12 6.62 -57.24 2.25
CA ARG N 12 5.72 -56.10 2.37
C ARG N 12 5.37 -55.86 3.83
N GLU N 13 5.39 -54.59 4.23
CA GLU N 13 5.07 -54.24 5.60
C GLU N 13 3.59 -54.48 5.87
N PRO N 14 3.21 -54.77 7.11
CA PRO N 14 1.79 -54.95 7.42
C PRO N 14 1.03 -53.64 7.30
N LEU N 15 -0.11 -53.70 6.64
CA LEU N 15 -0.94 -52.54 6.39
C LEU N 15 -2.17 -52.56 7.30
N ASN N 16 -2.79 -51.39 7.47
CA ASN N 16 -3.85 -51.22 8.44
C ASN N 16 -5.13 -51.92 7.99
N ASP N 17 -5.32 -53.16 8.45
CA ASP N 17 -6.55 -53.90 8.22
C ASP N 17 -6.97 -54.69 9.47
N ILE N 18 -6.48 -54.29 10.64
CA ILE N 18 -6.77 -55.03 11.87
C ILE N 18 -8.00 -54.51 12.59
N ILE N 19 -8.49 -53.32 12.25
CA ILE N 19 -9.62 -52.72 12.93
C ILE N 19 -10.91 -53.30 12.37
N LEU N 20 -11.71 -53.94 13.22
CA LEU N 20 -13.02 -54.45 12.82
C LEU N 20 -14.14 -53.51 13.25
N TRP N 21 -14.01 -52.87 14.41
CA TRP N 21 -15.01 -51.94 14.90
C TRP N 21 -14.31 -50.81 15.64
N GLU N 22 -14.88 -49.62 15.51
CA GLU N 22 -14.31 -48.43 16.12
C GLU N 22 -15.43 -47.44 16.40
N GLN N 23 -15.28 -46.70 17.50
CA GLN N 23 -16.27 -45.70 17.91
C GLN N 23 -16.15 -44.49 16.99
N ILE N 24 -16.82 -44.59 15.83
CA ILE N 24 -16.81 -43.52 14.84
C ILE N 24 -17.31 -42.23 15.49
N THR N 25 -16.47 -41.20 15.48
CA THR N 25 -16.77 -39.93 16.10
C THR N 25 -16.25 -38.82 15.20
N PRO N 26 -16.88 -37.64 15.20
CA PRO N 26 -16.35 -36.54 14.37
C PRO N 26 -14.88 -36.25 14.64
N THR N 27 -14.47 -36.33 15.91
CA THR N 27 -13.07 -36.26 16.28
C THR N 27 -12.67 -37.61 16.85
N GLY N 28 -11.49 -38.10 16.47
CA GLY N 28 -11.07 -39.43 16.85
C GLY N 28 -11.24 -39.71 18.33
N HIS N 29 -12.16 -40.62 18.66
CA HIS N 29 -12.43 -40.95 20.05
C HIS N 29 -11.56 -42.09 20.54
N SER N 30 -11.24 -43.04 19.66
CA SER N 30 -10.42 -44.19 20.01
C SER N 30 -8.95 -44.02 19.64
N ARG N 31 -8.58 -42.89 19.05
CA ARG N 31 -7.24 -42.68 18.52
C ARG N 31 -6.53 -41.58 19.30
N LYS N 32 -5.23 -41.78 19.51
CA LYS N 32 -4.39 -40.79 20.18
C LYS N 32 -3.10 -40.65 19.41
N GLU N 33 -2.48 -39.48 19.53
CA GLU N 33 -1.26 -39.18 18.79
C GLU N 33 -0.04 -39.20 19.71
N TYR N 34 1.07 -39.70 19.18
CA TYR N 34 2.33 -39.76 19.90
C TYR N 34 3.42 -39.12 19.07
N THR N 35 4.33 -38.41 19.74
CA THR N 35 5.52 -37.91 19.07
C THR N 35 6.53 -39.04 18.91
N PRO N 36 6.97 -39.35 17.69
CA PRO N 36 7.87 -40.50 17.51
C PRO N 36 9.17 -40.33 18.28
N GLN N 37 9.66 -41.43 18.84
CA GLN N 37 10.92 -41.41 19.56
C GLN N 37 12.08 -41.38 18.59
N ALA N 38 13.25 -41.01 19.12
CA ALA N 38 14.43 -40.85 18.27
C ALA N 38 14.88 -42.20 17.72
N SER N 39 15.03 -42.26 16.39
CA SER N 39 15.58 -43.42 15.70
C SER N 39 14.87 -44.71 16.08
N THR N 40 13.54 -44.68 16.18
CA THR N 40 12.74 -45.85 16.53
C THR N 40 11.84 -46.21 15.34
N GLU N 41 11.90 -47.46 14.93
CA GLU N 41 11.03 -47.93 13.86
C GLU N 41 9.69 -48.39 14.43
N TYR N 42 8.61 -48.05 13.74
CA TYR N 42 7.26 -48.43 14.15
C TYR N 42 6.56 -49.18 13.01
N ARG N 43 5.68 -50.09 13.40
CA ARG N 43 4.92 -50.89 12.44
C ARG N 43 3.54 -51.16 13.02
N VAL N 44 2.63 -51.60 12.15
CA VAL N 44 1.28 -51.88 12.57
C VAL N 44 1.28 -53.08 13.51
N GLY N 45 0.54 -52.96 14.61
CA GLY N 45 0.36 -54.05 15.55
C GLY N 45 1.25 -53.99 16.78
N GLU N 46 2.23 -53.10 16.83
CA GLU N 46 3.08 -52.99 18.01
C GLU N 46 2.34 -52.32 19.16
N VAL N 47 2.83 -52.57 20.37
CA VAL N 47 2.24 -52.05 21.60
C VAL N 47 3.14 -50.94 22.13
N LEU N 48 2.54 -49.79 22.46
CA LEU N 48 3.27 -48.61 22.89
C LEU N 48 2.88 -48.26 24.32
N LYS N 49 3.82 -47.67 25.04
CA LYS N 49 3.55 -47.17 26.38
C LYS N 49 2.85 -45.81 26.31
N ALA N 50 2.59 -45.24 27.49
CA ALA N 50 1.91 -43.96 27.55
C ALA N 50 2.73 -42.83 26.94
N ASP N 51 4.05 -42.99 26.85
CA ASP N 51 4.94 -41.95 26.35
C ASP N 51 5.49 -42.30 24.97
N GLY N 52 4.86 -43.21 24.24
CA GLY N 52 5.31 -43.56 22.91
C GLY N 52 6.41 -44.58 22.86
N THR N 53 6.88 -45.09 24.00
CA THR N 53 7.92 -46.10 24.01
C THR N 53 7.30 -47.50 23.99
N LYS N 54 7.93 -48.38 23.22
CA LYS N 54 7.43 -49.74 23.09
C LYS N 54 7.50 -50.48 24.42
N VAL N 55 6.47 -51.27 24.71
CA VAL N 55 6.43 -52.03 25.95
C VAL N 55 7.45 -53.16 25.89
N GLN N 56 8.25 -53.30 26.94
CA GLN N 56 9.27 -54.34 27.04
C GLN N 56 8.94 -55.27 28.21
N ALA N 57 9.80 -56.26 28.41
CA ALA N 57 9.55 -57.26 29.45
C ALA N 57 9.52 -56.61 30.82
N GLY N 58 8.62 -57.10 31.66
CA GLY N 58 8.51 -56.63 33.03
C GLY N 58 7.66 -55.39 33.21
N GLU N 59 7.13 -54.81 32.13
CA GLU N 59 6.32 -53.60 32.21
C GLU N 59 5.04 -53.72 31.37
N GLU N 60 4.46 -54.91 31.29
CA GLU N 60 3.24 -55.09 30.52
C GLU N 60 2.09 -54.27 31.09
N ALA N 61 2.14 -53.95 32.38
CA ALA N 61 1.08 -53.18 33.01
C ALA N 61 0.98 -51.76 32.47
N GLN N 62 2.01 -51.28 31.76
CA GLN N 62 2.03 -49.92 31.23
C GLN N 62 1.54 -49.84 29.79
N ALA N 63 1.11 -50.95 29.20
CA ALA N 63 0.61 -50.91 27.83
C ALA N 63 -0.55 -49.93 27.73
N ASP N 64 -0.53 -49.10 26.68
CA ASP N 64 -1.50 -48.03 26.56
C ASP N 64 -2.28 -48.11 25.25
N SER N 65 -1.62 -48.43 24.14
CA SER N 65 -2.26 -48.38 22.85
C SER N 65 -1.52 -49.29 21.88
N VAL N 66 -2.18 -49.57 20.75
CA VAL N 66 -1.62 -50.39 19.68
C VAL N 66 -1.40 -49.51 18.47
N CYS N 67 -0.17 -49.50 17.97
CA CYS N 67 0.16 -48.66 16.82
C CYS N 67 -0.54 -49.18 15.57
N ILE N 68 -0.95 -48.24 14.69
CA ILE N 68 -1.63 -48.56 13.46
C ILE N 68 -1.03 -47.84 12.26
N VAL N 69 0.17 -47.29 12.40
CA VAL N 69 0.83 -46.53 11.34
C VAL N 69 2.27 -46.98 11.23
N ASN N 70 2.74 -47.19 10.01
CA ASN N 70 4.14 -47.54 9.76
C ASN N 70 4.98 -46.28 9.70
N PHE N 71 6.07 -46.26 10.48
CA PHE N 71 6.94 -45.09 10.58
C PHE N 71 8.37 -45.50 10.27
N TYR N 72 9.05 -44.65 9.50
CA TYR N 72 10.43 -44.90 9.10
C TYR N 72 11.34 -43.95 9.88
N ALA N 73 12.29 -44.52 10.62
CA ALA N 73 13.18 -43.71 11.45
C ALA N 73 14.08 -42.81 10.60
N ASP N 74 14.63 -43.34 9.50
CA ASP N 74 15.57 -42.58 8.70
C ASP N 74 14.92 -41.42 7.95
N LEU N 75 13.65 -41.54 7.57
CA LEU N 75 12.95 -40.44 6.92
C LEU N 75 12.23 -39.52 7.90
N GLN N 76 11.93 -40.01 9.10
CA GLN N 76 11.13 -39.28 10.08
C GLN N 76 9.71 -39.04 9.57
N LEU N 77 9.29 -39.80 8.57
CA LEU N 77 7.97 -39.66 7.97
C LEU N 77 7.29 -41.02 7.91
N SER N 78 5.99 -41.02 8.18
CA SER N 78 5.22 -42.25 8.07
C SER N 78 5.01 -42.61 6.59
N TYR N 79 4.47 -43.80 6.37
CA TYR N 79 4.27 -44.29 5.01
C TYR N 79 3.17 -43.54 4.26
N HIS N 80 2.39 -42.70 4.95
CA HIS N 80 1.46 -41.78 4.31
C HIS N 80 1.97 -40.35 4.32
N GLY N 81 3.22 -40.13 4.72
CA GLY N 81 3.81 -38.81 4.74
C GLY N 81 3.51 -37.98 5.97
N GLN N 82 2.78 -38.53 6.94
CA GLN N 82 2.46 -37.79 8.15
C GLN N 82 3.64 -37.80 9.11
N LEU N 83 3.64 -36.85 10.05
CA LEU N 83 4.75 -36.62 10.95
C LEU N 83 4.56 -37.23 12.33
N LYS N 84 3.45 -37.93 12.58
CA LYS N 84 3.15 -38.41 13.92
C LYS N 84 2.67 -39.86 13.86
N VAL N 85 2.84 -40.55 14.99
CA VAL N 85 2.39 -41.92 15.14
C VAL N 85 1.01 -41.92 15.79
N VAL N 86 0.13 -42.81 15.32
CA VAL N 86 -1.24 -42.90 15.80
C VAL N 86 -1.49 -44.33 16.27
N GLY N 87 -2.18 -44.46 17.39
CA GLY N 87 -2.49 -45.76 17.95
C GLY N 87 -3.85 -45.77 18.61
N ILE N 88 -4.48 -46.93 18.58
CA ILE N 88 -5.80 -47.11 19.20
C ILE N 88 -5.60 -47.38 20.68
N HIS N 89 -6.34 -46.65 21.53
CA HIS N 89 -6.15 -46.73 22.96
C HIS N 89 -7.41 -46.99 23.77
N ARG N 90 -8.59 -47.07 23.14
CA ARG N 90 -9.81 -47.38 23.88
C ARG N 90 -10.94 -47.63 22.91
N ASP N 91 -11.90 -48.43 23.34
CA ASP N 91 -13.17 -48.62 22.67
C ASP N 91 -12.98 -49.02 21.20
N ALA N 92 -12.41 -50.20 21.01
CA ALA N 92 -12.21 -50.74 19.66
C ALA N 92 -12.11 -52.25 19.74
N GLU N 93 -12.31 -52.89 18.59
CA GLU N 93 -12.11 -54.32 18.43
C GLU N 93 -11.07 -54.54 17.34
N LEU N 94 -10.08 -55.39 17.62
CA LEU N 94 -8.93 -55.57 16.75
C LEU N 94 -8.69 -57.05 16.50
N LYS N 95 -8.08 -57.35 15.36
CA LYS N 95 -7.63 -58.70 15.08
C LYS N 95 -6.44 -59.04 15.97
N ASP N 96 -6.31 -60.32 16.31
CA ASP N 96 -5.24 -60.79 17.19
C ASP N 96 -3.96 -61.00 16.39
N LEU N 97 -3.32 -59.88 16.04
CA LEU N 97 -2.07 -59.87 15.28
C LEU N 97 -1.07 -58.91 15.90
N LEU N 98 -0.93 -58.97 17.22
CA LEU N 98 -0.02 -58.07 17.93
C LEU N 98 1.43 -58.44 17.64
N THR N 99 2.30 -57.44 17.74
CA THR N 99 3.74 -57.63 17.70
C THR N 99 4.31 -57.23 19.06
N LEU N 100 5.09 -58.13 19.65
CA LEU N 100 5.61 -57.94 21.00
C LEU N 100 7.12 -58.11 21.00
N GLU N 101 7.77 -57.42 21.94
CA GLU N 101 9.22 -57.53 22.06
C GLU N 101 9.59 -58.90 22.65
N ALA N 102 10.90 -59.11 22.81
CA ALA N 102 11.39 -60.39 23.29
C ALA N 102 10.96 -60.64 24.73
N SER N 103 10.46 -61.85 24.99
CA SER N 103 10.16 -62.29 26.34
C SER N 103 9.02 -61.51 26.97
N VAL N 104 8.21 -60.83 26.15
CA VAL N 104 7.04 -60.14 26.68
C VAL N 104 5.88 -61.11 26.80
N ASP N 105 5.12 -60.99 27.89
CA ASP N 105 4.00 -61.88 28.17
C ASP N 105 2.76 -61.33 27.47
N ALA N 106 2.29 -62.07 26.47
CA ALA N 106 1.13 -61.63 25.71
C ALA N 106 -0.13 -61.57 26.57
N ALA N 107 -0.31 -62.54 27.47
CA ALA N 107 -1.52 -62.57 28.28
C ALA N 107 -1.62 -61.34 29.17
N ALA N 108 -0.52 -60.93 29.79
CA ALA N 108 -0.55 -59.75 30.65
C ALA N 108 -0.90 -58.51 29.84
N VAL N 109 -0.32 -58.35 28.65
CA VAL N 109 -0.62 -57.20 27.82
C VAL N 109 -2.09 -57.20 27.42
N LYS N 110 -2.62 -58.37 27.06
CA LYS N 110 -4.03 -58.46 26.68
C LYS N 110 -4.93 -58.09 27.84
N THR N 111 -4.61 -58.59 29.03
CA THR N 111 -5.42 -58.23 30.20
C THR N 111 -5.35 -56.75 30.50
N ALA N 112 -4.18 -56.14 30.39
CA ALA N 112 -4.05 -54.71 30.64
C ALA N 112 -4.86 -53.90 29.63
N LEU N 113 -4.73 -54.24 28.34
CA LEU N 113 -5.47 -53.52 27.31
C LEU N 113 -6.97 -53.72 27.46
N ALA N 114 -7.40 -54.94 27.79
CA ALA N 114 -8.84 -55.22 27.91
C ALA N 114 -9.49 -54.31 28.94
N ALA N 115 -8.74 -53.87 29.95
CA ALA N 115 -9.29 -52.96 30.94
C ALA N 115 -9.71 -51.64 30.32
N LYS N 116 -9.12 -51.25 29.19
CA LYS N 116 -9.46 -50.01 28.51
C LYS N 116 -10.57 -50.20 27.49
N GLY N 117 -11.10 -51.40 27.35
CA GLY N 117 -12.20 -51.64 26.41
C GLY N 117 -11.78 -52.17 25.06
N ILE N 118 -10.53 -52.60 24.91
CA ILE N 118 -10.05 -53.16 23.64
C ILE N 118 -10.25 -54.67 23.68
N ASP N 119 -10.98 -55.20 22.70
CA ASP N 119 -11.27 -56.63 22.62
C ASP N 119 -10.60 -57.21 21.38
N PHE N 120 -10.01 -58.39 21.55
CA PHE N 120 -9.33 -59.08 20.46
C PHE N 120 -10.19 -60.24 19.96
N VAL N 121 -10.36 -60.32 18.66
CA VAL N 121 -11.17 -61.36 18.02
C VAL N 121 -10.26 -62.49 17.59
N PRO N 122 -10.62 -63.75 17.81
CA PRO N 122 -9.79 -64.86 17.32
C PRO N 122 -9.61 -64.77 15.80
N THR N 123 -8.41 -65.10 15.34
CA THR N 123 -8.05 -65.01 13.94
C THR N 123 -7.70 -66.40 13.42
N GLY N 124 -8.34 -66.79 12.31
CA GLY N 124 -8.04 -68.07 11.71
C GLY N 124 -6.64 -68.10 11.12
N LEU N 125 -6.13 -69.31 10.96
CA LEU N 125 -4.78 -69.52 10.44
C LEU N 125 -4.61 -68.85 9.07
N ALA O 2 -61.45 -82.01 38.57
CA ALA O 2 -60.23 -82.57 39.13
C ALA O 2 -60.49 -83.13 40.53
N TYR O 3 -59.43 -83.65 41.15
CA TYR O 3 -59.56 -84.18 42.50
C TYR O 3 -59.96 -83.09 43.48
N GLN O 4 -59.34 -81.91 43.36
CA GLN O 4 -59.68 -80.75 44.17
C GLN O 4 -60.70 -79.84 43.50
N GLY O 5 -61.17 -80.19 42.31
CA GLY O 5 -62.10 -79.36 41.58
C GLY O 5 -61.47 -78.43 40.57
N PHE O 6 -60.14 -78.39 40.48
CA PHE O 6 -59.46 -77.52 39.52
C PHE O 6 -58.14 -78.16 39.14
N THR O 7 -57.62 -77.73 37.99
CA THR O 7 -56.33 -78.19 37.49
C THR O 7 -55.64 -77.05 36.76
N LYS O 8 -54.34 -76.89 37.00
CA LYS O 8 -53.55 -75.83 36.42
C LYS O 8 -52.34 -76.44 35.70
N LEU O 9 -52.12 -76.03 34.46
CA LEU O 9 -51.02 -76.56 33.65
C LEU O 9 -49.82 -75.62 33.59
N GLY O 10 -49.83 -74.54 34.37
CA GLY O 10 -48.65 -73.68 34.46
C GLY O 10 -48.72 -72.49 33.53
N ASN O 11 -47.95 -71.46 33.88
CA ASN O 11 -47.89 -70.24 33.09
C ASN O 11 -46.79 -70.34 32.03
N ARG O 12 -46.70 -69.30 31.20
CA ARG O 12 -45.64 -69.23 30.21
C ARG O 12 -44.38 -68.64 30.81
N GLU O 13 -43.23 -69.17 30.40
CA GLU O 13 -41.96 -68.65 30.86
C GLU O 13 -41.75 -67.23 30.33
N PRO O 14 -41.00 -66.40 31.05
CA PRO O 14 -40.74 -65.03 30.57
C PRO O 14 -39.97 -65.06 29.26
N LEU O 15 -40.32 -64.12 28.37
CA LEU O 15 -39.65 -64.02 27.09
C LEU O 15 -38.55 -62.97 27.13
N ASN O 16 -37.58 -63.10 26.23
CA ASN O 16 -36.44 -62.19 26.18
C ASN O 16 -36.87 -60.92 25.46
N ASP O 17 -37.32 -59.92 26.23
CA ASP O 17 -37.68 -58.63 25.67
C ASP O 17 -37.25 -57.45 26.54
N ILE O 18 -36.49 -57.70 27.61
CA ILE O 18 -36.10 -56.64 28.53
C ILE O 18 -35.05 -55.71 27.95
N ILE O 19 -34.42 -56.07 26.84
CA ILE O 19 -33.36 -55.27 26.25
C ILE O 19 -33.99 -54.12 25.48
N LEU O 20 -33.57 -52.89 25.79
CA LEU O 20 -34.00 -51.70 25.06
C LEU O 20 -32.91 -51.08 24.21
N TRP O 21 -31.66 -51.15 24.65
CA TRP O 21 -30.54 -50.64 23.86
C TRP O 21 -29.34 -51.56 24.07
N GLU O 22 -28.50 -51.64 23.05
CA GLU O 22 -27.33 -52.50 23.10
C GLU O 22 -26.30 -52.00 22.11
N GLN O 23 -25.02 -52.19 22.46
CA GLN O 23 -23.91 -51.81 21.58
C GLN O 23 -23.80 -52.86 20.48
N ILE O 24 -24.58 -52.66 19.42
CA ILE O 24 -24.54 -53.58 18.29
C ILE O 24 -23.15 -53.54 17.67
N THR O 25 -22.49 -54.70 17.67
CA THR O 25 -21.10 -54.81 17.25
C THR O 25 -20.95 -56.11 16.48
N PRO O 26 -20.00 -56.20 15.55
CA PRO O 26 -19.79 -57.48 14.86
C PRO O 26 -19.56 -58.65 15.81
N THR O 27 -18.88 -58.41 16.93
CA THR O 27 -18.73 -59.39 17.99
C THR O 27 -19.46 -58.87 19.22
N GLY O 28 -20.19 -59.76 19.89
CA GLY O 28 -20.99 -59.35 21.04
C GLY O 28 -20.18 -58.57 22.04
N HIS O 29 -20.47 -57.26 22.15
CA HIS O 29 -19.68 -56.39 23.00
C HIS O 29 -20.20 -56.38 24.44
N SER O 30 -21.49 -56.57 24.63
CA SER O 30 -22.10 -56.54 25.96
C SER O 30 -22.58 -57.90 26.44
N ARG O 31 -22.41 -58.95 25.64
CA ARG O 31 -22.92 -60.28 25.98
C ARG O 31 -21.74 -61.19 26.31
N LYS O 32 -21.85 -61.90 27.43
CA LYS O 32 -20.86 -62.88 27.84
C LYS O 32 -21.56 -64.22 28.07
N GLU O 33 -20.79 -65.30 27.95
CA GLU O 33 -21.32 -66.65 28.05
C GLU O 33 -20.72 -67.35 29.26
N TYR O 34 -21.57 -68.02 30.03
CA TYR O 34 -21.17 -68.71 31.25
C TYR O 34 -21.41 -70.20 31.08
N THR O 35 -20.58 -71.01 31.73
CA THR O 35 -20.83 -72.44 31.77
C THR O 35 -21.90 -72.73 32.81
N PRO O 36 -23.02 -73.37 32.44
CA PRO O 36 -24.12 -73.54 33.39
C PRO O 36 -23.69 -74.37 34.58
N GLN O 37 -24.21 -74.00 35.75
CA GLN O 37 -23.97 -74.76 36.97
C GLN O 37 -24.89 -75.98 37.02
N ALA O 38 -24.37 -77.06 37.58
CA ALA O 38 -25.13 -78.30 37.62
C ALA O 38 -26.41 -78.13 38.44
N SER O 39 -27.50 -78.71 37.92
CA SER O 39 -28.80 -78.71 38.59
C SER O 39 -29.24 -77.31 39.00
N THR O 40 -29.05 -76.33 38.12
CA THR O 40 -29.44 -74.95 38.38
C THR O 40 -30.38 -74.48 37.28
N GLU O 41 -31.55 -73.99 37.66
CA GLU O 41 -32.49 -73.44 36.69
C GLU O 41 -32.24 -71.96 36.49
N TYR O 42 -32.24 -71.53 35.24
CA TYR O 42 -31.99 -70.14 34.88
C TYR O 42 -33.19 -69.57 34.13
N ARG O 43 -33.57 -68.36 34.50
CA ARG O 43 -34.69 -67.67 33.88
C ARG O 43 -34.30 -66.22 33.61
N VAL O 44 -34.98 -65.63 32.62
CA VAL O 44 -34.66 -64.26 32.22
C VAL O 44 -34.85 -63.33 33.40
N GLY O 45 -33.90 -62.41 33.58
CA GLY O 45 -33.97 -61.42 34.64
C GLY O 45 -33.15 -61.74 35.86
N GLU O 46 -32.63 -62.96 35.99
CA GLU O 46 -31.84 -63.31 37.15
C GLU O 46 -30.46 -62.69 37.07
N VAL O 47 -29.82 -62.55 38.24
CA VAL O 47 -28.51 -61.93 38.36
C VAL O 47 -27.49 -63.02 38.62
N LEU O 48 -26.38 -62.97 37.90
CA LEU O 48 -25.34 -64.01 37.97
C LEU O 48 -24.04 -63.41 38.48
N LYS O 49 -23.29 -64.21 39.23
CA LYS O 49 -21.95 -63.81 39.64
C LYS O 49 -20.95 -64.10 38.52
N ALA O 50 -19.68 -63.81 38.79
CA ALA O 50 -18.64 -63.99 37.78
C ALA O 50 -18.51 -65.43 37.33
N ASP O 51 -18.81 -66.39 38.20
CA ASP O 51 -18.65 -67.80 37.89
C ASP O 51 -19.96 -68.47 37.47
N GLY O 52 -21.02 -67.70 37.25
CA GLY O 52 -22.29 -68.24 36.82
C GLY O 52 -23.25 -68.59 37.93
N THR O 53 -22.84 -68.52 39.18
CA THR O 53 -23.75 -68.78 40.29
C THR O 53 -24.57 -67.53 40.61
N LYS O 54 -25.83 -67.76 40.95
CA LYS O 54 -26.74 -66.65 41.21
C LYS O 54 -26.31 -65.89 42.47
N VAL O 55 -26.44 -64.56 42.41
CA VAL O 55 -26.13 -63.74 43.57
C VAL O 55 -27.12 -64.04 44.69
N GLN O 56 -26.60 -64.09 45.91
CA GLN O 56 -27.41 -64.34 47.09
C GLN O 56 -27.15 -63.25 48.12
N ALA O 57 -27.92 -63.27 49.20
CA ALA O 57 -27.81 -62.24 50.23
C ALA O 57 -26.39 -62.19 50.78
N GLY O 58 -25.89 -60.98 51.02
CA GLY O 58 -24.59 -60.76 51.60
C GLY O 58 -23.47 -60.52 50.62
N GLU O 59 -23.69 -60.75 49.31
CA GLU O 59 -22.68 -60.49 48.30
C GLU O 59 -23.28 -59.83 47.07
N GLU O 60 -24.22 -58.91 47.28
CA GLU O 60 -24.79 -58.17 46.15
C GLU O 60 -23.72 -57.35 45.43
N ALA O 61 -22.60 -57.08 46.10
CA ALA O 61 -21.52 -56.31 45.49
C ALA O 61 -20.81 -57.09 44.39
N GLN O 62 -21.04 -58.39 44.27
CA GLN O 62 -20.40 -59.22 43.26
C GLN O 62 -21.29 -59.49 42.06
N ALA O 63 -22.40 -58.77 41.92
CA ALA O 63 -23.24 -58.91 40.73
C ALA O 63 -22.41 -58.63 39.48
N ASP O 64 -22.59 -59.47 38.45
CA ASP O 64 -21.74 -59.39 37.27
C ASP O 64 -22.54 -59.14 36.00
N SER O 65 -23.68 -59.82 35.86
CA SER O 65 -24.46 -59.70 34.63
C SER O 65 -25.89 -60.16 34.89
N VAL O 66 -26.77 -59.79 33.98
CA VAL O 66 -28.17 -60.19 34.05
C VAL O 66 -28.42 -61.29 33.02
N CYS O 67 -29.03 -62.38 33.46
CA CYS O 67 -29.32 -63.49 32.57
C CYS O 67 -30.48 -63.14 31.64
N ILE O 68 -30.37 -63.56 30.39
CA ILE O 68 -31.39 -63.28 29.38
C ILE O 68 -31.75 -64.56 28.64
N VAL O 69 -31.53 -65.71 29.28
CA VAL O 69 -31.75 -67.01 28.66
C VAL O 69 -32.47 -67.92 29.66
N ASN O 70 -33.45 -68.67 29.16
CA ASN O 70 -34.13 -69.69 29.97
C ASN O 70 -33.41 -71.01 29.78
N PHE O 71 -32.96 -71.60 30.89
CA PHE O 71 -32.18 -72.83 30.87
C PHE O 71 -32.92 -73.90 31.66
N TYR O 72 -32.95 -75.11 31.12
CA TYR O 72 -33.59 -76.25 31.78
C TYR O 72 -32.51 -77.19 32.29
N ALA O 73 -32.48 -77.40 33.61
CA ALA O 73 -31.45 -78.24 34.21
C ALA O 73 -31.54 -79.70 33.78
N ASP O 74 -32.75 -80.27 33.72
CA ASP O 74 -32.88 -81.68 33.37
C ASP O 74 -32.39 -81.94 31.95
N LEU O 75 -32.75 -81.08 31.00
CA LEU O 75 -32.25 -81.23 29.64
C LEU O 75 -30.78 -80.84 29.53
N GLN O 76 -30.28 -80.04 30.47
CA GLN O 76 -28.95 -79.45 30.36
C GLN O 76 -28.83 -78.70 29.04
N LEU O 77 -29.91 -78.02 28.67
CA LEU O 77 -30.01 -77.34 27.39
C LEU O 77 -30.92 -76.13 27.53
N SER O 78 -30.51 -75.03 26.91
CA SER O 78 -31.33 -73.83 26.92
C SER O 78 -32.39 -73.89 25.83
N TYR O 79 -33.45 -73.10 26.00
CA TYR O 79 -34.44 -72.98 24.95
C TYR O 79 -33.80 -72.32 23.73
N HIS O 80 -34.22 -72.79 22.56
CA HIS O 80 -33.52 -72.58 21.29
C HIS O 80 -32.34 -73.54 21.18
N GLY O 81 -32.21 -74.45 22.14
CA GLY O 81 -31.22 -75.50 22.05
C GLY O 81 -29.78 -75.04 22.01
N GLN O 82 -29.40 -74.12 22.89
CA GLN O 82 -28.00 -73.72 23.01
C GLN O 82 -27.38 -74.35 24.26
N LEU O 83 -26.05 -74.48 24.23
CA LEU O 83 -25.33 -75.21 25.27
C LEU O 83 -24.84 -74.35 26.42
N LYS O 84 -25.01 -73.02 26.35
CA LYS O 84 -24.43 -72.14 27.34
C LYS O 84 -25.42 -71.06 27.72
N VAL O 85 -25.21 -70.48 28.90
CA VAL O 85 -26.01 -69.36 29.38
C VAL O 85 -25.39 -68.06 28.91
N VAL O 86 -26.23 -67.07 28.63
CA VAL O 86 -25.79 -65.77 28.12
C VAL O 86 -26.39 -64.68 28.99
N GLY O 87 -25.59 -63.65 29.29
CA GLY O 87 -26.06 -62.54 30.08
C GLY O 87 -25.39 -61.25 29.65
N ILE O 88 -26.09 -60.14 29.92
CA ILE O 88 -25.59 -58.81 29.61
C ILE O 88 -24.71 -58.37 30.77
N HIS O 89 -23.44 -58.06 30.49
CA HIS O 89 -22.48 -57.77 31.54
C HIS O 89 -21.93 -56.34 31.50
N ARG O 90 -22.34 -55.53 30.53
CA ARG O 90 -21.89 -54.13 30.50
C ARG O 90 -22.61 -53.38 29.40
N ASP O 91 -22.75 -52.08 29.59
CA ASP O 91 -23.11 -51.13 28.52
C ASP O 91 -24.41 -51.53 27.84
N ALA O 92 -25.51 -51.46 28.60
CA ALA O 92 -26.83 -51.73 28.05
C ALA O 92 -27.88 -51.06 28.91
N GLU O 93 -29.08 -50.93 28.34
CA GLU O 93 -30.26 -50.45 29.05
C GLU O 93 -31.30 -51.55 29.06
N LEU O 94 -31.79 -51.89 30.25
CA LEU O 94 -32.69 -53.02 30.43
C LEU O 94 -33.95 -52.58 31.16
N LYS O 95 -35.03 -53.34 30.93
CA LYS O 95 -36.25 -53.11 31.69
C LYS O 95 -36.06 -53.51 33.13
N ASP O 96 -36.70 -52.78 34.04
CA ASP O 96 -36.57 -53.07 35.47
C ASP O 96 -37.47 -54.25 35.84
N LEU O 97 -36.99 -55.46 35.59
CA LEU O 97 -37.72 -56.69 35.90
C LEU O 97 -36.77 -57.72 36.50
N LEU O 98 -35.89 -57.27 37.39
CA LEU O 98 -34.92 -58.18 37.99
C LEU O 98 -35.61 -59.25 38.82
N THR O 99 -35.04 -60.45 38.81
CA THR O 99 -35.45 -61.55 39.67
C THR O 99 -34.34 -61.78 40.67
N LEU O 100 -34.67 -61.71 41.96
CA LEU O 100 -33.67 -61.76 43.02
C LEU O 100 -34.01 -62.86 44.01
N GLU O 101 -32.96 -63.41 44.63
CA GLU O 101 -33.15 -64.44 45.64
C GLU O 101 -33.72 -63.83 46.92
N ALA O 102 -34.02 -64.70 47.88
CA ALA O 102 -34.60 -64.26 49.13
C ALA O 102 -33.63 -63.34 49.88
N SER O 103 -34.15 -62.23 50.39
CA SER O 103 -33.41 -61.30 51.24
C SER O 103 -32.30 -60.57 50.48
N VAL O 104 -32.30 -60.63 49.14
CA VAL O 104 -31.32 -59.90 48.36
C VAL O 104 -31.77 -58.46 48.20
N ASP O 105 -30.88 -57.51 48.49
CA ASP O 105 -31.19 -56.10 48.43
C ASP O 105 -31.09 -55.63 46.98
N ALA O 106 -32.23 -55.21 46.41
CA ALA O 106 -32.24 -54.78 45.02
C ALA O 106 -31.39 -53.54 44.80
N ALA O 107 -31.40 -52.60 45.75
CA ALA O 107 -30.66 -51.36 45.58
C ALA O 107 -29.16 -51.63 45.44
N ALA O 108 -28.62 -52.52 46.27
CA ALA O 108 -27.20 -52.83 46.20
C ALA O 108 -26.85 -53.43 44.85
N VAL O 109 -27.68 -54.35 44.35
CA VAL O 109 -27.42 -54.98 43.06
C VAL O 109 -27.45 -53.93 41.95
N LYS O 110 -28.45 -53.05 41.99
CA LYS O 110 -28.56 -52.03 40.95
C LYS O 110 -27.37 -51.08 40.99
N THR O 111 -26.93 -50.68 42.18
CA THR O 111 -25.76 -49.82 42.28
C THR O 111 -24.51 -50.52 41.76
N ALA O 112 -24.35 -51.80 42.10
CA ALA O 112 -23.18 -52.54 41.63
C ALA O 112 -23.17 -52.67 40.12
N LEU O 113 -24.32 -52.96 39.51
CA LEU O 113 -24.39 -53.07 38.06
C LEU O 113 -24.21 -51.72 37.38
N ALA O 114 -24.69 -50.64 38.01
CA ALA O 114 -24.54 -49.32 37.42
C ALA O 114 -23.08 -48.97 37.19
N ALA O 115 -22.18 -49.49 38.01
CA ALA O 115 -20.75 -49.24 37.82
C ALA O 115 -20.25 -49.82 36.51
N LYS O 116 -20.97 -50.76 35.92
CA LYS O 116 -20.61 -51.37 34.65
C LYS O 116 -21.32 -50.72 33.47
N GLY O 117 -22.01 -49.61 33.68
CA GLY O 117 -22.72 -48.94 32.61
C GLY O 117 -24.05 -49.56 32.24
N ILE O 118 -24.72 -50.21 33.20
CA ILE O 118 -26.02 -50.82 32.97
C ILE O 118 -27.07 -49.96 33.67
N ASP O 119 -28.11 -49.57 32.92
CA ASP O 119 -29.17 -48.71 33.43
C ASP O 119 -30.50 -49.44 33.31
N PHE O 120 -31.39 -49.20 34.27
CA PHE O 120 -32.70 -49.82 34.32
C PHE O 120 -33.79 -48.78 34.11
N VAL O 121 -34.69 -49.07 33.19
CA VAL O 121 -35.80 -48.17 32.85
C VAL O 121 -37.00 -48.57 33.70
N PRO O 122 -37.63 -47.64 34.42
CA PRO O 122 -38.82 -48.00 35.20
C PRO O 122 -39.90 -48.59 34.31
N THR O 123 -40.58 -49.62 34.82
CA THR O 123 -41.62 -50.32 34.08
C THR O 123 -42.96 -50.10 34.77
N GLY O 124 -43.98 -49.80 33.98
CA GLY O 124 -45.31 -49.58 34.51
C GLY O 124 -45.96 -50.88 34.94
N LEU O 125 -47.13 -50.72 35.57
CA LEU O 125 -47.89 -51.86 36.06
C LEU O 125 -48.23 -52.81 34.92
N ALA P 2 7.93 -33.00 4.68
CA ALA P 2 9.26 -33.46 5.02
C ALA P 2 9.69 -32.95 6.38
N TYR P 3 9.83 -33.86 7.34
CA TYR P 3 10.27 -33.48 8.68
C TYR P 3 11.68 -32.91 8.63
N GLN P 4 11.94 -31.93 9.50
CA GLN P 4 13.23 -31.25 9.56
C GLN P 4 13.47 -30.41 8.32
N GLY P 5 12.42 -30.17 7.53
CA GLY P 5 12.51 -29.25 6.41
C GLY P 5 12.59 -29.89 5.04
N PHE P 6 13.33 -30.99 4.91
CA PHE P 6 13.61 -31.52 3.58
C PHE P 6 13.92 -33.01 3.66
N THR P 7 13.86 -33.67 2.51
CA THR P 7 14.26 -35.05 2.35
C THR P 7 14.93 -35.21 0.99
N LYS P 8 16.16 -35.71 0.98
CA LYS P 8 16.94 -35.88 -0.23
C LYS P 8 17.10 -37.36 -0.53
N LEU P 9 16.87 -37.73 -1.79
CA LEU P 9 17.00 -39.11 -2.23
C LEU P 9 18.38 -39.44 -2.78
N GLY P 10 19.31 -38.48 -2.77
CA GLY P 10 20.67 -38.73 -3.18
C GLY P 10 20.92 -38.37 -4.63
N ASN P 11 22.21 -38.24 -4.96
CA ASN P 11 22.63 -37.92 -6.31
C ASN P 11 22.85 -39.19 -7.12
N ARG P 12 22.79 -39.05 -8.45
CA ARG P 12 23.08 -40.16 -9.33
C ARG P 12 24.56 -40.55 -9.21
N GLU P 13 24.82 -41.84 -9.23
CA GLU P 13 26.19 -42.31 -9.17
C GLU P 13 26.93 -41.94 -10.46
N PRO P 14 28.22 -41.66 -10.39
CA PRO P 14 28.95 -41.30 -11.61
C PRO P 14 28.90 -42.42 -12.64
N LEU P 15 28.77 -42.04 -13.91
CA LEU P 15 28.74 -43.01 -14.99
C LEU P 15 30.14 -43.24 -15.53
N ASN P 16 30.37 -44.44 -16.06
CA ASN P 16 31.69 -44.83 -16.56
C ASN P 16 31.88 -44.14 -17.92
N ASP P 17 32.32 -42.89 -17.86
CA ASP P 17 32.63 -42.10 -19.05
C ASP P 17 34.01 -41.48 -18.99
N ILE P 18 34.78 -41.75 -17.94
CA ILE P 18 36.10 -41.14 -17.80
C ILE P 18 37.10 -41.69 -18.80
N ILE P 19 36.78 -42.81 -19.44
CA ILE P 19 37.72 -43.43 -20.37
C ILE P 19 37.70 -42.68 -21.69
N LEU P 20 38.87 -42.22 -22.13
CA LEU P 20 39.02 -41.57 -23.42
C LEU P 20 39.80 -42.42 -24.41
N TRP P 21 40.82 -43.15 -23.96
CA TRP P 21 41.58 -44.03 -24.83
C TRP P 21 42.20 -45.15 -24.00
N GLU P 22 42.17 -46.35 -24.56
CA GLU P 22 42.84 -47.51 -23.97
C GLU P 22 42.98 -48.56 -25.06
N GLN P 23 44.18 -49.11 -25.20
CA GLN P 23 44.47 -50.05 -26.26
C GLN P 23 43.60 -51.29 -26.07
N ILE P 24 42.61 -51.46 -26.94
CA ILE P 24 41.67 -52.56 -26.82
C ILE P 24 42.32 -53.83 -27.34
N THR P 25 42.26 -54.90 -26.55
CA THR P 25 42.86 -56.18 -26.90
C THR P 25 41.84 -57.25 -26.60
N PRO P 26 42.08 -58.49 -27.07
CA PRO P 26 41.08 -59.55 -26.87
C PRO P 26 40.72 -59.79 -25.42
N THR P 27 41.65 -59.56 -24.48
CA THR P 27 41.44 -59.89 -23.08
C THR P 27 41.67 -58.69 -22.17
N GLY P 28 41.29 -57.50 -22.61
CA GLY P 28 41.39 -56.32 -21.77
C GLY P 28 42.76 -56.12 -21.17
N HIS P 29 43.74 -55.76 -22.02
CA HIS P 29 45.12 -55.66 -21.57
C HIS P 29 45.28 -54.67 -20.42
N SER P 30 44.49 -53.60 -20.41
CA SER P 30 44.66 -52.53 -19.44
C SER P 30 43.73 -52.64 -18.23
N ARG P 31 42.90 -53.67 -18.16
CA ARG P 31 41.94 -53.82 -17.08
C ARG P 31 42.34 -54.99 -16.18
N LYS P 32 42.15 -54.81 -14.87
CA LYS P 32 42.47 -55.83 -13.88
C LYS P 32 41.31 -55.95 -12.90
N GLU P 33 41.17 -57.12 -12.30
CA GLU P 33 40.05 -57.44 -11.43
C GLU P 33 40.51 -57.60 -9.99
N TYR P 34 39.69 -57.11 -9.06
CA TYR P 34 39.95 -57.22 -7.63
C TYR P 34 38.80 -57.95 -6.96
N THR P 35 39.12 -58.64 -5.87
CA THR P 35 38.08 -59.21 -5.02
C THR P 35 37.58 -58.14 -4.06
N PRO P 36 36.30 -57.79 -4.07
CA PRO P 36 35.84 -56.67 -3.24
C PRO P 36 36.03 -56.94 -1.76
N GLN P 37 36.33 -55.88 -1.01
CA GLN P 37 36.47 -56.02 0.43
C GLN P 37 35.11 -56.26 1.08
N ALA P 38 35.14 -56.74 2.32
CA ALA P 38 33.90 -57.15 2.98
C ALA P 38 32.93 -55.98 3.16
N SER P 39 33.42 -54.82 3.58
CA SER P 39 32.54 -53.70 3.92
C SER P 39 32.97 -52.39 3.25
N THR P 40 33.58 -52.43 2.08
CA THR P 40 34.06 -51.23 1.40
C THR P 40 33.15 -50.95 0.20
N GLU P 41 32.64 -49.72 0.12
CA GLU P 41 31.91 -49.28 -1.04
C GLU P 41 32.86 -48.78 -2.11
N TYR P 42 32.46 -48.92 -3.37
CA TYR P 42 33.28 -48.51 -4.50
C TYR P 42 32.45 -47.66 -5.46
N ARG P 43 33.12 -46.70 -6.09
CA ARG P 43 32.49 -45.84 -7.09
C ARG P 43 33.51 -45.56 -8.18
N VAL P 44 33.04 -44.89 -9.24
CA VAL P 44 33.93 -44.57 -10.36
C VAL P 44 34.82 -43.41 -9.98
N GLY P 45 36.12 -43.58 -10.18
CA GLY P 45 37.09 -42.52 -9.93
C GLY P 45 37.87 -42.62 -8.63
N GLU P 46 37.77 -43.74 -7.92
CA GLU P 46 38.53 -43.91 -6.69
C GLU P 46 39.83 -44.66 -6.97
N VAL P 47 40.86 -44.32 -6.21
CA VAL P 47 42.18 -44.92 -6.37
C VAL P 47 42.30 -46.10 -5.41
N LEU P 48 42.78 -47.23 -5.92
CA LEU P 48 42.88 -48.47 -5.16
C LEU P 48 44.34 -48.90 -5.05
N LYS P 49 44.63 -49.58 -3.93
CA LYS P 49 45.96 -50.16 -3.74
C LYS P 49 46.03 -51.53 -4.40
N ALA P 50 47.16 -52.21 -4.24
CA ALA P 50 47.34 -53.53 -4.83
C ALA P 50 46.33 -54.53 -4.27
N ASP P 51 46.07 -54.46 -2.96
CA ASP P 51 45.19 -55.40 -2.30
C ASP P 51 43.71 -55.05 -2.43
N GLY P 52 43.39 -53.94 -3.10
CA GLY P 52 42.01 -53.53 -3.29
C GLY P 52 41.51 -52.50 -2.30
N THR P 53 42.25 -52.23 -1.23
CA THR P 53 41.85 -51.21 -0.26
C THR P 53 42.17 -49.83 -0.81
N LYS P 54 41.27 -48.88 -0.55
CA LYS P 54 41.43 -47.54 -1.09
C LYS P 54 42.68 -46.87 -0.53
N VAL P 55 43.34 -46.07 -1.37
CA VAL P 55 44.53 -45.36 -0.94
C VAL P 55 44.14 -44.30 0.09
N GLN P 56 44.93 -44.20 1.15
CA GLN P 56 44.72 -43.23 2.21
C GLN P 56 45.95 -42.34 2.37
N ALA P 57 45.85 -41.39 3.29
CA ALA P 57 46.94 -40.45 3.50
C ALA P 57 48.20 -41.17 3.97
N GLY P 58 49.35 -40.69 3.50
CA GLY P 58 50.63 -41.25 3.90
C GLY P 58 51.11 -42.42 3.07
N GLU P 59 50.32 -42.88 2.10
CA GLU P 59 50.71 -44.02 1.27
C GLU P 59 50.33 -43.78 -0.19
N GLU P 60 50.40 -42.53 -0.64
CA GLU P 60 50.05 -42.23 -2.03
C GLU P 60 50.95 -42.96 -3.01
N ALA P 61 52.19 -43.29 -2.61
CA ALA P 61 53.10 -43.97 -3.51
C ALA P 61 52.63 -45.36 -3.88
N GLN P 62 51.65 -45.91 -3.16
CA GLN P 62 51.16 -47.26 -3.42
C GLN P 62 49.93 -47.28 -4.33
N ALA P 63 49.57 -46.15 -4.95
CA ALA P 63 48.44 -46.12 -5.86
C ALA P 63 48.63 -47.15 -6.96
N ASP P 64 47.57 -47.91 -7.25
CA ASP P 64 47.62 -49.02 -8.18
C ASP P 64 46.73 -48.85 -9.39
N SER P 65 45.46 -48.50 -9.19
CA SER P 65 44.51 -48.42 -10.30
C SER P 65 43.36 -47.51 -9.91
N VAL P 66 42.49 -47.25 -10.88
CA VAL P 66 41.32 -46.39 -10.70
C VAL P 66 40.08 -47.24 -10.92
N CYS P 67 39.21 -47.27 -9.91
CA CYS P 67 37.97 -48.03 -10.03
C CYS P 67 37.07 -47.42 -11.09
N ILE P 68 36.39 -48.29 -11.85
CA ILE P 68 35.50 -47.84 -12.91
C ILE P 68 34.16 -48.56 -12.81
N VAL P 69 33.83 -49.07 -11.63
CA VAL P 69 32.57 -49.79 -11.41
C VAL P 69 32.01 -49.38 -10.05
N ASN P 70 30.70 -49.18 -10.00
CA ASN P 70 30.01 -48.89 -8.75
C ASN P 70 29.62 -50.20 -8.08
N PHE P 71 30.04 -50.38 -6.84
CA PHE P 71 29.81 -51.62 -6.09
C PHE P 71 29.00 -51.32 -4.83
N TYR P 72 28.00 -52.14 -4.57
CA TYR P 72 27.14 -52.00 -3.40
C TYR P 72 27.51 -53.08 -2.40
N ALA P 73 27.98 -52.65 -1.22
CA ALA P 73 28.46 -53.61 -0.23
C ALA P 73 27.34 -54.53 0.25
N ASP P 74 26.17 -53.96 0.55
CA ASP P 74 25.08 -54.77 1.09
C ASP P 74 24.62 -55.83 0.09
N LEU P 75 24.48 -55.45 -1.19
CA LEU P 75 24.15 -56.43 -2.21
C LEU P 75 25.34 -57.31 -2.55
N GLN P 76 26.56 -56.83 -2.34
CA GLN P 76 27.77 -57.53 -2.76
C GLN P 76 27.76 -57.78 -4.27
N LEU P 77 27.18 -56.86 -5.01
CA LEU P 77 27.12 -56.93 -6.46
C LEU P 77 27.36 -55.55 -7.04
N SER P 78 27.90 -55.52 -8.27
CA SER P 78 28.06 -54.26 -8.97
C SER P 78 26.72 -53.81 -9.54
N TYR P 79 26.71 -52.57 -10.04
CA TYR P 79 25.49 -52.04 -10.65
C TYR P 79 25.13 -52.75 -11.95
N HIS P 80 26.04 -53.56 -12.49
CA HIS P 80 25.74 -54.42 -13.63
C HIS P 80 25.58 -55.88 -13.23
N GLY P 81 25.41 -56.15 -11.95
CA GLY P 81 25.23 -57.51 -11.48
C GLY P 81 26.45 -58.39 -11.66
N GLN P 82 27.62 -57.87 -11.32
CA GLN P 82 28.87 -58.60 -11.39
C GLN P 82 29.47 -58.76 -9.99
N LEU P 83 30.27 -59.80 -9.83
CA LEU P 83 30.78 -60.19 -8.51
C LEU P 83 32.17 -59.67 -8.21
N LYS P 84 32.77 -58.87 -9.10
CA LYS P 84 34.15 -58.43 -8.92
C LYS P 84 34.28 -56.95 -9.29
N VAL P 85 35.31 -56.33 -8.73
CA VAL P 85 35.64 -54.94 -9.02
C VAL P 85 36.66 -54.91 -10.14
N VAL P 86 36.66 -53.82 -10.91
CA VAL P 86 37.54 -53.65 -12.06
C VAL P 86 38.21 -52.30 -11.97
N GLY P 87 39.49 -52.25 -12.35
CA GLY P 87 40.25 -51.01 -12.33
C GLY P 87 41.23 -50.96 -13.48
N ILE P 88 41.56 -49.73 -13.87
CA ILE P 88 42.52 -49.50 -14.95
C ILE P 88 43.90 -49.30 -14.33
N HIS P 89 44.88 -50.05 -14.84
CA HIS P 89 46.21 -50.07 -14.24
C HIS P 89 47.34 -49.85 -15.24
N ARG P 90 47.05 -49.51 -16.49
CA ARG P 90 48.12 -49.23 -17.45
C ARG P 90 47.53 -48.70 -18.74
N ASP P 91 48.30 -47.83 -19.40
CA ASP P 91 48.06 -47.42 -20.78
C ASP P 91 46.61 -46.97 -21.01
N ALA P 92 46.27 -45.87 -20.33
CA ALA P 92 44.95 -45.29 -20.48
C ALA P 92 45.03 -43.78 -20.32
N GLU P 93 44.10 -43.09 -20.97
CA GLU P 93 43.92 -41.65 -20.83
C GLU P 93 42.55 -41.41 -20.20
N LEU P 94 42.52 -40.69 -19.09
CA LEU P 94 41.32 -40.53 -18.29
C LEU P 94 41.02 -39.06 -18.06
N LYS P 95 39.74 -38.75 -17.94
CA LYS P 95 39.33 -37.41 -17.54
C LYS P 95 39.79 -37.14 -16.11
N ASP P 96 40.13 -35.88 -15.84
CA ASP P 96 40.63 -35.49 -14.53
C ASP P 96 39.45 -35.35 -13.56
N LEU P 97 38.95 -36.51 -13.14
CA LEU P 97 37.81 -36.58 -12.24
C LEU P 97 38.06 -37.57 -11.10
N LEU P 98 39.28 -37.57 -10.55
CA LEU P 98 39.61 -38.49 -9.48
C LEU P 98 38.84 -38.15 -8.20
N THR P 99 38.63 -39.15 -7.36
CA THR P 99 38.06 -38.99 -6.04
C THR P 99 39.03 -39.59 -5.04
N LEU P 100 39.37 -38.82 -4.01
CA LEU P 100 40.38 -39.21 -3.04
C LEU P 100 39.84 -39.10 -1.63
N GLU P 101 40.37 -39.93 -0.74
CA GLU P 101 40.01 -39.87 0.66
C GLU P 101 40.54 -38.57 1.28
N ALA P 102 40.24 -38.39 2.56
CA ALA P 102 40.64 -37.17 3.25
C ALA P 102 42.16 -37.09 3.38
N SER P 103 42.69 -35.90 3.13
CA SER P 103 44.11 -35.59 3.29
C SER P 103 45.01 -36.36 2.32
N VAL P 104 44.46 -36.82 1.20
CA VAL P 104 45.25 -37.52 0.19
C VAL P 104 45.75 -36.49 -0.82
N ASP P 105 47.06 -36.47 -1.04
CA ASP P 105 47.67 -35.50 -1.95
C ASP P 105 47.43 -35.95 -3.39
N ALA P 106 46.74 -35.12 -4.16
CA ALA P 106 46.44 -35.46 -5.55
C ALA P 106 47.71 -35.54 -6.39
N ALA P 107 48.65 -34.63 -6.14
CA ALA P 107 49.87 -34.59 -6.95
C ALA P 107 50.67 -35.88 -6.81
N ALA P 108 50.80 -36.38 -5.58
CA ALA P 108 51.55 -37.62 -5.37
C ALA P 108 50.89 -38.79 -6.08
N VAL P 109 49.56 -38.88 -5.99
CA VAL P 109 48.83 -39.96 -6.65
C VAL P 109 49.03 -39.88 -8.16
N LYS P 110 48.92 -38.66 -8.72
CA LYS P 110 49.07 -38.50 -10.15
C LYS P 110 50.47 -38.89 -10.61
N THR P 111 51.49 -38.48 -9.84
CA THR P 111 52.86 -38.84 -10.18
C THR P 111 53.06 -40.34 -10.12
N ALA P 112 52.50 -40.99 -9.10
CA ALA P 112 52.63 -42.44 -8.97
C ALA P 112 51.96 -43.14 -10.15
N LEU P 113 50.78 -42.67 -10.54
CA LEU P 113 50.07 -43.29 -11.66
C LEU P 113 50.77 -43.03 -12.99
N ALA P 114 51.41 -41.87 -13.13
CA ALA P 114 52.08 -41.54 -14.39
C ALA P 114 53.17 -42.56 -14.71
N ALA P 115 53.82 -43.11 -13.67
CA ALA P 115 54.87 -44.09 -13.91
C ALA P 115 54.33 -45.33 -14.60
N LYS P 116 53.05 -45.65 -14.40
CA LYS P 116 52.43 -46.82 -15.00
C LYS P 116 51.86 -46.55 -16.39
N GLY P 117 51.97 -45.31 -16.87
CA GLY P 117 51.47 -44.99 -18.19
C GLY P 117 50.07 -44.43 -18.24
N ILE P 118 49.51 -44.05 -17.10
CA ILE P 118 48.17 -43.47 -17.04
C ILE P 118 48.31 -41.95 -17.01
N ASP P 119 47.66 -41.29 -17.96
CA ASP P 119 47.72 -39.84 -18.10
C ASP P 119 46.32 -39.25 -17.98
N PHE P 120 46.24 -38.03 -17.45
CA PHE P 120 44.98 -37.34 -17.23
C PHE P 120 44.90 -36.13 -18.16
N VAL P 121 43.77 -36.02 -18.86
CA VAL P 121 43.54 -34.90 -19.77
C VAL P 121 42.97 -33.74 -18.98
N PRO P 122 43.34 -32.49 -19.29
CA PRO P 122 42.70 -31.36 -18.60
C PRO P 122 41.19 -31.37 -18.81
N THR P 123 40.45 -31.02 -17.76
CA THR P 123 39.00 -31.03 -17.77
C THR P 123 38.47 -29.66 -17.36
N GLY P 124 37.56 -29.12 -18.16
CA GLY P 124 36.94 -27.86 -17.83
C GLY P 124 35.75 -28.02 -16.90
N LEU P 125 35.19 -26.88 -16.49
CA LEU P 125 34.01 -26.90 -15.63
C LEU P 125 32.84 -27.56 -16.32
N ALA Q 2 78.89 -10.73 -58.37
CA ALA Q 2 79.35 -11.34 -57.13
C ALA Q 2 80.82 -11.01 -56.88
N TYR Q 3 81.07 -10.19 -55.87
CA TYR Q 3 82.45 -9.85 -55.54
C TYR Q 3 83.17 -11.09 -55.00
N GLN Q 4 84.47 -11.16 -55.31
CA GLN Q 4 85.30 -12.31 -54.96
C GLN Q 4 84.73 -13.62 -55.49
N GLY Q 5 83.86 -13.53 -56.50
CA GLY Q 5 83.51 -14.67 -57.33
C GLY Q 5 82.23 -15.39 -56.98
N PHE Q 6 81.72 -15.27 -55.74
CA PHE Q 6 80.59 -16.10 -55.35
C PHE Q 6 79.83 -15.47 -54.19
N THR Q 7 78.53 -15.75 -54.16
CA THR Q 7 77.67 -15.46 -53.02
C THR Q 7 76.71 -16.62 -52.84
N LYS Q 8 76.52 -17.04 -51.59
CA LYS Q 8 75.71 -18.19 -51.26
C LYS Q 8 74.51 -17.75 -50.41
N LEU Q 9 73.32 -18.23 -50.77
CA LEU Q 9 72.09 -17.87 -50.07
C LEU Q 9 71.67 -18.89 -49.02
N GLY Q 10 72.48 -19.91 -48.78
CA GLY Q 10 72.20 -20.87 -47.73
C GLY Q 10 71.43 -22.09 -48.21
N ASN Q 11 71.36 -23.09 -47.33
CA ASN Q 11 70.69 -24.35 -47.64
C ASN Q 11 69.30 -24.39 -47.03
N ARG Q 12 68.52 -25.39 -47.45
CA ARG Q 12 67.21 -25.61 -46.87
C ARG Q 12 67.35 -26.25 -45.50
N GLU Q 13 66.46 -25.87 -44.58
CA GLU Q 13 66.48 -26.46 -43.25
C GLU Q 13 65.90 -27.87 -43.29
N PRO Q 14 66.33 -28.74 -42.39
CA PRO Q 14 65.81 -30.12 -42.40
C PRO Q 14 64.30 -30.14 -42.17
N LEU Q 15 63.62 -31.04 -42.85
CA LEU Q 15 62.18 -31.17 -42.73
C LEU Q 15 61.83 -32.22 -41.67
N ASN Q 16 60.60 -32.12 -41.16
CA ASN Q 16 60.10 -33.01 -40.12
C ASN Q 16 59.53 -34.25 -40.78
N ASP Q 17 60.38 -35.27 -40.96
CA ASP Q 17 59.96 -36.54 -41.54
C ASP Q 17 60.57 -37.75 -40.83
N ILE Q 18 61.23 -37.55 -39.68
CA ILE Q 18 61.87 -38.66 -38.99
C ILE Q 18 60.89 -39.57 -38.28
N ILE Q 19 59.62 -39.21 -38.24
CA ILE Q 19 58.62 -40.04 -37.57
C ILE Q 19 58.25 -41.20 -38.48
N LEU Q 20 58.58 -42.42 -38.05
CA LEU Q 20 58.19 -43.63 -38.76
C LEU Q 20 56.98 -44.30 -38.13
N TRP Q 21 56.89 -44.33 -36.80
CA TRP Q 21 55.74 -44.89 -36.12
C TRP Q 21 55.58 -44.24 -34.77
N GLU Q 22 54.36 -43.85 -34.45
CA GLU Q 22 54.00 -43.37 -33.12
C GLU Q 22 52.54 -43.69 -32.88
N GLN Q 23 52.25 -44.30 -31.73
CA GLN Q 23 50.89 -44.69 -31.42
C GLN Q 23 50.04 -43.44 -31.26
N ILE Q 24 49.06 -43.29 -32.13
CA ILE Q 24 48.25 -42.07 -32.18
C ILE Q 24 47.13 -42.17 -31.15
N THR Q 25 47.01 -41.16 -30.31
CA THR Q 25 45.97 -41.07 -29.31
C THR Q 25 45.32 -39.69 -29.41
N PRO Q 26 44.14 -39.52 -28.82
CA PRO Q 26 43.43 -38.24 -28.98
C PRO Q 26 44.22 -37.03 -28.48
N THR Q 27 45.22 -37.23 -27.63
CA THR Q 27 45.93 -36.10 -27.03
C THR Q 27 47.44 -36.27 -27.07
N GLY Q 28 47.98 -36.72 -28.22
CA GLY Q 28 49.42 -36.76 -28.40
C GLY Q 28 50.16 -37.47 -27.29
N HIS Q 29 49.98 -38.79 -27.20
CA HIS Q 29 50.56 -39.54 -26.10
C HIS Q 29 52.08 -39.45 -26.08
N SER Q 30 52.72 -39.35 -27.24
CA SER Q 30 54.17 -39.45 -27.33
C SER Q 30 54.86 -38.11 -27.51
N ARG Q 31 54.14 -36.99 -27.44
CA ARG Q 31 54.72 -35.67 -27.66
C ARG Q 31 54.62 -34.82 -26.40
N LYS Q 32 55.65 -34.01 -26.17
CA LYS Q 32 55.72 -33.10 -25.04
C LYS Q 32 56.18 -31.73 -25.52
N GLU Q 33 55.70 -30.68 -24.84
CA GLU Q 33 56.04 -29.32 -25.20
C GLU Q 33 57.11 -28.77 -24.25
N TYR Q 34 58.04 -27.99 -24.80
CA TYR Q 34 59.12 -27.39 -24.05
C TYR Q 34 59.11 -25.89 -24.25
N THR Q 35 59.50 -25.16 -23.21
CA THR Q 35 59.64 -23.71 -23.32
C THR Q 35 60.99 -23.39 -23.95
N PRO Q 36 61.02 -22.67 -25.08
CA PRO Q 36 62.32 -22.41 -25.72
C PRO Q 36 63.20 -21.53 -24.85
N GLN Q 37 64.51 -21.77 -24.95
CA GLN Q 37 65.47 -20.97 -24.19
C GLN Q 37 65.62 -19.59 -24.80
N ALA Q 38 66.26 -18.70 -24.05
CA ALA Q 38 66.39 -17.31 -24.44
C ALA Q 38 67.18 -17.11 -25.73
N SER Q 39 68.26 -17.87 -25.93
CA SER Q 39 69.10 -17.65 -27.11
C SER Q 39 69.52 -18.94 -27.79
N THR Q 40 68.67 -19.97 -27.84
CA THR Q 40 69.04 -21.25 -28.40
C THR Q 40 68.31 -21.49 -29.72
N GLU Q 41 69.04 -21.91 -30.74
CA GLU Q 41 68.43 -22.35 -31.99
C GLU Q 41 68.14 -23.84 -31.92
N TYR Q 42 67.04 -24.25 -32.54
CA TYR Q 42 66.61 -25.64 -32.53
C TYR Q 42 66.42 -26.14 -33.96
N ARG Q 43 66.75 -27.41 -34.18
CA ARG Q 43 66.59 -28.06 -35.47
C ARG Q 43 66.15 -29.50 -35.25
N VAL Q 44 65.52 -30.06 -36.27
CA VAL Q 44 65.00 -31.42 -36.17
C VAL Q 44 66.14 -32.39 -35.93
N GLY Q 45 65.95 -33.29 -34.97
CA GLY Q 45 66.94 -34.30 -34.65
C GLY Q 45 67.78 -34.02 -33.43
N GLU Q 46 67.74 -32.80 -32.89
CA GLU Q 46 68.53 -32.47 -31.72
C GLU Q 46 67.91 -33.10 -30.47
N VAL Q 47 68.77 -33.32 -29.47
CA VAL Q 47 68.37 -33.97 -28.22
C VAL Q 47 68.29 -32.91 -27.13
N LEU Q 48 67.21 -32.95 -26.35
CA LEU Q 48 66.93 -31.95 -25.33
C LEU Q 48 66.84 -32.62 -23.97
N LYS Q 49 67.26 -31.89 -22.93
CA LYS Q 49 67.14 -32.38 -21.57
C LYS Q 49 65.74 -32.09 -21.03
N ALA Q 50 65.54 -32.43 -19.75
CA ALA Q 50 64.23 -32.23 -19.13
C ALA Q 50 63.83 -30.76 -19.08
N ASP Q 51 64.79 -29.85 -18.99
CA ASP Q 51 64.50 -28.42 -18.90
C ASP Q 51 64.46 -27.73 -20.25
N GLY Q 52 64.61 -28.48 -21.35
CA GLY Q 52 64.62 -27.90 -22.67
C GLY Q 52 65.98 -27.52 -23.20
N THR Q 53 67.03 -27.63 -22.40
CA THR Q 53 68.37 -27.32 -22.86
C THR Q 53 68.98 -28.52 -23.56
N LYS Q 54 69.80 -28.24 -24.57
CA LYS Q 54 70.43 -29.30 -25.34
C LYS Q 54 71.42 -30.07 -24.48
N VAL Q 55 71.54 -31.37 -24.76
CA VAL Q 55 72.42 -32.23 -23.99
C VAL Q 55 73.87 -31.92 -24.36
N GLN Q 56 74.69 -31.70 -23.34
CA GLN Q 56 76.12 -31.45 -23.51
C GLN Q 56 76.91 -32.69 -23.08
N ALA Q 57 78.22 -32.62 -23.28
CA ALA Q 57 79.08 -33.75 -22.92
C ALA Q 57 79.05 -33.98 -21.42
N GLY Q 58 79.13 -35.25 -21.04
CA GLY Q 58 79.14 -35.62 -19.63
C GLY Q 58 77.78 -35.73 -18.99
N GLU Q 59 76.69 -35.53 -19.75
CA GLU Q 59 75.35 -35.65 -19.19
C GLU Q 59 74.42 -36.44 -20.12
N GLU Q 60 74.93 -37.46 -20.80
CA GLU Q 60 74.09 -38.23 -21.73
C GLU Q 60 72.94 -38.92 -21.00
N ALA Q 61 73.13 -39.27 -19.73
CA ALA Q 61 72.09 -39.96 -18.99
C ALA Q 61 70.82 -39.14 -18.81
N GLN Q 62 70.90 -37.82 -19.00
CA GLN Q 62 69.75 -36.94 -18.80
C GLN Q 62 68.95 -36.70 -20.08
N ALA Q 63 69.30 -37.34 -21.18
CA ALA Q 63 68.55 -37.16 -22.42
C ALA Q 63 67.09 -37.49 -22.21
N ASP Q 64 66.21 -36.62 -22.67
CA ASP Q 64 64.78 -36.74 -22.41
C ASP Q 64 63.94 -36.92 -23.67
N SER Q 65 64.20 -36.13 -24.71
CA SER Q 65 63.37 -36.17 -25.91
C SER Q 65 64.19 -35.69 -27.10
N VAL Q 66 63.60 -35.83 -28.28
CA VAL Q 66 64.22 -35.45 -29.54
C VAL Q 66 63.41 -34.32 -30.16
N CYS Q 67 64.07 -33.21 -30.48
CA CYS Q 67 63.40 -32.08 -31.10
C CYS Q 67 62.92 -32.44 -32.50
N ILE Q 68 61.69 -32.00 -32.82
CA ILE Q 68 61.10 -32.29 -34.13
C ILE Q 68 60.56 -31.00 -34.75
N VAL Q 69 61.16 -29.87 -34.40
CA VAL Q 69 60.72 -28.57 -34.90
C VAL Q 69 61.92 -27.66 -35.09
N ASN Q 70 61.86 -26.82 -36.11
CA ASN Q 70 62.87 -25.80 -36.35
C ASN Q 70 62.43 -24.50 -35.67
N PHE Q 71 63.30 -23.95 -34.82
CA PHE Q 71 62.97 -22.78 -34.03
C PHE Q 71 64.04 -21.72 -34.27
N TYR Q 72 63.61 -20.48 -34.49
CA TYR Q 72 64.50 -19.36 -34.75
C TYR Q 72 64.56 -18.49 -33.51
N ALA Q 73 65.79 -18.23 -33.02
CA ALA Q 73 65.97 -17.46 -31.81
C ALA Q 73 65.64 -15.99 -31.97
N ASP Q 74 65.91 -15.41 -33.14
CA ASP Q 74 65.60 -14.00 -33.36
C ASP Q 74 64.10 -13.74 -33.45
N LEU Q 75 63.38 -14.56 -34.20
CA LEU Q 75 61.92 -14.41 -34.26
C LEU Q 75 61.25 -15.00 -33.03
N GLN Q 76 61.91 -15.94 -32.35
CA GLN Q 76 61.31 -16.66 -31.23
C GLN Q 76 60.01 -17.34 -31.67
N LEU Q 77 60.02 -17.86 -32.90
CA LEU Q 77 58.89 -18.57 -33.46
C LEU Q 77 59.39 -19.79 -34.22
N SER Q 78 58.59 -20.85 -34.21
CA SER Q 78 58.91 -22.02 -35.01
C SER Q 78 58.67 -21.71 -36.49
N TYR Q 79 59.18 -22.60 -37.34
CA TYR Q 79 59.00 -22.39 -38.78
C TYR Q 79 57.55 -22.53 -39.21
N HIS Q 80 56.67 -23.03 -38.35
CA HIS Q 80 55.23 -23.01 -38.58
C HIS Q 80 54.54 -21.92 -37.75
N GLY Q 81 55.31 -21.02 -37.15
CA GLY Q 81 54.73 -19.92 -36.39
C GLY Q 81 54.18 -20.29 -35.03
N GLN Q 82 54.71 -21.34 -34.40
CA GLN Q 82 54.28 -21.73 -33.07
C GLN Q 82 55.18 -21.12 -32.02
N LEU Q 83 54.66 -21.00 -30.79
CA LEU Q 83 55.36 -20.31 -29.72
C LEU Q 83 56.19 -21.22 -28.84
N LYS Q 84 56.18 -22.54 -29.07
CA LYS Q 84 56.85 -23.47 -28.17
C LYS Q 84 57.47 -24.61 -28.97
N VAL Q 85 58.44 -25.26 -28.35
CA VAL Q 85 59.14 -26.39 -28.96
C VAL Q 85 58.44 -27.68 -28.57
N VAL Q 86 58.53 -28.68 -29.45
CA VAL Q 86 57.92 -29.99 -29.24
C VAL Q 86 58.98 -31.06 -29.40
N GLY Q 87 58.81 -32.18 -28.71
CA GLY Q 87 59.75 -33.26 -28.78
C GLY Q 87 59.09 -34.59 -28.49
N ILE Q 88 59.67 -35.65 -29.07
CA ILE Q 88 59.19 -37.00 -28.85
C ILE Q 88 59.90 -37.59 -27.63
N HIS Q 89 59.13 -38.14 -26.70
CA HIS Q 89 59.69 -38.60 -25.43
C HIS Q 89 59.27 -40.00 -25.01
N ARG Q 90 58.49 -40.73 -25.80
CA ARG Q 90 58.12 -42.09 -25.42
C ARG Q 90 57.42 -42.79 -26.57
N ASP Q 91 57.62 -44.11 -26.65
CA ASP Q 91 56.91 -44.99 -27.57
C ASP Q 91 56.87 -44.42 -28.99
N ALA Q 92 58.06 -44.33 -29.60
CA ALA Q 92 58.16 -43.88 -30.98
C ALA Q 92 59.30 -44.61 -31.67
N GLU Q 93 59.20 -44.69 -32.99
CA GLU Q 93 60.28 -45.20 -33.84
C GLU Q 93 60.70 -44.08 -34.77
N LEU Q 94 62.00 -43.78 -34.78
CA LEU Q 94 62.51 -42.60 -35.46
C LEU Q 94 63.66 -42.98 -36.37
N LYS Q 95 63.80 -42.22 -37.46
CA LYS Q 95 64.96 -42.38 -38.33
C LYS Q 95 66.23 -42.01 -37.57
N ASP Q 96 67.30 -42.75 -37.81
CA ASP Q 96 68.57 -42.54 -37.12
C ASP Q 96 69.32 -41.38 -37.77
N LEU Q 97 68.89 -40.17 -37.38
CA LEU Q 97 69.48 -38.93 -37.88
C LEU Q 97 69.67 -37.95 -36.73
N LEU Q 98 70.18 -38.43 -35.60
CA LEU Q 98 70.34 -37.58 -34.43
C LEU Q 98 71.42 -36.53 -34.66
N THR Q 99 71.23 -35.36 -34.06
CA THR Q 99 72.23 -34.30 -34.04
C THR Q 99 72.68 -34.09 -32.60
N LEU Q 100 73.99 -34.14 -32.37
CA LEU Q 100 74.54 -34.13 -31.03
C LEU Q 100 75.59 -33.02 -30.90
N GLU Q 101 75.73 -32.51 -29.68
CA GLU Q 101 76.76 -31.53 -29.40
C GLU Q 101 78.14 -32.17 -29.51
N ALA Q 102 79.16 -31.33 -29.36
CA ALA Q 102 80.54 -31.81 -29.50
C ALA Q 102 80.88 -32.83 -28.42
N SER Q 103 81.53 -33.92 -28.83
CA SER Q 103 82.05 -34.94 -27.92
C SER Q 103 80.94 -35.64 -27.13
N VAL Q 104 79.72 -35.68 -27.67
CA VAL Q 104 78.64 -36.39 -26.99
C VAL Q 104 78.68 -37.87 -27.38
N ASP Q 105 78.46 -38.74 -26.40
CA ASP Q 105 78.48 -40.18 -26.62
C ASP Q 105 77.14 -40.61 -27.23
N ALA Q 106 77.16 -41.02 -28.50
CA ALA Q 106 75.92 -41.41 -29.15
C ALA Q 106 75.32 -42.66 -28.51
N ALA Q 107 76.17 -43.63 -28.15
CA ALA Q 107 75.66 -44.86 -27.57
C ALA Q 107 74.96 -44.61 -26.24
N ALA Q 108 75.53 -43.77 -25.38
CA ALA Q 108 74.89 -43.47 -24.10
C ALA Q 108 73.54 -42.79 -24.32
N VAL Q 109 73.47 -41.84 -25.25
CA VAL Q 109 72.21 -41.16 -25.52
C VAL Q 109 71.17 -42.16 -26.03
N LYS Q 110 71.58 -43.04 -26.94
CA LYS Q 110 70.64 -44.02 -27.48
C LYS Q 110 70.14 -44.95 -26.38
N THR Q 111 71.04 -45.41 -25.51
CA THR Q 111 70.61 -46.27 -24.41
C THR Q 111 69.64 -45.55 -23.48
N ALA Q 112 69.93 -44.29 -23.15
CA ALA Q 112 69.04 -43.54 -22.28
C ALA Q 112 67.67 -43.37 -22.91
N LEU Q 113 67.63 -43.00 -24.20
CA LEU Q 113 66.35 -42.86 -24.89
C LEU Q 113 65.67 -44.20 -25.10
N ALA Q 114 66.45 -45.25 -25.37
CA ALA Q 114 65.87 -46.57 -25.59
C ALA Q 114 65.13 -47.06 -24.36
N ALA Q 115 65.53 -46.61 -23.17
CA ALA Q 115 64.82 -47.00 -21.95
C ALA Q 115 63.40 -46.45 -21.92
N LYS Q 116 63.13 -45.37 -22.64
CA LYS Q 116 61.80 -44.77 -22.70
C LYS Q 116 60.96 -45.33 -23.85
N GLY Q 117 61.47 -46.34 -24.56
CA GLY Q 117 60.70 -46.93 -25.64
C GLY Q 117 60.90 -46.30 -26.99
N ILE Q 118 61.96 -45.53 -27.17
CA ILE Q 118 62.28 -44.89 -28.44
C ILE Q 118 63.31 -45.75 -29.15
N ASP Q 119 62.95 -46.23 -30.35
CA ASP Q 119 63.81 -47.11 -31.13
C ASP Q 119 64.23 -46.40 -32.41
N PHE Q 120 65.49 -46.59 -32.79
CA PHE Q 120 66.05 -46.00 -33.99
C PHE Q 120 66.25 -47.06 -35.06
N VAL Q 121 65.73 -46.79 -36.25
CA VAL Q 121 65.81 -47.72 -37.38
C VAL Q 121 67.10 -47.45 -38.14
N PRO Q 122 67.86 -48.48 -38.54
CA PRO Q 122 69.06 -48.24 -39.34
C PRO Q 122 68.76 -47.44 -40.59
N THR Q 123 69.42 -46.30 -40.76
CA THR Q 123 69.16 -45.40 -41.88
C THR Q 123 70.38 -45.36 -42.79
N GLY Q 124 70.16 -45.60 -44.08
CA GLY Q 124 71.22 -45.54 -45.05
C GLY Q 124 71.54 -44.11 -45.45
N LEU Q 125 72.62 -43.96 -46.21
CA LEU Q 125 73.06 -42.65 -46.67
C LEU Q 125 72.23 -42.21 -47.87
N ALA R 2 58.00 -105.20 -34.76
CA ALA R 2 59.27 -104.61 -34.36
C ALA R 2 60.07 -105.56 -33.48
N TYR R 3 61.12 -105.05 -32.86
CA TYR R 3 61.93 -105.89 -31.97
C TYR R 3 61.16 -106.22 -30.70
N GLN R 4 60.27 -105.33 -30.25
CA GLN R 4 59.36 -105.63 -29.15
C GLN R 4 57.92 -105.34 -29.57
N GLY R 5 57.65 -105.41 -30.88
CA GLY R 5 56.29 -105.38 -31.38
C GLY R 5 55.72 -104.01 -31.69
N PHE R 6 56.46 -102.94 -31.45
CA PHE R 6 55.93 -101.60 -31.73
C PHE R 6 57.07 -100.67 -32.13
N THR R 7 56.71 -99.63 -32.87
CA THR R 7 57.62 -98.56 -33.26
C THR R 7 56.93 -97.22 -33.08
N LYS R 8 57.73 -96.19 -32.79
CA LYS R 8 57.20 -94.84 -32.58
C LYS R 8 58.18 -93.87 -33.22
N LEU R 9 57.79 -93.30 -34.37
CA LEU R 9 58.67 -92.38 -35.08
C LEU R 9 58.82 -91.04 -34.36
N GLY R 10 57.73 -90.52 -33.80
CA GLY R 10 57.78 -89.27 -33.06
C GLY R 10 56.53 -88.44 -33.29
N ASN R 11 56.39 -87.39 -32.49
CA ASN R 11 55.24 -86.50 -32.57
C ASN R 11 55.62 -85.21 -33.28
N ARG R 12 54.61 -84.53 -33.81
CA ARG R 12 54.83 -83.25 -34.48
C ARG R 12 55.28 -82.20 -33.46
N GLU R 13 56.24 -81.37 -33.87
CA GLU R 13 56.72 -80.32 -33.00
C GLU R 13 55.65 -79.25 -32.83
N PRO R 14 55.69 -78.50 -31.72
CA PRO R 14 54.70 -77.44 -31.52
C PRO R 14 54.75 -76.42 -32.65
N LEU R 15 53.56 -75.93 -33.05
CA LEU R 15 53.46 -74.92 -34.08
C LEU R 15 53.37 -73.53 -33.46
N ASN R 16 53.84 -72.53 -34.20
CA ASN R 16 53.82 -71.16 -33.71
C ASN R 16 52.41 -70.59 -33.79
N ASP R 17 51.61 -70.84 -32.76
CA ASP R 17 50.25 -70.32 -32.71
C ASP R 17 49.88 -69.77 -31.35
N ILE R 18 50.84 -69.63 -30.43
CA ILE R 18 50.54 -69.09 -29.10
C ILE R 18 50.31 -67.59 -29.14
N ILE R 19 50.62 -66.93 -30.26
CA ILE R 19 50.44 -65.48 -30.34
C ILE R 19 48.96 -65.18 -30.48
N LEU R 20 48.43 -64.41 -29.53
CA LEU R 20 47.03 -63.95 -29.57
C LEU R 20 46.92 -62.48 -29.94
N TRP R 21 47.77 -61.62 -29.36
CA TRP R 21 47.78 -60.21 -29.69
C TRP R 21 49.17 -59.66 -29.43
N GLU R 22 49.70 -58.91 -30.40
CA GLU R 22 50.96 -58.23 -30.27
C GLU R 22 50.92 -56.94 -31.08
N GLN R 23 51.44 -55.87 -30.50
CA GLN R 23 51.46 -54.58 -31.18
C GLN R 23 52.30 -54.69 -32.44
N ILE R 24 51.76 -54.17 -33.55
CA ILE R 24 52.37 -54.29 -34.87
C ILE R 24 52.88 -52.93 -35.30
N THR R 25 54.13 -52.88 -35.73
CA THR R 25 54.76 -51.66 -36.22
C THR R 25 55.59 -52.02 -37.44
N PRO R 26 56.04 -51.03 -38.21
CA PRO R 26 56.87 -51.34 -39.39
C PRO R 26 58.07 -52.20 -39.05
N THR R 27 58.69 -51.97 -37.89
CA THR R 27 59.74 -52.83 -37.37
C THR R 27 59.22 -53.54 -36.12
N GLY R 28 59.54 -54.82 -36.00
CA GLY R 28 59.05 -55.61 -34.87
C GLY R 28 59.31 -54.94 -33.54
N HIS R 29 58.22 -54.53 -32.87
CA HIS R 29 58.35 -53.83 -31.60
C HIS R 29 58.48 -54.80 -30.43
N SER R 30 57.78 -55.93 -30.49
CA SER R 30 57.77 -56.91 -29.41
C SER R 30 58.64 -58.12 -29.70
N ARG R 31 59.42 -58.11 -30.77
CA ARG R 31 60.26 -59.24 -31.15
C ARG R 31 61.73 -58.84 -31.08
N LYS R 32 62.54 -59.74 -30.52
CA LYS R 32 63.98 -59.53 -30.40
C LYS R 32 64.70 -60.77 -30.88
N GLU R 33 65.91 -60.58 -31.41
CA GLU R 33 66.70 -61.69 -31.93
C GLU R 33 67.75 -62.13 -30.92
N TYR R 34 67.97 -63.44 -30.85
CA TYR R 34 68.95 -64.03 -29.95
C TYR R 34 69.93 -64.87 -30.75
N THR R 35 71.20 -64.82 -30.38
CA THR R 35 72.20 -65.68 -31.00
C THR R 35 72.09 -67.08 -30.43
N PRO R 36 71.84 -68.10 -31.25
CA PRO R 36 71.63 -69.45 -30.72
C PRO R 36 72.86 -69.95 -29.97
N GLN R 37 72.61 -70.67 -28.88
CA GLN R 37 73.69 -71.28 -28.12
C GLN R 37 74.18 -72.54 -28.82
N ALA R 38 75.43 -72.92 -28.51
CA ALA R 38 76.02 -74.08 -29.14
C ALA R 38 75.34 -75.37 -28.65
N SER R 39 74.97 -76.21 -29.61
CA SER R 39 74.38 -77.52 -29.31
C SER R 39 73.20 -77.41 -28.34
N THR R 40 72.32 -76.45 -28.59
CA THR R 40 71.13 -76.24 -27.76
C THR R 40 69.89 -76.26 -28.64
N GLU R 41 68.95 -77.13 -28.31
CA GLU R 41 67.69 -77.19 -29.04
C GLU R 41 66.71 -76.18 -28.46
N TYR R 42 65.90 -75.60 -29.35
CA TYR R 42 64.88 -74.64 -28.95
C TYR R 42 63.52 -75.09 -29.49
N ARG R 43 62.48 -74.86 -28.70
CA ARG R 43 61.11 -75.19 -29.07
C ARG R 43 60.18 -74.06 -28.64
N VAL R 44 59.02 -74.01 -29.28
CA VAL R 44 58.07 -72.95 -29.00
C VAL R 44 57.61 -73.03 -27.55
N GLY R 45 57.57 -71.89 -26.88
CA GLY R 45 57.12 -71.82 -25.50
C GLY R 45 58.20 -71.87 -24.45
N GLU R 46 59.47 -71.89 -24.85
CA GLU R 46 60.55 -71.93 -23.89
C GLU R 46 60.95 -70.52 -23.47
N VAL R 47 61.34 -70.38 -22.20
CA VAL R 47 61.74 -69.11 -21.63
C VAL R 47 63.25 -68.98 -21.75
N LEU R 48 63.71 -67.83 -22.26
CA LEU R 48 65.12 -67.58 -22.50
C LEU R 48 65.60 -66.41 -21.65
N LYS R 49 66.85 -66.49 -21.20
CA LYS R 49 67.44 -65.39 -20.46
C LYS R 49 67.91 -64.30 -21.42
N ALA R 50 68.51 -63.25 -20.86
CA ALA R 50 68.97 -62.12 -21.66
C ALA R 50 70.07 -62.51 -22.65
N ASP R 51 70.76 -63.62 -22.43
CA ASP R 51 71.87 -64.04 -23.29
C ASP R 51 71.51 -65.22 -24.17
N GLY R 52 70.21 -65.54 -24.30
CA GLY R 52 69.79 -66.64 -25.13
C GLY R 52 69.81 -68.00 -24.47
N THR R 53 70.25 -68.08 -23.22
CA THR R 53 70.28 -69.35 -22.51
C THR R 53 68.97 -69.58 -21.76
N LYS R 54 68.52 -70.84 -21.76
CA LYS R 54 67.28 -71.18 -21.09
C LYS R 54 67.40 -70.94 -19.58
N VAL R 55 66.29 -70.52 -18.99
CA VAL R 55 66.26 -70.19 -17.57
C VAL R 55 66.36 -71.47 -16.75
N GLN R 56 67.30 -71.50 -15.81
CA GLN R 56 67.49 -72.65 -14.94
C GLN R 56 66.77 -72.44 -13.62
N ALA R 57 66.75 -73.47 -12.79
CA ALA R 57 66.12 -73.38 -11.48
C ALA R 57 66.86 -72.39 -10.60
N GLY R 58 66.10 -71.65 -9.80
CA GLY R 58 66.67 -70.68 -8.88
C GLY R 58 66.97 -69.32 -9.49
N GLU R 59 66.69 -69.12 -10.78
CA GLU R 59 66.94 -67.86 -11.46
C GLU R 59 65.74 -67.42 -12.30
N GLU R 60 64.53 -67.62 -11.77
CA GLU R 60 63.34 -67.24 -12.50
C GLU R 60 63.25 -65.74 -12.71
N ALA R 61 63.89 -64.95 -11.84
CA ALA R 61 63.83 -63.49 -11.97
C ALA R 61 64.53 -63.00 -13.22
N GLN R 62 65.34 -63.84 -13.87
CA GLN R 62 66.10 -63.44 -15.04
C GLN R 62 65.39 -63.75 -16.35
N ALA R 63 64.14 -64.22 -16.31
CA ALA R 63 63.41 -64.48 -17.54
C ALA R 63 63.30 -63.21 -18.37
N ASP R 64 63.50 -63.36 -19.68
CA ASP R 64 63.55 -62.20 -20.57
C ASP R 64 62.54 -62.29 -21.69
N SER R 65 62.33 -63.47 -22.25
CA SER R 65 61.47 -63.62 -23.41
C SER R 65 61.05 -65.07 -23.56
N VAL R 66 60.15 -65.31 -24.51
CA VAL R 66 59.63 -66.63 -24.81
C VAL R 66 59.96 -66.97 -26.26
N CYS R 67 60.60 -68.12 -26.48
CA CYS R 67 60.94 -68.54 -27.82
C CYS R 67 59.68 -68.90 -28.60
N ILE R 68 59.67 -68.54 -29.89
CA ILE R 68 58.50 -68.77 -30.75
C ILE R 68 58.91 -69.41 -32.06
N VAL R 69 60.13 -69.96 -32.12
CA VAL R 69 60.65 -70.59 -33.33
C VAL R 69 61.37 -71.86 -32.94
N ASN R 70 61.14 -72.92 -33.71
CA ASN R 70 61.85 -74.18 -33.50
C ASN R 70 63.24 -74.10 -34.13
N PHE R 71 64.25 -74.49 -33.36
CA PHE R 71 65.64 -74.42 -33.80
C PHE R 71 66.28 -75.79 -33.64
N TYR R 72 66.97 -76.25 -34.67
CA TYR R 72 67.64 -77.54 -34.68
C TYR R 72 69.13 -77.32 -34.51
N ALA R 73 69.72 -77.98 -33.49
CA ALA R 73 71.13 -77.80 -33.19
C ALA R 73 72.04 -78.33 -34.29
N ASP R 74 71.75 -79.51 -34.84
CA ASP R 74 72.63 -80.09 -35.84
C ASP R 74 72.66 -79.25 -37.12
N LEU R 75 71.49 -78.77 -37.57
CA LEU R 75 71.46 -77.90 -38.73
C LEU R 75 71.89 -76.47 -38.39
N GLN R 76 71.73 -76.06 -37.13
CA GLN R 76 71.95 -74.67 -36.73
C GLN R 76 71.07 -73.73 -37.54
N LEU R 77 69.87 -74.20 -37.88
CA LEU R 77 68.91 -73.43 -38.65
C LEU R 77 67.52 -73.62 -38.05
N SER R 78 66.72 -72.56 -38.10
CA SER R 78 65.33 -72.67 -37.66
C SER R 78 64.54 -73.50 -38.66
N TYR R 79 63.36 -73.94 -38.23
CA TYR R 79 62.51 -74.76 -39.10
C TYR R 79 62.01 -73.99 -40.32
N HIS R 80 62.13 -72.66 -40.31
CA HIS R 80 61.82 -71.83 -41.47
C HIS R 80 63.06 -71.42 -42.24
N GLY R 81 64.23 -71.96 -41.89
CA GLY R 81 65.45 -71.64 -42.61
C GLY R 81 66.13 -70.36 -42.19
N GLN R 82 65.79 -69.81 -41.02
CA GLN R 82 66.41 -68.59 -40.54
C GLN R 82 67.62 -68.89 -39.68
N LEU R 83 68.56 -67.94 -39.64
CA LEU R 83 69.82 -68.15 -38.96
C LEU R 83 69.79 -67.77 -37.48
N LYS R 84 68.72 -67.14 -37.00
CA LYS R 84 68.67 -66.61 -35.64
C LYS R 84 67.35 -66.96 -34.98
N VAL R 85 67.38 -67.04 -33.65
CA VAL R 85 66.18 -67.31 -32.86
C VAL R 85 65.44 -66.01 -32.60
N VAL R 86 64.12 -66.11 -32.45
CA VAL R 86 63.26 -64.96 -32.22
C VAL R 86 62.37 -65.25 -31.02
N GLY R 87 62.11 -64.22 -30.21
CA GLY R 87 61.27 -64.38 -29.04
C GLY R 87 60.50 -63.10 -28.74
N ILE R 88 59.47 -63.25 -27.92
CA ILE R 88 58.62 -62.14 -27.53
C ILE R 88 59.10 -61.63 -26.17
N HIS R 89 59.34 -60.32 -26.09
CA HIS R 89 59.94 -59.72 -24.90
C HIS R 89 59.19 -58.51 -24.36
N ARG R 90 58.02 -58.17 -24.89
CA ARG R 90 57.24 -57.05 -24.36
C ARG R 90 55.89 -57.00 -25.05
N ASP R 91 54.91 -56.43 -24.34
CA ASP R 91 53.62 -56.04 -24.91
C ASP R 91 53.02 -57.14 -25.78
N ALA R 92 52.68 -58.28 -25.18
CA ALA R 92 52.05 -59.36 -25.94
C ALA R 92 51.16 -60.18 -25.01
N GLU R 93 50.22 -60.88 -25.62
CA GLU R 93 49.34 -61.82 -24.93
C GLU R 93 49.56 -63.20 -25.53
N LEU R 94 49.82 -64.19 -24.68
CA LEU R 94 50.21 -65.52 -25.13
C LEU R 94 49.34 -66.58 -24.46
N LYS R 95 49.23 -67.72 -25.13
CA LYS R 95 48.56 -68.87 -24.53
C LYS R 95 49.41 -69.45 -23.41
N ASP R 96 48.73 -70.06 -22.43
CA ASP R 96 49.40 -70.65 -21.28
C ASP R 96 49.93 -72.04 -21.63
N LEU R 97 50.97 -72.06 -22.46
CA LEU R 97 51.60 -73.28 -22.93
C LEU R 97 53.12 -73.20 -22.78
N LEU R 98 53.57 -72.70 -21.64
CA LEU R 98 55.01 -72.55 -21.41
C LEU R 98 55.67 -73.90 -21.23
N THR R 99 56.97 -73.94 -21.54
CA THR R 99 57.82 -75.09 -21.27
C THR R 99 58.95 -74.63 -20.36
N LEU R 100 59.15 -75.33 -19.24
CA LEU R 100 60.09 -74.91 -18.23
C LEU R 100 61.01 -76.06 -17.84
N GLU R 101 62.24 -75.71 -17.46
CA GLU R 101 63.20 -76.71 -17.01
C GLU R 101 62.76 -77.28 -15.66
N ALA R 102 63.38 -78.39 -15.29
CA ALA R 102 63.00 -79.09 -14.06
C ALA R 102 63.13 -78.17 -12.85
N SER R 103 62.10 -78.17 -12.00
CA SER R 103 62.08 -77.46 -10.73
C SER R 103 62.02 -75.95 -10.91
N VAL R 104 61.62 -75.46 -12.08
CA VAL R 104 61.46 -74.04 -12.29
C VAL R 104 60.05 -73.63 -11.87
N ASP R 105 59.96 -72.62 -11.01
CA ASP R 105 58.67 -72.19 -10.47
C ASP R 105 57.97 -71.36 -11.54
N ALA R 106 56.81 -71.84 -11.98
CA ALA R 106 56.06 -71.15 -13.03
C ALA R 106 55.56 -69.79 -12.55
N ALA R 107 55.13 -69.69 -11.30
CA ALA R 107 54.58 -68.43 -10.80
C ALA R 107 55.63 -67.33 -10.84
N ALA R 108 56.85 -67.64 -10.43
CA ALA R 108 57.92 -66.64 -10.47
C ALA R 108 58.22 -66.19 -11.89
N VAL R 109 58.23 -67.14 -12.83
CA VAL R 109 58.49 -66.79 -14.23
C VAL R 109 57.39 -65.87 -14.76
N LYS R 110 56.14 -66.21 -14.46
CA LYS R 110 55.03 -65.38 -14.91
C LYS R 110 55.09 -63.98 -14.30
N THR R 111 55.42 -63.89 -13.00
CA THR R 111 55.53 -62.59 -12.36
C THR R 111 56.64 -61.77 -12.99
N ALA R 112 57.79 -62.39 -13.27
CA ALA R 112 58.90 -61.67 -13.89
C ALA R 112 58.52 -61.19 -15.28
N LEU R 113 57.84 -62.04 -16.06
CA LEU R 113 57.44 -61.66 -17.40
C LEU R 113 56.33 -60.60 -17.39
N ALA R 114 55.45 -60.64 -16.40
CA ALA R 114 54.36 -59.66 -16.33
C ALA R 114 54.89 -58.24 -16.24
N ALA R 115 56.06 -58.04 -15.63
CA ALA R 115 56.62 -56.70 -15.52
C ALA R 115 56.87 -56.08 -16.87
N LYS R 116 57.13 -56.89 -17.89
CA LYS R 116 57.40 -56.40 -19.24
C LYS R 116 56.14 -56.23 -20.08
N GLY R 117 54.96 -56.47 -19.51
CA GLY R 117 53.73 -56.32 -20.25
C GLY R 117 53.29 -57.56 -20.98
N ILE R 118 53.66 -58.74 -20.51
CA ILE R 118 53.28 -60.01 -21.12
C ILE R 118 52.24 -60.66 -20.22
N ASP R 119 51.12 -61.06 -20.80
CA ASP R 119 50.03 -61.70 -20.08
C ASP R 119 49.71 -63.05 -20.73
N PHE R 120 49.27 -64.00 -19.90
CA PHE R 120 48.97 -65.35 -20.35
C PHE R 120 47.46 -65.59 -20.22
N VAL R 121 46.83 -65.96 -21.33
CA VAL R 121 45.41 -66.27 -21.36
C VAL R 121 45.21 -67.70 -20.88
N PRO R 122 44.28 -67.96 -19.94
CA PRO R 122 44.04 -69.34 -19.53
C PRO R 122 43.67 -70.22 -20.71
N THR R 123 44.22 -71.43 -20.74
CA THR R 123 44.04 -72.37 -21.84
C THR R 123 43.41 -73.65 -21.32
N GLY R 124 42.30 -74.04 -21.94
CA GLY R 124 41.68 -75.31 -21.59
C GLY R 124 42.35 -76.48 -22.28
N LEU R 125 42.24 -77.65 -21.66
CA LEU R 125 42.84 -78.86 -22.21
C LEU R 125 42.14 -79.28 -23.49
N MET S 1 37.49 20.69 3.63
CA MET S 1 36.52 20.28 2.58
C MET S 1 35.16 19.97 3.21
N ILE S 2 34.12 20.63 2.70
CA ILE S 2 32.77 20.37 3.16
C ILE S 2 32.21 19.18 2.39
N LYS S 3 31.95 18.08 3.10
CA LYS S 3 31.46 16.87 2.48
C LYS S 3 30.00 17.02 2.10
N ALA S 4 29.58 16.25 1.09
CA ALA S 4 28.22 16.36 0.57
C ALA S 4 27.21 15.87 1.60
N LYS S 5 26.06 16.54 1.64
CA LYS S 5 24.94 16.15 2.51
C LYS S 5 25.37 16.08 3.98
N THR S 6 26.26 16.99 4.40
CA THR S 6 26.70 16.98 5.79
C THR S 6 25.74 17.74 6.71
N TYR S 7 24.83 18.54 6.16
CA TYR S 7 23.86 19.23 6.96
C TYR S 7 22.46 18.98 6.44
N PRO S 8 21.45 18.92 7.31
CA PRO S 8 20.06 18.73 6.84
C PRO S 8 19.36 20.03 6.47
N ASP S 9 19.98 21.18 6.71
CA ASP S 9 19.27 22.45 6.54
C ASP S 9 20.26 23.55 6.20
N PHE S 10 19.79 24.48 5.38
CA PHE S 10 20.60 25.64 5.03
C PHE S 10 20.93 26.48 6.25
N LYS S 11 20.04 26.50 7.25
CA LYS S 11 20.30 27.28 8.44
C LYS S 11 21.55 26.81 9.16
N GLU S 12 21.73 25.50 9.29
CA GLU S 12 22.95 24.97 9.87
C GLU S 12 24.12 25.03 8.90
N PHE S 13 23.87 24.92 7.60
CA PHE S 13 24.96 25.01 6.65
C PHE S 13 25.65 26.37 6.71
N VAL S 14 24.86 27.44 6.83
CA VAL S 14 25.47 28.76 6.91
C VAL S 14 26.31 28.90 8.18
N LYS S 15 25.82 28.35 9.30
CA LYS S 15 26.60 28.40 10.53
C LYS S 15 27.93 27.68 10.35
N GLY S 16 27.89 26.48 9.74
CA GLY S 16 29.14 25.78 9.48
C GLY S 16 30.07 26.56 8.58
N PHE S 17 29.52 27.19 7.55
CA PHE S 17 30.33 27.97 6.63
C PHE S 17 31.01 29.13 7.34
N ILE S 18 30.26 29.86 8.16
CA ILE S 18 30.84 30.99 8.88
C ILE S 18 31.91 30.51 9.84
N ALA S 19 31.64 29.41 10.57
CA ALA S 19 32.62 28.90 11.50
C ALA S 19 33.90 28.50 10.80
N ASN S 20 33.79 27.86 9.63
CA ASN S 20 34.98 27.51 8.87
C ASN S 20 35.72 28.75 8.39
N VAL S 21 34.99 29.76 7.91
CA VAL S 21 35.64 30.96 7.38
C VAL S 21 36.38 31.70 8.47
N LYS S 22 35.85 31.69 9.70
CA LYS S 22 36.56 32.35 10.79
C LYS S 22 37.85 31.64 11.16
N ALA S 23 38.09 30.44 10.64
CA ALA S 23 39.31 29.70 10.90
C ALA S 23 40.38 29.95 9.85
N GLY S 24 40.20 30.97 9.00
CA GLY S 24 41.16 31.26 7.95
C GLY S 24 40.94 30.53 6.66
N LYS S 25 39.99 29.60 6.60
CA LYS S 25 39.71 28.89 5.37
C LYS S 25 39.00 29.78 4.36
N ARG S 26 39.22 29.52 3.09
CA ARG S 26 38.63 30.30 2.01
C ARG S 26 38.00 29.38 0.99
N TYR S 27 36.88 29.82 0.41
CA TYR S 27 36.15 29.06 -0.59
C TYR S 27 35.79 29.95 -1.77
N ASP S 28 35.72 29.35 -2.95
CA ASP S 28 35.36 30.06 -4.17
C ASP S 28 34.83 29.06 -5.17
N PHE S 29 33.54 29.18 -5.52
CA PHE S 29 32.93 28.26 -6.47
C PHE S 29 32.04 29.00 -7.46
N ARG S 30 32.44 30.19 -7.88
CA ARG S 30 31.62 30.96 -8.82
C ARG S 30 31.50 30.25 -10.15
N THR S 31 32.57 29.57 -10.57
CA THR S 31 32.62 28.98 -11.91
C THR S 31 31.77 27.73 -12.06
N TYR S 32 31.48 27.01 -10.96
CA TYR S 32 30.65 25.82 -11.03
C TYR S 32 29.56 25.84 -9.96
N GLN S 33 28.87 26.97 -9.82
CA GLN S 33 27.81 27.09 -8.83
C GLN S 33 26.70 26.07 -9.08
N GLU S 34 26.45 25.74 -10.34
CA GLU S 34 25.31 24.90 -10.67
C GLU S 34 25.38 23.54 -10.00
N ALA S 35 26.59 23.05 -9.72
CA ALA S 35 26.79 21.68 -9.26
C ALA S 35 26.97 21.55 -7.75
N ILE S 36 26.76 22.63 -6.99
CA ILE S 36 26.96 22.61 -5.55
C ILE S 36 25.64 22.85 -4.80
N LEU S 37 24.83 23.79 -5.27
CA LEU S 37 23.66 24.22 -4.54
C LEU S 37 22.52 23.23 -4.74
N PRO S 38 21.91 22.69 -3.68
CA PRO S 38 20.75 21.81 -3.87
C PRO S 38 19.53 22.58 -4.35
N LEU S 39 18.39 21.90 -4.47
CA LEU S 39 17.22 22.51 -5.10
C LEU S 39 16.62 23.61 -4.23
N THR S 40 16.45 23.35 -2.94
CA THR S 40 15.75 24.26 -2.05
C THR S 40 16.58 24.53 -0.81
N TYR S 41 16.05 25.39 0.05
CA TYR S 41 16.69 25.69 1.33
C TYR S 41 16.36 24.67 2.39
N SER S 42 15.52 23.68 2.12
CA SER S 42 15.18 22.67 3.10
C SER S 42 15.78 21.30 2.77
N SER S 43 16.43 21.16 1.62
CA SER S 43 17.09 19.91 1.27
C SER S 43 18.39 19.77 2.06
N TYR S 44 19.13 18.70 1.77
CA TYR S 44 20.40 18.48 2.44
C TYR S 44 21.50 19.28 1.76
N TRP S 45 22.25 20.04 2.56
CA TRP S 45 23.25 20.96 2.08
C TRP S 45 24.65 20.49 2.48
N PRO S 46 25.65 20.62 1.60
CA PRO S 46 25.60 21.02 0.19
C PRO S 46 25.32 19.84 -0.72
N GLU S 47 24.98 20.07 -1.99
CA GLU S 47 24.71 18.96 -2.88
C GLU S 47 25.97 18.15 -3.18
N ALA S 48 27.12 18.83 -3.30
CA ALA S 48 28.37 18.16 -3.62
C ALA S 48 29.49 18.74 -2.76
N ASP S 49 30.64 18.09 -2.80
CA ASP S 49 31.77 18.50 -1.98
C ASP S 49 32.28 19.87 -2.42
N ILE S 50 32.69 20.67 -1.45
CA ILE S 50 33.28 21.99 -1.68
C ILE S 50 34.70 21.96 -1.12
N ALA S 51 35.65 22.33 -1.96
CA ALA S 51 37.06 22.33 -1.55
C ALA S 51 37.51 23.73 -1.21
N GLU S 52 38.47 23.83 -0.28
CA GLU S 52 39.05 25.11 0.06
C GLU S 52 39.79 25.69 -1.14
N VAL S 53 40.23 26.94 -0.98
CA VAL S 53 40.99 27.63 -2.01
C VAL S 53 42.23 28.23 -1.36
N GLU S 54 43.31 28.32 -2.14
CA GLU S 54 44.57 28.83 -1.60
C GLU S 54 44.54 30.33 -1.40
N LYS S 55 44.01 31.09 -2.36
CA LYS S 55 44.05 32.54 -2.34
C LYS S 55 42.64 33.09 -2.37
N PHE S 56 42.51 34.37 -2.01
CA PHE S 56 41.23 35.06 -1.99
C PHE S 56 41.38 36.43 -2.66
N ASP S 57 42.03 36.44 -3.84
CA ASP S 57 42.20 37.67 -4.61
C ASP S 57 40.86 38.07 -5.21
N TYR S 58 40.01 38.64 -4.36
CA TYR S 58 38.69 39.10 -4.76
C TYR S 58 38.34 40.37 -4.01
N LYS S 59 37.73 41.32 -4.71
CA LYS S 59 37.28 42.55 -4.10
C LYS S 59 36.12 43.14 -4.91
N PRO S 60 34.91 43.18 -4.36
CA PRO S 60 33.80 43.78 -5.11
C PRO S 60 34.08 45.24 -5.41
N ASP S 61 33.67 45.68 -6.61
CA ASP S 61 33.77 47.09 -6.95
C ASP S 61 32.71 47.91 -6.24
N TYR S 62 31.47 47.42 -6.19
CA TYR S 62 30.43 48.11 -5.45
C TYR S 62 30.70 48.01 -3.95
N LYS S 63 30.17 48.98 -3.21
CA LYS S 63 30.42 49.07 -1.78
C LYS S 63 29.89 47.82 -1.07
N VAL S 64 30.69 47.28 -0.16
CA VAL S 64 30.29 46.14 0.65
C VAL S 64 30.88 46.32 2.05
N PRO S 65 30.08 46.23 3.12
CA PRO S 65 28.63 46.01 3.16
C PRO S 65 27.85 47.25 2.76
N PHE S 66 26.57 47.10 2.44
CA PHE S 66 25.76 48.26 2.08
C PHE S 66 25.77 49.29 3.20
N SER S 67 25.62 48.82 4.44
CA SER S 67 25.69 49.69 5.61
C SER S 67 26.40 48.94 6.73
N ASP S 68 26.44 49.56 7.91
CA ASP S 68 27.13 48.97 9.05
C ASP S 68 26.44 47.69 9.49
N ASP S 69 25.11 47.69 9.50
CA ASP S 69 24.33 46.62 10.11
C ASP S 69 23.56 45.79 9.08
N LEU S 70 23.93 45.87 7.80
CA LEU S 70 23.20 45.15 6.77
C LEU S 70 24.14 44.93 5.59
N LEU S 71 24.24 43.68 5.13
CA LEU S 71 25.15 43.37 4.04
C LEU S 71 24.64 43.96 2.72
N TYR S 72 23.36 43.76 2.43
CA TYR S 72 22.73 44.28 1.22
C TYR S 72 21.48 45.07 1.58
N SER S 73 21.17 46.06 0.75
CA SER S 73 19.92 46.79 0.92
C SER S 73 18.75 45.82 0.79
N ILE S 74 17.72 46.04 1.61
CA ILE S 74 16.59 45.12 1.66
C ILE S 74 16.02 44.96 0.26
N GLY S 75 15.79 43.71 -0.13
CA GLY S 75 15.23 43.40 -1.43
C GLY S 75 16.23 43.29 -2.55
N ALA S 76 17.53 43.42 -2.28
CA ALA S 76 18.53 43.32 -3.33
C ALA S 76 18.62 41.89 -3.85
N GLN S 77 18.83 41.76 -5.17
CA GLN S 77 19.00 40.47 -5.82
C GLN S 77 20.44 40.34 -6.30
N MET S 78 21.04 39.19 -6.04
CA MET S 78 22.43 38.96 -6.42
C MET S 78 22.59 37.49 -6.75
N ARG S 79 23.64 37.18 -7.51
CA ARG S 79 23.97 35.80 -7.83
C ARG S 79 24.35 35.07 -6.55
N THR S 80 23.93 33.80 -6.45
CA THR S 80 24.10 33.09 -5.19
C THR S 80 25.56 32.96 -4.79
N SER S 81 26.43 32.63 -5.73
CA SER S 81 27.85 32.51 -5.41
C SER S 81 28.42 33.84 -4.95
N ASP S 82 27.99 34.93 -5.58
CA ASP S 82 28.45 36.26 -5.17
C ASP S 82 28.09 36.56 -3.73
N PHE S 83 26.95 36.07 -3.25
CA PHE S 83 26.59 36.31 -1.85
C PHE S 83 27.62 35.69 -0.91
N PHE S 84 28.01 34.44 -1.18
CA PHE S 84 29.01 33.78 -0.35
C PHE S 84 30.38 34.44 -0.48
N MET S 85 30.72 34.92 -1.68
CA MET S 85 31.98 35.64 -1.81
C MET S 85 31.96 36.94 -1.00
N ASP S 86 30.85 37.67 -1.06
CA ASP S 86 30.78 38.96 -0.39
C ASP S 86 30.71 38.82 1.12
N LEU S 87 29.95 37.84 1.62
CA LEU S 87 29.91 37.61 3.05
C LEU S 87 31.28 37.21 3.58
N GLN S 88 31.98 36.36 2.84
CA GLN S 88 33.33 35.97 3.21
C GLN S 88 34.27 37.17 3.22
N TYR S 89 34.17 38.03 2.21
CA TYR S 89 35.00 39.23 2.17
C TYR S 89 34.71 40.14 3.35
N ALA S 90 33.43 40.31 3.69
CA ALA S 90 33.06 41.15 4.83
C ALA S 90 33.62 40.57 6.13
N ILE S 91 33.49 39.25 6.32
CA ILE S 91 34.00 38.63 7.53
C ILE S 91 35.50 38.82 7.62
N ILE S 92 36.20 38.69 6.49
CA ILE S 92 37.64 38.91 6.49
C ILE S 92 37.98 40.29 7.02
N ASN S 93 37.08 41.26 6.84
CA ASN S 93 37.32 42.64 7.23
C ASN S 93 36.82 42.95 8.63
N GLY S 94 36.74 41.96 9.50
CA GLY S 94 36.45 42.19 10.90
C GLY S 94 34.98 42.17 11.28
N LYS S 95 34.07 42.13 10.31
CA LYS S 95 32.66 42.07 10.63
C LYS S 95 32.27 40.67 11.11
N ASP S 96 31.18 40.60 11.86
CA ASP S 96 30.62 39.35 12.34
C ASP S 96 29.14 39.30 12.01
N VAL S 97 28.61 38.09 11.88
CA VAL S 97 27.25 37.87 11.38
C VAL S 97 26.35 37.51 12.54
N ASP S 98 25.18 38.15 12.60
CA ASP S 98 24.18 37.81 13.61
C ASP S 98 23.23 36.73 13.10
N THR S 99 22.53 37.00 12.00
CA THR S 99 21.60 36.04 11.43
C THR S 99 21.56 36.23 9.92
N VAL S 100 21.07 35.20 9.23
CA VAL S 100 20.94 35.20 7.78
C VAL S 100 19.46 35.13 7.46
N TYR S 101 18.97 36.14 6.74
CA TYR S 101 17.55 36.21 6.40
C TYR S 101 17.22 35.28 5.24
N CYS S 102 16.73 34.07 5.56
CA CYS S 102 16.36 33.12 4.51
C CYS S 102 15.07 32.38 4.83
N GLU S 103 14.22 32.93 5.70
CA GLU S 103 13.05 32.17 6.15
C GLU S 103 12.07 31.91 5.01
N TRP S 104 11.68 32.97 4.29
CA TRP S 104 10.63 32.88 3.28
C TRP S 104 11.17 32.83 1.86
N LEU S 105 12.49 32.80 1.68
CA LEU S 105 13.05 32.75 0.33
C LEU S 105 12.65 31.46 -0.35
N ALA S 106 12.32 31.53 -1.64
CA ALA S 106 11.80 30.38 -2.37
C ALA S 106 12.85 29.70 -3.23
N ARG S 107 13.56 30.45 -4.07
CA ARG S 107 14.47 29.88 -5.05
C ARG S 107 15.91 30.11 -4.61
N VAL S 108 16.76 29.13 -4.94
CA VAL S 108 18.13 29.10 -4.43
C VAL S 108 19.12 29.54 -5.51
N LYS S 109 18.89 29.13 -6.75
CA LYS S 109 19.82 29.41 -7.84
C LYS S 109 19.03 29.75 -9.09
N PRO S 110 19.62 30.51 -10.03
CA PRO S 110 20.96 31.11 -10.00
C PRO S 110 20.99 32.45 -9.28
N PHE S 111 19.82 33.03 -9.02
CA PHE S 111 19.70 34.30 -8.32
C PHE S 111 18.86 34.10 -7.06
N SER S 112 19.21 34.83 -6.01
CA SER S 112 18.52 34.71 -4.73
C SER S 112 18.56 36.05 -4.02
N MET S 113 17.60 36.24 -3.11
CA MET S 113 17.46 37.47 -2.34
C MET S 113 18.05 37.35 -0.94
N LEU S 114 19.11 36.56 -0.79
CA LEU S 114 19.69 36.33 0.53
C LEU S 114 20.28 37.63 1.08
N ASN S 115 20.36 37.70 2.41
CA ASN S 115 20.90 38.87 3.08
C ASN S 115 21.40 38.45 4.46
N ALA S 116 22.18 39.33 5.08
CA ALA S 116 22.78 39.05 6.37
C ALA S 116 22.79 40.30 7.24
N LYS S 117 22.83 40.10 8.54
CA LYS S 117 22.90 41.17 9.52
C LYS S 117 24.26 41.13 10.20
N LEU S 118 24.97 42.25 10.17
CA LEU S 118 26.37 42.30 10.59
C LEU S 118 26.51 43.00 11.94
N LYS S 119 27.63 42.73 12.59
CA LYS S 119 28.02 43.43 13.81
C LYS S 119 29.55 43.48 13.85
N ASP S 120 30.08 44.03 14.93
CA ASP S 120 31.52 44.19 15.08
C ASP S 120 32.08 43.11 15.99
N ALA S 121 33.19 42.51 15.54
CA ALA S 121 33.81 41.42 16.27
C ALA S 121 34.61 41.95 17.45
N ILE S 122 35.15 41.03 18.26
CA ILE S 122 35.93 41.39 19.44
C ILE S 122 37.21 40.57 19.44
#